data_6C05
#
_entry.id   6C05
#
_cell.length_a   1
_cell.length_b   1
_cell.length_c   1
_cell.angle_alpha   90.00
_cell.angle_beta   90.00
_cell.angle_gamma   90.00
#
_symmetry.space_group_name_H-M   'P 1'
#
loop_
_entity.id
_entity.type
_entity.pdbx_description
1 polymer 'DNA-directed RNA polymerase subunit alpha'
2 polymer 'DNA-directed RNA polymerase subunit beta'
3 polymer "DNA-directed RNA polymerase subunit beta'"
4 polymer 'DNA-directed RNA polymerase subunit omega'
5 polymer 'RNA polymerase sigma factor SigA'
6 polymer 'RNA polymerase-binding protein RbpA'
7 non-polymer 'ZINC ION'
8 non-polymer 'MAGNESIUM ION'
#
loop_
_entity_poly.entity_id
_entity_poly.type
_entity_poly.pdbx_seq_one_letter_code
_entity_poly.pdbx_strand_id
1 'polypeptide(L)'
;MLISQRPTLSEDVLTDNRSQFVIEPLEPGFGYTLGNSLRRTLLSSIPGAAVTSIRIDGVLHEFTTVPGVKEDVTEIILNL
KSLVVSSEEDEPVTMYLRKQGPGEVTAGDIVPPAGVTVHNPGMHIATLNDKGKLEVELVVERGRGYVPAVQNRASGAEIG
RIPVDSIYSPVLKVTYKVDATRVEQRTDFDKLILDVETKNSISPRDALASAGKTLVELFGLARELNVEAEGIEIGPSPAE
ADHIASFALPIDDLDLTVRSYNCLKREGVHTVGELVARTESDLLDIRNFGQKSIDEVKIKLHQLGLSLKDSPPSFDPSEV
AGYDVATGTWSTEGAYDEQDYAETEQL
;
A,B
2 'polypeptide(L)'
;MADSRQSKTAASPSPSRPQSSSNNSVPGAPNRVSFAKLREPLEVPGLLDVQTDSFEWLIGSPRWRESAAERGDVNPVGGL
EEVLYELSPIEDFSGSMSLSFSDPRFDDVKAPVDECKDKDMTYAAPLFVTAEFINNNTGEIKSQTVFMGDFPMMTEKGTF
IINGTERVVVSQLVRSPGVYFDETIDKSTDKTLHSVKVIPSRGAWLEFDVDKRDTVGVRIDRKRRQPVTVLLKALGWTSE
QIVERFGFSEIMRSTLEKDNTVGTDEALLDIYRKLRPGEPPTKESAQTLLENLFFKEKRYDLARVGRYKVNKKLGLHVGE
PITSSTLTEEDVVATIEYLVRLHEGQTTMTVPGGVEVPVETDDIDHFGNRRLRTVGELIQNQIRVGMSRMERVVRERMTT
QDVEAITPQTLINIRPVVAAIKEFFGTSQLSQFMDQNNPLSGLTHKRRLSALGPGGLSRERAGLEVRDVHPSHYGRMCPI
ETPEGPNIGLIGSLSVYARVNPFGFIETPYRKVVDGVVSDEIVYLTADEEDRHVVAQANSPIDADGRFVEPRVLVRRKAG
EVEYVPSSEVDYMDVSPRQMVSVATAMIPFLEHDDANRALMGANMQRQAVPLVRSEAPLVGTGMELRAAIDAGDVVVAEE
SGVIEEVSADYITVMHDNGTRRTYRMRKFARSNHGTCANQCPIVDAGDRVEAGQVIADGPCTDDGEMALGKNLLVAIMPW
EGHNYEDAIILSNRLVEEDVLTSIHIEEHEIDARDTKLGAEEITRDIPNISDEVLADLDERGIVRIGAEVRDGDILVGKV
TPKGETELTPEERLLRAIFGEKAREVRDTSLKVPHGESGKVIGIRVFSREDEDELPAGVNELVRVYVAQKRKISDGDKLA
GRHGNKGVIGKILPVEDMPFLADGTPVDIILNTHGVPRRMNIGQILETHLGWCAHSGWKVDAAKGVPDWAARLPDELLEA
QPNAIVSTPVFDGAQEAELQGLLSCTLPNRDGDVLVDADGKAMLFDGRSGEPFPYPVTVGYMYIMKLHHLVDDKIHARST
GPYSMITQQPLGGKAQFGGQRFGEMECWAMQAYGAAYTLQELLTIKSDDTVGRVKVYEAIVKGENIPEPGIPESFKVLLK
ELQSLCLNVEVLSSDGAAIELREGEDEDLERAAANLGINLSRNESASVEDLALARHGGSGA
;
C
3 'polypeptide(L)'
;MLDVNFFDELRIGLATAEDIRQWSYGEVKKPETINYRTLKPEKDGLFCEKIFGPTRDWECYCGKYKRVRFKGIICERCGV
EVTRAKVRRERMGHIELAAPVTHIWYFKGVPSRLGYLLDLAPKDLEKIIYFAAYVITSVDEEMRHNELSTLEAEMAVERK
AVEDQRDGELEARAQKLEADLAELEAEGAKADARRKVRDGGEREMRQIRDRAQRELDRLEDIWSTFTKLAPKQLIVDENL
YRELVDRYGEYFTGAMGAESIQKLIENFDIDAEAESLRDVIRNGKGQKKLRALKRLKVVAAFQQSGNSPMGMVLDAVPVI
PPELRPMVQLDGGRFATSDLNDLYRRVINRNNRLKRLIDLGAPEIIVNNEKRMLQESVDALFDNGRRGRPVTGPGNRPLK
SLSDLLKGKQGRFRQNLLGKRVDYSGRSVIVVGPQLKLHQCGLPKLMALELFKPFVMKRLVDLNHAQNIKSAKRMVERQR
PQVWDVLEEVIAEHPVLLNRAPTLHRLGIQAFEPMLVEGKAIQLHPLVCEAFNADFDGDQMAVHLPLSAEAQAEARILML
SSNNILSPASGRPLAMPRLDMVTGLYYLTTEVPGDTGEYQPASGDHPETGVYSSPAEAIMAADRGVLSVRAKIKVRLTQL
RPPVEIEAELFGHSGWQPGDAWMAETTLGRVMFNELLPLGYPFVNKQMHKKVQAAIINDLAERYPMIVVAQTVDKLKDAG
FYWATRSGVTVSMADVLVPPRKKEILDHYEERADKVEKQFQRGALNHDERNEALVEIWKEATDEVGQALREHYPDDNPII
TIVDSGATGNFTQTRTLAGMKGLVTNPKGEFIPRPVKSSFREGLTVLEYFINTHGARKGLADTALRTADSGYLTRRLVDV
SQDVIVREHDCQTERGIVVELAERAPDGTLIRDPYIETSAYARTLGTDAVDEAGNVIVERGQDLGDPEIDALLAAGITQV
KVRSVLTCATSTGVCATCYGRSMATGKLVDIGEAVGIVAAQSIGEPGTQLTMRTFHQGGVGEDITGGLPRVQELFEARVP
RGKAPIADVTGRVRLEDGERFYKITIVPDDGGEEVVYDKISKRQRLRVFKHEDGSERVLSDGDHVEVGQQLMEGSADPHE
VLRVQGPREVQIHLVREVQEVYRAQGVSIHDKHIEVIVRQMLRRVTIIDSGSTEFLPGSLIDRAEFEAENRRVVAEGGEP
AAGRPVLMGITKASLATDSWLSAASFQETTRVLTDAAINCRSDKLNGLKENVIIGKLIPAGTGINRYRNIAVQPTEEARA
AAYTIPSYEDQYYSPDFGAATGAAVPLDDYGYSDYRHHHHHHHH
;
D
4 'polypeptide(L)'
;GSISQSDASLAAVPAVDQFDPSSGASGGYDTPLGITNPPIDELLDRVSSKYALVIYAAKRARQINDYYNQLGEGILEYVG
PLVEPGLQEKPLSIALREIHADLLEHTEGE
;
E
5 'polypeptide(L)'
;GPHMAATKASTATDEPVKRTATKSPAASASGAKTGAKRTAAKSASGSPPAKRATKPAARSVKPASAPQDTTTSTIPKRKT
RAAAKSAAAKAPSARGHATKPRAPKDAQHEAATDPEDALDSVEELDAEPDLDVEPGEDLDLDAADLNLDDLEDDVAPDAD
DDLDSGDDEDHEDLEAEAAVAPGQTADDDEEIAEPTEKDKASGDFVWDEDESEALRQARKDAELTASADSVRAYLKQIGK
VALLNAEEEVELAKRIEAGLYATQLMTELSERGEKLPAAQRRDMMWICRDGDRAKNHLLEANLRLVVSLAKRYTGRGMAF
LDLIQEGNLGLIRAVEKFDYTKGYKFSTYATWWIRQAITRAMADQARTIRIPVHMVEVINKLGRIQRELLQDLGREPTPE
ELAKEMDITPEKVLEIQQYAREPISLDQTIGDEGDSQLGDFIEDSEAVVAVDAVSFTLLQDQLQSVLDTLSEREAGVVRL
RFGLTDGQPRTLDEIGQVYGVTRERIRQIESKTMSKLRHPSRSQVLRDYLD
;
F
6 'polypeptide(L)'
;MADRVLRGSRLGAVSYETDRNHDLAPRQIARYRTDNGEEFEVPFADDAEIPGTWLCRNGMEGTLIEGDLPEPKKVKPPRT
HWDMLLERRSIEELEELLKERLELIRSRRRG
;
J
#
loop_
_chem_comp.id
_chem_comp.type
_chem_comp.name
_chem_comp.formula
MG non-polymer 'MAGNESIUM ION' 'Mg 2'
ZN non-polymer 'ZINC ION' 'Zn 2'
#
# COMPACT_ATOMS: atom_id res chain seq x y z
N MET A 1 19.35 -31.11 -63.96
CA MET A 1 19.48 -30.47 -65.25
C MET A 1 20.48 -29.33 -65.23
N LEU A 2 20.40 -28.52 -64.18
CA LEU A 2 21.19 -27.30 -63.98
C LEU A 2 21.08 -26.36 -65.18
N ILE A 3 19.88 -25.79 -65.32
CA ILE A 3 19.61 -24.71 -66.27
C ILE A 3 20.60 -23.58 -66.04
N SER A 4 21.23 -23.11 -67.10
CA SER A 4 22.40 -22.26 -67.00
C SER A 4 22.18 -20.98 -67.79
N GLN A 5 21.84 -19.91 -67.07
CA GLN A 5 21.88 -18.55 -67.58
C GLN A 5 21.93 -17.62 -66.39
N ARG A 6 21.95 -16.32 -66.66
CA ARG A 6 22.13 -15.30 -65.66
C ARG A 6 21.03 -14.26 -65.80
N PRO A 7 20.34 -13.90 -64.72
CA PRO A 7 19.24 -12.94 -64.84
C PRO A 7 19.75 -11.53 -65.08
N THR A 8 18.87 -10.68 -65.60
CA THR A 8 19.20 -9.29 -65.95
C THR A 8 18.19 -8.36 -65.31
N LEU A 9 18.37 -7.06 -65.51
CA LEU A 9 17.47 -6.05 -64.97
C LEU A 9 17.19 -5.01 -66.05
N SER A 10 16.01 -4.41 -66.00
CA SER A 10 15.68 -3.20 -66.74
C SER A 10 14.73 -2.33 -65.92
N GLU A 11 14.47 -1.13 -66.43
CA GLU A 11 13.73 -0.11 -65.72
C GLU A 11 12.49 0.29 -66.52
N ASP A 12 11.38 0.49 -65.82
CA ASP A 12 10.20 1.13 -66.39
C ASP A 12 9.82 2.30 -65.51
N VAL A 13 9.96 3.50 -66.06
CA VAL A 13 9.78 4.74 -65.31
C VAL A 13 8.29 5.05 -65.19
N LEU A 14 7.83 5.23 -63.96
CA LEU A 14 6.45 5.61 -63.70
C LEU A 14 6.29 7.12 -63.57
N THR A 15 6.96 7.72 -62.58
CA THR A 15 7.04 9.17 -62.45
C THR A 15 8.52 9.52 -62.28
N ASP A 16 8.76 10.78 -61.92
CA ASP A 16 10.12 11.23 -61.65
C ASP A 16 10.67 10.57 -60.39
N ASN A 17 9.79 10.23 -59.46
CA ASN A 17 10.18 9.73 -58.16
C ASN A 17 9.78 8.28 -57.97
N ARG A 18 9.31 7.64 -59.03
CA ARG A 18 8.74 6.31 -58.87
C ARG A 18 8.86 5.58 -60.20
N SER A 19 9.21 4.30 -60.12
CA SER A 19 9.62 3.55 -61.30
C SER A 19 9.59 2.06 -60.99
N GLN A 20 9.72 1.26 -62.05
CA GLN A 20 9.65 -0.19 -61.94
C GLN A 20 11.02 -0.80 -62.26
N PHE A 21 11.25 -2.00 -61.72
CA PHE A 21 12.50 -2.71 -61.92
C PHE A 21 12.20 -4.21 -61.96
N VAL A 22 12.43 -4.84 -63.11
CA VAL A 22 12.09 -6.24 -63.30
C VAL A 22 13.37 -7.07 -63.26
N ILE A 23 13.29 -8.26 -62.63
CA ILE A 23 14.40 -9.19 -62.53
C ILE A 23 13.87 -10.59 -62.78
N GLU A 24 14.49 -11.29 -63.72
CA GLU A 24 14.10 -12.63 -64.14
C GLU A 24 15.24 -13.25 -64.94
N PRO A 25 15.39 -14.59 -64.92
CA PRO A 25 14.65 -15.63 -64.20
C PRO A 25 15.21 -15.83 -62.81
N LEU A 26 14.61 -16.73 -62.03
CA LEU A 26 14.99 -16.91 -60.64
C LEU A 26 14.92 -18.37 -60.23
N GLU A 27 15.54 -18.66 -59.09
CA GLU A 27 15.35 -19.94 -58.42
C GLU A 27 13.94 -20.02 -57.85
N PRO A 28 13.37 -21.22 -57.67
CA PRO A 28 12.02 -21.31 -57.13
C PRO A 28 11.94 -20.86 -55.67
N GLY A 29 10.94 -20.01 -55.40
CA GLY A 29 10.72 -19.46 -54.07
C GLY A 29 11.77 -18.49 -53.57
N PHE A 30 12.72 -18.12 -54.41
CA PHE A 30 13.92 -17.41 -53.99
C PHE A 30 13.69 -15.92 -53.74
N GLY A 31 12.85 -15.27 -54.54
CA GLY A 31 12.89 -13.82 -54.62
C GLY A 31 12.28 -13.14 -53.41
N TYR A 32 11.60 -13.92 -52.56
CA TYR A 32 11.08 -13.41 -51.30
C TYR A 32 12.20 -12.87 -50.42
N THR A 33 13.24 -13.68 -50.23
CA THR A 33 14.30 -13.30 -49.29
C THR A 33 15.14 -12.17 -49.86
N LEU A 34 15.34 -12.18 -51.18
CA LEU A 34 16.04 -11.08 -51.82
C LEU A 34 15.22 -9.81 -51.73
N GLY A 35 13.90 -9.93 -51.81
CA GLY A 35 13.05 -8.77 -51.73
C GLY A 35 13.04 -8.15 -50.36
N ASN A 36 12.95 -8.99 -49.31
CA ASN A 36 13.06 -8.48 -47.95
C ASN A 36 14.46 -7.95 -47.69
N SER A 37 15.46 -8.52 -48.38
CA SER A 37 16.82 -8.05 -48.24
C SER A 37 16.99 -6.65 -48.78
N LEU A 38 16.48 -6.38 -49.98
CA LEU A 38 16.70 -5.07 -50.56
C LEU A 38 15.78 -4.03 -49.92
N ARG A 39 14.56 -4.45 -49.58
CA ARG A 39 13.64 -3.57 -48.86
C ARG A 39 14.21 -3.16 -47.51
N ARG A 40 14.59 -4.15 -46.71
CA ARG A 40 15.22 -3.96 -45.41
C ARG A 40 16.48 -3.11 -45.50
N THR A 41 17.22 -3.21 -46.60
CA THR A 41 18.32 -2.29 -46.87
C THR A 41 17.84 -0.88 -47.09
N LEU A 42 16.87 -0.69 -47.98
CA LEU A 42 16.52 0.65 -48.43
C LEU A 42 15.73 1.41 -47.38
N LEU A 43 15.15 0.70 -46.43
CA LEU A 43 14.58 1.38 -45.28
C LEU A 43 15.63 1.89 -44.31
N SER A 44 16.89 1.49 -44.45
CA SER A 44 17.87 1.79 -43.43
C SER A 44 19.16 2.40 -43.95
N SER A 45 19.60 1.97 -45.12
CA SER A 45 21.03 1.97 -45.40
C SER A 45 21.37 2.85 -46.59
N ILE A 46 20.79 4.03 -46.65
CA ILE A 46 21.11 4.99 -47.70
C ILE A 46 21.53 6.31 -47.04
N PRO A 47 22.70 6.84 -47.36
CA PRO A 47 23.09 8.14 -46.84
C PRO A 47 22.34 9.27 -47.51
N GLY A 48 22.37 10.43 -46.88
CA GLY A 48 21.66 11.57 -47.41
C GLY A 48 22.09 12.85 -46.73
N ALA A 49 21.21 13.84 -46.82
CA ALA A 49 21.43 15.15 -46.23
C ALA A 49 20.29 15.50 -45.29
N ALA A 50 20.62 16.25 -44.24
CA ALA A 50 19.62 16.69 -43.27
C ALA A 50 20.15 17.91 -42.53
N VAL A 51 19.27 18.89 -42.35
CA VAL A 51 19.59 20.03 -41.50
C VAL A 51 19.68 19.55 -40.06
N THR A 52 20.61 20.13 -39.30
CA THR A 52 20.79 19.67 -37.94
C THR A 52 20.27 20.68 -36.92
N SER A 53 20.76 21.91 -37.00
CA SER A 53 20.53 22.86 -35.92
C SER A 53 20.43 24.26 -36.50
N ILE A 54 19.80 25.14 -35.73
CA ILE A 54 19.49 26.49 -36.16
C ILE A 54 19.79 27.45 -35.03
N ARG A 55 19.61 28.73 -35.32
CA ARG A 55 19.66 29.78 -34.30
C ARG A 55 18.87 30.98 -34.79
N ILE A 56 18.03 31.51 -33.90
CA ILE A 56 17.23 32.70 -34.15
C ILE A 56 17.65 33.76 -33.14
N ASP A 57 17.88 34.98 -33.66
CA ASP A 57 18.36 36.08 -32.83
C ASP A 57 17.34 36.49 -31.78
N GLY A 58 16.06 36.39 -32.11
CA GLY A 58 15.02 36.90 -31.24
C GLY A 58 14.71 36.04 -30.04
N VAL A 59 15.27 34.84 -29.94
CA VAL A 59 14.94 33.92 -28.86
C VAL A 59 16.21 33.61 -28.09
N LEU A 60 16.04 33.05 -26.90
CA LEU A 60 17.14 32.41 -26.21
C LEU A 60 16.91 30.91 -26.14
N HIS A 61 15.68 30.51 -25.87
CA HIS A 61 15.32 29.10 -25.81
C HIS A 61 14.14 28.86 -26.75
N GLU A 62 13.61 27.65 -26.70
CA GLU A 62 12.57 27.20 -27.61
C GLU A 62 11.21 27.81 -27.36
N PHE A 63 10.71 27.77 -26.14
CA PHE A 63 9.28 27.81 -25.84
C PHE A 63 8.76 29.22 -25.66
N THR A 64 9.34 30.20 -26.34
CA THR A 64 8.78 31.53 -26.37
C THR A 64 8.26 31.82 -27.78
N THR A 65 7.76 33.03 -27.96
CA THR A 65 7.20 33.45 -29.23
C THR A 65 7.86 34.73 -29.70
N VAL A 66 7.92 34.87 -31.02
CA VAL A 66 8.38 36.09 -31.67
C VAL A 66 7.19 37.00 -31.87
N PRO A 67 7.28 38.27 -31.52
CA PRO A 67 6.20 39.20 -31.89
C PRO A 67 6.19 39.42 -33.40
N GLY A 68 4.99 39.37 -33.98
CA GLY A 68 4.85 39.58 -35.40
C GLY A 68 4.53 38.33 -36.17
N VAL A 69 5.15 37.22 -35.78
CA VAL A 69 4.80 35.95 -36.40
C VAL A 69 3.48 35.45 -35.81
N LYS A 70 2.94 34.42 -36.44
CA LYS A 70 1.70 33.84 -35.95
C LYS A 70 1.98 32.59 -35.11
N GLU A 71 3.08 31.92 -35.39
CA GLU A 71 3.29 30.55 -34.94
C GLU A 71 4.36 30.51 -33.85
N ASP A 72 4.26 29.51 -32.98
CA ASP A 72 5.31 29.32 -31.99
C ASP A 72 6.45 28.54 -32.62
N VAL A 73 7.54 28.41 -31.87
CA VAL A 73 8.79 27.93 -32.44
C VAL A 73 8.73 26.44 -32.74
N THR A 74 8.17 25.67 -31.82
CA THR A 74 8.13 24.22 -31.96
C THR A 74 7.30 23.77 -33.15
N GLU A 75 6.27 24.52 -33.52
CA GLU A 75 5.50 24.19 -34.72
C GLU A 75 6.35 24.40 -35.95
N ILE A 76 7.18 25.44 -35.94
CA ILE A 76 8.10 25.70 -37.02
C ILE A 76 9.13 24.59 -37.10
N ILE A 77 9.57 24.09 -35.95
CA ILE A 77 10.50 22.96 -35.90
C ILE A 77 9.89 21.75 -36.58
N LEU A 78 8.63 21.46 -36.25
CA LEU A 78 7.93 20.35 -36.88
C LEU A 78 7.71 20.59 -38.36
N ASN A 79 7.63 21.87 -38.76
CA ASN A 79 7.50 22.16 -40.18
C ASN A 79 8.81 21.89 -40.91
N LEU A 80 9.91 22.40 -40.39
CA LEU A 80 11.20 22.27 -41.05
C LEU A 80 11.74 20.86 -40.99
N LYS A 81 11.21 20.02 -40.09
CA LYS A 81 11.41 18.59 -40.16
C LYS A 81 10.92 17.97 -41.47
N SER A 82 9.91 18.58 -42.10
CA SER A 82 9.37 18.05 -43.34
C SER A 82 10.05 18.63 -44.57
N LEU A 83 11.25 19.16 -44.44
CA LEU A 83 11.95 19.71 -45.60
C LEU A 83 12.74 18.63 -46.33
N VAL A 84 13.33 19.01 -47.46
CA VAL A 84 14.22 18.12 -48.19
C VAL A 84 15.38 18.95 -48.74
N VAL A 85 16.58 18.38 -48.74
CA VAL A 85 17.77 19.04 -49.25
C VAL A 85 18.74 17.95 -49.70
N SER A 86 19.74 18.35 -50.47
CA SER A 86 20.78 17.42 -50.94
C SER A 86 22.13 18.13 -50.80
N SER A 87 23.08 17.46 -50.16
CA SER A 87 24.42 18.00 -50.04
C SER A 87 25.31 17.52 -51.17
N GLU A 88 26.30 18.33 -51.50
CA GLU A 88 27.35 17.95 -52.45
C GLU A 88 28.62 17.53 -51.74
N GLU A 89 29.19 18.42 -50.93
CA GLU A 89 30.41 18.14 -50.19
C GLU A 89 30.10 17.57 -48.84
N ASP A 90 31.13 17.35 -48.04
CA ASP A 90 31.00 16.67 -46.75
C ASP A 90 31.69 17.50 -45.67
N GLU A 91 30.95 18.48 -45.13
CA GLU A 91 31.37 19.37 -44.04
C GLU A 91 30.18 20.19 -43.55
N PRO A 92 30.13 20.55 -42.27
CA PRO A 92 28.97 21.30 -41.77
C PRO A 92 28.97 22.78 -42.15
N VAL A 93 28.44 23.09 -43.34
CA VAL A 93 28.29 24.47 -43.75
C VAL A 93 27.02 25.07 -43.15
N THR A 94 26.90 26.38 -43.26
CA THR A 94 25.80 27.12 -42.67
C THR A 94 24.89 27.69 -43.75
N MET A 95 23.70 28.15 -43.33
CA MET A 95 22.76 28.81 -44.22
C MET A 95 22.15 30.03 -43.53
N TYR A 96 21.29 30.73 -44.27
CA TYR A 96 20.61 31.91 -43.76
C TYR A 96 19.23 32.06 -44.37
N LEU A 97 18.38 32.79 -43.66
CA LEU A 97 17.05 33.13 -44.12
C LEU A 97 16.55 34.33 -43.34
N ARG A 98 16.26 35.41 -44.07
CA ARG A 98 15.83 36.69 -43.50
C ARG A 98 14.70 37.25 -44.35
N LYS A 99 13.68 37.79 -43.70
CA LYS A 99 12.53 38.33 -44.41
C LYS A 99 11.83 39.37 -43.55
N GLN A 100 11.34 40.42 -44.20
CA GLN A 100 10.56 41.46 -43.55
C GLN A 100 9.24 41.62 -44.27
N GLY A 101 8.17 41.82 -43.49
CA GLY A 101 6.89 42.17 -44.04
C GLY A 101 5.86 41.06 -43.91
N PRO A 102 4.61 41.38 -44.23
CA PRO A 102 3.57 40.35 -44.20
C PRO A 102 3.72 39.39 -45.37
N GLY A 103 3.32 38.15 -45.15
CA GLY A 103 3.39 37.16 -46.21
C GLY A 103 3.48 35.76 -45.60
N GLU A 104 3.88 34.82 -46.45
CA GLU A 104 4.01 33.43 -46.07
C GLU A 104 5.45 32.99 -46.28
N VAL A 105 6.00 32.29 -45.30
CA VAL A 105 7.39 31.88 -45.33
C VAL A 105 7.45 30.62 -46.21
N THR A 106 7.97 30.78 -47.41
CA THR A 106 8.10 29.66 -48.33
C THR A 106 9.51 29.11 -48.28
N ALA A 107 9.64 27.86 -48.71
CA ALA A 107 10.95 27.22 -48.75
C ALA A 107 11.79 27.77 -49.89
N GLY A 108 11.16 28.32 -50.92
CA GLY A 108 11.90 28.85 -52.04
C GLY A 108 12.40 30.26 -51.80
N ASP A 109 12.03 30.85 -50.67
CA ASP A 109 12.44 32.20 -50.33
C ASP A 109 13.81 32.22 -49.65
N ILE A 110 14.41 31.06 -49.46
CA ILE A 110 15.62 30.91 -48.67
C ILE A 110 16.82 31.03 -49.59
N VAL A 111 17.86 31.70 -49.12
CA VAL A 111 19.10 31.81 -49.88
C VAL A 111 19.96 30.56 -49.66
N PRO A 112 20.34 29.86 -50.74
CA PRO A 112 21.22 28.72 -50.58
C PRO A 112 22.68 29.13 -50.78
N PRO A 113 23.59 28.56 -50.01
CA PRO A 113 24.99 28.58 -50.42
C PRO A 113 25.21 27.61 -51.57
N ALA A 114 26.37 27.73 -52.20
CA ALA A 114 26.66 26.93 -53.38
C ALA A 114 26.94 25.49 -52.99
N GLY A 115 26.12 24.57 -53.49
CA GLY A 115 26.32 23.14 -53.32
C GLY A 115 25.09 22.38 -52.87
N VAL A 116 24.05 23.10 -52.46
CA VAL A 116 22.85 22.45 -51.96
C VAL A 116 21.63 22.90 -52.76
N THR A 117 20.60 22.06 -52.79
CA THR A 117 19.34 22.42 -53.45
C THR A 117 18.19 21.79 -52.69
N VAL A 118 17.03 22.40 -52.84
CA VAL A 118 15.82 22.04 -52.12
C VAL A 118 14.73 21.75 -53.15
N HIS A 119 14.03 20.64 -52.96
CA HIS A 119 13.15 20.12 -54.00
C HIS A 119 11.68 20.41 -53.75
N ASN A 120 11.34 21.36 -52.89
CA ASN A 120 9.95 21.72 -52.61
C ASN A 120 9.86 23.20 -52.23
N PRO A 121 10.02 24.10 -53.20
CA PRO A 121 10.19 25.53 -52.86
C PRO A 121 8.95 26.19 -52.30
N GLY A 122 7.77 25.78 -52.73
CA GLY A 122 6.54 26.36 -52.22
C GLY A 122 6.01 25.75 -50.95
N MET A 123 6.83 24.99 -50.23
CA MET A 123 6.37 24.42 -48.96
C MET A 123 6.21 25.50 -47.90
N HIS A 124 5.06 25.48 -47.24
CA HIS A 124 4.72 26.46 -46.22
C HIS A 124 5.57 26.23 -44.99
N ILE A 125 6.01 27.33 -44.37
CA ILE A 125 6.68 27.27 -43.08
C ILE A 125 5.83 28.03 -42.06
N ALA A 126 5.66 29.32 -42.29
CA ALA A 126 4.96 30.17 -41.33
C ALA A 126 4.41 31.38 -42.07
N THR A 127 3.75 32.26 -41.31
CA THR A 127 3.26 33.53 -41.84
C THR A 127 3.59 34.66 -40.88
N LEU A 128 3.65 35.87 -41.41
CA LEU A 128 3.95 37.06 -40.64
C LEU A 128 2.98 38.17 -40.98
N ASN A 129 3.12 39.27 -40.27
CA ASN A 129 2.31 40.46 -40.48
C ASN A 129 3.22 41.62 -40.86
N ASP A 130 2.65 42.82 -40.80
CA ASP A 130 3.41 44.05 -41.00
C ASP A 130 4.52 44.20 -39.97
N LYS A 131 4.26 43.79 -38.73
CA LYS A 131 5.10 44.12 -37.59
C LYS A 131 6.25 43.15 -37.40
N GLY A 132 6.30 42.07 -38.17
CA GLY A 132 7.21 40.97 -37.87
C GLY A 132 8.47 41.01 -38.70
N LYS A 133 9.51 40.35 -38.18
CA LYS A 133 10.78 40.20 -38.87
C LYS A 133 11.16 38.73 -38.82
N LEU A 134 11.78 38.23 -39.89
CA LEU A 134 12.26 36.86 -39.94
C LEU A 134 13.78 36.86 -39.88
N GLU A 135 14.34 36.05 -38.98
CA GLU A 135 15.76 35.79 -38.93
C GLU A 135 15.96 34.34 -38.50
N VAL A 136 16.67 33.57 -39.31
CA VAL A 136 17.07 32.22 -38.94
C VAL A 136 18.28 31.82 -39.77
N GLU A 137 19.26 31.21 -39.11
CA GLU A 137 20.38 30.57 -39.78
C GLU A 137 20.19 29.07 -39.68
N LEU A 138 20.78 28.33 -40.61
CA LEU A 138 20.56 26.89 -40.69
C LEU A 138 21.87 26.15 -40.92
N VAL A 139 22.05 25.06 -40.18
CA VAL A 139 23.26 24.26 -40.24
C VAL A 139 22.88 22.89 -40.73
N VAL A 140 23.37 22.52 -41.89
CA VAL A 140 23.05 21.24 -42.51
C VAL A 140 24.30 20.37 -42.48
N GLU A 141 24.11 19.11 -42.09
CA GLU A 141 25.24 18.20 -41.92
C GLU A 141 24.96 16.96 -42.76
N ARG A 142 26.01 16.19 -43.02
CA ARG A 142 25.97 15.04 -43.90
C ARG A 142 26.06 13.78 -43.06
N GLY A 143 25.36 12.75 -43.48
CA GLY A 143 25.33 11.51 -42.73
C GLY A 143 24.28 10.57 -43.27
N ARG A 144 23.99 9.54 -42.47
CA ARG A 144 23.07 8.50 -42.88
C ARG A 144 22.07 8.23 -41.77
N GLY A 145 20.90 7.75 -42.18
CA GLY A 145 19.97 7.13 -41.25
C GLY A 145 19.36 8.09 -40.26
N TYR A 146 19.08 7.59 -39.05
CA TYR A 146 18.52 8.40 -37.99
C TYR A 146 19.65 8.80 -37.05
N VAL A 147 19.57 10.01 -36.52
CA VAL A 147 20.36 10.44 -35.37
C VAL A 147 19.43 11.14 -34.39
N PRO A 148 19.56 10.90 -33.08
CA PRO A 148 18.84 11.73 -32.12
C PRO A 148 19.57 13.03 -31.87
N ALA A 149 19.05 13.82 -30.93
CA ALA A 149 19.60 15.13 -30.64
C ALA A 149 20.88 15.00 -29.82
N VAL A 150 21.92 15.73 -30.24
CA VAL A 150 23.18 15.75 -29.50
C VAL A 150 23.05 16.78 -28.39
N GLN A 151 23.86 16.62 -27.35
CA GLN A 151 23.82 17.55 -26.23
C GLN A 151 24.61 18.81 -26.54
N ASN A 152 24.00 19.96 -26.28
CA ASN A 152 24.69 21.23 -26.42
C ASN A 152 25.77 21.39 -25.37
N ARG A 153 25.45 21.04 -24.12
CA ARG A 153 26.38 21.20 -23.02
C ARG A 153 27.61 20.32 -23.17
N ALA A 154 27.43 19.12 -23.71
CA ALA A 154 28.57 18.28 -24.06
C ALA A 154 29.33 18.87 -25.24
N SER A 155 28.63 19.51 -26.17
CA SER A 155 29.27 20.14 -27.30
C SER A 155 29.85 21.49 -26.91
N GLY A 156 30.46 22.15 -27.88
CA GLY A 156 31.02 23.47 -27.66
C GLY A 156 30.26 24.56 -28.39
N ALA A 157 28.94 24.49 -28.40
CA ALA A 157 28.14 25.44 -29.15
C ALA A 157 27.62 26.55 -28.23
N GLU A 158 27.02 27.57 -28.86
CA GLU A 158 26.64 28.77 -28.15
C GLU A 158 25.29 28.60 -27.46
N ILE A 159 24.80 29.70 -26.90
CA ILE A 159 23.53 29.69 -26.18
C ILE A 159 22.37 29.60 -27.16
N GLY A 160 22.49 30.22 -28.34
CA GLY A 160 21.36 30.25 -29.27
C GLY A 160 21.22 28.98 -30.07
N ARG A 161 22.11 28.02 -29.86
CA ARG A 161 22.08 26.77 -30.61
C ARG A 161 20.86 25.93 -30.22
N ILE A 162 20.17 25.40 -31.23
CA ILE A 162 18.99 24.57 -31.02
C ILE A 162 19.23 23.21 -31.67
N PRO A 163 19.57 22.18 -30.90
CA PRO A 163 19.68 20.84 -31.48
C PRO A 163 18.31 20.24 -31.68
N VAL A 164 18.10 19.71 -32.89
CA VAL A 164 16.88 19.01 -33.25
C VAL A 164 17.32 17.69 -33.86
N ASP A 165 16.53 16.64 -33.64
CA ASP A 165 16.73 15.36 -34.29
C ASP A 165 16.74 15.50 -35.81
N SER A 166 17.66 14.79 -36.44
CA SER A 166 17.81 14.81 -37.89
C SER A 166 17.61 13.41 -38.43
N ILE A 167 16.95 13.33 -39.57
CA ILE A 167 16.70 12.07 -40.24
C ILE A 167 17.33 12.19 -41.61
N TYR A 168 18.27 11.30 -41.91
CA TYR A 168 18.76 11.14 -43.27
C TYR A 168 17.95 10.03 -43.91
N SER A 169 16.99 10.40 -44.74
CA SER A 169 16.22 9.39 -45.45
C SER A 169 15.73 9.93 -46.78
N PRO A 170 16.12 9.33 -47.88
CA PRO A 170 15.59 9.78 -49.16
C PRO A 170 14.28 9.09 -49.49
N VAL A 171 14.10 7.91 -48.95
CA VAL A 171 13.07 6.99 -49.42
C VAL A 171 11.75 7.31 -48.74
N LEU A 172 10.65 6.94 -49.38
CA LEU A 172 9.34 7.01 -48.78
C LEU A 172 8.70 5.63 -48.61
N LYS A 173 8.58 4.86 -49.68
CA LYS A 173 7.89 3.58 -49.59
C LYS A 173 8.52 2.56 -50.52
N VAL A 174 8.75 1.35 -49.98
CA VAL A 174 9.32 0.24 -50.72
C VAL A 174 8.34 -0.93 -50.65
N THR A 175 7.99 -1.51 -51.79
CA THR A 175 7.19 -2.71 -51.83
C THR A 175 7.54 -3.48 -53.09
N TYR A 176 7.02 -4.71 -53.17
CA TYR A 176 7.29 -5.59 -54.30
C TYR A 176 6.25 -6.70 -54.31
N LYS A 177 6.35 -7.54 -55.33
CA LYS A 177 5.49 -8.70 -55.53
C LYS A 177 6.14 -9.65 -56.51
N VAL A 178 5.70 -10.90 -56.54
CA VAL A 178 6.36 -11.92 -57.35
C VAL A 178 5.39 -12.51 -58.35
N ASP A 179 5.96 -13.17 -59.35
CA ASP A 179 5.22 -13.91 -60.38
C ASP A 179 5.94 -15.25 -60.52
N ALA A 180 5.32 -16.31 -59.98
CA ALA A 180 5.92 -17.64 -59.99
C ALA A 180 5.24 -18.48 -61.05
N THR A 181 6.00 -18.90 -62.06
CA THR A 181 5.49 -19.84 -63.04
C THR A 181 5.19 -21.19 -62.41
N ARG A 182 6.25 -21.88 -61.97
CA ARG A 182 6.22 -23.26 -61.45
C ARG A 182 5.45 -24.19 -62.39
N VAL A 183 5.98 -24.34 -63.60
CA VAL A 183 5.30 -25.15 -64.61
C VAL A 183 5.47 -26.62 -64.25
N GLU A 184 4.48 -27.44 -64.62
CA GLU A 184 4.34 -28.77 -64.01
C GLU A 184 5.10 -29.82 -64.83
N GLN A 185 6.34 -29.49 -65.15
CA GLN A 185 7.34 -30.43 -65.63
C GLN A 185 8.70 -30.09 -65.03
N ARG A 186 8.68 -29.30 -63.95
CA ARG A 186 9.79 -28.99 -63.05
C ARG A 186 10.91 -28.22 -63.71
N THR A 187 10.64 -27.42 -64.74
CA THR A 187 11.56 -26.35 -65.14
C THR A 187 10.95 -25.07 -64.58
N ASP A 188 11.15 -24.85 -63.28
CA ASP A 188 10.46 -23.80 -62.55
C ASP A 188 11.34 -22.56 -62.48
N PHE A 189 10.70 -21.41 -62.61
CA PHE A 189 11.39 -20.12 -62.51
C PHE A 189 10.35 -19.10 -62.12
N ASP A 190 10.81 -17.97 -61.63
CA ASP A 190 9.95 -16.96 -61.05
C ASP A 190 10.20 -15.62 -61.72
N LYS A 191 9.52 -14.59 -61.22
CA LYS A 191 9.65 -13.26 -61.81
C LYS A 191 9.44 -12.23 -60.71
N LEU A 192 10.33 -11.24 -60.65
CA LEU A 192 10.30 -10.22 -59.62
C LEU A 192 10.22 -8.83 -60.23
N ILE A 193 9.31 -8.02 -59.72
CA ILE A 193 9.23 -6.61 -60.08
C ILE A 193 9.39 -5.80 -58.80
N LEU A 194 10.06 -4.66 -58.90
CA LEU A 194 10.34 -3.85 -57.73
C LEU A 194 9.81 -2.43 -57.92
N ASP A 195 9.32 -1.84 -56.83
CA ASP A 195 8.83 -0.48 -56.86
C ASP A 195 9.25 0.21 -55.58
N VAL A 196 9.99 1.30 -55.73
CA VAL A 196 10.47 2.13 -54.63
C VAL A 196 10.19 3.57 -54.98
N GLU A 197 9.63 4.33 -54.04
CA GLU A 197 9.46 5.76 -54.24
C GLU A 197 10.28 6.52 -53.22
N THR A 198 11.20 7.34 -53.70
CA THR A 198 11.98 8.24 -52.86
C THR A 198 11.21 9.53 -52.64
N LYS A 199 11.75 10.36 -51.77
CA LYS A 199 11.16 11.68 -51.54
C LYS A 199 11.86 12.76 -52.36
N ASN A 200 11.99 12.53 -53.66
CA ASN A 200 12.49 13.47 -54.66
C ASN A 200 13.89 13.98 -54.36
N SER A 201 14.73 13.20 -53.69
CA SER A 201 16.10 13.64 -53.53
C SER A 201 17.00 13.05 -54.61
N ILE A 202 17.00 11.74 -54.76
CA ILE A 202 17.86 11.06 -55.73
C ILE A 202 17.00 10.13 -56.56
N SER A 203 17.57 9.59 -57.64
CA SER A 203 16.84 8.67 -58.47
C SER A 203 16.78 7.32 -57.77
N PRO A 204 15.84 6.45 -58.15
CA PRO A 204 15.87 5.07 -57.64
C PRO A 204 17.10 4.30 -58.07
N ARG A 205 17.72 4.68 -59.19
CA ARG A 205 19.00 4.10 -59.59
C ARG A 205 20.07 4.37 -58.55
N ASP A 206 20.00 5.52 -57.91
CA ASP A 206 21.05 5.95 -57.00
C ASP A 206 21.06 5.11 -55.74
N ALA A 207 19.93 5.07 -55.03
CA ALA A 207 19.83 4.28 -53.82
C ALA A 207 19.87 2.79 -54.14
N LEU A 208 19.33 2.43 -55.31
CA LEU A 208 19.31 1.04 -55.74
C LEU A 208 20.70 0.50 -55.95
N ALA A 209 21.44 1.08 -56.90
CA ALA A 209 22.77 0.59 -57.22
C ALA A 209 23.75 0.86 -56.10
N SER A 210 23.56 1.95 -55.36
CA SER A 210 24.46 2.27 -54.26
C SER A 210 24.30 1.27 -53.13
N ALA A 211 23.05 0.95 -52.81
CA ALA A 211 22.79 -0.06 -51.79
C ALA A 211 23.28 -1.42 -52.25
N GLY A 212 23.19 -1.70 -53.55
CA GLY A 212 23.78 -2.93 -54.07
C GLY A 212 25.27 -2.97 -53.90
N LYS A 213 25.93 -1.83 -54.08
CA LYS A 213 27.37 -1.74 -53.84
C LYS A 213 27.68 -1.93 -52.37
N THR A 214 26.77 -1.49 -51.49
CA THR A 214 26.94 -1.73 -50.06
C THR A 214 26.81 -3.22 -49.74
N LEU A 215 25.91 -3.91 -50.44
CA LEU A 215 25.76 -5.35 -50.27
C LEU A 215 27.01 -6.10 -50.71
N VAL A 216 27.54 -5.74 -51.88
CA VAL A 216 28.74 -6.39 -52.41
C VAL A 216 29.92 -6.09 -51.50
N GLU A 217 29.99 -4.88 -50.97
CA GLU A 217 30.89 -4.59 -49.87
C GLU A 217 30.62 -5.45 -48.65
N LEU A 218 29.36 -5.67 -48.29
CA LEU A 218 29.02 -6.38 -47.07
C LEU A 218 29.39 -7.85 -47.09
N PHE A 219 29.36 -8.51 -48.24
CA PHE A 219 29.67 -9.94 -48.22
C PHE A 219 31.10 -10.25 -48.63
N GLY A 220 32.05 -9.36 -48.36
CA GLY A 220 33.43 -9.63 -48.72
C GLY A 220 34.06 -10.72 -47.88
N LEU A 221 33.83 -10.71 -46.57
CA LEU A 221 34.30 -11.78 -45.72
C LEU A 221 33.47 -13.04 -45.87
N ALA A 222 32.28 -12.93 -46.46
CA ALA A 222 31.46 -14.07 -46.83
C ALA A 222 32.00 -14.82 -48.03
N ARG A 223 33.01 -14.27 -48.69
CA ARG A 223 33.65 -14.85 -49.85
C ARG A 223 34.79 -15.73 -49.33
N GLU A 224 35.75 -16.13 -50.16
CA GLU A 224 36.84 -17.03 -49.82
C GLU A 224 37.87 -16.40 -48.87
N LEU A 225 37.56 -15.20 -48.37
CA LEU A 225 38.31 -14.52 -47.31
C LEU A 225 38.55 -15.43 -46.11
N ASN A 226 37.59 -16.28 -45.75
CA ASN A 226 37.86 -17.33 -44.79
C ASN A 226 37.93 -18.65 -45.53
N MET B 1 29.77 5.96 -47.39
CA MET B 1 29.94 5.96 -45.95
C MET B 1 31.02 4.98 -45.51
N LEU B 2 31.25 4.93 -44.21
CA LEU B 2 32.18 3.97 -43.62
C LEU B 2 31.58 3.49 -42.31
N ILE B 3 31.62 2.17 -42.09
CA ILE B 3 30.83 1.55 -41.04
C ILE B 3 31.44 1.76 -39.65
N SER B 4 32.67 2.25 -39.59
CA SER B 4 33.43 2.58 -38.38
C SER B 4 33.66 1.39 -37.44
N GLN B 5 33.53 0.18 -37.96
CA GLN B 5 33.88 -1.06 -37.27
C GLN B 5 34.43 -2.01 -38.31
N ARG B 6 34.61 -3.27 -37.92
CA ARG B 6 34.88 -4.28 -38.93
C ARG B 6 34.37 -5.64 -38.45
N PRO B 7 33.46 -6.26 -39.19
CA PRO B 7 32.99 -7.60 -38.81
C PRO B 7 34.03 -8.65 -39.14
N THR B 8 34.05 -9.72 -38.35
CA THR B 8 35.00 -10.82 -38.53
C THR B 8 34.25 -12.13 -38.66
N LEU B 9 34.92 -13.12 -39.22
CA LEU B 9 34.35 -14.45 -39.41
C LEU B 9 35.29 -15.48 -38.80
N SER B 10 34.72 -16.53 -38.21
CA SER B 10 35.50 -17.62 -37.63
C SER B 10 34.67 -18.90 -37.69
N GLU B 11 35.34 -20.01 -37.97
CA GLU B 11 34.70 -21.31 -37.98
C GLU B 11 35.03 -22.04 -36.68
N ASP B 12 34.07 -22.83 -36.19
CA ASP B 12 34.30 -23.68 -35.04
C ASP B 12 34.12 -25.13 -35.45
N VAL B 13 35.05 -25.98 -35.02
CA VAL B 13 35.14 -27.36 -35.49
C VAL B 13 34.45 -28.26 -34.48
N LEU B 14 33.27 -28.73 -34.84
CA LEU B 14 32.62 -29.85 -34.17
C LEU B 14 33.08 -31.12 -34.87
N THR B 15 32.32 -32.21 -34.74
CA THR B 15 32.55 -33.40 -35.56
C THR B 15 32.46 -33.12 -37.06
N ASP B 16 32.88 -34.11 -37.86
CA ASP B 16 33.40 -33.99 -39.22
C ASP B 16 32.82 -32.95 -40.15
N ASN B 17 31.50 -32.96 -40.34
CA ASN B 17 30.84 -32.03 -41.23
C ASN B 17 29.75 -31.28 -40.48
N ARG B 18 30.11 -30.78 -39.31
CA ARG B 18 29.19 -30.09 -38.43
C ARG B 18 29.80 -28.74 -38.05
N SER B 19 30.19 -27.97 -39.05
CA SER B 19 30.83 -26.69 -38.79
C SER B 19 29.82 -25.68 -38.24
N GLN B 20 30.37 -24.64 -37.62
CA GLN B 20 29.59 -23.72 -36.80
C GLN B 20 30.22 -22.34 -36.96
N PHE B 21 29.40 -21.35 -37.25
CA PHE B 21 29.93 -20.05 -37.63
C PHE B 21 29.34 -18.94 -36.79
N VAL B 22 30.19 -17.97 -36.46
CA VAL B 22 29.76 -16.76 -35.77
C VAL B 22 30.38 -15.56 -36.49
N ILE B 23 29.68 -14.43 -36.45
CA ILE B 23 30.18 -13.19 -36.99
C ILE B 23 29.89 -12.07 -36.00
N GLU B 24 30.93 -11.33 -35.63
CA GLU B 24 30.82 -10.12 -34.85
C GLU B 24 31.72 -9.08 -35.47
N PRO B 25 31.38 -7.78 -35.35
CA PRO B 25 30.11 -7.23 -34.90
C PRO B 25 29.28 -6.76 -36.09
N LEU B 26 27.97 -6.63 -35.89
CA LEU B 26 27.13 -6.00 -36.91
C LEU B 26 26.20 -4.97 -36.29
N GLU B 27 26.07 -3.88 -36.98
CA GLU B 27 25.15 -2.81 -36.63
C GLU B 27 23.72 -3.28 -36.83
N PRO B 28 22.74 -2.67 -36.16
CA PRO B 28 21.35 -3.05 -36.41
C PRO B 28 20.89 -2.56 -37.78
N GLY B 29 20.12 -3.41 -38.46
CA GLY B 29 19.87 -4.79 -38.08
C GLY B 29 20.22 -5.69 -39.24
N PHE B 30 21.27 -6.48 -39.10
CA PHE B 30 21.85 -7.12 -40.26
C PHE B 30 22.08 -8.60 -40.13
N GLY B 31 21.70 -9.20 -39.01
CA GLY B 31 21.69 -10.65 -38.95
C GLY B 31 20.60 -11.19 -39.83
N TYR B 32 19.43 -10.56 -39.78
CA TYR B 32 18.30 -11.03 -40.56
C TYR B 32 18.45 -10.70 -42.03
N THR B 33 19.39 -9.82 -42.38
CA THR B 33 19.64 -9.54 -43.78
C THR B 33 20.27 -10.72 -44.48
N LEU B 34 20.95 -11.58 -43.72
CA LEU B 34 21.70 -12.66 -44.31
C LEU B 34 21.43 -14.02 -43.70
N GLY B 35 20.53 -14.11 -42.73
CA GLY B 35 20.23 -15.41 -42.15
C GLY B 35 19.51 -16.32 -43.11
N ASN B 36 18.27 -15.96 -43.46
CA ASN B 36 17.51 -16.74 -44.44
C ASN B 36 18.12 -16.59 -45.83
N SER B 37 18.85 -15.50 -46.06
CA SER B 37 19.55 -15.30 -47.32
C SER B 37 20.62 -16.35 -47.51
N LEU B 38 21.45 -16.55 -46.49
CA LEU B 38 22.48 -17.56 -46.58
C LEU B 38 21.88 -18.95 -46.49
N ARG B 39 20.70 -19.04 -45.89
CA ARG B 39 19.98 -20.31 -45.82
C ARG B 39 19.54 -20.79 -47.20
N ARG B 40 18.82 -19.94 -47.93
CA ARG B 40 18.42 -20.29 -49.29
C ARG B 40 19.63 -20.34 -50.21
N THR B 41 20.66 -19.55 -49.89
CA THR B 41 21.87 -19.49 -50.69
C THR B 41 22.60 -20.82 -50.68
N LEU B 42 23.00 -21.27 -49.48
CA LEU B 42 23.67 -22.57 -49.41
C LEU B 42 22.68 -23.70 -49.61
N LEU B 43 21.39 -23.40 -49.58
CA LEU B 43 20.40 -24.39 -49.98
C LEU B 43 20.50 -24.71 -51.46
N SER B 44 20.29 -23.73 -52.33
CA SER B 44 20.03 -24.04 -53.73
C SER B 44 20.83 -23.16 -54.67
N SER B 45 22.13 -23.06 -54.44
CA SER B 45 22.98 -22.37 -55.42
C SER B 45 24.15 -23.20 -55.91
N ILE B 46 24.25 -24.46 -55.52
CA ILE B 46 25.42 -25.29 -55.82
C ILE B 46 24.93 -26.54 -56.56
N PRO B 47 25.55 -26.91 -57.67
CA PRO B 47 25.12 -28.11 -58.40
C PRO B 47 25.46 -29.39 -57.64
N GLY B 48 24.88 -30.48 -58.13
CA GLY B 48 25.11 -31.78 -57.53
C GLY B 48 24.44 -32.91 -58.29
N ALA B 49 24.71 -34.13 -57.88
CA ALA B 49 24.17 -35.31 -58.54
C ALA B 49 23.38 -36.15 -57.55
N ALA B 50 22.34 -36.80 -58.06
CA ALA B 50 21.48 -37.65 -57.25
C ALA B 50 20.80 -38.65 -58.16
N VAL B 51 20.09 -39.59 -57.55
CA VAL B 51 19.43 -40.68 -58.28
C VAL B 51 18.26 -40.12 -59.07
N THR B 52 18.26 -40.37 -60.37
CA THR B 52 17.24 -39.85 -61.25
C THR B 52 16.09 -40.82 -61.47
N SER B 53 16.37 -42.01 -62.00
CA SER B 53 15.32 -43.01 -62.20
C SER B 53 15.93 -44.39 -62.13
N ILE B 54 15.11 -45.37 -61.73
CA ILE B 54 15.57 -46.73 -61.50
C ILE B 54 14.60 -47.72 -62.10
N ARG B 55 15.14 -48.87 -62.49
CA ARG B 55 14.32 -50.01 -62.92
C ARG B 55 14.99 -51.29 -62.46
N ILE B 56 14.21 -52.17 -61.86
CA ILE B 56 14.69 -53.48 -61.41
C ILE B 56 13.93 -54.53 -62.19
N ASP B 57 14.62 -55.60 -62.59
CA ASP B 57 14.00 -56.65 -63.35
C ASP B 57 13.06 -57.46 -62.48
N GLY B 58 11.83 -57.64 -62.95
CA GLY B 58 10.85 -58.45 -62.27
C GLY B 58 9.88 -57.71 -61.38
N VAL B 59 9.89 -56.38 -61.40
CA VAL B 59 9.06 -55.58 -60.50
C VAL B 59 8.09 -54.84 -61.41
N LEU B 60 7.64 -55.52 -62.45
CA LEU B 60 6.92 -54.89 -63.55
C LEU B 60 5.52 -54.42 -63.13
N HIS B 61 4.69 -55.32 -62.65
CA HIS B 61 3.32 -54.96 -62.34
C HIS B 61 3.04 -54.84 -60.85
N GLU B 62 3.44 -55.82 -60.06
CA GLU B 62 3.22 -55.77 -58.62
C GLU B 62 4.20 -54.80 -58.00
N PHE B 63 3.71 -53.62 -57.64
CA PHE B 63 4.55 -52.50 -57.24
C PHE B 63 5.25 -52.72 -55.91
N THR B 64 4.77 -53.65 -55.06
CA THR B 64 5.46 -53.95 -53.79
C THR B 64 5.63 -55.46 -53.65
N THR B 65 6.69 -56.00 -54.28
CA THR B 65 7.26 -57.32 -54.05
C THR B 65 8.58 -57.41 -54.80
N VAL B 66 9.64 -57.74 -54.07
CA VAL B 66 10.85 -58.26 -54.70
C VAL B 66 11.15 -59.61 -54.07
N PRO B 67 11.00 -60.71 -54.80
CA PRO B 67 11.30 -62.02 -54.23
C PRO B 67 12.80 -62.21 -54.04
N GLY B 68 13.15 -63.11 -53.12
CA GLY B 68 14.54 -63.43 -52.89
C GLY B 68 15.27 -62.52 -51.94
N VAL B 69 14.64 -61.42 -51.52
CA VAL B 69 15.23 -60.49 -50.56
C VAL B 69 14.22 -60.26 -49.45
N LYS B 70 14.70 -59.79 -48.31
CA LYS B 70 13.80 -59.42 -47.23
C LYS B 70 13.02 -58.16 -47.59
N GLU B 71 13.65 -57.27 -48.32
CA GLU B 71 13.22 -55.89 -48.41
C GLU B 71 12.09 -55.76 -49.43
N ASP B 72 11.17 -54.84 -49.15
CA ASP B 72 10.13 -54.53 -50.14
C ASP B 72 10.68 -53.50 -51.12
N VAL B 73 9.80 -53.01 -51.98
CA VAL B 73 10.25 -52.12 -53.05
C VAL B 73 10.58 -50.73 -52.53
N THR B 74 9.73 -50.18 -51.67
CA THR B 74 9.88 -48.82 -51.20
C THR B 74 11.10 -48.63 -50.29
N GLU B 75 11.56 -49.69 -49.62
CA GLU B 75 12.81 -49.63 -48.89
C GLU B 75 14.00 -49.45 -49.79
N ILE B 76 14.01 -50.12 -50.94
CA ILE B 76 15.07 -49.98 -51.92
C ILE B 76 15.10 -48.56 -52.45
N ILE B 77 13.91 -47.96 -52.57
CA ILE B 77 13.79 -46.59 -53.04
C ILE B 77 14.47 -45.63 -52.08
N LEU B 78 14.06 -45.65 -50.82
CA LEU B 78 14.61 -44.76 -49.82
C LEU B 78 16.07 -45.04 -49.51
N ASN B 79 16.50 -46.28 -49.65
CA ASN B 79 17.88 -46.61 -49.39
C ASN B 79 18.78 -46.12 -50.50
N LEU B 80 18.30 -46.14 -51.74
CA LEU B 80 19.08 -45.60 -52.85
C LEU B 80 19.10 -44.08 -52.81
N LYS B 81 18.14 -43.47 -52.13
CA LYS B 81 18.07 -42.02 -52.00
C LYS B 81 19.28 -41.46 -51.28
N SER B 82 19.59 -42.02 -50.12
CA SER B 82 20.74 -41.57 -49.33
C SER B 82 22.04 -42.16 -49.85
N LEU B 83 22.42 -41.80 -51.06
CA LEU B 83 23.61 -42.35 -51.71
C LEU B 83 24.35 -41.22 -52.41
N VAL B 84 25.54 -40.89 -51.93
CA VAL B 84 26.25 -39.73 -52.47
C VAL B 84 27.01 -40.13 -53.73
N VAL B 85 26.83 -39.33 -54.78
CA VAL B 85 27.55 -39.50 -56.03
C VAL B 85 27.84 -38.12 -56.60
N SER B 86 29.05 -37.95 -57.14
CA SER B 86 29.47 -36.71 -57.75
C SER B 86 29.86 -36.97 -59.20
N SER B 87 29.53 -36.04 -60.09
CA SER B 87 29.73 -36.23 -61.51
C SER B 87 30.01 -34.90 -62.19
N GLU B 88 30.29 -34.98 -63.49
CA GLU B 88 30.59 -33.80 -64.29
C GLU B 88 29.86 -33.75 -65.63
N GLU B 89 29.08 -34.76 -65.99
CA GLU B 89 28.59 -34.93 -67.36
C GLU B 89 27.11 -34.53 -67.42
N ASP B 90 26.78 -33.71 -68.41
CA ASP B 90 25.44 -33.16 -68.55
C ASP B 90 24.50 -34.14 -69.23
N GLU B 91 24.24 -35.27 -68.60
CA GLU B 91 23.54 -36.37 -69.25
C GLU B 91 22.99 -37.37 -68.25
N PRO B 92 21.83 -37.98 -68.52
CA PRO B 92 21.39 -39.11 -67.71
C PRO B 92 22.20 -40.35 -68.03
N VAL B 93 23.14 -40.70 -67.14
CA VAL B 93 24.09 -41.77 -67.42
C VAL B 93 23.52 -43.04 -66.81
N THR B 94 23.72 -44.16 -67.49
CA THR B 94 23.13 -45.41 -67.06
C THR B 94 24.13 -46.23 -66.23
N MET B 95 23.60 -46.91 -65.23
CA MET B 95 24.41 -47.76 -64.36
C MET B 95 23.70 -49.08 -64.15
N TYR B 96 24.46 -50.08 -63.72
CA TYR B 96 23.95 -51.43 -63.52
C TYR B 96 24.53 -52.02 -62.27
N LEU B 97 23.66 -52.43 -61.36
CA LEU B 97 24.03 -53.26 -60.23
C LEU B 97 23.36 -54.61 -60.43
N ARG B 98 24.16 -55.68 -60.31
CA ARG B 98 23.65 -57.02 -60.52
C ARG B 98 24.45 -58.02 -59.69
N LYS B 99 23.75 -58.99 -59.11
CA LYS B 99 24.35 -60.01 -58.26
C LYS B 99 23.46 -61.24 -58.15
N GLN B 100 24.03 -62.42 -58.36
CA GLN B 100 23.32 -63.67 -58.20
C GLN B 100 23.56 -64.21 -56.79
N GLY B 101 22.70 -65.15 -56.39
CA GLY B 101 22.87 -65.87 -55.15
C GLY B 101 22.58 -65.05 -53.91
N PRO B 102 22.80 -65.64 -52.75
CA PRO B 102 22.62 -64.89 -51.49
C PRO B 102 23.76 -63.90 -51.29
N GLY B 103 23.52 -62.90 -50.46
CA GLY B 103 24.55 -61.96 -50.12
C GLY B 103 23.99 -60.70 -49.53
N GLU B 104 24.87 -59.93 -48.91
CA GLU B 104 24.55 -58.62 -48.37
C GLU B 104 25.22 -57.56 -49.23
N VAL B 105 24.44 -56.90 -50.06
CA VAL B 105 25.00 -55.98 -51.04
C VAL B 105 25.31 -54.66 -50.35
N THR B 106 26.46 -54.05 -50.72
CA THR B 106 26.88 -52.79 -50.16
C THR B 106 26.96 -51.75 -51.26
N ALA B 107 27.35 -50.53 -50.88
CA ALA B 107 27.36 -49.42 -51.84
C ALA B 107 28.50 -49.55 -52.84
N GLY B 108 29.60 -50.15 -52.42
CA GLY B 108 30.71 -50.35 -53.35
C GLY B 108 30.54 -51.48 -54.32
N ASP B 109 29.41 -52.18 -54.29
CA ASP B 109 29.23 -53.38 -55.11
C ASP B 109 28.79 -53.09 -56.53
N ILE B 110 28.54 -51.83 -56.88
CA ILE B 110 28.13 -51.47 -58.23
C ILE B 110 29.37 -51.09 -59.02
N VAL B 111 29.34 -51.37 -60.33
CA VAL B 111 30.37 -50.89 -61.24
C VAL B 111 30.07 -49.45 -61.62
N PRO B 112 31.00 -48.53 -61.38
CA PRO B 112 30.78 -47.16 -61.81
C PRO B 112 31.31 -46.95 -63.21
N PRO B 113 30.62 -46.14 -64.02
CA PRO B 113 31.19 -45.70 -65.29
C PRO B 113 32.19 -44.58 -65.07
N ALA B 114 32.78 -44.09 -66.15
CA ALA B 114 33.71 -42.98 -66.05
C ALA B 114 32.95 -41.68 -65.84
N GLY B 115 33.42 -40.86 -64.90
CA GLY B 115 32.85 -39.56 -64.62
C GLY B 115 32.10 -39.49 -63.31
N VAL B 116 31.74 -40.63 -62.73
CA VAL B 116 31.02 -40.67 -61.47
C VAL B 116 31.98 -41.13 -60.39
N THR B 117 31.58 -40.92 -59.14
CA THR B 117 32.37 -41.37 -58.00
C THR B 117 31.45 -41.60 -56.81
N VAL B 118 31.84 -42.55 -55.97
CA VAL B 118 31.07 -42.92 -54.80
C VAL B 118 31.83 -42.50 -53.55
N HIS B 119 31.20 -41.69 -52.71
CA HIS B 119 31.85 -41.16 -51.54
C HIS B 119 31.48 -41.88 -50.25
N ASN B 120 30.71 -42.96 -50.33
CA ASN B 120 30.52 -43.87 -49.19
C ASN B 120 30.33 -45.30 -49.66
N PRO B 121 31.38 -45.92 -50.20
CA PRO B 121 31.19 -47.24 -50.82
C PRO B 121 30.94 -48.35 -49.82
N GLY B 122 31.28 -48.14 -48.55
CA GLY B 122 31.04 -49.13 -47.54
C GLY B 122 29.66 -49.06 -46.92
N MET B 123 28.77 -48.28 -47.52
CA MET B 123 27.41 -48.18 -47.04
C MET B 123 26.63 -49.43 -47.44
N HIS B 124 25.80 -49.92 -46.54
CA HIS B 124 24.87 -51.00 -46.85
C HIS B 124 23.81 -50.52 -47.82
N ILE B 125 23.40 -51.40 -48.74
CA ILE B 125 22.17 -51.21 -49.50
C ILE B 125 21.18 -52.35 -49.28
N ALA B 126 21.57 -53.60 -49.48
CA ALA B 126 20.56 -54.65 -49.60
C ALA B 126 21.09 -55.98 -49.13
N THR B 127 20.16 -56.88 -48.82
CA THR B 127 20.44 -58.25 -48.39
C THR B 127 19.69 -59.20 -49.30
N LEU B 128 20.36 -60.25 -49.77
CA LEU B 128 19.75 -61.23 -50.65
C LEU B 128 19.66 -62.55 -49.90
N ASN B 129 18.47 -63.15 -49.87
CA ASN B 129 18.23 -64.29 -48.99
C ASN B 129 18.92 -65.54 -49.50
N ASP B 130 18.49 -66.03 -50.67
CA ASP B 130 19.03 -67.24 -51.26
C ASP B 130 18.68 -67.32 -52.74
N LYS B 131 19.70 -67.38 -53.59
CA LYS B 131 19.57 -67.66 -55.03
C LYS B 131 18.69 -66.64 -55.75
N GLY B 132 18.66 -65.41 -55.27
CA GLY B 132 17.89 -64.39 -55.96
C GLY B 132 18.80 -63.50 -56.77
N LYS B 133 18.84 -63.71 -58.08
CA LYS B 133 19.76 -62.98 -58.94
C LYS B 133 19.25 -61.56 -59.15
N LEU B 134 20.10 -60.59 -58.82
CA LEU B 134 19.74 -59.19 -58.86
C LEU B 134 20.20 -58.59 -60.18
N GLU B 135 19.47 -57.56 -60.63
CA GLU B 135 19.87 -56.71 -61.74
C GLU B 135 19.07 -55.41 -61.65
N VAL B 136 19.75 -54.31 -61.33
CA VAL B 136 19.09 -53.02 -61.11
C VAL B 136 19.67 -51.99 -62.07
N GLU B 137 18.79 -51.27 -62.75
CA GLU B 137 19.18 -50.16 -63.62
C GLU B 137 19.16 -48.88 -62.80
N LEU B 138 20.14 -48.02 -63.03
CA LEU B 138 20.30 -46.79 -62.29
C LEU B 138 20.60 -45.63 -63.23
N VAL B 139 19.94 -44.50 -62.97
CA VAL B 139 20.14 -43.28 -63.71
C VAL B 139 20.46 -42.16 -62.73
N VAL B 140 21.54 -41.44 -62.99
CA VAL B 140 21.94 -40.26 -62.22
C VAL B 140 22.32 -39.16 -63.21
N GLU B 141 21.77 -37.97 -63.00
CA GLU B 141 22.20 -36.82 -63.77
C GLU B 141 22.48 -35.68 -62.80
N ARG B 142 23.01 -34.59 -63.34
CA ARG B 142 23.39 -33.44 -62.55
C ARG B 142 22.23 -32.47 -62.40
N GLY B 143 22.44 -31.46 -61.58
CA GLY B 143 21.47 -30.40 -61.40
C GLY B 143 21.66 -29.73 -60.06
N ARG B 144 20.67 -28.90 -59.71
CA ARG B 144 20.76 -28.07 -58.52
C ARG B 144 19.52 -28.28 -57.65
N GLY B 145 19.72 -28.09 -56.35
CA GLY B 145 18.63 -27.94 -55.40
C GLY B 145 17.86 -29.23 -55.12
N TYR B 146 16.62 -29.05 -54.67
CA TYR B 146 15.69 -30.14 -54.45
C TYR B 146 14.61 -30.07 -55.53
N VAL B 147 14.19 -31.22 -56.02
CA VAL B 147 13.13 -31.29 -57.02
C VAL B 147 12.04 -32.20 -56.47
N PRO B 148 10.78 -31.98 -56.81
CA PRO B 148 9.78 -33.03 -56.61
C PRO B 148 9.97 -34.16 -57.61
N ALA B 149 9.34 -35.31 -57.34
CA ALA B 149 9.40 -36.44 -58.26
C ALA B 149 8.66 -36.11 -59.54
N VAL B 150 9.35 -36.20 -60.68
CA VAL B 150 8.74 -35.84 -61.95
C VAL B 150 7.90 -37.02 -62.41
N GLN B 151 6.68 -36.74 -62.86
CA GLN B 151 5.94 -37.74 -63.62
C GLN B 151 6.62 -37.81 -64.97
N ASN B 152 7.13 -38.97 -65.32
CA ASN B 152 7.93 -39.15 -66.53
C ASN B 152 7.07 -38.96 -67.78
N ARG B 153 7.73 -38.60 -68.89
CA ARG B 153 6.98 -38.33 -70.11
C ARG B 153 6.73 -39.62 -70.89
N ALA B 154 5.92 -40.47 -70.31
CA ALA B 154 5.32 -41.64 -70.93
C ALA B 154 3.82 -41.71 -70.70
N SER B 155 3.36 -41.26 -69.52
CA SER B 155 1.96 -41.27 -69.09
C SER B 155 1.35 -42.66 -69.18
N GLY B 156 2.10 -43.64 -68.67
CA GLY B 156 1.66 -45.01 -68.67
C GLY B 156 2.46 -45.89 -69.59
N ALA B 157 3.08 -45.28 -70.61
CA ALA B 157 3.84 -45.98 -71.64
C ALA B 157 5.26 -46.35 -71.21
N GLU B 158 5.61 -46.27 -69.93
CA GLU B 158 6.97 -46.51 -69.49
C GLU B 158 7.18 -48.00 -69.23
N ILE B 159 8.39 -48.46 -69.55
CA ILE B 159 8.78 -49.86 -69.37
C ILE B 159 8.86 -50.29 -67.92
N GLY B 160 8.85 -49.36 -66.97
CA GLY B 160 8.92 -49.70 -65.56
C GLY B 160 10.04 -48.97 -64.85
N ARG B 161 10.53 -47.91 -65.47
CA ARG B 161 11.58 -47.09 -64.87
C ARG B 161 10.94 -46.13 -63.87
N ILE B 162 11.59 -45.95 -62.72
CA ILE B 162 10.91 -45.31 -61.60
C ILE B 162 11.60 -44.00 -61.25
N PRO B 163 11.04 -42.85 -61.64
CA PRO B 163 11.62 -41.58 -61.22
C PRO B 163 11.17 -41.18 -59.83
N VAL B 164 12.06 -40.53 -59.08
CA VAL B 164 11.79 -40.09 -57.72
C VAL B 164 12.31 -38.68 -57.55
N ASP B 165 12.27 -38.20 -56.30
CA ASP B 165 12.89 -36.93 -55.97
C ASP B 165 14.40 -37.02 -56.15
N SER B 166 15.00 -35.91 -56.53
CA SER B 166 16.45 -35.78 -56.60
C SER B 166 16.90 -34.65 -55.70
N ILE B 167 17.82 -34.97 -54.80
CA ILE B 167 18.37 -34.01 -53.85
C ILE B 167 19.76 -33.67 -54.35
N TYR B 168 19.86 -32.58 -55.09
CA TYR B 168 21.13 -32.20 -55.69
C TYR B 168 21.97 -31.36 -54.74
N SER B 169 21.36 -30.84 -53.68
CA SER B 169 22.11 -30.06 -52.73
C SER B 169 22.93 -30.97 -51.82
N PRO B 170 24.21 -30.70 -51.66
CA PRO B 170 25.02 -31.51 -50.74
C PRO B 170 24.82 -31.09 -49.30
N VAL B 171 24.21 -29.94 -49.07
CA VAL B 171 23.90 -29.53 -47.72
C VAL B 171 22.77 -30.39 -47.17
N LEU B 172 22.67 -30.42 -45.85
CA LEU B 172 21.59 -31.18 -45.22
C LEU B 172 20.67 -30.35 -44.34
N LYS B 173 21.19 -29.47 -43.50
CA LYS B 173 20.29 -28.66 -42.68
C LYS B 173 20.94 -27.33 -42.39
N VAL B 174 20.17 -26.27 -42.58
CA VAL B 174 20.60 -24.92 -42.23
C VAL B 174 19.71 -24.44 -41.10
N THR B 175 20.33 -24.02 -40.01
CA THR B 175 19.58 -23.37 -38.94
C THR B 175 20.46 -22.28 -38.34
N TYR B 176 19.80 -21.33 -37.69
CA TYR B 176 20.50 -20.15 -37.18
C TYR B 176 19.64 -19.48 -36.13
N LYS B 177 20.25 -18.52 -35.45
CA LYS B 177 19.58 -17.62 -34.54
C LYS B 177 20.46 -16.40 -34.34
N VAL B 178 19.89 -15.36 -33.76
CA VAL B 178 20.57 -14.08 -33.61
C VAL B 178 20.68 -13.76 -32.13
N ASP B 179 21.56 -12.81 -31.83
CA ASP B 179 21.67 -12.14 -30.53
C ASP B 179 22.23 -10.75 -30.77
N ALA B 180 22.10 -9.88 -29.77
CA ALA B 180 22.47 -8.47 -29.89
C ALA B 180 23.34 -8.04 -28.74
N THR B 181 24.40 -8.81 -28.48
CA THR B 181 25.27 -8.55 -27.33
C THR B 181 26.10 -7.28 -27.53
N ARG B 182 26.75 -6.86 -26.44
CA ARG B 182 27.58 -5.64 -26.35
C ARG B 182 26.73 -4.42 -26.71
N VAL B 183 25.77 -4.14 -25.83
CA VAL B 183 24.73 -3.17 -26.10
C VAL B 183 25.13 -1.73 -25.84
N GLU B 184 26.25 -1.49 -25.17
CA GLU B 184 26.59 -0.14 -24.74
C GLU B 184 27.84 0.39 -25.40
N GLN B 185 28.94 -0.36 -25.39
CA GLN B 185 30.14 0.11 -26.05
C GLN B 185 29.99 0.07 -27.56
N ARG B 186 29.50 -1.05 -28.08
CA ARG B 186 29.15 -1.13 -29.49
C ARG B 186 27.81 -0.44 -29.78
N THR B 187 27.10 0.02 -28.75
CA THR B 187 25.81 0.72 -28.84
C THR B 187 24.77 -0.12 -29.57
N ASP B 188 24.44 -1.25 -28.96
CA ASP B 188 23.42 -2.22 -29.41
C ASP B 188 23.77 -2.78 -30.79
N PHE B 189 24.95 -3.38 -30.88
CA PHE B 189 25.29 -4.15 -32.06
C PHE B 189 24.93 -5.60 -31.80
N ASP B 190 25.34 -6.50 -32.70
CA ASP B 190 24.67 -7.78 -32.83
C ASP B 190 25.64 -8.94 -32.70
N LYS B 191 25.10 -10.16 -32.75
CA LYS B 191 25.88 -11.39 -32.62
C LYS B 191 25.23 -12.48 -33.47
N LEU B 192 26.02 -13.10 -34.34
CA LEU B 192 25.49 -14.08 -35.27
C LEU B 192 25.80 -15.50 -34.81
N ILE B 193 24.79 -16.38 -34.94
CA ILE B 193 24.94 -17.79 -34.63
C ILE B 193 24.54 -18.64 -35.83
N LEU B 194 25.45 -19.47 -36.32
CA LEU B 194 25.14 -20.31 -37.47
C LEU B 194 25.40 -21.78 -37.16
N ASP B 195 24.65 -22.64 -37.84
CA ASP B 195 24.83 -24.08 -37.71
C ASP B 195 24.39 -24.73 -39.01
N VAL B 196 25.28 -25.54 -39.60
CA VAL B 196 25.08 -26.12 -40.92
C VAL B 196 25.27 -27.63 -40.82
N GLU B 197 24.42 -28.38 -41.50
CA GLU B 197 24.60 -29.82 -41.61
C GLU B 197 24.93 -30.18 -43.06
N THR B 198 25.93 -31.05 -43.21
CA THR B 198 26.64 -31.21 -44.47
C THR B 198 26.82 -32.69 -44.75
N LYS B 199 26.84 -33.06 -46.03
CA LYS B 199 27.16 -34.42 -46.45
C LYS B 199 28.67 -34.61 -46.37
N ASN B 200 29.15 -35.85 -46.52
CA ASN B 200 30.57 -36.15 -46.46
C ASN B 200 31.33 -35.77 -47.72
N SER B 201 30.66 -35.18 -48.71
CA SER B 201 31.26 -34.95 -50.01
C SER B 201 32.39 -33.93 -49.94
N ILE B 202 32.14 -32.77 -49.34
CA ILE B 202 33.14 -31.72 -49.25
C ILE B 202 33.04 -31.09 -47.87
N SER B 203 33.98 -30.21 -47.56
CA SER B 203 33.87 -29.46 -46.34
C SER B 203 32.86 -28.34 -46.53
N PRO B 204 32.03 -28.07 -45.52
CA PRO B 204 31.11 -26.95 -45.58
C PRO B 204 31.77 -25.59 -45.68
N ARG B 205 33.02 -25.47 -45.25
CA ARG B 205 33.82 -24.30 -45.55
C ARG B 205 34.02 -24.09 -47.03
N ASP B 206 34.24 -25.15 -47.80
CA ASP B 206 34.32 -25.04 -49.25
C ASP B 206 33.01 -24.58 -49.87
N ALA B 207 31.89 -25.15 -49.44
CA ALA B 207 30.58 -24.74 -49.93
C ALA B 207 30.25 -23.32 -49.52
N LEU B 208 30.69 -22.90 -48.34
CA LEU B 208 30.52 -21.55 -47.83
C LEU B 208 31.09 -20.48 -48.74
N ALA B 209 32.34 -20.66 -49.15
CA ALA B 209 32.99 -19.66 -49.98
C ALA B 209 32.38 -19.62 -51.36
N SER B 210 32.03 -20.79 -51.91
CA SER B 210 31.52 -20.83 -53.28
C SER B 210 30.12 -20.24 -53.37
N ALA B 211 29.25 -20.61 -52.43
CA ALA B 211 27.86 -20.17 -52.51
C ALA B 211 27.74 -18.68 -52.21
N GLY B 212 28.42 -18.22 -51.16
CA GLY B 212 28.43 -16.79 -50.87
C GLY B 212 29.13 -16.00 -51.95
N LYS B 213 30.12 -16.61 -52.61
CA LYS B 213 30.74 -16.01 -53.77
C LYS B 213 29.72 -15.80 -54.87
N THR B 214 28.89 -16.80 -55.12
CA THR B 214 27.82 -16.64 -56.10
C THR B 214 26.76 -15.65 -55.66
N LEU B 215 26.55 -15.47 -54.36
CA LEU B 215 25.73 -14.38 -53.89
C LEU B 215 26.30 -13.03 -54.26
N VAL B 216 27.62 -12.86 -54.07
CA VAL B 216 28.28 -11.62 -54.49
C VAL B 216 28.21 -11.44 -56.00
N GLU B 217 28.40 -12.51 -56.75
CA GLU B 217 28.24 -12.54 -58.19
C GLU B 217 26.82 -12.20 -58.62
N LEU B 218 25.83 -12.44 -57.76
CA LEU B 218 24.46 -12.19 -58.11
C LEU B 218 24.06 -10.73 -57.98
N PHE B 219 24.60 -10.03 -56.98
CA PHE B 219 24.29 -8.62 -56.82
C PHE B 219 25.20 -7.72 -57.63
N GLY B 220 26.07 -8.29 -58.49
CA GLY B 220 26.81 -7.48 -59.43
C GLY B 220 25.91 -6.84 -60.46
N LEU B 221 24.74 -7.45 -60.69
CA LEU B 221 23.65 -6.82 -61.43
C LEU B 221 23.28 -5.47 -60.82
N ALA B 222 23.20 -5.42 -59.50
CA ALA B 222 22.94 -4.15 -58.83
C ALA B 222 24.15 -3.24 -58.89
N ARG B 223 25.34 -3.84 -59.03
CA ARG B 223 26.56 -3.05 -58.99
C ARG B 223 26.81 -2.34 -60.31
N GLU B 224 26.31 -2.86 -61.42
CA GLU B 224 26.63 -2.31 -62.74
C GLU B 224 25.61 -1.28 -63.22
N LEU B 225 25.31 -0.29 -62.38
CA LEU B 225 24.65 0.93 -62.84
C LEU B 225 25.43 2.18 -62.49
N ASN B 226 25.93 2.28 -61.27
CA ASN B 226 26.69 3.45 -60.86
C ASN B 226 27.96 2.95 -60.19
N VAL B 227 29.08 3.06 -60.89
CA VAL B 227 30.37 2.81 -60.28
C VAL B 227 30.66 3.88 -59.24
N GLU B 228 30.28 5.12 -59.55
CA GLU B 228 30.55 6.25 -58.67
C GLU B 228 29.32 6.48 -57.81
N ALA B 229 28.93 5.44 -57.08
CA ALA B 229 27.81 5.53 -56.17
C ALA B 229 28.36 5.70 -54.75
N GLU B 230 27.47 5.72 -53.77
CA GLU B 230 27.91 5.95 -52.41
C GLU B 230 27.49 4.77 -51.56
N GLY B 231 28.41 3.84 -51.34
CA GLY B 231 28.21 2.72 -50.46
C GLY B 231 28.93 2.87 -49.13
N ILE B 232 28.50 2.09 -48.16
CA ILE B 232 29.08 2.13 -46.84
C ILE B 232 30.28 1.18 -46.83
N GLU B 233 31.39 1.60 -46.25
CA GLU B 233 32.65 0.87 -46.36
C GLU B 233 33.00 0.17 -45.06
N ILE B 234 33.47 -1.07 -45.19
CA ILE B 234 34.08 -1.80 -44.09
C ILE B 234 35.56 -1.47 -43.96
N GLY B 235 36.34 -1.74 -45.00
CA GLY B 235 37.75 -1.48 -44.97
C GLY B 235 38.58 -2.71 -45.33
N PRO B 236 39.88 -2.64 -45.07
CA PRO B 236 40.78 -3.74 -45.45
C PRO B 236 40.72 -4.89 -44.46
N SER B 237 41.62 -5.85 -44.67
CA SER B 237 41.73 -7.00 -43.79
C SER B 237 42.31 -6.60 -42.43
N ASN C 24 -24.88 21.99 -36.48
CA ASN C 24 -26.05 21.87 -35.63
C ASN C 24 -25.96 22.83 -34.45
N SER C 25 -26.43 24.06 -34.69
CA SER C 25 -26.52 25.14 -33.69
C SER C 25 -25.16 25.53 -33.12
N VAL C 26 -24.11 25.28 -33.87
CA VAL C 26 -22.76 25.66 -33.48
C VAL C 26 -22.17 26.44 -34.64
N PRO C 27 -21.66 27.66 -34.41
CA PRO C 27 -21.23 28.51 -35.55
C PRO C 27 -20.03 28.00 -36.31
N GLY C 28 -18.91 27.72 -35.64
CA GLY C 28 -17.71 27.34 -36.34
C GLY C 28 -17.51 25.84 -36.42
N ALA C 29 -18.60 25.10 -36.47
CA ALA C 29 -18.53 23.66 -36.39
C ALA C 29 -18.04 23.06 -37.70
N PRO C 30 -17.12 22.12 -37.63
CA PRO C 30 -16.86 21.26 -38.78
C PRO C 30 -17.94 20.20 -38.90
N ASN C 31 -18.12 19.71 -40.12
CA ASN C 31 -19.13 18.70 -40.39
C ASN C 31 -18.63 17.38 -39.84
N ARG C 32 -19.54 16.63 -39.22
CA ARG C 32 -19.28 15.28 -38.78
C ARG C 32 -20.56 14.50 -38.98
N VAL C 33 -20.48 13.40 -39.74
CA VAL C 33 -21.68 12.67 -40.10
C VAL C 33 -22.01 11.68 -39.00
N SER C 34 -23.28 11.58 -38.66
CA SER C 34 -23.74 10.73 -37.57
C SER C 34 -24.70 9.66 -38.06
N PHE C 35 -24.95 8.69 -37.18
CA PHE C 35 -25.96 7.66 -37.39
C PHE C 35 -27.18 7.83 -36.50
N ALA C 36 -27.64 9.05 -36.28
CA ALA C 36 -28.81 9.24 -35.47
C ALA C 36 -30.07 8.86 -36.24
N LYS C 37 -30.72 7.79 -35.79
CA LYS C 37 -32.01 7.43 -36.31
C LYS C 37 -33.12 8.32 -35.80
N LEU C 38 -33.08 8.68 -34.54
CA LEU C 38 -34.04 9.59 -33.95
C LEU C 38 -33.57 11.02 -34.12
N ARG C 39 -34.35 11.94 -33.60
CA ARG C 39 -33.88 13.30 -33.36
C ARG C 39 -33.63 13.45 -31.87
N GLU C 40 -33.30 14.67 -31.47
CA GLU C 40 -33.32 15.07 -30.07
C GLU C 40 -34.08 16.37 -29.96
N PRO C 41 -35.27 16.33 -29.37
CA PRO C 41 -36.07 17.56 -29.26
C PRO C 41 -35.47 18.58 -28.32
N LEU C 42 -34.92 18.15 -27.20
CA LEU C 42 -34.29 19.05 -26.26
C LEU C 42 -32.78 18.92 -26.36
N GLU C 43 -32.10 20.06 -26.45
CA GLU C 43 -30.66 20.10 -26.48
C GLU C 43 -30.09 19.83 -25.10
N VAL C 44 -28.79 19.63 -25.05
CA VAL C 44 -28.06 19.44 -23.80
C VAL C 44 -28.03 20.76 -23.06
N PRO C 45 -28.32 20.77 -21.76
CA PRO C 45 -28.19 22.01 -20.99
C PRO C 45 -26.74 22.40 -20.76
N GLY C 46 -26.54 23.55 -20.13
CA GLY C 46 -25.22 24.00 -19.76
C GLY C 46 -24.65 23.18 -18.62
N LEU C 47 -23.40 22.74 -18.76
CA LEU C 47 -22.87 21.71 -17.87
C LEU C 47 -22.38 22.27 -16.56
N LEU C 48 -21.95 23.52 -16.55
CA LEU C 48 -21.47 24.17 -15.35
C LEU C 48 -22.62 24.72 -14.50
N ASP C 49 -23.86 24.55 -14.96
CA ASP C 49 -25.01 25.14 -14.28
C ASP C 49 -25.25 24.50 -12.92
N VAL C 50 -24.73 23.29 -12.72
CA VAL C 50 -24.72 22.70 -11.41
C VAL C 50 -23.83 23.48 -10.45
N GLN C 51 -22.84 24.21 -10.95
CA GLN C 51 -21.94 24.96 -10.10
C GLN C 51 -22.13 26.46 -10.24
N THR C 52 -22.41 26.95 -11.44
CA THR C 52 -22.57 28.38 -11.63
C THR C 52 -23.86 28.87 -11.00
N ASP C 53 -24.95 28.12 -11.17
CA ASP C 53 -26.20 28.52 -10.54
C ASP C 53 -26.22 28.21 -9.06
N SER C 54 -25.28 27.40 -8.58
CA SER C 54 -25.22 27.18 -7.14
C SER C 54 -24.61 28.37 -6.43
N PHE C 55 -23.64 29.03 -7.09
CA PHE C 55 -22.92 30.12 -6.43
C PHE C 55 -23.84 31.30 -6.20
N GLU C 56 -24.04 32.19 -7.19
CA GLU C 56 -25.28 32.78 -7.72
C GLU C 56 -26.38 33.23 -6.75
N TRP C 57 -26.34 32.72 -5.54
CA TRP C 57 -27.51 32.55 -4.70
C TRP C 57 -27.28 33.03 -3.29
N LEU C 58 -26.10 32.77 -2.74
CA LEU C 58 -25.68 33.41 -1.51
C LEU C 58 -25.52 34.90 -1.77
N ILE C 59 -24.93 35.25 -2.92
CA ILE C 59 -25.01 36.60 -3.42
C ILE C 59 -26.45 36.95 -3.73
N GLY C 60 -27.12 36.08 -4.47
CA GLY C 60 -28.43 36.39 -4.96
C GLY C 60 -28.46 37.37 -6.11
N SER C 61 -27.95 36.98 -7.27
CA SER C 61 -27.83 37.82 -8.46
C SER C 61 -29.18 38.35 -8.94
N PRO C 62 -29.19 39.48 -9.64
CA PRO C 62 -30.38 39.82 -10.44
C PRO C 62 -30.71 38.77 -11.46
N ARG C 63 -29.70 38.16 -12.08
CA ARG C 63 -29.88 36.99 -12.93
C ARG C 63 -30.48 35.84 -12.14
N TRP C 64 -30.03 35.67 -10.90
CA TRP C 64 -30.67 34.72 -10.01
C TRP C 64 -32.08 35.15 -9.65
N ARG C 65 -32.31 36.46 -9.57
CA ARG C 65 -33.63 36.94 -9.16
C ARG C 65 -34.68 36.63 -10.20
N GLU C 66 -34.43 37.04 -11.45
CA GLU C 66 -35.36 36.69 -12.53
C GLU C 66 -35.32 35.20 -12.83
N SER C 67 -34.15 34.58 -12.69
CA SER C 67 -33.99 33.18 -13.05
C SER C 67 -34.79 32.28 -12.11
N ALA C 68 -34.57 32.45 -10.82
CA ALA C 68 -35.50 31.96 -9.82
C ALA C 68 -36.59 32.96 -9.50
N ALA C 69 -37.20 33.52 -10.54
CA ALA C 69 -38.47 34.22 -10.42
C ALA C 69 -39.45 33.89 -11.52
N GLU C 70 -39.00 33.43 -12.68
CA GLU C 70 -39.94 33.12 -13.75
C GLU C 70 -40.49 31.72 -13.62
N ARG C 71 -39.74 30.81 -13.02
CA ARG C 71 -40.16 29.42 -12.85
C ARG C 71 -40.85 29.28 -11.49
N GLY C 72 -41.97 29.97 -11.36
CA GLY C 72 -42.65 30.01 -10.07
C GLY C 72 -41.91 30.94 -9.15
N ASP C 73 -41.55 30.42 -7.97
CA ASP C 73 -40.58 31.03 -7.05
C ASP C 73 -41.04 32.42 -6.58
N VAL C 74 -42.10 32.42 -5.77
CA VAL C 74 -42.90 33.62 -5.51
C VAL C 74 -42.09 34.69 -4.78
N ASN C 75 -41.53 34.34 -3.62
CA ASN C 75 -40.78 35.30 -2.81
C ASN C 75 -39.36 34.80 -2.61
N PRO C 76 -38.46 35.01 -3.56
CA PRO C 76 -37.07 34.55 -3.40
C PRO C 76 -36.32 35.43 -2.43
N VAL C 77 -35.56 34.77 -1.55
CA VAL C 77 -34.78 35.47 -0.54
C VAL C 77 -33.32 35.05 -0.69
N GLY C 78 -32.41 35.96 -0.34
CA GLY C 78 -30.99 35.71 -0.50
C GLY C 78 -30.44 34.66 0.44
N GLY C 79 -29.32 34.05 0.04
CA GLY C 79 -28.70 33.04 0.88
C GLY C 79 -28.12 33.63 2.14
N LEU C 80 -27.45 34.77 2.02
CA LEU C 80 -27.01 35.52 3.20
C LEU C 80 -28.21 35.98 4.01
N GLU C 81 -29.26 36.43 3.32
CA GLU C 81 -30.49 36.88 3.96
C GLU C 81 -31.11 35.76 4.78
N GLU C 82 -31.02 34.54 4.27
CA GLU C 82 -31.52 33.36 4.96
C GLU C 82 -30.86 33.15 6.32
N VAL C 83 -29.64 33.64 6.50
CA VAL C 83 -29.01 33.63 7.82
C VAL C 83 -29.31 34.93 8.56
N LEU C 84 -29.56 36.01 7.83
CA LEU C 84 -29.87 37.29 8.46
C LEU C 84 -31.19 37.26 9.21
N TYR C 85 -32.30 36.97 8.52
CA TYR C 85 -33.62 37.11 9.15
C TYR C 85 -33.88 36.08 10.22
N GLU C 86 -33.17 34.94 10.21
CA GLU C 86 -33.15 34.05 11.34
C GLU C 86 -32.16 34.49 12.41
N LEU C 87 -31.18 35.30 12.04
CA LEU C 87 -30.19 35.73 13.02
C LEU C 87 -30.59 37.07 13.61
N SER C 88 -30.73 38.07 12.75
CA SER C 88 -31.29 39.34 13.17
C SER C 88 -32.78 39.17 13.45
N PRO C 89 -33.33 39.85 14.47
CA PRO C 89 -32.70 40.80 15.39
C PRO C 89 -31.97 40.16 16.55
N ILE C 90 -30.95 40.86 17.02
CA ILE C 90 -30.16 40.45 18.18
C ILE C 90 -30.75 41.10 19.42
N GLU C 91 -31.00 40.29 20.45
CA GLU C 91 -31.66 40.72 21.66
C GLU C 91 -30.86 40.31 22.89
N ASP C 92 -30.72 41.22 23.84
CA ASP C 92 -30.07 40.95 25.11
C ASP C 92 -31.01 40.17 26.03
N PHE C 93 -30.43 39.63 27.12
CA PHE C 93 -31.23 38.95 28.13
C PHE C 93 -32.07 39.91 28.94
N SER C 94 -31.68 41.18 29.02
CA SER C 94 -32.45 42.15 29.78
C SER C 94 -33.64 42.66 28.98
N GLY C 95 -33.62 42.53 27.66
CA GLY C 95 -34.70 43.04 26.84
C GLY C 95 -34.70 44.54 26.69
N SER C 96 -33.58 45.20 27.00
CA SER C 96 -33.53 46.65 27.03
C SER C 96 -32.80 47.26 25.86
N MET C 97 -32.09 46.46 25.06
CA MET C 97 -31.47 46.98 23.85
C MET C 97 -31.56 45.90 22.78
N SER C 98 -31.38 46.32 21.53
CA SER C 98 -31.58 45.40 20.41
C SER C 98 -30.65 45.78 19.28
N LEU C 99 -30.32 44.78 18.45
CA LEU C 99 -29.39 44.96 17.34
C LEU C 99 -29.92 44.24 16.12
N SER C 100 -29.78 44.88 14.96
CA SER C 100 -30.42 44.39 13.74
C SER C 100 -29.44 44.42 12.57
N PHE C 101 -29.70 43.55 11.59
CA PHE C 101 -28.92 43.42 10.37
C PHE C 101 -29.81 43.63 9.16
N SER C 102 -29.22 44.13 8.07
CA SER C 102 -29.95 44.36 6.83
C SER C 102 -28.97 44.51 5.68
N ASP C 103 -29.48 44.29 4.46
CA ASP C 103 -28.84 44.55 3.17
C ASP C 103 -27.46 43.90 3.00
N PRO C 104 -27.40 42.60 2.74
CA PRO C 104 -26.13 42.02 2.26
C PRO C 104 -25.89 42.42 0.81
N ARG C 105 -24.70 42.94 0.53
CA ARG C 105 -24.31 43.32 -0.82
C ARG C 105 -22.81 43.23 -0.95
N PHE C 106 -22.32 43.54 -2.15
CA PHE C 106 -20.93 43.31 -2.49
C PHE C 106 -20.34 44.45 -3.29
N ASP C 107 -19.03 44.65 -3.12
CA ASP C 107 -18.28 45.63 -3.88
C ASP C 107 -17.66 44.97 -5.10
N ASP C 108 -16.74 45.65 -5.76
CA ASP C 108 -16.16 45.16 -6.99
C ASP C 108 -14.90 44.33 -6.71
N VAL C 109 -14.38 43.71 -7.78
CA VAL C 109 -13.15 42.94 -7.62
C VAL C 109 -11.98 43.89 -7.48
N LYS C 110 -10.88 43.37 -6.92
CA LYS C 110 -9.71 44.19 -6.67
C LYS C 110 -8.57 43.84 -7.62
N ALA C 111 -8.56 42.62 -8.14
CA ALA C 111 -7.54 42.23 -9.09
C ALA C 111 -8.09 41.20 -10.07
N PRO C 112 -7.68 41.23 -11.33
CA PRO C 112 -8.12 40.19 -12.28
C PRO C 112 -7.46 38.86 -11.98
N VAL C 113 -7.95 37.84 -12.69
CA VAL C 113 -7.62 36.45 -12.39
C VAL C 113 -6.16 36.15 -12.73
N ASP C 114 -5.68 36.76 -13.82
CA ASP C 114 -4.29 36.59 -14.22
C ASP C 114 -3.35 37.21 -13.19
N GLU C 115 -3.78 38.31 -12.59
CA GLU C 115 -2.98 38.91 -11.52
C GLU C 115 -3.00 38.04 -10.27
N CYS C 116 -4.19 37.55 -9.90
CA CYS C 116 -4.33 36.79 -8.66
C CYS C 116 -3.60 35.45 -8.74
N LYS C 117 -3.77 34.73 -9.84
CA LYS C 117 -2.99 33.54 -10.11
C LYS C 117 -1.51 33.85 -10.25
N ASP C 118 -1.19 35.00 -10.82
CA ASP C 118 0.19 35.45 -10.92
C ASP C 118 0.75 35.83 -9.56
N LYS C 119 0.09 36.72 -8.84
CA LYS C 119 0.63 37.25 -7.60
C LYS C 119 0.16 36.49 -6.37
N ASP C 120 -0.46 35.32 -6.57
CA ASP C 120 -0.62 34.28 -5.56
C ASP C 120 -1.45 34.72 -4.37
N MET C 121 -2.54 35.43 -4.63
CA MET C 121 -3.42 35.92 -3.58
C MET C 121 -4.75 35.19 -3.62
N THR C 122 -5.69 35.63 -2.81
CA THR C 122 -7.08 35.20 -2.98
C THR C 122 -7.79 36.08 -4.00
N TYR C 123 -8.74 35.48 -4.71
CA TYR C 123 -9.58 36.23 -5.63
C TYR C 123 -10.83 36.64 -4.88
N ALA C 124 -10.83 37.84 -4.31
CA ALA C 124 -11.85 38.20 -3.34
C ALA C 124 -12.41 39.57 -3.70
N ALA C 125 -13.44 39.97 -2.96
CA ALA C 125 -14.12 41.24 -3.12
C ALA C 125 -14.70 41.64 -1.77
N PRO C 126 -14.82 42.93 -1.49
CA PRO C 126 -15.32 43.36 -0.19
C PRO C 126 -16.80 43.06 0.02
N LEU C 127 -17.22 43.19 1.27
CA LEU C 127 -18.56 42.82 1.69
C LEU C 127 -19.10 43.87 2.63
N PHE C 128 -20.28 44.41 2.31
CA PHE C 128 -20.96 45.38 3.16
C PHE C 128 -22.30 44.81 3.59
N VAL C 129 -22.62 44.99 4.88
CA VAL C 129 -23.94 44.72 5.44
C VAL C 129 -24.31 45.88 6.35
N THR C 130 -25.44 46.52 6.07
CA THR C 130 -25.85 47.68 6.86
C THR C 130 -26.62 47.23 8.09
N ALA C 131 -26.01 47.39 9.25
CA ALA C 131 -26.60 46.97 10.51
C ALA C 131 -27.24 48.15 11.22
N GLU C 132 -27.90 47.87 12.33
CA GLU C 132 -28.46 48.92 13.18
C GLU C 132 -28.59 48.45 14.61
N PHE C 133 -28.08 49.26 15.53
CA PHE C 133 -28.41 49.17 16.95
C PHE C 133 -29.67 49.96 17.23
N ILE C 134 -30.60 49.33 17.96
CA ILE C 134 -31.86 49.97 18.34
C ILE C 134 -32.07 49.77 19.83
N ASN C 135 -32.10 50.87 20.58
CA ASN C 135 -32.43 50.84 21.99
C ASN C 135 -33.90 50.46 22.14
N ASN C 136 -34.19 49.75 23.23
CA ASN C 136 -35.59 49.39 23.48
C ASN C 136 -36.24 50.35 24.45
N ASN C 137 -35.45 51.06 25.25
CA ASN C 137 -36.00 51.97 26.25
C ASN C 137 -36.55 53.23 25.60
N THR C 138 -35.88 53.72 24.57
CA THR C 138 -36.31 54.95 23.92
C THR C 138 -36.27 54.87 22.40
N GLY C 139 -35.60 53.87 21.83
CA GLY C 139 -35.51 53.77 20.39
C GLY C 139 -34.34 54.57 19.85
N GLU C 140 -33.40 53.90 19.19
CA GLU C 140 -32.20 54.55 18.67
C GLU C 140 -31.88 54.05 17.27
N ILE C 141 -31.26 54.91 16.49
CA ILE C 141 -31.18 54.76 15.03
C ILE C 141 -29.71 54.64 14.65
N LYS C 142 -28.93 53.92 15.46
CA LYS C 142 -27.51 53.78 15.13
C LYS C 142 -27.32 52.83 13.95
N SER C 143 -27.53 53.34 12.74
CA SER C 143 -27.39 52.58 11.50
C SER C 143 -26.01 52.87 10.92
N GLN C 144 -25.29 51.81 10.58
CA GLN C 144 -23.89 51.92 10.24
C GLN C 144 -23.55 50.79 9.27
N THR C 145 -23.27 51.13 8.01
CA THR C 145 -22.85 50.11 7.05
C THR C 145 -21.41 49.71 7.37
N VAL C 146 -21.24 48.48 7.83
CA VAL C 146 -19.96 48.01 8.34
C VAL C 146 -19.34 47.09 7.31
N PHE C 147 -18.08 47.33 7.00
CA PHE C 147 -17.28 46.43 6.17
C PHE C 147 -17.14 45.09 6.87
N MET C 148 -17.84 44.08 6.37
CA MET C 148 -17.89 42.81 7.05
C MET C 148 -16.65 41.96 6.81
N GLY C 149 -15.86 42.29 5.80
CA GLY C 149 -14.65 41.55 5.53
C GLY C 149 -14.51 41.26 4.07
N ASP C 150 -13.43 40.58 3.73
CA ASP C 150 -13.22 40.12 2.36
C ASP C 150 -14.07 38.88 2.11
N PHE C 151 -14.33 38.63 0.84
CA PHE C 151 -15.17 37.49 0.55
C PHE C 151 -14.72 36.82 -0.74
N PRO C 152 -14.45 35.52 -0.71
CA PRO C 152 -13.94 34.84 -1.91
C PRO C 152 -14.97 34.78 -3.01
N MET C 153 -14.50 34.74 -4.25
CA MET C 153 -15.36 34.87 -5.41
C MET C 153 -15.13 33.75 -6.41
N MET C 154 -16.19 33.38 -7.11
CA MET C 154 -16.13 32.34 -8.11
C MET C 154 -15.96 32.97 -9.48
N THR C 155 -15.13 32.35 -10.31
CA THR C 155 -14.92 32.82 -11.67
C THR C 155 -16.09 32.43 -12.56
N GLU C 156 -15.99 32.84 -13.83
CA GLU C 156 -16.88 32.29 -14.84
C GLU C 156 -16.41 30.90 -15.27
N LYS C 157 -15.20 30.51 -14.88
CA LYS C 157 -14.77 29.13 -15.00
C LYS C 157 -15.31 28.26 -13.89
N GLY C 158 -15.97 28.84 -12.90
CA GLY C 158 -16.50 28.08 -11.79
C GLY C 158 -15.48 27.73 -10.74
N THR C 159 -14.42 28.51 -10.61
CA THR C 159 -13.26 28.09 -9.84
C THR C 159 -13.03 29.02 -8.66
N PHE C 160 -12.00 28.71 -7.89
CA PHE C 160 -11.56 29.52 -6.78
C PHE C 160 -10.04 29.55 -6.70
N ILE C 161 -9.51 30.66 -6.22
CA ILE C 161 -8.08 30.90 -6.16
C ILE C 161 -7.71 31.21 -4.73
N ILE C 162 -6.95 30.30 -4.12
CA ILE C 162 -6.48 30.46 -2.75
C ILE C 162 -4.97 30.40 -2.81
N ASN C 163 -4.33 31.53 -2.49
CA ASN C 163 -2.87 31.68 -2.50
C ASN C 163 -2.28 31.39 -3.87
N GLY C 164 -3.05 31.68 -4.92
CA GLY C 164 -2.68 31.31 -6.26
C GLY C 164 -3.10 29.91 -6.67
N THR C 165 -3.43 29.05 -5.71
CA THR C 165 -3.79 27.68 -6.04
C THR C 165 -5.25 27.60 -6.44
N GLU C 166 -5.51 26.85 -7.51
CA GLU C 166 -6.86 26.70 -8.04
C GLU C 166 -7.48 25.46 -7.41
N ARG C 167 -8.52 25.66 -6.60
CA ARG C 167 -9.09 24.56 -5.85
C ARG C 167 -10.60 24.46 -6.06
N VAL C 168 -11.10 23.25 -5.80
CA VAL C 168 -12.42 22.82 -6.24
C VAL C 168 -13.23 22.36 -5.03
N VAL C 169 -14.51 22.72 -4.99
CA VAL C 169 -15.41 22.31 -3.93
C VAL C 169 -16.19 21.08 -4.37
N VAL C 170 -16.14 20.03 -3.56
CA VAL C 170 -16.76 18.76 -3.87
C VAL C 170 -18.17 18.73 -3.30
N SER C 171 -19.11 18.21 -4.09
CA SER C 171 -20.49 18.07 -3.66
C SER C 171 -20.61 16.87 -2.72
N GLN C 172 -21.29 17.05 -1.58
CA GLN C 172 -21.38 16.03 -0.54
C GLN C 172 -22.81 15.52 -0.39
N LEU C 173 -23.02 14.26 -0.72
CA LEU C 173 -24.34 13.65 -0.64
C LEU C 173 -24.64 13.26 0.81
N VAL C 174 -25.80 13.67 1.29
CA VAL C 174 -26.25 13.30 2.63
C VAL C 174 -27.71 12.87 2.55
N ARG C 175 -28.17 12.10 3.54
CA ARG C 175 -29.57 11.77 3.59
C ARG C 175 -30.38 12.99 4.00
N SER C 176 -31.55 13.13 3.41
CA SER C 176 -32.42 14.24 3.73
C SER C 176 -33.05 13.99 5.09
N PRO C 177 -33.22 15.02 5.91
CA PRO C 177 -33.88 14.82 7.20
C PRO C 177 -35.38 14.66 6.99
N GLY C 178 -36.06 14.03 7.94
CA GLY C 178 -37.50 13.88 7.82
C GLY C 178 -37.98 12.64 8.53
N VAL C 179 -39.01 12.03 7.97
CA VAL C 179 -39.67 10.88 8.57
C VAL C 179 -39.21 9.63 7.84
N TYR C 180 -38.67 8.68 8.60
CA TYR C 180 -38.18 7.42 8.04
C TYR C 180 -38.93 6.26 8.68
N PHE C 181 -39.94 5.76 7.98
CA PHE C 181 -40.71 4.60 8.41
C PHE C 181 -39.98 3.32 8.03
N ASP C 182 -40.08 2.33 8.90
CA ASP C 182 -39.45 1.05 8.64
C ASP C 182 -40.18 -0.06 9.39
N GLU C 183 -40.11 -1.25 8.84
CA GLU C 183 -40.66 -2.44 9.47
C GLU C 183 -39.58 -3.51 9.50
N THR C 184 -39.37 -4.07 10.68
CA THR C 184 -38.43 -5.17 10.85
C THR C 184 -39.18 -6.37 11.38
N ILE C 185 -38.61 -7.54 11.18
CA ILE C 185 -39.15 -8.79 11.72
C ILE C 185 -38.08 -9.44 12.58
N ASP C 186 -38.42 -9.72 13.83
CA ASP C 186 -37.52 -10.38 14.77
C ASP C 186 -37.37 -11.86 14.43
N LYS C 187 -36.49 -12.54 15.17
CA LYS C 187 -36.24 -13.94 14.86
C LYS C 187 -36.61 -14.86 16.01
N SER C 188 -37.03 -14.31 17.15
CA SER C 188 -37.55 -15.17 18.21
C SER C 188 -38.96 -15.65 17.89
N THR C 189 -39.90 -14.71 17.75
CA THR C 189 -41.29 -15.03 17.47
C THR C 189 -41.75 -14.60 16.09
N ASP C 190 -40.86 -14.00 15.29
CA ASP C 190 -41.01 -13.83 13.84
C ASP C 190 -42.16 -12.89 13.47
N LYS C 191 -42.56 -12.03 14.40
CA LYS C 191 -43.70 -11.16 14.14
C LYS C 191 -43.24 -9.79 13.68
N THR C 192 -44.20 -8.88 13.49
CA THR C 192 -43.98 -7.64 12.77
C THR C 192 -44.05 -6.46 13.71
N LEU C 193 -42.92 -5.81 13.94
CA LEU C 193 -42.86 -4.56 14.68
C LEU C 193 -42.66 -3.43 13.69
N HIS C 194 -43.29 -2.29 13.95
CA HIS C 194 -43.36 -1.17 13.04
C HIS C 194 -42.81 0.07 13.72
N SER C 195 -41.69 0.58 13.22
CA SER C 195 -41.08 1.76 13.81
C SER C 195 -41.05 2.91 12.84
N VAL C 196 -40.64 4.07 13.35
CA VAL C 196 -40.32 5.22 12.55
C VAL C 196 -39.29 6.06 13.30
N LYS C 197 -38.30 6.53 12.56
CA LYS C 197 -37.34 7.46 13.12
C LYS C 197 -37.50 8.78 12.40
N VAL C 198 -37.73 9.82 13.16
CA VAL C 198 -38.02 11.14 12.63
C VAL C 198 -36.87 12.04 13.05
N ILE C 199 -36.06 12.47 12.08
CA ILE C 199 -34.89 13.27 12.43
C ILE C 199 -35.09 14.72 11.98
N PRO C 200 -34.79 15.67 12.84
CA PRO C 200 -34.70 17.07 12.42
C PRO C 200 -33.28 17.41 11.99
N SER C 201 -33.07 18.68 11.72
CA SER C 201 -31.72 19.22 11.63
C SER C 201 -31.38 19.88 12.96
N ARG C 202 -30.22 19.54 13.51
CA ARG C 202 -29.62 20.18 14.68
C ARG C 202 -30.55 20.11 15.90
N GLY C 203 -30.76 18.89 16.35
CA GLY C 203 -31.58 18.64 17.53
C GLY C 203 -31.52 17.18 17.92
N ALA C 204 -32.35 16.82 18.89
CA ALA C 204 -32.42 15.44 19.38
C ALA C 204 -33.43 14.67 18.55
N TRP C 205 -33.50 13.37 18.79
CA TRP C 205 -34.33 12.49 17.98
C TRP C 205 -35.45 11.89 18.81
N LEU C 206 -36.39 11.25 18.13
CA LEU C 206 -37.57 10.63 18.74
C LEU C 206 -38.01 9.48 17.85
N GLU C 207 -38.42 8.38 18.47
CA GLU C 207 -38.73 7.17 17.73
C GLU C 207 -40.05 6.58 18.22
N PHE C 208 -40.92 6.24 17.29
CA PHE C 208 -42.23 5.66 17.62
C PHE C 208 -42.22 4.19 17.18
N ASP C 209 -41.93 3.33 18.15
CA ASP C 209 -41.67 1.93 17.85
C ASP C 209 -42.85 1.06 18.27
N VAL C 210 -42.73 -0.23 17.97
CA VAL C 210 -43.70 -1.25 18.38
C VAL C 210 -42.90 -2.36 19.05
N ASP C 211 -43.34 -2.78 20.24
CA ASP C 211 -42.62 -3.82 20.96
C ASP C 211 -42.86 -5.19 20.35
N LYS C 212 -42.05 -6.15 20.76
CA LYS C 212 -42.29 -7.55 20.42
C LYS C 212 -43.57 -8.02 21.08
N ARG C 213 -43.81 -7.59 22.31
CA ARG C 213 -45.11 -7.72 22.93
C ARG C 213 -45.89 -6.43 22.67
N ASP C 214 -46.97 -6.22 23.42
CA ASP C 214 -47.63 -4.92 23.46
C ASP C 214 -46.86 -3.97 24.37
N THR C 215 -46.83 -2.67 24.02
CA THR C 215 -47.23 -2.10 22.74
C THR C 215 -46.14 -1.32 21.97
N VAL C 216 -45.61 -0.27 22.59
CA VAL C 216 -45.02 0.87 21.87
C VAL C 216 -43.63 1.19 22.39
N GLY C 217 -43.01 2.19 21.75
CA GLY C 217 -41.57 2.46 21.84
C GLY C 217 -41.10 3.90 21.93
N VAL C 218 -41.79 4.73 22.70
CA VAL C 218 -41.93 6.15 22.43
C VAL C 218 -40.85 6.96 23.15
N ARG C 219 -39.72 6.34 23.47
CA ARG C 219 -38.59 7.07 24.05
C ARG C 219 -38.06 8.21 23.18
N ILE C 220 -38.12 9.43 23.70
CA ILE C 220 -37.53 10.55 22.98
C ILE C 220 -36.10 10.77 23.49
N ASP C 221 -35.20 10.96 22.53
CA ASP C 221 -33.75 11.09 22.75
C ASP C 221 -33.20 9.91 23.55
N ARG C 222 -33.74 8.72 23.27
CA ARG C 222 -33.23 7.43 23.76
C ARG C 222 -33.31 7.33 25.29
N LYS C 223 -34.50 7.56 25.83
CA LYS C 223 -34.70 7.37 27.25
C LYS C 223 -35.75 6.28 27.45
N ARG C 224 -35.31 5.06 27.15
CA ARG C 224 -35.75 3.72 27.51
C ARG C 224 -37.12 3.27 27.00
N ARG C 225 -38.13 4.13 27.04
CA ARG C 225 -39.49 3.95 26.49
C ARG C 225 -40.31 5.14 26.97
N GLN C 226 -41.40 5.43 26.27
CA GLN C 226 -42.49 6.22 26.80
C GLN C 226 -43.80 5.57 26.39
N PRO C 227 -44.92 5.94 27.02
CA PRO C 227 -46.24 5.58 26.48
C PRO C 227 -46.80 6.68 25.60
N VAL C 228 -47.67 6.28 24.67
CA VAL C 228 -48.24 7.22 23.71
C VAL C 228 -49.23 8.17 24.39
N THR C 229 -49.98 7.67 25.36
CA THR C 229 -51.06 8.43 25.97
C THR C 229 -50.58 9.53 26.88
N VAL C 230 -49.48 9.31 27.61
CA VAL C 230 -48.94 10.31 28.51
C VAL C 230 -48.32 11.46 27.70
N LEU C 231 -47.87 11.15 26.49
CA LEU C 231 -47.51 12.21 25.57
C LEU C 231 -48.74 13.02 25.17
N LEU C 232 -49.88 12.35 25.01
CA LEU C 232 -51.08 13.05 24.57
C LEU C 232 -51.82 13.68 25.75
N LYS C 233 -51.96 12.94 26.85
CA LYS C 233 -52.65 13.50 28.01
C LYS C 233 -51.80 14.56 28.68
N ALA C 234 -50.50 14.32 28.81
CA ALA C 234 -49.59 15.34 29.30
C ALA C 234 -49.37 16.43 28.27
N LEU C 235 -49.68 16.16 27.00
CA LEU C 235 -49.78 17.21 25.99
C LEU C 235 -51.01 18.09 26.20
N GLY C 236 -51.95 17.68 27.07
CA GLY C 236 -53.09 18.49 27.38
C GLY C 236 -54.34 18.05 26.66
N TRP C 237 -54.63 16.75 26.70
CA TRP C 237 -55.76 16.19 25.98
C TRP C 237 -56.44 15.16 26.86
N THR C 238 -57.73 14.94 26.62
CA THR C 238 -58.51 14.04 27.45
C THR C 238 -58.22 12.59 27.07
N SER C 239 -58.48 11.69 28.03
CA SER C 239 -58.49 10.27 27.72
C SER C 239 -59.68 9.87 26.88
N GLU C 240 -60.74 10.69 26.87
CA GLU C 240 -61.87 10.46 25.99
C GLU C 240 -61.49 10.58 24.52
N GLN C 241 -60.73 11.62 24.18
CA GLN C 241 -60.38 11.86 22.79
C GLN C 241 -59.33 10.88 22.29
N ILE C 242 -58.66 10.20 23.23
CA ILE C 242 -57.88 9.02 22.88
C ILE C 242 -58.78 7.95 22.31
N VAL C 243 -59.96 7.75 22.92
CA VAL C 243 -60.89 6.78 22.39
C VAL C 243 -61.55 7.29 21.11
N GLU C 244 -61.88 8.59 21.07
CA GLU C 244 -62.65 9.13 19.96
C GLU C 244 -61.81 9.20 18.69
N ARG C 245 -60.64 9.81 18.78
CA ARG C 245 -59.85 10.03 17.57
C ARG C 245 -58.95 8.83 17.28
N PHE C 246 -58.61 8.05 18.29
CA PHE C 246 -57.59 7.02 18.16
C PHE C 246 -58.03 5.67 18.73
N GLY C 247 -59.30 5.29 18.57
CA GLY C 247 -59.82 4.08 19.16
C GLY C 247 -60.21 2.99 18.18
N PHE C 248 -59.61 2.96 16.99
CA PHE C 248 -60.05 2.10 15.90
C PHE C 248 -59.02 1.14 15.24
N SER C 249 -57.68 1.26 15.30
CA SER C 249 -56.69 1.80 16.26
C SER C 249 -57.00 1.36 17.68
N GLU C 250 -57.03 0.05 17.85
CA GLU C 250 -57.44 -0.59 19.10
C GLU C 250 -56.29 -1.20 19.87
N ILE C 251 -55.10 -1.26 19.29
CA ILE C 251 -53.95 -1.76 20.03
C ILE C 251 -53.52 -0.74 21.06
N MET C 252 -53.69 0.54 20.74
CA MET C 252 -53.45 1.61 21.70
C MET C 252 -54.53 1.73 22.77
N ARG C 253 -55.64 1.02 22.63
CA ARG C 253 -56.56 0.90 23.75
C ARG C 253 -55.92 0.15 24.89
N SER C 254 -55.00 -0.76 24.57
CA SER C 254 -54.21 -1.41 25.61
C SER C 254 -53.22 -0.43 26.25
N THR C 255 -52.76 0.57 25.49
CA THR C 255 -51.94 1.61 26.10
C THR C 255 -52.77 2.45 27.06
N LEU C 256 -54.02 2.70 26.69
CA LEU C 256 -54.88 3.45 27.60
C LEU C 256 -55.32 2.58 28.78
N GLU C 257 -55.23 1.26 28.64
CA GLU C 257 -55.45 0.38 29.78
C GLU C 257 -54.25 0.41 30.73
N LYS C 258 -53.08 0.02 30.22
CA LYS C 258 -51.87 -0.08 31.03
C LYS C 258 -51.09 1.23 31.08
N ASP C 259 -51.77 2.36 30.92
CA ASP C 259 -51.15 3.67 31.05
C ASP C 259 -50.70 3.97 32.47
N ASN C 260 -51.30 3.28 33.45
CA ASN C 260 -50.96 3.16 34.87
C ASN C 260 -50.76 4.45 35.64
N THR C 261 -51.15 5.59 35.07
CA THR C 261 -51.13 6.86 35.78
C THR C 261 -52.23 7.76 35.25
N VAL C 262 -53.12 8.19 36.14
CA VAL C 262 -54.18 9.13 35.82
C VAL C 262 -53.78 10.48 36.36
N GLY C 263 -53.82 11.49 35.50
CA GLY C 263 -53.42 12.84 35.87
C GLY C 263 -52.41 13.38 34.88
N THR C 264 -52.68 14.63 34.46
CA THR C 264 -51.87 15.28 33.45
C THR C 264 -50.47 15.58 33.97
N ASP C 265 -50.37 16.40 35.02
CA ASP C 265 -49.08 16.68 35.62
C ASP C 265 -48.62 15.53 36.50
N GLU C 266 -49.55 14.67 36.94
CA GLU C 266 -49.20 13.54 37.79
C GLU C 266 -48.36 12.52 37.05
N ALA C 267 -48.52 12.42 35.73
CA ALA C 267 -47.64 11.61 34.91
C ALA C 267 -46.52 12.43 34.28
N LEU C 268 -46.68 13.74 34.19
CA LEU C 268 -45.68 14.57 33.54
C LEU C 268 -44.51 14.84 34.47
N LEU C 269 -44.75 14.77 35.78
CA LEU C 269 -43.65 14.70 36.73
C LEU C 269 -42.84 13.43 36.53
N ASP C 270 -43.51 12.32 36.21
CA ASP C 270 -42.80 11.10 35.89
C ASP C 270 -42.11 11.20 34.54
N ILE C 271 -42.63 12.07 33.66
CA ILE C 271 -41.93 12.35 32.41
C ILE C 271 -40.62 13.06 32.69
N TYR C 272 -40.64 14.03 33.62
CA TYR C 272 -39.40 14.72 33.95
C TYR C 272 -38.45 13.80 34.72
N ARG C 273 -39.01 12.83 35.45
CA ARG C 273 -38.21 11.75 36.01
C ARG C 273 -37.62 10.88 34.90
N LYS C 274 -38.33 10.76 33.78
CA LYS C 274 -37.70 10.12 32.64
C LYS C 274 -36.65 11.02 31.98
N LEU C 275 -36.75 12.34 32.18
CA LEU C 275 -35.74 13.23 31.63
C LEU C 275 -34.43 13.13 32.38
N ARG C 276 -34.41 13.46 33.67
CA ARG C 276 -33.08 13.76 34.20
C ARG C 276 -32.26 12.53 34.61
N PRO C 277 -32.70 11.61 35.49
CA PRO C 277 -33.77 11.46 36.49
C PRO C 277 -33.41 12.20 37.77
N GLY C 278 -34.26 12.12 38.78
CA GLY C 278 -33.92 12.61 40.11
C GLY C 278 -33.77 14.11 40.25
N GLU C 279 -34.87 14.84 40.11
CA GLU C 279 -34.92 16.28 40.32
C GLU C 279 -36.37 16.66 40.58
N PRO C 280 -36.64 17.49 41.59
CA PRO C 280 -38.03 17.90 41.87
C PRO C 280 -38.58 18.79 40.78
N PRO C 281 -39.61 18.35 40.07
CA PRO C 281 -40.11 19.12 38.92
C PRO C 281 -40.95 20.30 39.37
N THR C 282 -40.96 21.33 38.53
CA THR C 282 -41.74 22.53 38.77
C THR C 282 -42.69 22.71 37.59
N LYS C 283 -43.37 23.86 37.56
CA LYS C 283 -44.22 24.17 36.42
C LYS C 283 -43.44 24.52 35.16
N GLU C 284 -42.14 24.83 35.31
CA GLU C 284 -41.27 24.96 34.15
C GLU C 284 -41.17 23.64 33.40
N SER C 285 -40.66 22.62 34.08
CA SER C 285 -40.37 21.33 33.48
C SER C 285 -41.62 20.51 33.18
N ALA C 286 -42.81 21.04 33.47
CA ALA C 286 -44.03 20.39 33.04
C ALA C 286 -44.28 20.59 31.55
N GLN C 287 -44.54 21.81 31.12
CA GLN C 287 -44.81 22.07 29.71
C GLN C 287 -43.72 22.87 29.03
N THR C 288 -43.12 23.85 29.71
CA THR C 288 -42.32 24.85 29.01
C THR C 288 -40.99 24.26 28.56
N LEU C 289 -40.41 23.37 29.37
CA LEU C 289 -39.18 22.69 28.97
C LEU C 289 -39.41 21.76 27.80
N LEU C 290 -40.60 21.14 27.77
CA LEU C 290 -40.97 20.29 26.64
C LEU C 290 -41.19 21.12 25.39
N GLU C 291 -41.74 22.32 25.56
CA GLU C 291 -41.89 23.25 24.46
C GLU C 291 -40.62 24.05 24.19
N ASN C 292 -39.54 23.75 24.92
CA ASN C 292 -38.19 24.19 24.55
C ASN C 292 -37.52 23.14 23.69
N LEU C 293 -38.06 21.91 23.67
CA LEU C 293 -37.59 20.88 22.78
C LEU C 293 -38.40 20.74 21.52
N PHE C 294 -39.62 21.26 21.46
CA PHE C 294 -40.46 21.05 20.28
C PHE C 294 -41.26 22.26 19.84
N PHE C 295 -41.30 23.34 20.62
CA PHE C 295 -42.09 24.51 20.27
C PHE C 295 -41.32 25.81 20.45
N LYS C 296 -40.06 25.74 20.82
CA LYS C 296 -39.13 26.86 20.80
C LYS C 296 -38.25 26.67 19.58
N GLU C 297 -38.34 27.58 18.62
CA GLU C 297 -37.52 27.41 17.42
C GLU C 297 -36.21 28.18 17.52
N LYS C 298 -35.48 27.96 18.62
CA LYS C 298 -34.14 28.50 18.78
C LYS C 298 -33.06 27.44 18.89
N ARG C 299 -33.40 26.21 19.24
CA ARG C 299 -32.42 25.12 19.31
C ARG C 299 -32.89 23.84 18.65
N TYR C 300 -34.16 23.76 18.24
CA TYR C 300 -34.72 22.57 17.64
C TYR C 300 -35.36 22.97 16.32
N ASP C 301 -34.61 22.85 15.23
CA ASP C 301 -34.98 23.52 14.00
C ASP C 301 -34.74 22.61 12.80
N LEU C 302 -35.76 21.84 12.41
CA LEU C 302 -35.65 20.95 11.27
C LEU C 302 -35.54 21.74 9.99
N ALA C 303 -35.21 21.05 8.90
CA ALA C 303 -34.90 21.71 7.65
C ALA C 303 -36.15 22.31 7.02
N ARG C 304 -35.92 23.41 6.30
CA ARG C 304 -36.92 24.04 5.45
C ARG C 304 -37.49 23.05 4.43
N VAL C 305 -36.64 22.25 3.84
CA VAL C 305 -37.10 21.17 2.98
C VAL C 305 -37.69 20.05 3.83
N GLY C 306 -37.10 19.82 5.00
CA GLY C 306 -37.64 18.82 5.91
C GLY C 306 -39.01 19.20 6.42
N ARG C 307 -39.25 20.49 6.60
CA ARG C 307 -40.61 21.02 6.74
C ARG C 307 -41.48 20.62 5.55
N TYR C 308 -41.07 20.96 4.34
CA TYR C 308 -41.72 20.57 3.09
C TYR C 308 -41.84 19.07 2.93
N LYS C 309 -40.87 18.31 3.44
CA LYS C 309 -40.96 16.86 3.38
C LYS C 309 -42.02 16.33 4.34
N VAL C 310 -42.16 16.97 5.50
CA VAL C 310 -43.20 16.61 6.45
C VAL C 310 -44.58 16.85 5.87
N ASN C 311 -44.76 18.02 5.24
CA ASN C 311 -46.02 18.31 4.56
C ASN C 311 -46.25 17.34 3.43
N LYS C 312 -45.20 17.02 2.68
CA LYS C 312 -45.34 16.23 1.46
C LYS C 312 -45.67 14.78 1.79
N LYS C 313 -45.02 14.24 2.81
CA LYS C 313 -45.36 12.89 3.23
C LYS C 313 -46.70 12.85 3.92
N LEU C 314 -46.90 13.70 4.91
CA LEU C 314 -48.03 13.54 5.82
C LEU C 314 -49.36 14.00 5.22
N GLY C 315 -49.35 14.58 4.02
CA GLY C 315 -50.57 14.99 3.38
C GLY C 315 -51.18 16.15 4.10
N LEU C 316 -50.34 17.12 4.44
CA LEU C 316 -50.72 18.27 5.23
C LEU C 316 -51.37 19.31 4.33
N HIS C 317 -51.40 20.56 4.78
CA HIS C 317 -52.16 21.65 4.18
C HIS C 317 -51.48 22.22 2.93
N VAL C 318 -50.71 21.38 2.25
CA VAL C 318 -49.59 21.64 1.35
C VAL C 318 -49.78 22.78 0.34
N GLY C 319 -51.01 23.14 0.02
CA GLY C 319 -51.14 24.37 -0.73
C GLY C 319 -51.05 25.50 0.27
N GLU C 320 -49.82 25.98 0.42
CA GLU C 320 -49.34 26.95 1.42
C GLU C 320 -48.01 27.49 0.94
N PRO C 321 -47.79 28.79 1.01
CA PRO C 321 -46.45 29.33 0.74
C PRO C 321 -45.57 29.36 1.98
N ILE C 322 -45.91 28.59 3.01
CA ILE C 322 -45.34 28.69 4.35
C ILE C 322 -43.84 28.42 4.39
N THR C 323 -43.18 28.97 5.41
CA THR C 323 -41.79 28.65 5.72
C THR C 323 -41.59 28.80 7.22
N SER C 324 -41.18 27.70 7.86
CA SER C 324 -40.92 27.68 9.28
C SER C 324 -40.08 26.44 9.59
N SER C 325 -39.67 26.33 10.85
CA SER C 325 -39.06 25.12 11.35
C SER C 325 -39.68 24.67 12.67
N THR C 326 -40.95 24.99 12.91
CA THR C 326 -41.61 24.66 14.16
C THR C 326 -42.33 23.33 14.02
N LEU C 327 -42.34 22.55 15.10
CA LEU C 327 -42.94 21.22 15.12
C LEU C 327 -44.25 21.28 15.88
N THR C 328 -45.35 21.13 15.15
CA THR C 328 -46.63 20.93 15.81
C THR C 328 -46.73 19.50 16.31
N GLU C 329 -47.58 19.31 17.32
CA GLU C 329 -47.83 17.97 17.83
C GLU C 329 -48.94 17.29 17.04
N GLU C 330 -49.61 18.06 16.18
CA GLU C 330 -50.67 17.49 15.35
C GLU C 330 -50.08 16.59 14.28
N ASP C 331 -48.87 16.93 13.82
CA ASP C 331 -48.13 16.04 12.95
C ASP C 331 -47.69 14.80 13.72
N VAL C 332 -47.44 14.95 15.02
CA VAL C 332 -47.00 13.85 15.85
C VAL C 332 -48.13 12.84 16.03
N VAL C 333 -49.34 13.33 16.31
CA VAL C 333 -50.47 12.42 16.43
C VAL C 333 -50.88 11.90 15.06
N ALA C 334 -50.54 12.65 14.01
CA ALA C 334 -50.79 12.20 12.65
C ALA C 334 -49.91 11.00 12.31
N THR C 335 -48.64 11.05 12.70
CA THR C 335 -47.78 9.91 12.41
C THR C 335 -48.02 8.78 13.41
N ILE C 336 -48.62 9.10 14.56
CA ILE C 336 -49.13 8.04 15.43
C ILE C 336 -50.22 7.26 14.71
N GLU C 337 -51.22 7.96 14.17
CA GLU C 337 -52.36 7.25 13.59
C GLU C 337 -51.98 6.62 12.26
N TYR C 338 -51.06 7.23 11.52
CA TYR C 338 -50.51 6.58 10.33
C TYR C 338 -49.73 5.33 10.71
N LEU C 339 -49.06 5.37 11.86
CA LEU C 339 -48.29 4.22 12.32
C LEU C 339 -49.22 3.07 12.70
N VAL C 340 -50.32 3.38 13.37
CA VAL C 340 -51.18 2.30 13.83
C VAL C 340 -52.06 1.81 12.69
N ARG C 341 -52.33 2.66 11.69
CA ARG C 341 -53.00 2.17 10.50
C ARG C 341 -52.07 1.32 9.67
N LEU C 342 -50.77 1.57 9.75
CA LEU C 342 -49.79 0.67 9.18
C LEU C 342 -49.79 -0.67 9.90
N HIS C 343 -49.55 -0.65 11.22
CA HIS C 343 -49.62 -1.88 12.00
C HIS C 343 -51.05 -2.09 12.48
N GLU C 344 -51.95 -2.18 11.52
CA GLU C 344 -53.21 -2.88 11.70
C GLU C 344 -53.42 -3.61 10.38
N GLY C 345 -52.77 -3.08 9.34
CA GLY C 345 -52.79 -3.67 8.02
C GLY C 345 -53.75 -2.93 7.13
N GLN C 346 -53.25 -2.02 6.31
CA GLN C 346 -54.10 -1.21 5.45
C GLN C 346 -53.38 -0.94 4.14
N THR C 347 -53.95 -0.03 3.35
CA THR C 347 -53.30 0.48 2.16
C THR C 347 -53.37 1.99 2.04
N THR C 348 -54.44 2.62 2.51
CA THR C 348 -54.63 4.05 2.32
C THR C 348 -55.02 4.74 3.61
N MET C 349 -54.96 6.06 3.57
CA MET C 349 -55.17 6.92 4.72
C MET C 349 -55.44 8.34 4.28
N THR C 350 -56.47 8.95 4.86
CA THR C 350 -56.67 10.38 4.74
C THR C 350 -56.52 11.01 6.12
N VAL C 351 -56.53 12.34 6.13
CA VAL C 351 -56.37 13.11 7.37
C VAL C 351 -57.43 14.21 7.34
N PRO C 352 -58.06 14.51 8.47
CA PRO C 352 -58.93 15.70 8.53
C PRO C 352 -58.16 16.99 8.30
N GLY C 353 -58.54 17.72 7.25
CA GLY C 353 -57.93 18.98 6.90
C GLY C 353 -56.79 18.88 5.90
N GLY C 354 -56.50 17.71 5.37
CA GLY C 354 -55.39 17.53 4.47
C GLY C 354 -55.56 16.41 3.46
N VAL C 355 -54.56 16.26 2.60
CA VAL C 355 -54.64 15.36 1.47
C VAL C 355 -54.47 13.92 1.94
N GLU C 356 -55.21 12.99 1.30
CA GLU C 356 -55.07 11.58 1.61
C GLU C 356 -53.69 11.06 1.19
N VAL C 357 -53.22 10.03 1.89
CA VAL C 357 -51.88 9.49 1.68
C VAL C 357 -51.99 7.98 1.50
N PRO C 358 -51.40 7.45 0.44
CA PRO C 358 -51.19 6.00 0.38
C PRO C 358 -50.19 5.54 1.42
N VAL C 359 -50.61 4.57 2.21
CA VAL C 359 -49.81 4.04 3.30
C VAL C 359 -48.75 3.13 2.71
N GLU C 360 -47.48 3.38 3.07
CA GLU C 360 -46.41 2.50 2.68
C GLU C 360 -45.23 2.69 3.61
N THR C 361 -44.30 1.75 3.55
CA THR C 361 -43.04 1.88 4.27
C THR C 361 -42.12 2.81 3.51
N ASP C 362 -40.99 3.17 4.11
CA ASP C 362 -40.07 4.05 3.42
C ASP C 362 -38.89 3.26 2.88
N ASP C 363 -38.17 3.92 1.96
CA ASP C 363 -36.93 3.40 1.43
C ASP C 363 -35.76 4.12 2.11
N ILE C 364 -34.64 3.44 2.20
CA ILE C 364 -33.47 4.03 2.82
C ILE C 364 -32.66 4.82 1.81
N ASP C 365 -32.20 4.17 0.75
CA ASP C 365 -31.29 4.81 -0.18
C ASP C 365 -31.97 5.39 -1.40
N HIS C 366 -33.27 5.67 -1.31
CA HIS C 366 -33.95 6.37 -2.39
C HIS C 366 -33.48 7.80 -2.44
N PHE C 367 -33.42 8.35 -3.67
CA PHE C 367 -32.94 9.71 -3.91
C PHE C 367 -33.79 10.76 -3.23
N GLY C 368 -35.09 10.56 -3.10
CA GLY C 368 -35.92 11.45 -2.32
C GLY C 368 -35.65 11.40 -0.84
N ASN C 369 -34.87 10.45 -0.38
CA ASN C 369 -34.49 10.38 1.02
C ASN C 369 -33.05 10.84 1.20
N ARG C 370 -32.35 11.07 0.09
CA ARG C 370 -30.92 11.39 0.15
C ARG C 370 -30.66 12.59 -0.76
N ARG C 371 -30.48 13.75 -0.16
CA ARG C 371 -30.32 14.97 -0.92
C ARG C 371 -28.85 15.33 -1.12
N LEU C 372 -28.63 16.54 -1.61
CA LEU C 372 -27.27 17.06 -1.83
C LEU C 372 -27.13 18.41 -1.14
N ARG C 373 -26.19 18.50 -0.19
CA ARG C 373 -25.72 19.80 0.24
C ARG C 373 -24.83 20.37 -0.86
N THR C 374 -25.28 21.45 -1.48
CA THR C 374 -24.45 22.15 -2.44
C THR C 374 -23.47 23.06 -1.72
N VAL C 375 -22.56 23.66 -2.48
CA VAL C 375 -21.56 24.56 -1.94
C VAL C 375 -22.16 25.80 -1.27
N GLY C 376 -23.23 26.36 -1.82
CA GLY C 376 -23.88 27.47 -1.16
C GLY C 376 -24.56 27.04 0.13
N GLU C 377 -24.97 25.78 0.19
CA GLU C 377 -25.40 25.22 1.46
C GLU C 377 -24.21 24.93 2.36
N LEU C 378 -23.07 24.54 1.77
CA LEU C 378 -21.86 24.32 2.56
C LEU C 378 -21.35 25.62 3.15
N ILE C 379 -21.07 26.61 2.28
CA ILE C 379 -20.63 27.92 2.71
C ILE C 379 -21.69 28.58 3.58
N GLN C 380 -22.96 28.28 3.32
CA GLN C 380 -24.05 28.72 4.17
C GLN C 380 -23.90 28.19 5.58
N ASN C 381 -23.52 26.92 5.70
CA ASN C 381 -23.26 26.35 7.02
C ASN C 381 -22.03 26.95 7.65
N GLN C 382 -21.06 27.35 6.83
CA GLN C 382 -19.83 27.88 7.40
C GLN C 382 -20.00 29.31 7.87
N ILE C 383 -20.85 30.09 7.19
CA ILE C 383 -21.20 31.41 7.68
C ILE C 383 -22.09 31.27 8.91
N ARG C 384 -22.93 30.24 8.92
CA ARG C 384 -23.80 30.00 10.06
C ARG C 384 -23.00 29.67 11.31
N VAL C 385 -21.99 28.81 11.19
CA VAL C 385 -21.16 28.51 12.34
C VAL C 385 -20.21 29.67 12.60
N GLY C 386 -19.91 30.48 11.58
CA GLY C 386 -19.03 31.62 11.77
C GLY C 386 -19.69 32.73 12.56
N MET C 387 -21.00 32.87 12.39
CA MET C 387 -21.74 33.80 13.23
C MET C 387 -22.11 33.14 14.55
N SER C 388 -22.18 31.82 14.58
CA SER C 388 -22.37 31.08 15.82
C SER C 388 -21.20 31.23 16.76
N ARG C 389 -20.01 31.38 16.21
CA ARG C 389 -18.81 31.69 16.97
C ARG C 389 -18.55 33.17 17.08
N MET C 390 -19.08 33.96 16.15
CA MET C 390 -18.91 35.40 16.17
C MET C 390 -19.85 36.10 17.16
N GLU C 391 -21.13 35.78 17.12
CA GLU C 391 -22.11 36.54 17.89
C GLU C 391 -22.11 36.13 19.36
N ARG C 392 -21.52 34.97 19.67
CA ARG C 392 -21.63 34.40 21.01
C ARG C 392 -20.83 35.16 22.07
N VAL C 393 -20.03 36.13 21.64
CA VAL C 393 -19.47 37.12 22.55
C VAL C 393 -20.12 38.48 22.40
N VAL C 394 -20.79 38.73 21.29
CA VAL C 394 -21.46 40.00 21.03
C VAL C 394 -22.67 40.18 21.95
N ARG C 395 -23.51 39.15 22.10
CA ARG C 395 -24.59 39.23 23.09
C ARG C 395 -24.04 39.24 24.51
N GLU C 396 -22.94 38.55 24.75
CA GLU C 396 -22.21 38.67 26.00
C GLU C 396 -21.71 40.09 26.24
N ARG C 397 -21.29 40.81 25.19
CA ARG C 397 -20.85 42.18 25.35
C ARG C 397 -21.99 43.17 25.16
N MET C 398 -23.23 42.69 25.00
CA MET C 398 -24.36 43.60 25.10
C MET C 398 -24.59 44.09 26.51
N THR C 399 -24.09 43.36 27.51
CA THR C 399 -24.18 43.77 28.90
C THR C 399 -22.96 44.56 29.35
N THR C 400 -21.78 43.99 29.15
CA THR C 400 -20.56 44.50 29.77
C THR C 400 -19.94 45.66 29.01
N GLN C 401 -20.42 45.97 27.80
CA GLN C 401 -20.03 47.20 27.14
C GLN C 401 -20.92 48.33 27.65
N ASP C 402 -20.38 49.54 27.57
CA ASP C 402 -20.99 50.69 28.24
C ASP C 402 -22.21 51.15 27.46
N VAL C 403 -23.30 51.43 28.18
CA VAL C 403 -24.52 51.90 27.56
C VAL C 403 -24.30 53.32 27.02
N GLU C 404 -24.90 53.58 25.84
CA GLU C 404 -24.94 54.85 25.10
C GLU C 404 -23.59 55.17 24.46
N ALA C 405 -22.55 54.43 24.82
CA ALA C 405 -21.21 54.64 24.30
C ALA C 405 -20.81 53.60 23.27
N ILE C 406 -21.76 52.82 22.75
CA ILE C 406 -21.46 51.77 21.81
C ILE C 406 -21.98 52.12 20.43
N THR C 407 -21.08 52.09 19.45
CA THR C 407 -21.45 52.10 18.05
C THR C 407 -21.52 50.64 17.60
N PRO C 408 -22.29 50.34 16.53
CA PRO C 408 -22.24 48.99 15.95
C PRO C 408 -20.85 48.53 15.51
N GLN C 409 -19.94 49.45 15.22
CA GLN C 409 -18.56 49.07 14.98
C GLN C 409 -17.88 48.48 16.21
N THR C 410 -18.18 49.02 17.40
CA THR C 410 -17.56 48.51 18.62
C THR C 410 -18.07 47.14 19.04
N LEU C 411 -19.15 46.66 18.44
CA LEU C 411 -19.69 45.37 18.83
C LEU C 411 -19.36 44.26 17.85
N ILE C 412 -18.95 44.60 16.63
CA ILE C 412 -18.71 43.62 15.58
C ILE C 412 -17.23 43.29 15.58
N ASN C 413 -16.91 42.00 15.66
CA ASN C 413 -15.57 41.51 15.36
C ASN C 413 -15.67 40.80 14.01
N ILE C 414 -15.10 41.40 12.98
CA ILE C 414 -15.13 40.79 11.65
C ILE C 414 -14.11 39.67 11.54
N ARG C 415 -13.14 39.63 12.46
CA ARG C 415 -12.04 38.67 12.44
C ARG C 415 -12.42 37.18 12.49
N PRO C 416 -13.31 36.69 13.37
CA PRO C 416 -13.56 35.23 13.36
C PRO C 416 -14.34 34.75 12.16
N VAL C 417 -14.98 35.66 11.43
CA VAL C 417 -15.70 35.29 10.23
C VAL C 417 -14.73 34.90 9.12
N VAL C 418 -13.78 35.79 8.82
CA VAL C 418 -12.79 35.50 7.78
C VAL C 418 -11.85 34.40 8.26
N ALA C 419 -11.67 34.28 9.59
CA ALA C 419 -10.98 33.12 10.15
C ALA C 419 -11.73 31.83 9.89
N ALA C 420 -13.07 31.91 9.87
CA ALA C 420 -13.85 30.73 9.56
C ALA C 420 -13.80 30.41 8.08
N ILE C 421 -13.67 31.42 7.24
CA ILE C 421 -13.62 31.20 5.79
C ILE C 421 -12.30 30.57 5.40
N LYS C 422 -11.20 31.23 5.75
CA LYS C 422 -9.88 30.71 5.45
C LYS C 422 -9.60 29.42 6.21
N GLU C 423 -10.19 29.31 7.40
CA GLU C 423 -10.27 28.04 8.10
C GLU C 423 -10.99 26.98 7.29
N PHE C 424 -12.01 27.35 6.53
CA PHE C 424 -12.77 26.34 5.81
C PHE C 424 -12.03 25.86 4.58
N PHE C 425 -11.50 26.79 3.79
CA PHE C 425 -10.83 26.39 2.56
C PHE C 425 -9.55 25.62 2.80
N GLY C 426 -8.93 25.81 3.95
CA GLY C 426 -7.83 24.96 4.37
C GLY C 426 -8.40 23.77 5.11
N THR C 427 -7.62 22.68 5.10
CA THR C 427 -7.79 21.46 5.90
C THR C 427 -9.14 20.77 5.72
N SER C 428 -9.81 20.96 4.60
CA SER C 428 -11.04 20.24 4.33
C SER C 428 -10.83 19.26 3.19
N GLN C 429 -11.38 18.07 3.33
CA GLN C 429 -11.37 17.10 2.24
C GLN C 429 -12.47 17.36 1.22
N LEU C 430 -13.22 18.45 1.37
CA LEU C 430 -14.15 18.89 0.35
C LEU C 430 -13.55 19.96 -0.54
N SER C 431 -12.41 20.52 -0.16
CA SER C 431 -11.64 21.41 -1.00
C SER C 431 -10.42 20.63 -1.47
N GLN C 432 -10.32 20.41 -2.77
CA GLN C 432 -9.17 19.73 -3.33
C GLN C 432 -8.59 20.54 -4.47
N PHE C 433 -7.35 20.20 -4.85
CA PHE C 433 -6.72 20.80 -6.01
C PHE C 433 -7.49 20.45 -7.27
N MET C 434 -7.50 21.37 -8.23
CA MET C 434 -8.01 21.01 -9.55
C MET C 434 -7.06 20.03 -10.23
N ASP C 435 -7.59 18.89 -10.65
CA ASP C 435 -6.79 18.01 -11.49
C ASP C 435 -6.76 18.58 -12.90
N GLN C 436 -5.77 19.42 -13.19
CA GLN C 436 -5.61 20.01 -14.52
C GLN C 436 -4.50 19.25 -15.25
N ASN C 437 -4.88 18.13 -15.86
CA ASN C 437 -3.98 17.42 -16.74
C ASN C 437 -4.71 16.91 -17.98
N ASN C 438 -5.97 17.21 -18.10
CA ASN C 438 -6.88 16.78 -19.12
C ASN C 438 -8.10 17.67 -18.91
N PRO C 439 -8.61 18.33 -19.95
CA PRO C 439 -9.80 19.15 -19.79
C PRO C 439 -11.01 18.32 -19.41
N LEU C 440 -11.03 17.09 -19.92
CA LEU C 440 -11.98 16.09 -19.46
C LEU C 440 -11.85 15.84 -17.97
N SER C 441 -10.62 15.69 -17.47
CA SER C 441 -10.42 15.42 -16.05
C SER C 441 -10.86 16.58 -15.20
N GLY C 442 -10.57 17.80 -15.65
CA GLY C 442 -11.03 18.98 -14.94
C GLY C 442 -12.53 19.12 -14.97
N LEU C 443 -13.16 18.63 -16.03
CA LEU C 443 -14.61 18.62 -16.07
C LEU C 443 -15.18 17.59 -15.11
N THR C 444 -14.58 16.40 -15.08
CA THR C 444 -15.09 15.30 -14.27
C THR C 444 -14.74 15.41 -12.81
N HIS C 445 -13.80 16.28 -12.44
CA HIS C 445 -13.64 16.59 -11.03
C HIS C 445 -14.86 17.35 -10.54
N LYS C 446 -15.38 18.22 -11.38
CA LYS C 446 -16.71 18.77 -11.18
C LYS C 446 -17.74 17.74 -11.63
N ARG C 447 -19.02 18.08 -11.42
CA ARG C 447 -20.18 17.20 -11.59
C ARG C 447 -20.08 15.92 -10.78
N ARG C 448 -19.31 15.92 -9.69
CA ARG C 448 -18.94 14.68 -9.05
C ARG C 448 -19.67 14.52 -7.73
N LEU C 449 -20.15 13.32 -7.50
CA LEU C 449 -21.02 13.03 -6.37
C LEU C 449 -20.23 12.24 -5.35
N SER C 450 -20.09 12.78 -4.15
CA SER C 450 -19.30 12.15 -3.09
C SER C 450 -20.19 11.80 -1.92
N ALA C 451 -19.91 10.66 -1.29
CA ALA C 451 -20.70 10.25 -0.16
C ALA C 451 -20.05 10.63 1.16
N LEU C 452 -18.74 10.50 1.29
CA LEU C 452 -18.09 10.64 2.58
C LEU C 452 -17.86 12.11 2.90
N GLY C 453 -17.43 12.39 4.12
CA GLY C 453 -17.07 13.73 4.51
C GLY C 453 -17.55 14.14 5.89
N PRO C 454 -17.18 15.35 6.30
CA PRO C 454 -17.79 15.93 7.51
C PRO C 454 -19.26 16.17 7.28
N GLY C 455 -20.05 15.81 8.29
CA GLY C 455 -21.47 15.69 8.08
C GLY C 455 -21.88 14.44 7.33
N GLY C 456 -20.96 13.51 7.12
CA GLY C 456 -21.27 12.28 6.41
C GLY C 456 -20.74 11.05 7.14
N LEU C 457 -20.74 9.92 6.44
CA LEU C 457 -20.44 8.64 7.05
C LEU C 457 -18.93 8.47 7.25
N SER C 458 -18.57 7.41 7.97
CA SER C 458 -17.21 6.98 8.15
C SER C 458 -16.91 5.90 7.11
N ARG C 459 -15.67 5.88 6.62
CA ARG C 459 -15.31 5.06 5.47
C ARG C 459 -15.30 3.57 5.76
N GLU C 460 -14.61 3.12 6.80
CA GLU C 460 -14.62 1.72 7.17
C GLU C 460 -15.88 1.34 7.93
N ARG C 461 -16.56 2.30 8.54
CA ARG C 461 -17.72 2.04 9.38
C ARG C 461 -19.01 2.31 8.62
N ALA C 462 -19.04 1.97 7.34
CA ALA C 462 -20.27 2.01 6.55
C ALA C 462 -20.29 0.75 5.71
N GLY C 463 -21.35 -0.03 5.82
CA GLY C 463 -21.38 -1.36 5.25
C GLY C 463 -21.51 -1.35 3.73
N LEU C 464 -21.41 -2.55 3.17
CA LEU C 464 -21.49 -2.74 1.73
C LEU C 464 -22.93 -2.93 1.28
N GLU C 465 -23.78 -2.00 1.66
CA GLU C 465 -25.18 -1.97 1.23
C GLU C 465 -25.56 -0.62 0.67
N VAL C 466 -24.99 0.45 1.22
CA VAL C 466 -25.11 1.76 0.61
C VAL C 466 -24.28 1.87 -0.67
N ARG C 467 -23.33 0.96 -0.86
CA ARG C 467 -22.44 0.99 -2.01
C ARG C 467 -23.15 0.62 -3.31
N ASP C 468 -24.00 -0.40 -3.27
CA ASP C 468 -24.58 -0.91 -4.50
C ASP C 468 -25.64 0.02 -5.04
N VAL C 469 -26.09 -0.26 -6.26
CA VAL C 469 -27.17 0.50 -6.86
C VAL C 469 -28.47 -0.29 -6.69
N HIS C 470 -29.57 0.42 -6.66
CA HIS C 470 -30.99 0.46 -6.46
C HIS C 470 -31.64 1.00 -7.73
N PRO C 471 -32.84 0.56 -8.12
CA PRO C 471 -33.39 1.01 -9.41
C PRO C 471 -33.83 2.45 -9.46
N SER C 472 -33.90 3.12 -8.30
CA SER C 472 -34.13 4.54 -8.28
C SER C 472 -32.94 5.34 -8.80
N HIS C 473 -31.75 4.72 -8.86
CA HIS C 473 -30.57 5.41 -9.37
C HIS C 473 -30.65 5.73 -10.86
N TYR C 474 -31.60 5.13 -11.58
CA TYR C 474 -31.77 5.29 -13.01
C TYR C 474 -31.96 6.74 -13.42
N GLY C 475 -31.35 7.11 -14.54
CA GLY C 475 -31.58 8.38 -15.18
C GLY C 475 -30.95 9.58 -14.50
N ARG C 476 -30.40 9.41 -13.31
CA ARG C 476 -29.93 10.55 -12.53
C ARG C 476 -28.45 10.46 -12.22
N MET C 477 -27.98 9.30 -11.77
CA MET C 477 -26.56 9.10 -11.52
C MET C 477 -26.10 7.88 -12.30
N CYS C 478 -25.07 8.07 -13.11
CA CYS C 478 -24.54 6.98 -13.88
C CYS C 478 -23.85 5.99 -12.96
N PRO C 479 -24.07 4.70 -13.12
CA PRO C 479 -23.48 3.74 -12.19
C PRO C 479 -22.10 3.30 -12.62
N ILE C 480 -21.63 3.83 -13.74
CA ILE C 480 -20.39 3.34 -14.32
C ILE C 480 -19.18 4.00 -13.70
N GLU C 481 -19.16 5.33 -13.64
CA GLU C 481 -17.94 6.04 -13.28
C GLU C 481 -17.72 6.00 -11.77
N THR C 482 -16.75 5.21 -11.35
CA THR C 482 -16.27 5.20 -9.98
C THR C 482 -14.82 4.73 -9.98
N PRO C 483 -14.02 5.17 -9.01
CA PRO C 483 -12.64 4.68 -8.93
C PRO C 483 -12.59 3.21 -8.56
N GLU C 484 -11.56 2.55 -9.07
CA GLU C 484 -11.41 1.12 -8.95
C GLU C 484 -11.01 0.66 -7.56
N GLY C 485 -10.44 1.52 -6.75
CA GLY C 485 -9.94 1.13 -5.46
C GLY C 485 -11.01 1.04 -4.39
N PRO C 486 -10.66 1.41 -3.18
CA PRO C 486 -11.58 1.26 -2.03
C PRO C 486 -12.61 2.38 -1.91
N ASN C 487 -13.22 2.73 -3.04
CA ASN C 487 -14.19 3.81 -3.04
C ASN C 487 -15.44 3.46 -3.84
N ILE C 488 -15.66 2.17 -4.12
CA ILE C 488 -16.75 1.80 -4.99
C ILE C 488 -18.06 1.94 -4.25
N GLY C 489 -18.99 2.70 -4.84
CA GLY C 489 -20.20 3.09 -4.19
C GLY C 489 -20.09 4.39 -3.42
N LEU C 490 -18.87 4.92 -3.27
CA LEU C 490 -18.70 6.13 -2.49
C LEU C 490 -18.65 7.36 -3.37
N ILE C 491 -18.22 7.22 -4.61
CA ILE C 491 -18.03 8.34 -5.51
C ILE C 491 -18.96 8.15 -6.69
N GLY C 492 -19.98 9.00 -6.79
CA GLY C 492 -20.90 8.93 -7.89
C GLY C 492 -20.61 9.98 -8.93
N SER C 493 -21.27 9.86 -10.08
CA SER C 493 -21.05 10.75 -11.20
C SER C 493 -22.38 11.20 -11.76
N LEU C 494 -22.53 12.52 -11.89
CA LEU C 494 -23.83 13.07 -12.26
C LEU C 494 -24.03 12.95 -13.76
N SER C 495 -25.28 12.65 -14.14
CA SER C 495 -25.61 12.30 -15.52
C SER C 495 -25.71 13.55 -16.37
N VAL C 496 -26.23 13.39 -17.59
CA VAL C 496 -26.24 14.49 -18.54
C VAL C 496 -27.38 15.45 -18.22
N TYR C 497 -28.61 14.96 -18.32
CA TYR C 497 -29.73 15.87 -18.31
C TYR C 497 -30.29 16.09 -16.92
N ALA C 498 -29.48 15.96 -15.89
CA ALA C 498 -29.98 16.18 -14.55
C ALA C 498 -30.06 17.68 -14.27
N ARG C 499 -30.76 18.03 -13.19
CA ARG C 499 -30.87 19.41 -12.77
C ARG C 499 -31.22 19.43 -11.29
N VAL C 500 -30.78 20.47 -10.62
CA VAL C 500 -30.87 20.56 -9.17
C VAL C 500 -32.17 21.24 -8.78
N ASN C 501 -32.94 20.57 -7.93
CA ASN C 501 -34.09 21.12 -7.23
C ASN C 501 -33.61 22.25 -6.33
N PRO C 502 -34.33 23.39 -6.30
CA PRO C 502 -34.08 24.38 -5.24
C PRO C 502 -34.20 23.84 -3.83
N PHE C 503 -34.98 22.78 -3.61
CA PHE C 503 -34.93 22.07 -2.35
C PHE C 503 -33.65 21.26 -2.16
N GLY C 504 -32.96 20.90 -3.23
CA GLY C 504 -31.70 20.20 -3.07
C GLY C 504 -31.70 18.77 -3.57
N PHE C 505 -32.46 18.52 -4.63
CA PHE C 505 -32.65 17.18 -5.16
C PHE C 505 -32.40 17.16 -6.65
N ILE C 506 -32.59 15.99 -7.25
CA ILE C 506 -32.36 15.82 -8.67
C ILE C 506 -33.67 15.92 -9.41
N GLU C 507 -33.72 16.76 -10.44
CA GLU C 507 -34.90 16.87 -11.27
C GLU C 507 -34.57 16.45 -12.69
N THR C 508 -35.55 15.82 -13.35
CA THR C 508 -35.27 15.23 -14.64
C THR C 508 -36.40 15.57 -15.59
N PRO C 509 -36.12 16.10 -16.77
CA PRO C 509 -37.20 16.37 -17.72
C PRO C 509 -37.73 15.10 -18.34
N TYR C 510 -39.04 15.05 -18.64
CA TYR C 510 -39.62 13.94 -19.35
C TYR C 510 -40.72 14.43 -20.30
N ARG C 511 -40.86 13.71 -21.40
CA ARG C 511 -41.85 14.01 -22.42
C ARG C 511 -43.16 13.37 -21.99
N LYS C 512 -44.24 14.13 -22.11
CA LYS C 512 -45.54 13.65 -21.65
C LYS C 512 -46.47 13.38 -22.83
N VAL C 513 -47.03 12.18 -22.86
CA VAL C 513 -47.88 11.73 -23.96
C VAL C 513 -49.32 11.66 -23.47
N VAL C 514 -50.23 12.17 -24.28
CA VAL C 514 -51.66 12.07 -24.00
C VAL C 514 -52.30 11.31 -25.15
N ASP C 515 -52.86 10.14 -24.83
CA ASP C 515 -53.69 9.34 -25.74
C ASP C 515 -52.92 8.88 -26.97
N GLY C 516 -51.65 8.55 -26.77
CA GLY C 516 -50.81 8.19 -27.90
C GLY C 516 -50.42 9.36 -28.76
N VAL C 517 -50.35 10.56 -28.18
CA VAL C 517 -49.84 11.74 -28.87
C VAL C 517 -48.75 12.32 -27.97
N VAL C 518 -47.49 12.15 -28.39
CA VAL C 518 -46.38 12.62 -27.58
C VAL C 518 -46.22 14.11 -27.79
N SER C 519 -46.30 14.87 -26.71
CA SER C 519 -46.12 16.31 -26.75
C SER C 519 -44.64 16.64 -26.61
N ASP C 520 -44.29 17.89 -26.92
CA ASP C 520 -42.96 18.42 -26.65
C ASP C 520 -42.90 19.09 -25.29
N GLU C 521 -43.83 18.77 -24.39
CA GLU C 521 -43.99 19.47 -23.14
C GLU C 521 -42.95 19.02 -22.13
N ILE C 522 -41.88 19.79 -22.02
CA ILE C 522 -40.74 19.39 -21.21
C ILE C 522 -41.03 19.65 -19.75
N VAL C 523 -41.12 18.59 -18.96
CA VAL C 523 -41.48 18.72 -17.56
C VAL C 523 -40.39 18.11 -16.71
N TYR C 524 -39.64 18.96 -16.02
CA TYR C 524 -38.71 18.58 -14.98
C TYR C 524 -39.44 17.79 -13.89
N LEU C 525 -38.93 16.61 -13.57
CA LEU C 525 -39.61 15.71 -12.66
C LEU C 525 -38.63 15.10 -11.67
N THR C 526 -39.12 14.82 -10.46
CA THR C 526 -38.32 14.10 -9.48
C THR C 526 -38.74 12.63 -9.44
N ALA C 527 -37.94 11.82 -8.73
CA ALA C 527 -38.17 10.39 -8.68
C ALA C 527 -39.36 10.02 -7.81
N ASP C 528 -39.78 10.93 -6.94
CA ASP C 528 -40.80 10.61 -5.96
C ASP C 528 -42.16 10.48 -6.62
N GLU C 529 -42.55 11.50 -7.37
CA GLU C 529 -43.74 11.49 -8.20
C GLU C 529 -43.64 10.51 -9.35
N GLU C 530 -42.43 10.13 -9.74
CA GLU C 530 -42.18 9.16 -10.80
C GLU C 530 -42.66 7.77 -10.40
N ASP C 531 -42.72 7.51 -9.10
CA ASP C 531 -43.17 6.21 -8.59
C ASP C 531 -44.62 5.96 -8.96
N ARG C 532 -45.43 7.02 -8.96
CA ARG C 532 -46.85 6.90 -9.23
C ARG C 532 -47.13 6.72 -10.71
N HIS C 533 -46.17 7.09 -11.55
CA HIS C 533 -46.46 7.41 -12.93
C HIS C 533 -45.90 6.34 -13.86
N VAL C 534 -46.02 6.57 -15.16
CA VAL C 534 -45.75 5.56 -16.17
C VAL C 534 -44.65 6.08 -17.10
N VAL C 535 -43.48 5.46 -17.03
CA VAL C 535 -42.31 5.88 -17.80
C VAL C 535 -42.19 4.99 -19.03
N ALA C 536 -42.14 5.61 -20.20
CA ALA C 536 -42.13 4.85 -21.44
C ALA C 536 -40.70 4.53 -21.85
N GLN C 537 -40.56 4.09 -23.09
CA GLN C 537 -39.33 3.53 -23.64
C GLN C 537 -38.71 4.50 -24.63
N ALA C 538 -37.38 4.56 -24.65
CA ALA C 538 -36.68 5.46 -25.55
C ALA C 538 -36.78 4.97 -27.00
N ASN C 539 -36.20 3.82 -27.29
CA ASN C 539 -36.24 3.26 -28.65
C ASN C 539 -37.63 2.69 -28.87
N SER C 540 -38.54 3.53 -29.32
CA SER C 540 -39.90 3.08 -29.46
C SER C 540 -40.35 3.23 -30.90
N PRO C 541 -41.23 2.35 -31.38
CA PRO C 541 -41.75 2.48 -32.75
C PRO C 541 -42.70 3.66 -32.87
N ILE C 542 -42.15 4.86 -32.96
CA ILE C 542 -42.95 6.07 -32.93
C ILE C 542 -43.18 6.56 -34.35
N ASP C 543 -44.44 6.82 -34.69
CA ASP C 543 -44.83 7.10 -36.08
C ASP C 543 -45.27 8.55 -36.23
N ALA C 544 -44.29 9.43 -36.44
CA ALA C 544 -44.43 10.73 -37.12
C ALA C 544 -45.27 11.78 -36.39
N ASP C 545 -45.92 11.40 -35.31
CA ASP C 545 -46.76 12.27 -34.50
C ASP C 545 -46.50 12.10 -33.02
N GLY C 546 -46.00 10.95 -32.62
CA GLY C 546 -45.99 10.56 -31.24
C GLY C 546 -46.86 9.33 -31.09
N ARG C 547 -47.08 8.65 -32.21
CA ARG C 547 -48.01 7.53 -32.28
C ARG C 547 -47.23 6.25 -32.42
N PHE C 548 -47.66 5.22 -31.70
CA PHE C 548 -46.92 3.97 -31.63
C PHE C 548 -47.41 3.00 -32.70
N VAL C 549 -46.46 2.29 -33.30
CA VAL C 549 -46.83 1.21 -34.21
C VAL C 549 -47.39 0.03 -33.42
N GLU C 550 -46.66 -0.39 -32.41
CA GLU C 550 -47.06 -1.51 -31.57
C GLU C 550 -48.03 -1.04 -30.50
N PRO C 551 -48.88 -1.93 -30.01
CA PRO C 551 -49.72 -1.58 -28.85
C PRO C 551 -49.11 -2.00 -27.52
N ARG C 552 -48.09 -2.85 -27.52
CA ARG C 552 -47.60 -3.46 -26.30
C ARG C 552 -46.19 -2.97 -25.99
N VAL C 553 -46.04 -2.38 -24.79
CA VAL C 553 -44.86 -1.58 -24.47
C VAL C 553 -44.27 -2.08 -23.15
N LEU C 554 -42.94 -2.20 -23.11
CA LEU C 554 -42.20 -2.41 -21.87
C LEU C 554 -42.29 -1.19 -20.96
N VAL C 555 -42.38 -1.46 -19.65
CA VAL C 555 -42.58 -0.39 -18.69
C VAL C 555 -42.02 -0.81 -17.34
N ARG C 556 -41.86 0.15 -16.43
CA ARG C 556 -41.33 -0.11 -15.09
C ARG C 556 -42.36 0.28 -14.05
N ARG C 557 -42.45 -0.50 -12.98
CA ARG C 557 -43.27 -0.12 -11.85
C ARG C 557 -42.45 0.67 -10.83
N LYS C 558 -43.12 1.01 -9.73
CA LYS C 558 -42.46 1.73 -8.64
C LYS C 558 -41.47 0.82 -7.93
N ALA C 559 -41.69 -0.49 -7.99
CA ALA C 559 -40.68 -1.44 -7.56
C ALA C 559 -39.46 -1.37 -8.48
N GLY C 560 -39.68 -1.04 -9.74
CA GLY C 560 -38.59 -0.98 -10.68
C GLY C 560 -38.53 -2.24 -11.52
N GLU C 561 -39.45 -3.16 -11.27
CA GLU C 561 -39.53 -4.36 -12.08
C GLU C 561 -40.03 -4.03 -13.48
N VAL C 562 -39.52 -4.77 -14.45
CA VAL C 562 -39.75 -4.45 -15.85
C VAL C 562 -40.97 -5.18 -16.35
N GLU C 563 -42.04 -4.44 -16.59
CA GLU C 563 -43.31 -5.05 -16.94
C GLU C 563 -43.67 -4.65 -18.37
N TYR C 564 -44.59 -5.38 -18.99
CA TYR C 564 -44.89 -5.21 -20.40
C TYR C 564 -46.39 -4.99 -20.52
N VAL C 565 -46.77 -3.83 -21.03
CA VAL C 565 -48.11 -3.30 -20.80
C VAL C 565 -48.72 -2.89 -22.14
N PRO C 566 -50.04 -2.90 -22.29
CA PRO C 566 -50.65 -2.26 -23.45
C PRO C 566 -50.62 -0.74 -23.38
N SER C 567 -50.73 -0.14 -24.56
CA SER C 567 -50.53 1.30 -24.73
C SER C 567 -51.75 2.11 -24.36
N SER C 568 -52.14 2.05 -23.13
CA SER C 568 -53.26 2.85 -22.66
C SER C 568 -52.90 3.73 -21.48
N GLU C 569 -52.04 3.23 -20.60
CA GLU C 569 -51.78 3.90 -19.32
C GLU C 569 -50.71 4.95 -19.42
N VAL C 570 -50.04 5.04 -20.57
CA VAL C 570 -48.78 5.75 -20.63
C VAL C 570 -49.02 7.25 -20.69
N ASP C 571 -48.60 7.95 -19.64
CA ASP C 571 -48.64 9.39 -19.59
C ASP C 571 -47.32 10.05 -19.97
N TYR C 572 -46.20 9.41 -19.66
CA TYR C 572 -44.89 10.03 -19.71
C TYR C 572 -43.94 9.19 -20.54
N MET C 573 -43.04 9.86 -21.24
CA MET C 573 -42.12 9.18 -22.14
C MET C 573 -40.71 9.68 -21.86
N ASP C 574 -39.73 8.81 -22.12
CA ASP C 574 -38.33 9.20 -22.11
C ASP C 574 -38.06 10.29 -23.13
N VAL C 575 -37.01 11.07 -22.89
CA VAL C 575 -36.67 12.13 -23.81
C VAL C 575 -35.69 11.65 -24.87
N SER C 576 -34.98 10.57 -24.61
CA SER C 576 -33.74 10.27 -25.31
C SER C 576 -33.27 8.88 -24.88
N PRO C 577 -32.27 8.32 -25.59
CA PRO C 577 -31.39 7.33 -24.95
C PRO C 577 -30.39 8.01 -24.02
N ARG C 578 -29.37 7.26 -23.58
CA ARG C 578 -28.20 7.70 -22.82
C ARG C 578 -28.55 8.45 -21.54
N GLN C 579 -29.72 8.18 -20.98
CA GLN C 579 -30.15 8.94 -19.81
C GLN C 579 -29.46 8.44 -18.55
N MET C 580 -28.98 7.19 -18.58
CA MET C 580 -28.24 6.64 -17.46
C MET C 580 -26.74 6.90 -17.58
N VAL C 581 -26.35 7.79 -18.46
CA VAL C 581 -24.97 7.93 -18.89
C VAL C 581 -24.42 9.27 -18.42
N SER C 582 -23.21 9.27 -17.86
CA SER C 582 -22.58 10.52 -17.46
C SER C 582 -21.83 11.11 -18.65
N VAL C 583 -21.08 12.18 -18.39
CA VAL C 583 -20.46 12.95 -19.46
C VAL C 583 -19.29 12.19 -20.07
N ALA C 584 -18.32 11.83 -19.23
CA ALA C 584 -17.16 11.11 -19.72
C ALA C 584 -17.53 9.71 -20.17
N THR C 585 -18.61 9.15 -19.62
CA THR C 585 -19.16 7.92 -20.14
C THR C 585 -19.64 8.09 -21.57
N ALA C 586 -20.22 9.23 -21.88
CA ALA C 586 -20.83 9.46 -23.17
C ALA C 586 -19.87 9.66 -24.27
N MET C 587 -18.57 9.70 -24.03
CA MET C 587 -17.60 9.83 -25.10
C MET C 587 -17.06 8.49 -25.54
N ILE C 588 -17.69 7.41 -25.13
CA ILE C 588 -17.14 6.06 -25.27
C ILE C 588 -18.02 5.28 -26.22
N PRO C 589 -17.64 5.11 -27.48
CA PRO C 589 -18.54 4.48 -28.45
C PRO C 589 -18.62 2.97 -28.25
N PHE C 590 -19.71 2.39 -28.77
CA PHE C 590 -19.96 0.95 -28.84
C PHE C 590 -19.98 0.32 -27.46
N LEU C 591 -20.51 1.07 -26.50
CA LEU C 591 -20.56 0.67 -25.10
C LEU C 591 -21.39 -0.60 -24.91
N GLU C 592 -22.48 -0.69 -25.62
CA GLU C 592 -23.49 -1.73 -25.71
C GLU C 592 -22.97 -3.03 -26.22
N HIS C 593 -21.72 -3.13 -26.61
CA HIS C 593 -21.18 -4.39 -27.08
C HIS C 593 -20.08 -4.95 -26.19
N ASP C 594 -19.66 -4.24 -25.15
CA ASP C 594 -18.60 -4.73 -24.29
C ASP C 594 -19.03 -4.74 -22.83
N ASP C 595 -18.14 -5.22 -21.97
CA ASP C 595 -18.44 -5.35 -20.55
C ASP C 595 -18.45 -3.99 -19.86
N ALA C 596 -19.35 -3.89 -18.89
CA ALA C 596 -19.45 -2.68 -18.07
C ALA C 596 -18.27 -2.54 -17.13
N ASN C 597 -17.64 -3.66 -16.77
CA ASN C 597 -16.49 -3.60 -15.89
C ASN C 597 -15.30 -2.99 -16.62
N ARG C 598 -15.06 -3.47 -17.83
CA ARG C 598 -14.04 -2.91 -18.69
C ARG C 598 -14.35 -1.47 -19.03
N ALA C 599 -15.64 -1.16 -19.17
CA ALA C 599 -16.07 0.21 -19.37
C ALA C 599 -15.74 1.08 -18.18
N LEU C 600 -15.85 0.52 -16.98
CA LEU C 600 -15.45 1.23 -15.78
C LEU C 600 -13.95 1.47 -15.79
N MET C 601 -13.19 0.48 -16.26
CA MET C 601 -11.74 0.61 -16.32
C MET C 601 -11.33 1.74 -17.25
N GLY C 602 -11.58 1.57 -18.56
CA GLY C 602 -11.09 2.54 -19.53
C GLY C 602 -11.80 3.88 -19.43
N ALA C 603 -13.05 3.86 -18.96
CA ALA C 603 -13.74 5.11 -18.63
C ALA C 603 -13.01 5.87 -17.54
N ASN C 604 -12.54 5.17 -16.53
CA ASN C 604 -11.70 5.81 -15.54
C ASN C 604 -10.34 6.19 -16.08
N MET C 605 -9.86 5.50 -17.11
CA MET C 605 -8.53 5.75 -17.63
C MET C 605 -8.43 7.05 -18.41
N GLN C 606 -9.51 7.47 -19.05
CA GLN C 606 -9.43 8.61 -19.95
C GLN C 606 -9.24 9.93 -19.23
N ARG C 607 -9.46 9.97 -17.94
CA ARG C 607 -9.11 11.19 -17.27
C ARG C 607 -7.64 11.30 -17.07
N GLN C 608 -6.88 10.23 -17.18
CA GLN C 608 -5.46 10.30 -16.94
C GLN C 608 -4.67 10.46 -18.22
N ALA C 609 -5.28 10.99 -19.27
CA ALA C 609 -4.55 11.18 -20.52
C ALA C 609 -3.64 12.40 -20.41
N VAL C 610 -2.63 12.42 -21.28
CA VAL C 610 -1.67 13.51 -21.34
C VAL C 610 -1.84 14.27 -22.65
N PRO C 611 -1.47 15.55 -22.71
CA PRO C 611 -1.59 16.27 -23.97
C PRO C 611 -0.42 15.93 -24.88
N LEU C 612 -0.64 16.00 -26.18
CA LEU C 612 0.46 15.96 -27.12
C LEU C 612 0.69 17.35 -27.69
N VAL C 613 1.56 17.44 -28.69
CA VAL C 613 1.90 18.74 -29.24
C VAL C 613 1.22 18.95 -30.59
N ARG C 614 0.51 17.95 -31.10
CA ARG C 614 -0.04 18.03 -32.44
C ARG C 614 -1.54 18.16 -32.46
N SER C 615 -2.24 17.29 -31.72
CA SER C 615 -3.69 17.31 -31.53
C SER C 615 -4.44 17.21 -32.86
N GLU C 616 -4.29 16.06 -33.49
CA GLU C 616 -5.19 15.72 -34.59
C GLU C 616 -6.47 15.18 -34.00
N ALA C 617 -7.60 15.56 -34.61
CA ALA C 617 -8.91 15.10 -34.19
C ALA C 617 -9.03 13.59 -34.35
N PRO C 618 -9.77 12.93 -33.47
CA PRO C 618 -10.02 11.49 -33.63
C PRO C 618 -10.89 11.21 -34.84
N LEU C 619 -10.62 10.06 -35.45
CA LEU C 619 -11.28 9.71 -36.70
C LEU C 619 -12.76 9.43 -36.50
N VAL C 620 -13.13 8.88 -35.35
CA VAL C 620 -14.51 8.51 -35.10
C VAL C 620 -14.80 8.77 -33.63
N GLY C 621 -15.93 9.41 -33.36
CA GLY C 621 -16.36 9.72 -32.02
C GLY C 621 -17.88 9.73 -31.94
N THR C 622 -18.38 10.76 -31.29
CA THR C 622 -19.81 10.91 -31.08
C THR C 622 -20.18 12.38 -31.08
N GLY C 623 -21.41 12.66 -30.64
CA GLY C 623 -21.86 14.03 -30.51
C GLY C 623 -21.56 14.66 -29.17
N MET C 624 -20.45 14.30 -28.54
CA MET C 624 -20.13 14.84 -27.23
C MET C 624 -18.96 15.78 -27.23
N GLU C 625 -17.95 15.50 -28.05
CA GLU C 625 -16.63 16.11 -27.90
C GLU C 625 -16.67 17.58 -28.32
N LEU C 626 -17.35 17.86 -29.43
CA LEU C 626 -17.61 19.23 -29.83
C LEU C 626 -18.48 19.93 -28.80
N ARG C 627 -19.44 19.21 -28.22
CA ARG C 627 -20.31 19.74 -27.20
C ARG C 627 -19.59 19.82 -25.84
N ALA C 628 -18.51 19.07 -25.67
CA ALA C 628 -17.80 19.07 -24.39
C ALA C 628 -16.94 20.30 -24.17
N ALA C 629 -16.01 20.60 -25.08
CA ALA C 629 -14.99 21.60 -24.85
C ALA C 629 -15.55 23.02 -24.87
N ILE C 630 -16.70 23.20 -25.52
CA ILE C 630 -17.32 24.52 -25.57
C ILE C 630 -17.82 24.93 -24.21
N ASP C 631 -18.17 23.97 -23.36
CA ASP C 631 -18.46 24.29 -21.98
C ASP C 631 -17.25 24.13 -21.09
N ALA C 632 -16.12 23.64 -21.61
CA ALA C 632 -14.96 23.44 -20.77
C ALA C 632 -14.30 24.74 -20.36
N GLY C 633 -14.21 25.70 -21.26
CA GLY C 633 -13.59 26.96 -20.92
C GLY C 633 -12.09 26.88 -20.79
N ASP C 634 -11.44 26.28 -21.80
CA ASP C 634 -9.99 26.37 -21.94
C ASP C 634 -9.72 26.87 -23.35
N VAL C 635 -10.79 27.03 -24.11
CA VAL C 635 -10.73 27.30 -25.54
C VAL C 635 -11.39 28.66 -25.72
N VAL C 636 -10.84 29.47 -26.63
CA VAL C 636 -11.32 30.83 -26.84
C VAL C 636 -12.68 30.77 -27.52
N VAL C 637 -13.70 31.19 -26.78
CA VAL C 637 -15.06 31.27 -27.30
C VAL C 637 -15.31 32.72 -27.69
N ALA C 638 -15.93 32.94 -28.84
CA ALA C 638 -16.18 34.30 -29.29
C ALA C 638 -17.29 34.95 -28.47
N GLU C 639 -16.95 36.04 -27.80
CA GLU C 639 -17.93 36.69 -26.92
C GLU C 639 -18.93 37.51 -27.72
N GLU C 640 -18.45 38.35 -28.62
CA GLU C 640 -19.31 39.24 -29.39
C GLU C 640 -19.15 38.94 -30.87
N SER C 641 -20.29 38.85 -31.57
CA SER C 641 -20.29 38.64 -33.00
C SER C 641 -19.73 39.86 -33.71
N GLY C 642 -18.54 39.74 -34.28
CA GLY C 642 -17.93 40.84 -34.99
C GLY C 642 -17.14 40.36 -36.20
N VAL C 643 -16.01 41.01 -36.47
CA VAL C 643 -15.13 40.58 -37.54
C VAL C 643 -13.71 40.63 -36.98
N ILE C 644 -12.81 39.83 -37.54
CA ILE C 644 -11.45 39.85 -37.02
C ILE C 644 -10.73 41.07 -37.58
N GLU C 645 -10.00 41.75 -36.71
CA GLU C 645 -9.19 42.87 -37.18
C GLU C 645 -7.74 42.43 -37.37
N GLU C 646 -7.13 41.93 -36.30
CA GLU C 646 -5.71 41.62 -36.31
C GLU C 646 -5.37 40.67 -35.19
N VAL C 647 -4.61 39.63 -35.49
CA VAL C 647 -4.22 38.63 -34.52
C VAL C 647 -2.72 38.74 -34.30
N SER C 648 -2.21 37.93 -33.37
CA SER C 648 -0.77 37.81 -33.20
C SER C 648 -0.47 36.34 -33.00
N ALA C 649 0.75 36.06 -32.55
CA ALA C 649 1.01 34.75 -31.98
C ALA C 649 0.51 34.68 -30.55
N ASP C 650 0.23 35.82 -29.92
CA ASP C 650 -0.04 35.84 -28.50
C ASP C 650 -1.34 36.58 -28.16
N TYR C 651 -1.86 37.37 -29.08
CA TYR C 651 -3.10 38.07 -28.79
C TYR C 651 -3.89 38.25 -30.06
N ILE C 652 -5.19 38.47 -29.88
CA ILE C 652 -6.10 38.68 -30.99
C ILE C 652 -6.92 39.93 -30.70
N THR C 653 -6.74 40.93 -31.57
CA THR C 653 -7.49 42.16 -31.50
C THR C 653 -8.66 42.04 -32.45
N VAL C 654 -9.87 41.99 -31.91
CA VAL C 654 -11.06 41.74 -32.70
C VAL C 654 -11.68 43.09 -33.05
N MET C 655 -12.57 43.07 -34.03
CA MET C 655 -13.35 44.25 -34.40
C MET C 655 -14.82 43.92 -34.20
N HIS C 656 -15.41 44.51 -33.18
CA HIS C 656 -16.83 44.32 -32.98
C HIS C 656 -17.59 45.11 -34.02
N ASP C 657 -18.79 44.62 -34.36
CA ASP C 657 -19.59 45.24 -35.40
C ASP C 657 -20.09 46.62 -35.00
N ASN C 658 -20.21 46.87 -33.70
CA ASN C 658 -20.66 48.15 -33.19
C ASN C 658 -19.47 48.82 -32.52
N GLY C 659 -18.72 49.59 -33.30
CA GLY C 659 -17.68 50.42 -32.72
C GLY C 659 -16.44 49.70 -32.23
N THR C 660 -16.41 49.52 -30.90
CA THR C 660 -15.22 49.22 -30.13
C THR C 660 -14.50 47.93 -30.53
N ARG C 661 -13.31 47.76 -29.98
CA ARG C 661 -12.48 46.60 -30.22
C ARG C 661 -12.22 45.90 -28.90
N ARG C 662 -11.50 44.77 -28.96
CA ARG C 662 -11.00 44.10 -27.77
C ARG C 662 -9.84 43.19 -28.14
N THR C 663 -8.81 43.20 -27.31
CA THR C 663 -7.67 42.30 -27.45
C THR C 663 -7.95 41.06 -26.64
N TYR C 664 -7.25 39.97 -26.94
CA TYR C 664 -7.43 38.72 -26.22
C TYR C 664 -6.11 37.98 -26.05
N ARG C 665 -5.54 38.08 -24.85
CA ARG C 665 -4.22 37.54 -24.56
C ARG C 665 -4.38 36.05 -24.29
N MET C 666 -3.86 35.22 -25.19
CA MET C 666 -3.88 33.79 -24.92
C MET C 666 -2.71 33.39 -24.04
N ARG C 667 -2.95 32.39 -23.20
CA ARG C 667 -1.95 31.95 -22.24
C ARG C 667 -0.94 31.04 -22.93
N LYS C 668 0.34 31.24 -22.63
CA LYS C 668 1.42 30.60 -23.36
C LYS C 668 2.27 29.80 -22.39
N PHE C 669 2.18 28.48 -22.48
CA PHE C 669 3.00 27.53 -21.72
C PHE C 669 2.83 27.70 -20.22
N ALA C 670 1.61 27.60 -19.74
CA ALA C 670 1.34 27.74 -18.33
C ALA C 670 1.48 26.39 -17.63
N ARG C 671 2.01 26.42 -16.41
CA ARG C 671 2.27 25.18 -15.71
C ARG C 671 1.00 24.68 -15.02
N SER C 672 0.78 23.37 -15.10
CA SER C 672 -0.35 22.73 -14.46
C SER C 672 -0.12 22.57 -12.97
N ASN C 673 -1.06 21.91 -12.31
CA ASN C 673 -0.82 21.39 -10.98
C ASN C 673 0.03 20.13 -11.02
N HIS C 674 0.13 19.50 -12.18
CA HIS C 674 0.86 18.27 -12.33
C HIS C 674 2.03 18.44 -13.29
N GLY C 675 2.18 19.63 -13.86
CA GLY C 675 3.33 19.94 -14.67
C GLY C 675 3.11 19.80 -16.17
N THR C 676 1.88 19.75 -16.63
CA THR C 676 1.61 19.62 -18.05
C THR C 676 1.54 21.00 -18.68
N CYS C 677 1.31 21.02 -19.99
CA CYS C 677 1.41 22.24 -20.78
C CYS C 677 0.03 22.85 -20.97
N ALA C 678 -0.08 24.14 -20.69
CA ALA C 678 -1.32 24.88 -20.93
C ALA C 678 -1.12 25.97 -21.97
N ASN C 679 -0.39 25.66 -23.04
CA ASN C 679 -0.22 26.62 -24.12
C ASN C 679 -1.51 26.75 -24.93
N GLN C 680 -1.72 27.94 -25.48
CA GLN C 680 -2.89 28.22 -26.30
C GLN C 680 -2.42 28.70 -27.66
N CYS C 681 -3.24 28.49 -28.69
CA CYS C 681 -2.78 28.75 -30.05
C CYS C 681 -3.91 29.15 -31.00
N PRO C 682 -3.67 30.10 -31.90
CA PRO C 682 -4.74 30.57 -32.77
C PRO C 682 -5.00 29.61 -33.92
N ILE C 683 -6.24 29.63 -34.40
CA ILE C 683 -6.64 28.70 -35.45
C ILE C 683 -7.25 29.42 -36.64
N VAL C 684 -7.40 30.74 -36.56
CA VAL C 684 -8.13 31.48 -37.59
C VAL C 684 -7.26 32.58 -38.17
N ASP C 685 -7.84 33.35 -39.09
CA ASP C 685 -7.14 34.38 -39.84
C ASP C 685 -7.51 35.76 -39.29
N ALA C 686 -7.05 36.80 -39.98
CA ALA C 686 -7.10 38.15 -39.46
C ALA C 686 -8.30 38.96 -39.95
N GLY C 687 -9.16 38.40 -40.80
CA GLY C 687 -10.23 39.19 -41.37
C GLY C 687 -11.57 38.50 -41.44
N ASP C 688 -11.90 37.67 -40.45
CA ASP C 688 -13.00 36.74 -40.60
C ASP C 688 -14.25 37.21 -39.89
N ARG C 689 -15.38 37.07 -40.56
CA ARG C 689 -16.67 37.44 -39.99
C ARG C 689 -17.14 36.35 -39.04
N VAL C 690 -16.99 36.60 -37.75
CA VAL C 690 -17.22 35.58 -36.76
C VAL C 690 -18.47 35.94 -35.96
N GLU C 691 -18.97 34.95 -35.22
CA GLU C 691 -20.23 35.08 -34.53
C GLU C 691 -20.04 34.74 -33.07
N ALA C 692 -20.91 35.29 -32.23
CA ALA C 692 -20.76 35.17 -30.79
C ALA C 692 -20.98 33.72 -30.34
N GLY C 693 -19.94 33.14 -29.74
CA GLY C 693 -19.94 31.76 -29.34
C GLY C 693 -18.96 30.89 -30.10
N GLN C 694 -18.31 31.45 -31.11
CA GLN C 694 -17.51 30.64 -32.01
C GLN C 694 -16.11 30.44 -31.43
N VAL C 695 -15.42 29.42 -31.93
CA VAL C 695 -14.06 29.14 -31.50
C VAL C 695 -13.10 29.98 -32.31
N ILE C 696 -12.18 30.66 -31.61
CA ILE C 696 -11.18 31.51 -32.24
C ILE C 696 -9.78 30.92 -32.11
N ALA C 697 -9.53 30.22 -31.01
CA ALA C 697 -8.21 29.68 -30.70
C ALA C 697 -8.38 28.58 -29.68
N ASP C 698 -7.65 27.49 -29.85
CA ASP C 698 -7.71 26.45 -28.83
C ASP C 698 -6.41 26.37 -28.04
N GLY C 699 -6.50 25.72 -26.89
CA GLY C 699 -5.41 25.57 -25.98
C GLY C 699 -4.91 24.16 -25.90
N PRO C 700 -5.43 23.41 -24.93
CA PRO C 700 -5.06 22.00 -24.73
C PRO C 700 -5.58 21.07 -25.81
N CYS C 701 -5.63 19.79 -25.46
CA CYS C 701 -5.82 18.62 -26.31
C CYS C 701 -6.90 18.71 -27.39
N THR C 702 -7.82 19.65 -27.24
CA THR C 702 -8.84 19.99 -28.21
C THR C 702 -8.25 20.34 -29.57
N ASP C 703 -9.06 20.13 -30.60
CA ASP C 703 -8.78 20.66 -31.93
C ASP C 703 -10.09 20.79 -32.67
N ASP C 704 -10.26 21.90 -33.39
CA ASP C 704 -11.40 22.18 -34.24
C ASP C 704 -12.71 22.13 -33.44
N GLY C 705 -12.63 22.51 -32.17
CA GLY C 705 -13.80 22.52 -31.32
C GLY C 705 -14.04 21.27 -30.50
N GLU C 706 -13.20 20.25 -30.65
CA GLU C 706 -13.48 19.01 -29.93
C GLU C 706 -12.20 18.38 -29.42
N MET C 707 -12.37 17.61 -28.33
CA MET C 707 -11.26 16.97 -27.61
C MET C 707 -10.52 15.98 -28.50
N ALA C 708 -9.28 15.68 -28.12
CA ALA C 708 -8.51 14.64 -28.80
C ALA C 708 -7.50 14.09 -27.80
N LEU C 709 -7.58 12.79 -27.54
CA LEU C 709 -6.66 12.18 -26.60
C LEU C 709 -5.51 11.44 -27.25
N GLY C 710 -5.38 11.48 -28.56
CA GLY C 710 -4.27 10.82 -29.20
C GLY C 710 -4.31 10.95 -30.70
N LYS C 711 -3.89 9.89 -31.37
CA LYS C 711 -3.82 9.87 -32.82
C LYS C 711 -4.46 8.60 -33.38
N ASN C 712 -4.72 8.66 -34.68
CA ASN C 712 -5.22 7.51 -35.42
C ASN C 712 -4.02 6.68 -35.84
N LEU C 713 -4.07 5.38 -35.59
CA LEU C 713 -2.93 4.53 -35.88
C LEU C 713 -3.36 3.23 -36.51
N LEU C 714 -2.42 2.59 -37.21
CA LEU C 714 -2.68 1.36 -37.94
C LEU C 714 -2.40 0.15 -37.07
N VAL C 715 -3.41 -0.70 -36.85
CA VAL C 715 -3.34 -1.70 -35.81
C VAL C 715 -3.29 -3.10 -36.44
N ALA C 716 -2.67 -4.04 -35.73
CA ALA C 716 -2.62 -5.45 -36.11
C ALA C 716 -3.01 -6.33 -34.93
N ILE C 717 -3.64 -7.47 -35.25
CA ILE C 717 -4.29 -8.29 -34.24
C ILE C 717 -3.62 -9.67 -34.26
N MET C 718 -2.33 -9.70 -34.56
CA MET C 718 -1.81 -11.05 -34.47
C MET C 718 -0.95 -11.22 -33.22
N PRO C 719 -0.73 -12.43 -32.77
CA PRO C 719 0.30 -12.64 -31.74
C PRO C 719 1.64 -12.90 -32.41
N TRP C 720 2.72 -12.41 -31.82
CA TRP C 720 3.98 -12.33 -32.56
C TRP C 720 5.17 -12.39 -31.61
N GLU C 721 5.78 -13.57 -31.54
CA GLU C 721 7.13 -13.79 -30.99
C GLU C 721 7.20 -13.51 -29.50
N GLY C 722 6.05 -13.61 -28.85
CA GLY C 722 5.96 -13.28 -27.45
C GLY C 722 6.16 -11.81 -27.12
N HIS C 723 6.16 -10.93 -28.11
CA HIS C 723 6.33 -9.53 -27.80
C HIS C 723 5.01 -8.86 -27.54
N ASN C 724 3.92 -9.51 -27.90
CA ASN C 724 2.63 -9.24 -27.27
C ASN C 724 2.27 -10.49 -26.47
N TYR C 725 2.88 -10.61 -25.31
CA TYR C 725 2.60 -11.75 -24.45
C TYR C 725 1.82 -11.25 -23.25
N GLU C 726 0.52 -11.56 -23.23
CA GLU C 726 -0.41 -11.25 -22.16
C GLU C 726 -0.40 -9.74 -21.87
N ASP C 727 -0.93 -9.01 -22.85
CA ASP C 727 -1.18 -7.57 -22.89
C ASP C 727 0.12 -6.79 -23.02
N ALA C 728 1.19 -7.40 -23.51
CA ALA C 728 2.36 -6.64 -23.91
C ALA C 728 2.09 -5.91 -25.22
N ILE C 729 2.63 -4.70 -25.34
CA ILE C 729 2.36 -3.84 -26.48
C ILE C 729 3.69 -3.41 -27.10
N ILE C 730 3.76 -3.44 -28.43
CA ILE C 730 4.92 -3.03 -29.21
C ILE C 730 4.56 -1.86 -30.09
N LEU C 731 5.58 -1.26 -30.69
CA LEU C 731 5.45 -0.04 -31.47
C LEU C 731 6.21 -0.13 -32.77
N SER C 732 6.17 0.96 -33.54
CA SER C 732 6.92 1.10 -34.76
C SER C 732 7.85 2.30 -34.69
N ASN C 733 8.92 2.23 -35.48
CA ASN C 733 10.05 3.15 -35.35
C ASN C 733 9.72 4.53 -35.85
N ARG C 734 8.74 4.65 -36.75
CA ARG C 734 8.45 5.92 -37.41
C ARG C 734 7.98 6.97 -36.41
N LEU C 735 7.25 6.54 -35.39
CA LEU C 735 6.57 7.46 -34.52
C LEU C 735 7.50 8.24 -33.62
N VAL C 736 8.53 7.61 -33.09
CA VAL C 736 9.54 8.29 -32.30
C VAL C 736 10.35 9.24 -33.16
N GLU C 737 10.60 8.87 -34.41
CA GLU C 737 11.38 9.75 -35.27
C GLU C 737 10.51 10.86 -35.83
N GLU C 738 9.22 10.59 -36.02
CA GLU C 738 8.30 11.66 -36.38
C GLU C 738 7.67 12.31 -35.16
N ASP C 739 8.10 11.90 -33.95
CA ASP C 739 7.91 12.66 -32.71
C ASP C 739 6.42 12.82 -32.33
N VAL C 740 5.60 11.92 -32.85
CA VAL C 740 4.16 12.08 -32.80
C VAL C 740 3.59 11.85 -31.40
N LEU C 741 4.39 11.33 -30.47
CA LEU C 741 3.94 11.11 -29.11
C LEU C 741 4.77 11.91 -28.11
N THR C 742 5.23 13.09 -28.51
CA THR C 742 6.14 13.84 -27.66
C THR C 742 5.35 14.55 -26.56
N SER C 743 5.90 14.54 -25.35
CA SER C 743 5.23 15.07 -24.17
C SER C 743 5.95 16.32 -23.68
N ILE C 744 5.23 17.10 -22.88
CA ILE C 744 5.73 18.33 -22.29
C ILE C 744 5.56 18.24 -20.79
N HIS C 745 6.63 18.50 -20.05
CA HIS C 745 6.62 18.34 -18.61
C HIS C 745 7.40 19.45 -17.97
N ILE C 746 6.74 20.19 -17.07
CA ILE C 746 7.33 21.35 -16.42
C ILE C 746 7.46 21.01 -14.94
N GLU C 747 8.68 21.04 -14.43
CA GLU C 747 8.87 20.76 -13.02
C GLU C 747 9.45 22.00 -12.33
N GLU C 748 8.92 22.27 -11.14
CA GLU C 748 9.17 23.54 -10.46
C GLU C 748 10.01 23.28 -9.22
N HIS C 749 10.91 24.19 -8.92
CA HIS C 749 11.67 24.16 -7.69
C HIS C 749 11.65 25.53 -7.04
N GLU C 750 11.78 25.55 -5.71
CA GLU C 750 11.55 26.76 -4.96
C GLU C 750 12.29 26.69 -3.64
N ILE C 751 13.00 27.78 -3.32
CA ILE C 751 13.75 27.88 -2.08
C ILE C 751 13.82 29.36 -1.73
N ASP C 752 14.12 29.65 -0.47
CA ASP C 752 14.07 31.01 0.04
C ASP C 752 15.37 31.37 0.74
N ALA C 753 15.50 32.65 1.07
CA ALA C 753 16.56 33.12 1.97
C ALA C 753 15.90 33.59 3.26
N ARG C 754 16.37 33.07 4.37
CA ARG C 754 15.75 33.29 5.67
C ARG C 754 16.74 33.92 6.64
N ASP C 755 16.32 33.98 7.90
CA ASP C 755 17.18 34.40 8.99
C ASP C 755 17.28 33.27 10.01
N THR C 756 18.44 33.14 10.63
CA THR C 756 18.62 32.20 11.72
C THR C 756 18.96 32.96 13.00
N LYS C 757 19.24 32.19 14.06
CA LYS C 757 19.57 32.80 15.34
C LYS C 757 20.92 33.47 15.31
N LEU C 758 21.89 32.85 14.62
CA LEU C 758 23.19 33.45 14.47
C LEU C 758 23.18 34.64 13.52
N GLY C 759 22.40 34.57 12.45
CA GLY C 759 22.43 35.60 11.42
C GLY C 759 21.42 35.35 10.32
N ALA C 760 21.86 35.50 9.07
CA ALA C 760 20.98 35.44 7.92
C ALA C 760 21.50 34.47 6.88
N GLU C 761 20.60 33.92 6.08
CA GLU C 761 21.00 33.16 4.92
C GLU C 761 21.44 34.10 3.81
N GLU C 762 22.27 33.61 2.91
CA GLU C 762 22.88 34.45 1.88
C GLU C 762 22.72 33.83 0.50
N ILE C 763 22.21 34.62 -0.45
CA ILE C 763 22.17 34.23 -1.84
C ILE C 763 23.17 35.12 -2.58
N THR C 764 24.18 34.50 -3.18
CA THR C 764 25.28 35.26 -3.74
C THR C 764 26.01 34.46 -4.80
N ARG C 765 26.94 35.15 -5.46
CA ARG C 765 27.83 34.49 -6.41
C ARG C 765 29.07 33.97 -5.71
N ASP C 766 29.37 34.49 -4.52
CA ASP C 766 30.52 34.02 -3.76
C ASP C 766 30.26 32.63 -3.18
N ILE C 767 31.14 31.69 -3.51
CA ILE C 767 30.92 30.30 -3.11
C ILE C 767 32.11 29.91 -2.24
N PRO C 768 31.97 28.91 -1.34
CA PRO C 768 33.16 28.20 -0.83
C PRO C 768 33.82 27.33 -1.91
N ASN C 769 34.81 26.53 -1.49
CA ASN C 769 35.67 25.73 -2.37
C ASN C 769 34.94 24.90 -3.42
N ILE C 770 35.14 25.26 -4.69
CA ILE C 770 34.29 24.79 -5.77
C ILE C 770 35.02 25.05 -7.08
N SER C 771 34.59 24.38 -8.14
CA SER C 771 35.12 24.63 -9.48
C SER C 771 34.55 25.93 -10.03
N ASP C 772 35.09 26.39 -11.15
CA ASP C 772 34.58 27.55 -11.85
C ASP C 772 33.77 27.15 -13.08
N GLU C 773 33.98 25.93 -13.58
CA GLU C 773 33.13 25.33 -14.61
C GLU C 773 31.69 25.22 -14.15
N VAL C 774 31.46 25.01 -12.86
CA VAL C 774 30.14 24.98 -12.30
C VAL C 774 29.64 26.39 -11.96
N LEU C 775 30.36 27.43 -12.40
CA LEU C 775 29.97 28.79 -12.07
C LEU C 775 29.75 29.63 -13.32
N ALA C 776 30.35 29.28 -14.46
CA ALA C 776 30.33 30.10 -15.66
C ALA C 776 28.97 30.17 -16.35
N ASP C 777 28.00 29.38 -15.90
CA ASP C 777 26.64 29.49 -16.38
C ASP C 777 25.71 30.17 -15.39
N LEU C 778 26.26 30.85 -14.40
CA LEU C 778 25.47 31.50 -13.37
C LEU C 778 25.55 33.01 -13.57
N ASP C 779 24.61 33.75 -12.99
CA ASP C 779 24.59 35.17 -13.29
C ASP C 779 25.57 35.93 -12.40
N GLU C 780 25.39 37.24 -12.38
CA GLU C 780 26.15 38.12 -11.52
C GLU C 780 25.85 37.92 -10.04
N ARG C 781 24.67 37.41 -9.69
CA ARG C 781 24.19 37.46 -8.31
C ARG C 781 23.67 36.11 -7.82
N GLY C 782 24.37 35.03 -8.14
CA GLY C 782 23.88 33.73 -7.72
C GLY C 782 23.30 32.90 -8.85
N ILE C 783 21.98 32.96 -9.01
CA ILE C 783 21.17 32.04 -9.81
C ILE C 783 21.60 31.93 -11.27
N VAL C 784 21.23 30.83 -11.91
CA VAL C 784 21.64 30.57 -13.28
C VAL C 784 20.83 31.43 -14.23
N ARG C 785 21.28 31.50 -15.48
CA ARG C 785 20.66 32.37 -16.47
C ARG C 785 19.73 31.60 -17.39
N ILE C 786 19.18 32.31 -18.37
CA ILE C 786 18.08 31.79 -19.16
C ILE C 786 18.59 30.78 -20.18
N GLY C 787 18.04 29.59 -20.16
CA GLY C 787 18.28 28.62 -21.21
C GLY C 787 19.45 27.71 -20.96
N ALA C 788 19.77 27.42 -19.71
CA ALA C 788 20.85 26.49 -19.43
C ALA C 788 20.32 25.06 -19.38
N GLU C 789 21.08 24.13 -19.96
CA GLU C 789 20.70 22.72 -19.89
C GLU C 789 21.46 22.09 -18.73
N VAL C 790 20.71 21.58 -17.77
CA VAL C 790 21.29 21.00 -16.57
C VAL C 790 21.41 19.50 -16.71
N ARG C 791 22.26 18.90 -15.89
CA ARG C 791 22.19 17.48 -15.60
C ARG C 791 22.03 17.34 -14.08
N ASP C 792 21.80 16.12 -13.62
CA ASP C 792 21.58 15.89 -12.21
C ASP C 792 22.85 16.18 -11.41
N GLY C 793 22.69 16.87 -10.29
CA GLY C 793 23.80 17.28 -9.47
C GLY C 793 24.28 18.70 -9.73
N ASP C 794 23.78 19.34 -10.78
CA ASP C 794 24.16 20.72 -11.05
C ASP C 794 23.55 21.65 -10.02
N ILE C 795 24.08 22.86 -9.92
CA ILE C 795 23.74 23.77 -8.84
C ILE C 795 22.75 24.79 -9.37
N LEU C 796 21.64 24.94 -8.67
CA LEU C 796 20.57 25.83 -9.10
C LEU C 796 20.73 27.23 -8.56
N VAL C 797 20.69 27.38 -7.25
CA VAL C 797 20.75 28.68 -6.59
C VAL C 797 21.93 28.65 -5.63
N GLY C 798 22.76 29.69 -5.64
CA GLY C 798 23.87 29.75 -4.73
C GLY C 798 23.45 30.19 -3.35
N LYS C 799 23.35 29.24 -2.43
CA LYS C 799 22.88 29.48 -1.08
C LYS C 799 23.99 29.14 -0.09
N VAL C 800 24.16 30.01 0.90
CA VAL C 800 25.28 29.90 1.83
C VAL C 800 24.87 30.53 3.15
N THR C 801 25.17 29.83 4.25
CA THR C 801 24.81 30.23 5.60
C THR C 801 26.04 30.23 6.48
N PRO C 802 26.05 31.04 7.55
CA PRO C 802 27.20 31.00 8.46
C PRO C 802 27.24 29.72 9.28
N LYS C 803 28.45 29.31 9.66
CA LYS C 803 28.63 28.13 10.50
C LYS C 803 28.42 28.46 11.97
N GLY C 804 29.16 29.44 12.47
CA GLY C 804 29.31 29.67 13.89
C GLY C 804 30.76 29.87 14.24
N GLU C 805 31.25 29.15 15.25
CA GLU C 805 32.68 29.15 15.54
C GLU C 805 33.08 27.80 16.13
N THR C 806 33.51 26.88 15.28
CA THR C 806 33.84 25.54 15.74
C THR C 806 35.35 25.34 15.75
N GLU C 807 35.78 24.11 16.04
CA GLU C 807 37.20 23.77 15.94
C GLU C 807 37.37 22.73 14.86
N LEU C 808 38.60 22.53 14.42
CA LEU C 808 38.90 21.56 13.38
C LEU C 808 39.80 20.46 13.94
N THR C 809 39.97 19.41 13.16
CA THR C 809 41.01 18.44 13.49
C THR C 809 42.34 19.12 13.19
N PRO C 810 43.39 18.78 13.94
CA PRO C 810 44.70 19.40 13.67
C PRO C 810 45.31 18.96 12.35
N GLU C 811 44.87 17.79 11.87
CA GLU C 811 45.41 17.25 10.64
C GLU C 811 44.86 17.98 9.42
N GLU C 812 43.57 18.29 9.41
CA GLU C 812 42.99 19.08 8.34
C GLU C 812 43.43 20.52 8.42
N ARG C 813 43.59 21.03 9.63
CA ARG C 813 44.10 22.38 9.83
C ARG C 813 45.54 22.51 9.34
N LEU C 814 46.32 21.45 9.50
CA LEU C 814 47.63 21.33 8.87
C LEU C 814 47.58 21.41 7.36
N LEU C 815 46.72 20.62 6.72
CA LEU C 815 46.52 20.62 5.27
C LEU C 815 46.06 21.96 4.73
N ARG C 816 45.21 22.66 5.48
CA ARG C 816 44.80 24.01 5.09
C ARG C 816 45.98 24.97 5.14
N ALA C 817 46.93 24.73 6.04
CA ALA C 817 48.17 25.50 6.01
C ALA C 817 49.05 25.06 4.86
N ILE C 818 48.99 23.77 4.50
CA ILE C 818 49.76 23.26 3.38
C ILE C 818 49.23 23.83 2.07
N PHE C 819 47.93 23.82 1.90
CA PHE C 819 47.32 24.44 0.73
C PHE C 819 47.03 25.91 0.93
N GLY C 820 47.43 26.48 2.07
CA GLY C 820 47.46 27.92 2.29
C GLY C 820 46.13 28.65 2.21
N GLU C 821 45.03 27.94 2.40
CA GLU C 821 43.70 28.52 2.21
C GLU C 821 42.79 28.15 3.36
N LYS C 822 42.56 29.08 4.27
CA LYS C 822 41.39 28.97 5.14
C LYS C 822 40.15 29.27 4.30
N ALA C 823 39.05 28.57 4.58
CA ALA C 823 37.91 28.80 3.70
C ALA C 823 37.15 30.03 4.15
N ARG C 824 36.41 29.89 5.25
CA ARG C 824 35.56 30.92 5.85
C ARG C 824 34.88 30.28 7.06
N GLU C 825 34.11 31.04 7.82
CA GLU C 825 33.31 30.55 8.93
C GLU C 825 31.86 30.31 8.53
N VAL C 826 31.63 29.87 7.29
CA VAL C 826 30.28 29.72 6.76
C VAL C 826 30.03 28.28 6.38
N ARG C 827 28.82 28.02 5.86
CA ARG C 827 28.42 26.69 5.42
C ARG C 827 28.08 26.67 3.94
N ASP C 828 28.50 25.61 3.27
CA ASP C 828 28.31 25.47 1.83
C ASP C 828 27.08 24.59 1.60
N THR C 829 25.92 25.24 1.66
CA THR C 829 24.63 24.57 1.54
C THR C 829 23.77 25.26 0.48
N SER C 830 23.96 24.86 -0.77
CA SER C 830 23.34 25.51 -1.91
C SER C 830 22.23 24.64 -2.49
N LEU C 831 21.47 25.20 -3.42
CA LEU C 831 20.35 24.50 -4.05
C LEU C 831 20.84 23.80 -5.31
N LYS C 832 20.58 22.50 -5.37
CA LYS C 832 20.98 21.68 -6.49
C LYS C 832 19.79 20.91 -7.03
N VAL C 833 19.98 20.33 -8.22
CA VAL C 833 18.83 19.71 -8.89
C VAL C 833 18.68 18.27 -8.42
N PRO C 834 17.45 17.77 -8.26
CA PRO C 834 17.26 16.33 -8.00
C PRO C 834 17.59 15.48 -9.21
N HIS C 835 17.48 14.17 -9.07
CA HIS C 835 18.18 13.27 -9.98
C HIS C 835 17.26 12.74 -11.07
N GLY C 836 17.88 12.31 -12.17
CA GLY C 836 17.16 11.80 -13.32
C GLY C 836 16.37 12.89 -14.01
N GLU C 837 16.90 14.10 -13.97
CA GLU C 837 16.15 15.28 -14.39
C GLU C 837 17.02 16.12 -15.30
N SER C 838 16.42 16.65 -16.35
CA SER C 838 17.15 17.50 -17.29
C SER C 838 16.16 18.50 -17.87
N GLY C 839 16.58 19.20 -18.91
CA GLY C 839 15.71 20.16 -19.55
C GLY C 839 16.17 21.58 -19.34
N LYS C 840 15.47 22.50 -20.02
CA LYS C 840 15.81 23.90 -19.92
C LYS C 840 14.97 24.59 -18.85
N VAL C 841 15.47 25.72 -18.40
CA VAL C 841 14.77 26.58 -17.45
C VAL C 841 14.24 27.77 -18.22
N ILE C 842 12.94 28.02 -18.11
CA ILE C 842 12.34 29.09 -18.89
C ILE C 842 12.12 30.33 -18.04
N GLY C 843 11.30 30.21 -17.01
CA GLY C 843 10.91 31.36 -16.23
C GLY C 843 11.76 31.48 -14.98
N ILE C 844 11.98 32.72 -14.57
CA ILE C 844 12.71 33.01 -13.34
C ILE C 844 11.85 33.93 -12.50
N ARG C 845 11.45 33.46 -11.32
CA ARG C 845 10.62 34.21 -10.41
C ARG C 845 11.33 34.32 -9.07
N VAL C 846 11.32 35.51 -8.50
CA VAL C 846 12.16 35.81 -7.35
C VAL C 846 11.53 36.93 -6.53
N PHE C 847 11.43 36.73 -5.22
CA PHE C 847 10.84 37.68 -4.30
C PHE C 847 11.86 38.09 -3.23
N SER C 848 11.52 39.14 -2.48
CA SER C 848 12.38 39.60 -1.39
C SER C 848 11.58 40.42 -0.38
N ARG C 849 11.91 40.24 0.90
CA ARG C 849 11.16 40.92 1.96
C ARG C 849 11.38 42.43 1.93
N GLU C 850 12.62 42.86 1.68
CA GLU C 850 12.91 44.28 1.58
C GLU C 850 12.35 44.92 0.32
N ASP C 851 11.84 44.13 -0.61
CA ASP C 851 11.31 44.62 -1.86
C ASP C 851 9.79 44.53 -1.89
N GLU C 852 9.15 44.83 -0.75
CA GLU C 852 7.72 45.00 -0.55
C GLU C 852 6.91 43.72 -0.71
N ASP C 853 7.55 42.56 -0.85
CA ASP C 853 6.84 41.35 -1.19
C ASP C 853 6.20 40.73 0.05
N GLU C 854 4.91 40.44 -0.01
CA GLU C 854 4.27 39.76 1.10
C GLU C 854 4.57 38.27 1.03
N LEU C 855 5.15 37.75 2.10
CA LEU C 855 5.60 36.37 2.22
C LEU C 855 5.85 36.11 3.70
N PRO C 856 5.68 34.85 4.19
CA PRO C 856 5.64 34.61 5.63
C PRO C 856 6.95 34.89 6.35
N ALA C 857 6.87 34.99 7.68
CA ALA C 857 7.91 35.63 8.48
C ALA C 857 9.15 34.76 8.60
N GLY C 858 10.25 35.38 9.05
CA GLY C 858 11.52 34.72 9.20
C GLY C 858 12.29 34.60 7.90
N VAL C 859 11.73 35.14 6.82
CA VAL C 859 12.20 34.90 5.47
C VAL C 859 12.55 36.27 4.89
N ASN C 860 13.65 36.34 4.13
CA ASN C 860 14.10 37.62 3.62
C ASN C 860 13.90 37.76 2.12
N GLU C 861 13.77 36.64 1.42
CA GLU C 861 13.98 36.58 -0.01
C GLU C 861 13.50 35.22 -0.49
N LEU C 862 12.91 35.20 -1.68
CA LEU C 862 12.31 33.97 -2.21
C LEU C 862 12.68 33.86 -3.67
N VAL C 863 12.76 32.64 -4.19
CA VAL C 863 13.02 32.43 -5.60
C VAL C 863 12.23 31.21 -6.06
N ARG C 864 11.86 31.21 -7.34
CA ARG C 864 11.20 30.07 -7.97
C ARG C 864 11.84 29.78 -9.32
N VAL C 865 11.82 28.51 -9.71
CA VAL C 865 12.45 28.04 -10.94
C VAL C 865 11.43 27.19 -11.69
N TYR C 866 11.35 27.38 -13.00
CA TYR C 866 10.50 26.58 -13.85
C TYR C 866 11.33 25.84 -14.88
N VAL C 867 11.33 24.51 -14.79
CA VAL C 867 12.15 23.66 -15.64
C VAL C 867 11.24 22.81 -16.51
N ALA C 868 11.30 23.02 -17.81
CA ALA C 868 10.52 22.24 -18.75
C ALA C 868 11.43 21.31 -19.55
N GLN C 869 10.82 20.29 -20.16
CA GLN C 869 11.58 19.30 -20.90
C GLN C 869 10.69 18.58 -21.89
N LYS C 870 11.14 18.50 -23.14
CA LYS C 870 10.59 17.58 -24.12
C LYS C 870 11.02 16.18 -23.71
N ARG C 871 10.06 15.26 -23.68
CA ARG C 871 10.36 13.87 -23.37
C ARG C 871 9.91 12.98 -24.50
N LYS C 872 10.81 12.13 -24.98
CA LYS C 872 10.43 11.13 -25.94
C LYS C 872 9.58 10.07 -25.28
N ILE C 873 8.78 9.38 -26.10
CA ILE C 873 8.17 8.16 -25.64
C ILE C 873 9.21 7.04 -25.68
N SER C 874 9.28 6.28 -24.59
CA SER C 874 10.14 5.11 -24.55
C SER C 874 9.36 3.94 -23.97
N ASP C 875 10.09 2.89 -23.65
CA ASP C 875 9.49 1.62 -23.25
C ASP C 875 8.75 1.72 -21.93
N GLY C 876 7.78 0.82 -21.74
CA GLY C 876 7.16 0.59 -20.46
C GLY C 876 6.09 1.58 -20.07
N ASP C 877 5.83 2.59 -20.88
CA ASP C 877 4.87 3.61 -20.47
C ASP C 877 3.46 3.13 -20.73
N LYS C 878 2.50 3.79 -20.09
CA LYS C 878 1.15 3.27 -19.97
C LYS C 878 0.31 3.67 -21.17
N LEU C 879 -0.04 2.68 -21.97
CA LEU C 879 -0.79 2.90 -23.20
C LEU C 879 -2.09 2.12 -23.14
N ALA C 880 -3.10 2.65 -23.82
CA ALA C 880 -4.43 2.08 -23.73
C ALA C 880 -5.25 2.48 -24.95
N GLY C 881 -6.27 1.67 -25.22
CA GLY C 881 -7.36 2.06 -26.10
C GLY C 881 -8.63 2.30 -25.31
N ARG C 882 -9.63 2.84 -26.01
CA ARG C 882 -10.81 3.37 -25.34
C ARG C 882 -11.69 2.29 -24.74
N HIS C 883 -11.52 1.05 -25.15
CA HIS C 883 -12.38 -0.03 -24.70
C HIS C 883 -11.87 -0.73 -23.46
N GLY C 884 -11.12 -0.03 -22.62
CA GLY C 884 -10.60 -0.63 -21.43
C GLY C 884 -9.34 -1.45 -21.62
N ASN C 885 -9.01 -1.81 -22.85
CA ASN C 885 -7.73 -2.45 -23.13
C ASN C 885 -6.60 -1.48 -22.85
N LYS C 886 -5.47 -2.02 -22.42
CA LYS C 886 -4.37 -1.21 -21.96
C LYS C 886 -3.08 -2.01 -22.06
N GLY C 887 -2.02 -1.46 -21.51
CA GLY C 887 -0.78 -2.20 -21.39
C GLY C 887 0.45 -1.32 -21.52
N VAL C 888 1.61 -1.93 -21.50
CA VAL C 888 2.86 -1.18 -21.50
C VAL C 888 3.69 -1.54 -22.71
N ILE C 889 4.70 -0.71 -22.96
CA ILE C 889 5.52 -0.84 -24.16
C ILE C 889 6.67 -1.78 -23.87
N GLY C 890 6.74 -2.88 -24.61
CA GLY C 890 7.85 -3.79 -24.43
C GLY C 890 9.05 -3.41 -25.27
N LYS C 891 8.85 -3.28 -26.59
CA LYS C 891 9.99 -3.18 -27.47
C LYS C 891 9.72 -2.11 -28.51
N ILE C 892 10.70 -1.21 -28.68
CA ILE C 892 10.64 -0.16 -29.68
C ILE C 892 11.40 -0.72 -30.89
N LEU C 893 10.67 -1.06 -31.92
CA LEU C 893 11.28 -1.82 -33.00
C LEU C 893 12.00 -0.88 -33.96
N PRO C 894 12.83 -1.43 -34.84
CA PRO C 894 13.20 -0.71 -36.06
C PRO C 894 12.06 -0.67 -37.06
N VAL C 895 12.29 0.03 -38.17
CA VAL C 895 11.21 0.34 -39.08
C VAL C 895 10.97 -0.78 -40.07
N GLU C 896 11.87 -1.74 -40.12
CA GLU C 896 11.87 -2.71 -41.19
C GLU C 896 11.39 -4.08 -40.75
N ASP C 897 11.62 -4.44 -39.50
CA ASP C 897 11.12 -5.69 -38.93
C ASP C 897 9.69 -5.42 -38.49
N MET C 898 8.79 -5.55 -39.43
CA MET C 898 7.47 -4.99 -39.22
C MET C 898 6.51 -5.59 -40.22
N PRO C 899 5.30 -5.91 -39.82
CA PRO C 899 4.29 -6.28 -40.80
C PRO C 899 3.93 -5.12 -41.69
N PHE C 900 3.59 -5.42 -42.94
CA PHE C 900 3.37 -4.41 -43.95
C PHE C 900 2.55 -4.99 -45.09
N LEU C 901 1.93 -4.10 -45.86
CA LEU C 901 0.89 -4.49 -46.80
C LEU C 901 1.49 -5.09 -48.06
N ALA C 902 0.58 -5.46 -48.97
CA ALA C 902 0.98 -5.70 -50.35
C ALA C 902 1.49 -4.43 -51.00
N ASP C 903 0.88 -3.29 -50.68
CA ASP C 903 1.44 -2.00 -51.04
C ASP C 903 2.61 -1.61 -50.15
N GLY C 904 2.84 -2.37 -49.08
CA GLY C 904 4.09 -2.27 -48.38
C GLY C 904 4.06 -1.33 -47.19
N THR C 905 2.92 -0.72 -46.94
CA THR C 905 2.82 0.31 -45.91
C THR C 905 2.98 -0.32 -44.54
N PRO C 906 3.93 0.15 -43.73
CA PRO C 906 4.21 -0.52 -42.46
C PRO C 906 3.14 -0.27 -41.42
N VAL C 907 3.03 -1.21 -40.47
CA VAL C 907 2.02 -1.10 -39.43
C VAL C 907 2.58 -0.34 -38.25
N ASP C 908 1.68 0.10 -37.37
CA ASP C 908 2.11 0.89 -36.22
C ASP C 908 2.30 0.05 -34.98
N ILE C 909 1.22 -0.57 -34.52
CA ILE C 909 1.29 -1.46 -33.36
C ILE C 909 0.64 -2.78 -33.73
N ILE C 910 0.86 -3.77 -32.89
CA ILE C 910 0.26 -5.09 -33.04
C ILE C 910 -0.34 -5.44 -31.69
N LEU C 911 -1.59 -5.89 -31.69
CA LEU C 911 -2.20 -6.31 -30.43
C LEU C 911 -2.41 -7.82 -30.39
N ASN C 912 -2.47 -8.34 -29.17
CA ASN C 912 -2.53 -9.78 -28.96
C ASN C 912 -3.96 -10.27 -29.04
N THR C 913 -4.10 -11.55 -29.37
CA THR C 913 -5.38 -12.21 -29.53
C THR C 913 -6.17 -12.30 -28.22
N HIS C 914 -5.53 -12.78 -27.17
CA HIS C 914 -6.30 -13.35 -26.08
C HIS C 914 -6.82 -12.30 -25.10
N GLY C 915 -6.67 -11.03 -25.41
CA GLY C 915 -7.36 -10.00 -24.66
C GLY C 915 -8.82 -9.94 -25.06
N VAL C 916 -9.13 -10.53 -26.21
CA VAL C 916 -10.49 -10.55 -26.72
C VAL C 916 -11.43 -11.40 -25.86
N PRO C 917 -11.24 -12.76 -25.70
CA PRO C 917 -12.36 -13.57 -25.23
C PRO C 917 -12.73 -13.35 -23.77
N ARG C 918 -11.74 -13.46 -22.90
CA ARG C 918 -12.01 -13.46 -21.48
C ARG C 918 -12.27 -12.08 -20.92
N ARG C 919 -11.82 -11.02 -21.59
CA ARG C 919 -12.11 -9.68 -21.12
C ARG C 919 -13.29 -9.06 -21.82
N MET C 920 -13.77 -9.67 -22.90
CA MET C 920 -15.03 -9.29 -23.58
C MET C 920 -15.00 -7.85 -24.09
N ASN C 921 -14.13 -7.59 -25.05
CA ASN C 921 -13.89 -6.20 -25.44
C ASN C 921 -13.91 -5.98 -26.95
N ILE C 922 -14.92 -6.52 -27.64
CA ILE C 922 -14.92 -6.54 -29.10
C ILE C 922 -15.23 -5.20 -29.76
N GLY C 923 -15.47 -4.16 -28.96
CA GLY C 923 -15.76 -2.86 -29.53
C GLY C 923 -14.59 -2.25 -30.27
N GLN C 924 -13.38 -2.63 -29.86
CA GLN C 924 -12.21 -2.26 -30.64
C GLN C 924 -12.22 -2.90 -32.01
N ILE C 925 -12.73 -4.12 -32.15
CA ILE C 925 -12.86 -4.76 -33.44
C ILE C 925 -13.92 -4.05 -34.27
N LEU C 926 -14.98 -3.61 -33.59
CA LEU C 926 -16.03 -2.84 -34.25
C LEU C 926 -15.45 -1.56 -34.84
N GLU C 927 -14.74 -0.80 -34.02
CA GLU C 927 -14.17 0.44 -34.52
C GLU C 927 -12.92 0.19 -35.35
N THR C 928 -12.41 -1.04 -35.35
CA THR C 928 -11.39 -1.37 -36.33
C THR C 928 -11.98 -1.42 -37.71
N HIS C 929 -13.09 -2.15 -37.86
CA HIS C 929 -13.76 -2.23 -39.15
C HIS C 929 -14.28 -0.87 -39.58
N LEU C 930 -14.92 -0.16 -38.66
CA LEU C 930 -15.47 1.15 -39.00
C LEU C 930 -14.36 2.15 -39.26
N GLY C 931 -13.25 2.00 -38.55
CA GLY C 931 -12.14 2.91 -38.73
C GLY C 931 -11.46 2.74 -40.07
N TRP C 932 -11.27 1.50 -40.49
CA TRP C 932 -10.71 1.26 -41.82
C TRP C 932 -11.69 1.68 -42.91
N CYS C 933 -13.00 1.56 -42.61
CA CYS C 933 -14.00 2.12 -43.51
C CYS C 933 -13.83 3.63 -43.64
N ALA C 934 -13.45 4.29 -42.55
CA ALA C 934 -13.28 5.72 -42.60
C ALA C 934 -12.00 6.15 -43.31
N HIS C 935 -10.88 5.49 -43.06
CA HIS C 935 -9.65 5.80 -43.77
C HIS C 935 -9.75 5.46 -45.24
N SER C 936 -10.45 4.37 -45.54
CA SER C 936 -10.60 3.92 -46.91
C SER C 936 -11.55 4.79 -47.69
N GLY C 937 -12.74 5.03 -47.15
CA GLY C 937 -13.76 5.74 -47.89
C GLY C 937 -14.53 4.82 -48.81
N TRP C 938 -15.78 5.16 -49.09
CA TRP C 938 -16.61 4.34 -49.96
C TRP C 938 -17.37 5.21 -50.94
N LYS C 939 -18.04 4.55 -51.88
CA LYS C 939 -19.13 5.15 -52.65
C LYS C 939 -20.04 4.02 -53.08
N VAL C 940 -21.14 3.83 -52.35
CA VAL C 940 -21.95 2.62 -52.52
C VAL C 940 -22.63 2.63 -53.87
N ASP C 941 -22.46 1.53 -54.61
CA ASP C 941 -22.85 1.38 -56.00
C ASP C 941 -24.29 1.02 -56.18
N ALA C 942 -25.16 1.26 -55.22
CA ALA C 942 -26.57 0.94 -55.37
C ALA C 942 -27.29 1.95 -56.26
N ALA C 943 -26.93 2.01 -57.53
CA ALA C 943 -27.51 2.96 -58.47
C ALA C 943 -28.90 2.57 -58.94
N LYS C 944 -29.34 1.35 -58.62
CA LYS C 944 -30.66 0.89 -59.05
C LYS C 944 -31.51 0.51 -57.85
N GLY C 945 -30.88 0.03 -56.78
CA GLY C 945 -31.62 -0.38 -55.61
C GLY C 945 -30.77 -0.50 -54.37
N VAL C 946 -31.21 0.16 -53.31
CA VAL C 946 -30.45 0.24 -52.06
C VAL C 946 -30.56 -1.10 -51.33
N PRO C 947 -29.45 -1.64 -50.82
CA PRO C 947 -29.52 -2.88 -50.05
C PRO C 947 -30.23 -2.68 -48.72
N ASP C 948 -30.67 -3.80 -48.15
CA ASP C 948 -31.57 -3.75 -46.99
C ASP C 948 -30.83 -3.31 -45.74
N TRP C 949 -29.51 -3.50 -45.70
CA TRP C 949 -28.76 -2.99 -44.57
C TRP C 949 -28.78 -1.47 -44.56
N ALA C 950 -28.74 -0.84 -45.74
CA ALA C 950 -28.67 0.61 -45.85
C ALA C 950 -30.01 1.20 -46.25
N ALA C 951 -31.07 0.41 -46.16
CA ALA C 951 -32.37 0.80 -46.65
C ALA C 951 -33.06 1.83 -45.77
N ARG C 952 -32.56 2.08 -44.56
CA ARG C 952 -33.27 2.91 -43.61
C ARG C 952 -32.43 4.05 -43.05
N LEU C 953 -31.14 3.83 -42.86
CA LEU C 953 -30.44 4.39 -41.71
C LEU C 953 -30.29 5.93 -41.67
N PRO C 954 -29.34 6.61 -42.33
CA PRO C 954 -29.74 7.79 -43.10
C PRO C 954 -29.81 7.55 -44.59
N ASP C 955 -30.24 8.57 -45.31
CA ASP C 955 -29.95 8.68 -46.73
C ASP C 955 -28.64 9.46 -46.86
N GLU C 956 -28.32 9.94 -48.07
CA GLU C 956 -27.25 10.86 -48.45
C GLU C 956 -25.86 10.51 -47.90
N LEU C 957 -25.65 9.26 -47.52
CA LEU C 957 -24.46 8.87 -46.79
C LEU C 957 -23.62 7.88 -47.57
N LEU C 958 -24.10 7.42 -48.72
CA LEU C 958 -23.54 6.25 -49.38
C LEU C 958 -22.27 6.53 -50.16
N GLU C 959 -21.63 7.68 -49.94
CA GLU C 959 -20.29 7.92 -50.42
C GLU C 959 -19.43 8.27 -49.22
N ALA C 960 -18.12 8.26 -49.41
CA ALA C 960 -17.23 8.85 -48.42
C ALA C 960 -15.93 9.24 -49.11
N GLN C 961 -15.64 10.54 -49.10
CA GLN C 961 -14.27 10.95 -49.35
C GLN C 961 -13.40 10.47 -48.20
N PRO C 962 -12.30 9.76 -48.51
CA PRO C 962 -11.47 9.20 -47.45
C PRO C 962 -10.77 10.27 -46.63
N ASN C 963 -10.16 9.82 -45.52
CA ASN C 963 -9.82 10.68 -44.39
C ASN C 963 -11.05 11.47 -43.96
N ALA C 964 -12.06 10.75 -43.47
CA ALA C 964 -13.39 11.32 -43.26
C ALA C 964 -13.63 11.63 -41.80
N ILE C 965 -14.73 12.32 -41.53
CA ILE C 965 -15.07 12.77 -40.19
C ILE C 965 -16.46 12.28 -39.84
N VAL C 966 -16.52 11.26 -38.98
CA VAL C 966 -17.74 10.48 -38.75
C VAL C 966 -17.99 10.41 -37.25
N SER C 967 -19.18 9.91 -36.90
CA SER C 967 -19.54 9.74 -35.51
C SER C 967 -20.67 8.73 -35.38
N THR C 968 -20.71 8.06 -34.22
CA THR C 968 -21.87 7.27 -33.82
C THR C 968 -22.20 7.62 -32.38
N PRO C 969 -23.46 7.86 -32.09
CA PRO C 969 -23.88 8.05 -30.70
C PRO C 969 -23.84 6.79 -29.86
N VAL C 970 -24.33 6.91 -28.63
CA VAL C 970 -24.10 5.89 -27.61
C VAL C 970 -24.86 4.62 -27.93
N PHE C 971 -26.18 4.71 -28.00
CA PHE C 971 -27.02 3.55 -28.21
C PHE C 971 -27.66 3.53 -29.58
N ASP C 972 -27.68 4.66 -30.27
CA ASP C 972 -28.26 4.72 -31.61
C ASP C 972 -27.12 5.10 -32.54
N GLY C 973 -26.34 4.11 -32.93
CA GLY C 973 -25.25 4.31 -33.86
C GLY C 973 -25.47 3.41 -35.05
N ALA C 974 -24.53 2.52 -35.30
CA ALA C 974 -24.68 1.57 -36.39
C ALA C 974 -25.31 0.28 -35.89
N GLN C 975 -25.68 -0.56 -36.85
CA GLN C 975 -26.10 -1.92 -36.59
C GLN C 975 -25.18 -2.84 -37.36
N GLU C 976 -25.26 -4.14 -37.06
CA GLU C 976 -24.19 -5.06 -37.42
C GLU C 976 -24.11 -5.35 -38.91
N ALA C 977 -25.24 -5.54 -39.59
CA ALA C 977 -25.24 -5.80 -41.02
C ALA C 977 -24.81 -4.59 -41.81
N GLU C 978 -25.05 -3.39 -41.29
CA GLU C 978 -24.55 -2.15 -41.84
C GLU C 978 -23.05 -2.09 -41.81
N LEU C 979 -22.47 -2.56 -40.72
CA LEU C 979 -21.01 -2.60 -40.56
C LEU C 979 -20.39 -3.51 -41.59
N GLN C 980 -21.03 -4.66 -41.83
CA GLN C 980 -20.62 -5.50 -42.93
C GLN C 980 -20.94 -4.85 -44.27
N GLY C 981 -21.98 -4.02 -44.30
CA GLY C 981 -22.37 -3.38 -45.54
C GLY C 981 -21.41 -2.32 -46.02
N LEU C 982 -20.82 -1.54 -45.12
CA LEU C 982 -19.86 -0.52 -45.51
C LEU C 982 -18.55 -1.10 -46.01
N LEU C 983 -18.19 -2.30 -45.58
CA LEU C 983 -17.02 -2.96 -46.10
C LEU C 983 -17.16 -3.35 -47.56
N SER C 984 -18.37 -3.47 -48.06
CA SER C 984 -18.64 -3.86 -49.44
C SER C 984 -18.26 -2.80 -50.46
N CYS C 985 -17.83 -1.62 -50.03
CA CYS C 985 -17.32 -0.62 -50.97
C CYS C 985 -15.96 -0.14 -50.46
N THR C 986 -14.97 -0.23 -51.34
CA THR C 986 -13.56 -0.32 -50.95
C THR C 986 -12.63 0.55 -51.79
N LEU C 987 -12.95 1.86 -51.90
CA LEU C 987 -12.19 2.85 -52.66
C LEU C 987 -10.68 2.82 -52.39
N PRO C 988 -9.89 2.36 -53.35
CA PRO C 988 -8.50 1.98 -53.04
C PRO C 988 -7.57 3.19 -53.06
N ASN C 989 -6.35 2.96 -52.56
CA ASN C 989 -5.37 4.02 -52.36
C ASN C 989 -4.89 4.69 -53.66
N ARG C 990 -4.23 3.96 -54.54
CA ARG C 990 -3.81 4.49 -55.82
C ARG C 990 -4.32 3.66 -56.98
N ASP C 991 -4.04 2.38 -56.98
CA ASP C 991 -4.37 1.50 -58.07
C ASP C 991 -5.55 0.65 -57.66
N GLY C 992 -6.11 -0.09 -58.62
CA GLY C 992 -7.15 -1.04 -58.30
C GLY C 992 -6.60 -2.11 -57.38
N ASP C 993 -7.00 -2.04 -56.10
CA ASP C 993 -6.37 -2.86 -55.09
C ASP C 993 -7.37 -3.04 -53.95
N VAL C 994 -7.91 -4.25 -53.84
CA VAL C 994 -8.70 -4.59 -52.67
C VAL C 994 -7.76 -5.22 -51.65
N LEU C 995 -7.17 -4.38 -50.81
CA LEU C 995 -6.31 -4.88 -49.76
C LEU C 995 -7.09 -5.52 -48.64
N VAL C 996 -8.32 -5.09 -48.42
CA VAL C 996 -9.14 -5.56 -47.33
C VAL C 996 -10.40 -6.18 -47.92
N ASP C 997 -10.61 -7.46 -47.63
CA ASP C 997 -11.66 -8.21 -48.27
C ASP C 997 -13.01 -7.91 -47.64
N ALA C 998 -14.01 -8.71 -48.04
CA ALA C 998 -15.35 -8.56 -47.50
C ALA C 998 -15.46 -9.18 -46.11
N ASP C 999 -14.41 -9.87 -45.67
CA ASP C 999 -14.37 -10.31 -44.28
C ASP C 999 -13.47 -9.43 -43.43
N GLY C 1000 -12.89 -8.38 -44.01
CA GLY C 1000 -12.14 -7.43 -43.22
C GLY C 1000 -10.79 -7.90 -42.77
N LYS C 1001 -10.05 -8.62 -43.61
CA LYS C 1001 -8.72 -9.08 -43.27
C LYS C 1001 -7.80 -8.83 -44.46
N ALA C 1002 -6.51 -8.85 -44.21
CA ALA C 1002 -5.55 -8.63 -45.27
C ALA C 1002 -4.49 -9.72 -45.26
N MET C 1003 -3.78 -9.86 -46.38
CA MET C 1003 -2.72 -10.84 -46.56
C MET C 1003 -1.42 -10.08 -46.33
N LEU C 1004 -0.61 -10.54 -45.39
CA LEU C 1004 0.58 -9.78 -45.04
C LEU C 1004 1.84 -10.63 -45.15
N PHE C 1005 2.96 -9.92 -45.28
CA PHE C 1005 4.27 -10.52 -45.48
C PHE C 1005 5.01 -10.57 -44.16
N ASP C 1006 6.00 -11.46 -44.07
CA ASP C 1006 6.90 -11.43 -42.93
C ASP C 1006 7.80 -10.21 -43.07
N GLY C 1007 7.86 -9.41 -42.00
CA GLY C 1007 8.83 -8.34 -41.96
C GLY C 1007 10.20 -8.79 -41.51
N ARG C 1008 10.35 -10.07 -41.24
CA ARG C 1008 11.61 -10.55 -40.69
C ARG C 1008 12.33 -11.45 -41.69
N SER C 1009 11.65 -12.46 -42.22
CA SER C 1009 12.25 -13.32 -43.23
C SER C 1009 11.74 -13.04 -44.63
N GLY C 1010 10.47 -12.65 -44.78
CA GLY C 1010 10.00 -12.16 -46.06
C GLY C 1010 8.73 -12.77 -46.61
N GLU C 1011 8.46 -14.03 -46.29
CA GLU C 1011 7.35 -14.71 -46.94
C GLU C 1011 6.00 -14.21 -46.47
N PRO C 1012 4.99 -14.30 -47.32
CA PRO C 1012 3.63 -14.01 -46.87
C PRO C 1012 3.13 -15.00 -45.84
N PHE C 1013 2.13 -14.56 -45.09
CA PHE C 1013 1.56 -15.39 -44.06
C PHE C 1013 0.46 -16.26 -44.64
N PRO C 1014 0.34 -17.51 -44.19
CA PRO C 1014 -0.67 -18.40 -44.76
C PRO C 1014 -2.10 -18.14 -44.29
N TYR C 1015 -2.36 -17.08 -43.55
CA TYR C 1015 -3.74 -16.76 -43.22
C TYR C 1015 -3.98 -15.27 -43.33
N PRO C 1016 -5.16 -14.85 -43.78
CA PRO C 1016 -5.49 -13.42 -43.73
C PRO C 1016 -5.67 -12.96 -42.29
N VAL C 1017 -5.29 -11.71 -42.05
CA VAL C 1017 -5.19 -11.20 -40.69
C VAL C 1017 -6.06 -9.97 -40.54
N THR C 1018 -6.84 -9.96 -39.45
CA THR C 1018 -7.55 -8.78 -39.03
C THR C 1018 -6.57 -7.65 -38.73
N VAL C 1019 -6.74 -6.53 -39.45
CA VAL C 1019 -5.96 -5.32 -39.26
C VAL C 1019 -6.88 -4.13 -39.45
N GLY C 1020 -6.36 -2.93 -39.18
CA GLY C 1020 -7.13 -1.74 -39.45
C GLY C 1020 -6.61 -0.56 -38.66
N TYR C 1021 -7.52 0.40 -38.43
CA TYR C 1021 -7.20 1.63 -37.71
C TYR C 1021 -7.92 1.66 -36.38
N MET C 1022 -7.30 2.32 -35.40
CA MET C 1022 -7.83 2.47 -34.06
C MET C 1022 -7.31 3.78 -33.49
N TYR C 1023 -8.13 4.46 -32.70
CA TYR C 1023 -7.73 5.70 -32.07
C TYR C 1023 -7.25 5.37 -30.67
N ILE C 1024 -6.03 5.76 -30.35
CA ILE C 1024 -5.39 5.39 -29.09
C ILE C 1024 -5.00 6.65 -28.34
N MET C 1025 -4.33 6.45 -27.20
CA MET C 1025 -4.08 7.51 -26.24
C MET C 1025 -2.93 7.16 -25.32
N LYS C 1026 -2.46 8.16 -24.56
CA LYS C 1026 -1.26 8.04 -23.74
C LYS C 1026 -1.54 8.61 -22.35
N LEU C 1027 -1.01 7.97 -21.32
CA LEU C 1027 -1.34 8.36 -19.96
C LEU C 1027 -0.10 8.86 -19.21
N HIS C 1028 -0.27 9.10 -17.91
CA HIS C 1028 0.78 9.71 -17.09
C HIS C 1028 1.23 8.75 -15.99
N HIS C 1029 2.12 7.84 -16.37
CA HIS C 1029 2.88 7.02 -15.44
C HIS C 1029 4.29 6.79 -15.96
N LEU C 1030 5.02 7.85 -16.26
CA LEU C 1030 6.35 7.76 -16.87
C LEU C 1030 7.36 7.04 -15.97
N VAL C 1031 8.46 6.61 -16.58
CA VAL C 1031 9.37 5.69 -15.91
C VAL C 1031 10.23 6.41 -14.89
N ASP C 1032 10.40 7.72 -15.00
CA ASP C 1032 11.10 8.47 -13.97
C ASP C 1032 10.25 8.64 -12.73
N ASP C 1033 8.93 8.47 -12.87
CA ASP C 1033 8.04 8.74 -11.77
C ASP C 1033 8.15 7.67 -10.70
N LYS C 1034 8.08 6.41 -11.11
CA LYS C 1034 7.98 5.35 -10.12
C LYS C 1034 9.32 4.65 -9.90
N ILE C 1035 10.39 5.15 -10.52
CA ILE C 1035 11.69 4.55 -10.27
C ILE C 1035 12.22 5.03 -8.92
N HIS C 1036 12.80 4.10 -8.17
CA HIS C 1036 13.50 4.44 -6.95
C HIS C 1036 14.71 3.54 -6.84
N ALA C 1037 15.76 4.07 -6.22
CA ALA C 1037 17.02 3.39 -6.07
C ALA C 1037 17.83 4.09 -5.00
N ARG C 1038 18.58 3.30 -4.23
CA ARG C 1038 19.40 3.85 -3.15
C ARG C 1038 20.42 2.81 -2.70
N SER C 1039 21.66 3.25 -2.52
CA SER C 1039 22.62 2.49 -1.76
C SER C 1039 22.77 3.03 -0.35
N THR C 1040 22.96 4.34 -0.22
CA THR C 1040 23.24 4.97 1.08
C THR C 1040 22.76 6.40 1.03
N GLY C 1041 21.92 6.79 1.99
CA GLY C 1041 21.43 8.15 2.04
C GLY C 1041 21.07 8.61 3.43
N PRO C 1042 20.02 9.41 3.52
CA PRO C 1042 19.60 9.95 4.82
C PRO C 1042 18.85 8.91 5.63
N TYR C 1043 18.73 9.19 6.92
CA TYR C 1043 18.02 8.30 7.83
C TYR C 1043 17.13 9.11 8.76
N SER C 1044 16.29 8.41 9.50
CA SER C 1044 15.43 9.06 10.47
C SER C 1044 16.24 9.53 11.67
N MET C 1045 15.61 10.37 12.48
CA MET C 1045 16.21 10.80 13.73
C MET C 1045 15.61 10.03 14.90
N ILE C 1046 14.34 9.62 14.78
CA ILE C 1046 13.72 8.79 15.80
C ILE C 1046 14.35 7.41 15.80
N THR C 1047 14.21 6.70 14.69
CA THR C 1047 14.86 5.43 14.47
C THR C 1047 16.06 5.64 13.56
N GLN C 1048 16.78 4.57 13.28
CA GLN C 1048 17.88 4.63 12.35
C GLN C 1048 17.48 4.20 10.95
N GLN C 1049 16.19 4.12 10.69
CA GLN C 1049 15.71 3.59 9.43
C GLN C 1049 15.93 4.61 8.32
N PRO C 1050 16.05 4.15 7.07
CA PRO C 1050 16.11 5.07 5.95
C PRO C 1050 14.80 5.80 5.75
N LEU C 1051 14.91 7.07 5.35
CA LEU C 1051 13.74 7.91 5.21
C LEU C 1051 13.48 8.07 3.71
N GLY C 1052 12.20 8.11 3.34
CA GLY C 1052 11.83 8.16 1.95
C GLY C 1052 10.71 9.15 1.68
N GLY C 1053 11.00 10.06 0.75
CA GLY C 1053 10.04 11.04 0.30
C GLY C 1053 10.34 11.42 -1.14
N LYS C 1054 10.03 12.65 -1.52
CA LYS C 1054 10.25 13.07 -2.89
C LYS C 1054 11.73 13.28 -3.18
N ALA C 1055 12.36 14.21 -2.47
CA ALA C 1055 13.78 14.50 -2.65
C ALA C 1055 14.68 13.47 -1.99
N GLN C 1056 14.10 12.50 -1.30
CA GLN C 1056 14.84 11.38 -0.76
C GLN C 1056 14.83 10.28 -1.80
N PHE C 1057 15.74 9.33 -1.65
CA PHE C 1057 15.92 8.30 -2.68
C PHE C 1057 14.80 7.29 -2.61
N GLY C 1058 14.26 7.09 -1.41
CA GLY C 1058 12.94 6.49 -1.29
C GLY C 1058 12.81 5.33 -0.32
N GLY C 1059 13.76 4.41 -0.32
CA GLY C 1059 13.65 3.28 0.59
C GLY C 1059 12.64 2.23 0.17
N GLN C 1060 12.92 0.96 0.46
CA GLN C 1060 11.99 -0.04 0.01
C GLN C 1060 11.44 -0.84 1.19
N ARG C 1061 10.15 -0.65 1.45
CA ARG C 1061 9.48 -1.20 2.62
C ARG C 1061 9.33 -2.71 2.50
N PHE C 1062 9.97 -3.43 3.41
CA PHE C 1062 10.01 -4.88 3.35
C PHE C 1062 9.07 -5.42 4.40
N GLY C 1063 8.14 -6.27 3.98
CA GLY C 1063 7.03 -6.65 4.82
C GLY C 1063 7.20 -7.84 5.74
N GLU C 1064 6.17 -8.68 5.78
CA GLU C 1064 5.97 -9.68 6.82
C GLU C 1064 5.91 -11.08 6.24
N MET C 1065 5.01 -11.29 5.27
CA MET C 1065 4.88 -12.56 4.59
C MET C 1065 6.13 -12.86 3.79
N GLU C 1066 6.77 -11.81 3.32
CA GLU C 1066 8.11 -11.84 2.78
C GLU C 1066 9.06 -12.56 3.73
N CYS C 1067 9.07 -12.14 4.99
CA CYS C 1067 9.91 -12.78 5.99
C CYS C 1067 9.48 -14.21 6.24
N TRP C 1068 8.17 -14.47 6.13
CA TRP C 1068 7.67 -15.83 6.27
C TRP C 1068 8.23 -16.73 5.18
N ALA C 1069 8.31 -16.21 3.96
CA ALA C 1069 8.86 -16.99 2.87
C ALA C 1069 10.37 -17.10 3.01
N MET C 1070 10.99 -16.10 3.64
CA MET C 1070 12.41 -16.20 3.93
C MET C 1070 12.67 -17.31 4.93
N GLN C 1071 11.74 -17.48 5.85
CA GLN C 1071 11.78 -18.65 6.72
C GLN C 1071 11.52 -19.91 5.92
N ALA C 1072 10.69 -19.83 4.90
CA ALA C 1072 10.36 -21.02 4.12
C ALA C 1072 11.53 -21.51 3.30
N TYR C 1073 12.37 -20.60 2.82
CA TYR C 1073 13.68 -21.06 2.40
C TYR C 1073 14.52 -21.50 3.56
N GLY C 1074 14.45 -20.81 4.69
CA GLY C 1074 15.40 -21.04 5.75
C GLY C 1074 16.76 -20.44 5.51
N ALA C 1075 16.84 -19.39 4.69
CA ALA C 1075 18.09 -18.71 4.38
C ALA C 1075 18.30 -17.62 5.43
N ALA C 1076 18.69 -18.05 6.62
CA ALA C 1076 18.59 -17.18 7.78
C ALA C 1076 19.69 -16.13 7.81
N TYR C 1077 20.84 -16.42 7.18
CA TYR C 1077 21.90 -15.43 7.11
C TYR C 1077 21.48 -14.25 6.28
N THR C 1078 20.60 -14.47 5.30
CA THR C 1078 20.04 -13.36 4.55
C THR C 1078 19.19 -12.49 5.46
N LEU C 1079 18.41 -13.12 6.33
CA LEU C 1079 17.55 -12.38 7.24
C LEU C 1079 18.37 -11.59 8.24
N GLN C 1080 19.44 -12.20 8.74
CA GLN C 1080 20.35 -11.53 9.65
C GLN C 1080 21.07 -10.38 8.95
N GLU C 1081 21.30 -10.52 7.65
CA GLU C 1081 21.80 -9.38 6.88
C GLU C 1081 20.73 -8.29 6.78
N LEU C 1082 19.48 -8.69 6.54
CA LEU C 1082 18.44 -7.71 6.26
C LEU C 1082 18.05 -6.90 7.47
N LEU C 1083 17.66 -7.54 8.56
CA LEU C 1083 17.09 -6.77 9.65
C LEU C 1083 18.13 -6.10 10.53
N THR C 1084 19.42 -6.28 10.27
CA THR C 1084 20.41 -5.72 11.17
C THR C 1084 21.25 -4.62 10.52
N ILE C 1085 22.01 -4.96 9.50
CA ILE C 1085 23.06 -4.05 9.03
C ILE C 1085 22.43 -3.13 8.00
N LYS C 1086 21.23 -3.49 7.56
CA LYS C 1086 20.52 -2.70 6.59
C LYS C 1086 19.42 -1.87 7.21
N SER C 1087 19.10 -2.09 8.48
CA SER C 1087 17.96 -1.41 9.08
C SER C 1087 18.35 -0.49 10.23
N ASP C 1088 18.96 -1.00 11.27
CA ASP C 1088 18.91 -0.23 12.51
C ASP C 1088 20.25 -0.08 13.22
N ASP C 1089 21.16 -1.03 13.07
CA ASP C 1089 22.41 -0.88 13.79
C ASP C 1089 23.35 0.09 13.10
N THR C 1090 23.61 1.22 13.77
CA THR C 1090 24.45 2.26 13.17
C THR C 1090 25.90 1.81 13.09
N VAL C 1091 26.41 1.22 14.16
CA VAL C 1091 27.83 0.90 14.24
C VAL C 1091 28.24 -0.23 13.33
N GLY C 1092 27.29 -0.98 12.78
CA GLY C 1092 27.65 -1.99 11.82
C GLY C 1092 27.81 -1.41 10.44
N ARG C 1093 27.04 -0.36 10.14
CA ARG C 1093 26.98 0.18 8.79
C ARG C 1093 28.32 0.72 8.34
N VAL C 1094 29.03 1.39 9.25
CA VAL C 1094 30.37 1.86 8.97
C VAL C 1094 31.32 0.67 8.76
N LYS C 1095 31.12 -0.41 9.51
CA LYS C 1095 32.00 -1.56 9.40
C LYS C 1095 31.83 -2.30 8.08
N VAL C 1096 30.61 -2.65 7.73
CA VAL C 1096 30.36 -3.39 6.50
C VAL C 1096 30.61 -2.53 5.27
N TYR C 1097 30.31 -1.22 5.38
CA TYR C 1097 30.57 -0.32 4.27
C TYR C 1097 32.06 -0.18 4.03
N GLU C 1098 32.82 -0.02 5.11
CA GLU C 1098 34.26 0.13 4.99
C GLU C 1098 34.92 -1.18 4.57
N ALA C 1099 34.32 -2.30 4.96
CA ALA C 1099 34.82 -3.60 4.51
C ALA C 1099 34.61 -3.75 3.01
N ILE C 1100 33.47 -3.26 2.50
CA ILE C 1100 33.22 -3.26 1.06
C ILE C 1100 34.22 -2.35 0.36
N VAL C 1101 34.55 -1.23 1.00
CA VAL C 1101 35.55 -0.31 0.47
C VAL C 1101 36.91 -0.99 0.34
N LYS C 1102 37.37 -1.65 1.39
CA LYS C 1102 38.64 -2.33 1.30
C LYS C 1102 38.54 -3.69 0.61
N GLY C 1103 37.33 -4.16 0.34
CA GLY C 1103 37.18 -5.49 -0.21
C GLY C 1103 37.56 -6.60 0.73
N GLU C 1104 37.42 -6.37 2.03
CA GLU C 1104 37.79 -7.37 3.01
C GLU C 1104 36.60 -8.28 3.27
N ASN C 1105 36.70 -9.10 4.30
CA ASN C 1105 35.66 -10.07 4.63
C ASN C 1105 34.42 -9.36 5.13
N ILE C 1106 33.28 -10.00 4.93
CA ILE C 1106 32.04 -9.52 5.51
C ILE C 1106 32.12 -9.73 7.01
N PRO C 1107 31.99 -8.69 7.82
CA PRO C 1107 32.04 -8.89 9.27
C PRO C 1107 30.79 -9.58 9.77
N GLU C 1108 30.88 -10.15 10.95
CA GLU C 1108 29.74 -10.83 11.54
C GLU C 1108 28.72 -9.79 11.97
N PRO C 1109 27.43 -10.02 11.75
CA PRO C 1109 26.41 -9.06 12.18
C PRO C 1109 26.28 -9.00 13.69
N GLY C 1110 26.59 -7.84 14.27
CA GLY C 1110 26.46 -7.67 15.71
C GLY C 1110 25.04 -7.62 16.21
N ILE C 1111 24.88 -7.38 17.51
CA ILE C 1111 23.60 -7.38 18.19
C ILE C 1111 22.74 -6.26 17.64
N PRO C 1112 21.50 -6.54 17.23
CA PRO C 1112 20.56 -5.47 16.92
C PRO C 1112 20.29 -4.63 18.16
N GLU C 1113 20.75 -3.40 18.09
CA GLU C 1113 20.63 -2.50 19.23
C GLU C 1113 19.21 -1.99 19.41
N SER C 1114 18.43 -1.93 18.32
CA SER C 1114 17.02 -1.62 18.35
C SER C 1114 16.22 -2.60 19.19
N PHE C 1115 16.64 -3.86 19.21
CA PHE C 1115 16.12 -4.85 20.14
C PHE C 1115 16.36 -4.49 21.59
N LYS C 1116 17.55 -4.03 21.94
CA LYS C 1116 17.89 -3.68 23.31
C LYS C 1116 17.12 -2.48 23.83
N VAL C 1117 16.64 -1.63 22.93
CA VAL C 1117 15.76 -0.53 23.28
C VAL C 1117 14.50 -1.01 23.97
N LEU C 1118 13.92 -2.12 23.51
CA LEU C 1118 12.78 -2.71 24.19
C LEU C 1118 13.12 -3.14 25.61
N LEU C 1119 14.33 -3.67 25.79
CA LEU C 1119 14.76 -4.13 27.11
C LEU C 1119 14.87 -2.97 28.09
N LYS C 1120 15.32 -1.82 27.59
CA LYS C 1120 15.39 -0.64 28.44
C LYS C 1120 14.00 -0.15 28.80
N GLU C 1121 13.04 -0.31 27.86
CA GLU C 1121 11.66 0.05 28.15
C GLU C 1121 11.07 -0.86 29.21
N LEU C 1122 11.46 -2.14 29.20
CA LEU C 1122 11.01 -3.05 30.24
C LEU C 1122 11.66 -2.70 31.57
N GLN C 1123 12.93 -2.33 31.53
CA GLN C 1123 13.63 -1.90 32.74
C GLN C 1123 13.11 -0.59 33.27
N SER C 1124 12.39 0.17 32.46
CA SER C 1124 11.74 1.36 32.97
C SER C 1124 10.53 1.05 33.83
N LEU C 1125 9.98 -0.16 33.72
CA LEU C 1125 8.69 -0.45 34.34
C LEU C 1125 8.76 -1.56 35.37
N CYS C 1126 9.72 -1.51 36.29
CA CYS C 1126 9.79 -2.37 37.48
C CYS C 1126 10.03 -3.83 37.12
N LEU C 1127 10.83 -4.08 36.11
CA LEU C 1127 11.04 -5.44 35.63
C LEU C 1127 12.50 -5.81 35.76
N ASN C 1128 12.78 -6.79 36.60
CA ASN C 1128 14.08 -7.42 36.60
C ASN C 1128 14.08 -8.39 35.41
N VAL C 1129 14.47 -7.89 34.26
CA VAL C 1129 14.69 -8.74 33.09
C VAL C 1129 16.17 -9.07 33.05
N GLU C 1130 16.51 -10.24 32.53
CA GLU C 1130 17.88 -10.73 32.58
C GLU C 1130 18.09 -11.82 31.54
N VAL C 1131 19.32 -11.90 31.04
CA VAL C 1131 19.70 -12.92 30.08
C VAL C 1131 20.69 -13.85 30.77
N LEU C 1132 20.70 -15.11 30.38
CA LEU C 1132 21.57 -16.11 30.99
C LEU C 1132 22.32 -16.89 29.92
N SER C 1133 23.53 -17.30 30.26
CA SER C 1133 24.20 -18.36 29.54
C SER C 1133 23.82 -19.68 30.19
N SER C 1134 24.42 -20.77 29.74
CA SER C 1134 24.11 -22.08 30.31
C SER C 1134 24.91 -22.33 31.57
N VAL D 4 28.22 -11.03 23.83
CA VAL D 4 28.24 -12.43 24.21
C VAL D 4 27.84 -13.31 23.04
N ASN D 5 26.61 -13.10 22.56
CA ASN D 5 25.97 -13.81 21.46
C ASN D 5 25.86 -15.31 21.74
N PHE D 6 25.81 -15.71 23.00
CA PHE D 6 25.54 -17.09 23.41
C PHE D 6 24.52 -17.01 24.53
N PHE D 7 23.25 -17.01 24.17
CA PHE D 7 22.18 -16.78 25.12
C PHE D 7 21.43 -18.07 25.36
N ASP D 8 21.20 -18.36 26.61
CA ASP D 8 20.43 -19.57 26.90
C ASP D 8 18.97 -19.27 27.14
N GLU D 9 18.65 -18.34 28.04
CA GLU D 9 17.27 -17.99 28.31
C GLU D 9 17.17 -16.48 28.42
N LEU D 10 15.97 -16.01 28.78
CA LEU D 10 15.73 -14.59 29.00
C LEU D 10 14.61 -14.50 30.04
N ARG D 11 14.99 -14.37 31.30
CA ARG D 11 14.07 -14.52 32.42
C ARG D 11 13.69 -13.15 32.97
N ILE D 12 12.45 -13.04 33.45
CA ILE D 12 11.86 -11.77 33.85
C ILE D 12 11.38 -11.88 35.28
N GLY D 13 11.72 -10.90 36.10
CA GLY D 13 11.16 -10.81 37.43
C GLY D 13 10.82 -9.38 37.76
N LEU D 14 10.32 -9.19 38.98
CA LEU D 14 10.17 -7.84 39.50
C LEU D 14 11.53 -7.27 39.86
N ALA D 15 11.75 -6.02 39.46
CA ALA D 15 12.97 -5.31 39.81
C ALA D 15 12.83 -4.79 41.23
N THR D 16 13.69 -5.25 42.12
CA THR D 16 13.67 -4.76 43.49
C THR D 16 14.24 -3.36 43.55
N ALA D 17 13.95 -2.66 44.66
CA ALA D 17 14.34 -1.27 44.82
C ALA D 17 15.84 -1.09 44.85
N GLU D 18 16.56 -2.02 45.48
CA GLU D 18 18.01 -1.93 45.57
C GLU D 18 18.70 -2.13 44.23
N ASP D 19 18.13 -2.97 43.36
CA ASP D 19 18.74 -3.24 42.06
C ASP D 19 18.52 -2.07 41.11
N ILE D 20 17.36 -1.43 41.21
CA ILE D 20 17.08 -0.24 40.42
C ILE D 20 18.04 0.87 40.77
N ARG D 21 18.27 1.08 42.06
CA ARG D 21 19.28 2.04 42.48
C ARG D 21 20.69 1.49 42.38
N GLN D 22 20.84 0.23 41.97
CA GLN D 22 22.11 -0.26 41.50
C GLN D 22 22.25 -0.08 40.00
N TRP D 23 21.13 0.03 39.28
CA TRP D 23 21.15 0.27 37.85
C TRP D 23 21.55 1.68 37.47
N SER D 24 20.95 2.68 38.10
CA SER D 24 21.06 4.06 37.63
C SER D 24 22.43 4.63 37.94
N TYR D 25 22.68 5.81 37.39
CA TYR D 25 23.92 6.54 37.64
C TYR D 25 23.69 7.83 38.41
N GLY D 26 22.50 8.01 38.97
CA GLY D 26 22.23 9.22 39.73
C GLY D 26 20.75 9.52 39.78
N GLU D 27 20.42 10.56 40.54
CA GLU D 27 19.05 10.99 40.75
C GLU D 27 18.95 12.50 40.58
N VAL D 28 18.05 12.93 39.72
CA VAL D 28 17.88 14.34 39.40
C VAL D 28 16.85 14.94 40.34
N LYS D 29 16.82 16.28 40.41
CA LYS D 29 15.85 16.92 41.28
C LYS D 29 15.30 18.23 40.73
N LYS D 30 15.44 18.50 39.43
CA LYS D 30 14.92 19.75 38.89
C LYS D 30 14.05 19.46 37.67
N PRO D 31 12.99 20.19 37.47
CA PRO D 31 12.14 20.00 36.29
C PRO D 31 12.56 20.81 35.08
N GLU D 32 13.84 20.73 34.72
CA GLU D 32 14.39 21.54 33.64
C GLU D 32 15.01 20.67 32.56
N THR D 33 14.95 21.15 31.31
CA THR D 33 15.63 20.51 30.21
C THR D 33 16.97 21.17 29.89
N ILE D 34 16.94 22.43 29.45
CA ILE D 34 18.13 23.16 29.02
C ILE D 34 17.96 24.63 29.36
N ASN D 35 18.97 25.42 29.01
CA ASN D 35 18.84 26.87 29.04
C ASN D 35 18.09 27.33 27.80
N TYR D 36 17.45 28.51 27.90
CA TYR D 36 16.68 29.00 26.76
C TYR D 36 17.59 29.56 25.68
N ARG D 37 18.73 30.12 26.05
CA ARG D 37 19.57 30.79 25.08
C ARG D 37 20.71 29.94 24.57
N THR D 38 21.61 29.50 25.45
CA THR D 38 22.74 28.70 25.03
C THR D 38 22.37 27.26 24.76
N LEU D 39 21.16 26.85 25.18
CA LEU D 39 20.52 25.58 24.83
C LEU D 39 21.31 24.40 25.39
N LYS D 40 22.00 24.67 26.51
CA LYS D 40 22.87 23.69 27.10
C LYS D 40 22.13 23.08 28.29
N PRO D 41 22.37 21.80 28.58
CA PRO D 41 21.63 21.12 29.65
C PRO D 41 21.93 21.68 31.02
N GLU D 42 20.90 21.77 31.84
CA GLU D 42 21.03 22.29 33.18
C GLU D 42 21.40 21.18 34.16
N LYS D 43 21.72 21.59 35.37
CA LYS D 43 22.03 20.65 36.44
C LYS D 43 20.72 20.04 36.95
N ASP D 44 20.79 18.76 37.34
CA ASP D 44 19.76 18.06 38.09
C ASP D 44 18.40 17.99 37.41
N GLY D 45 18.36 18.20 36.10
CA GLY D 45 17.13 18.16 35.34
C GLY D 45 17.13 17.02 34.34
N LEU D 46 16.32 17.19 33.30
CA LEU D 46 16.45 16.33 32.15
C LEU D 46 17.77 16.58 31.46
N PHE D 47 18.27 15.54 30.80
CA PHE D 47 19.50 15.51 30.03
C PHE D 47 20.71 15.87 30.87
N CYS D 48 20.71 15.54 32.17
CA CYS D 48 21.80 15.94 33.04
C CYS D 48 23.07 15.18 32.71
N GLU D 49 24.02 15.90 32.12
CA GLU D 49 25.29 15.37 31.66
C GLU D 49 26.10 14.71 32.77
N LYS D 50 25.91 15.15 34.00
CA LYS D 50 26.68 14.66 35.13
C LYS D 50 26.39 13.20 35.41
N ILE D 51 25.16 12.76 35.19
CA ILE D 51 24.82 11.35 35.38
C ILE D 51 24.49 10.65 34.08
N PHE D 52 24.32 11.37 32.99
CA PHE D 52 23.95 10.75 31.72
C PHE D 52 25.01 10.87 30.64
N GLY D 53 25.90 11.83 30.73
CA GLY D 53 27.07 11.80 29.89
C GLY D 53 27.20 12.99 28.96
N PRO D 54 28.26 13.00 28.19
CA PRO D 54 28.55 14.14 27.34
C PRO D 54 27.61 14.21 26.14
N THR D 55 26.96 15.35 26.01
CA THR D 55 26.22 15.64 24.80
C THR D 55 27.14 15.97 23.64
N ARG D 56 28.31 16.54 23.92
CA ARG D 56 29.33 16.83 22.92
C ARG D 56 30.45 15.82 23.05
N ASP D 57 31.02 15.40 21.92
CA ASP D 57 31.92 14.24 21.90
C ASP D 57 33.24 14.52 22.58
N TRP D 58 33.49 13.78 23.67
CA TRP D 58 34.70 13.87 24.49
C TRP D 58 34.97 15.28 24.98
N GLU D 59 33.93 16.02 25.31
CA GLU D 59 34.07 17.39 25.79
C GLU D 59 33.31 17.53 27.08
N CYS D 60 34.02 17.85 28.16
CA CYS D 60 33.37 18.08 29.43
C CYS D 60 32.73 19.47 29.40
N TYR D 61 31.83 19.73 30.35
CA TYR D 61 31.20 21.03 30.40
C TYR D 61 32.18 22.09 30.87
N CYS D 62 33.22 21.69 31.60
CA CYS D 62 34.32 22.58 31.90
C CYS D 62 35.14 22.87 30.65
N GLY D 63 35.12 21.95 29.69
CA GLY D 63 35.77 22.18 28.42
C GLY D 63 37.28 22.07 28.49
N LYS D 64 37.76 21.40 29.53
CA LYS D 64 39.19 21.36 29.80
C LYS D 64 39.90 20.24 29.07
N TYR D 65 39.18 19.22 28.61
CA TYR D 65 39.81 18.08 27.94
C TYR D 65 39.02 17.76 26.69
N LYS D 66 39.71 17.33 25.64
CA LYS D 66 39.05 17.05 24.37
C LYS D 66 39.49 15.76 23.71
N ARG D 67 40.56 15.14 24.18
CA ARG D 67 41.22 14.15 23.35
C ARG D 67 40.91 12.72 23.80
N VAL D 68 41.27 11.78 22.92
CA VAL D 68 41.07 10.36 23.15
C VAL D 68 41.95 9.86 24.28
N ARG D 69 43.14 10.43 24.43
CA ARG D 69 44.04 10.07 25.53
C ARG D 69 43.44 10.40 26.88
N PHE D 70 42.62 11.43 26.95
CA PHE D 70 41.82 11.70 28.13
C PHE D 70 40.52 10.93 27.96
N LYS D 71 40.52 9.68 28.40
CA LYS D 71 39.32 8.86 28.41
C LYS D 71 39.29 8.03 29.68
N GLY D 72 38.08 7.67 30.11
CA GLY D 72 37.89 6.97 31.36
C GLY D 72 38.08 7.81 32.60
N ILE D 73 38.38 9.09 32.45
CA ILE D 73 38.67 9.96 33.56
C ILE D 73 37.49 10.90 33.75
N ILE D 74 37.50 11.64 34.84
CA ILE D 74 36.40 12.52 35.19
C ILE D 74 36.94 13.93 35.40
N CYS D 75 36.46 14.85 34.59
CA CYS D 75 36.58 16.27 34.91
C CYS D 75 35.73 16.54 36.14
N GLU D 76 36.38 16.66 37.29
CA GLU D 76 35.62 16.90 38.52
C GLU D 76 35.08 18.32 38.61
N ARG D 77 35.56 19.22 37.76
CA ARG D 77 34.89 20.50 37.60
C ARG D 77 33.56 20.35 36.87
N CYS D 78 33.52 19.62 35.77
CA CYS D 78 32.27 19.39 35.06
C CYS D 78 31.47 18.25 35.67
N GLY D 79 32.12 17.28 36.30
CA GLY D 79 31.42 16.16 36.89
C GLY D 79 30.94 15.18 35.86
N VAL D 80 31.54 15.20 34.67
CA VAL D 80 31.11 14.34 33.58
C VAL D 80 32.30 13.49 33.14
N GLU D 81 32.10 12.18 33.09
CA GLU D 81 33.09 11.28 32.51
C GLU D 81 33.17 11.48 31.01
N VAL D 82 34.37 11.36 30.47
CA VAL D 82 34.64 11.66 29.07
C VAL D 82 34.54 10.37 28.24
N THR D 83 33.66 10.39 27.24
CA THR D 83 33.30 9.22 26.46
C THR D 83 32.52 9.64 25.23
N ARG D 84 31.87 8.66 24.61
CA ARG D 84 30.92 8.87 23.52
C ARG D 84 29.71 9.68 23.98
N ALA D 85 28.95 10.16 22.99
CA ALA D 85 27.64 10.74 23.24
C ALA D 85 26.51 9.75 23.03
N LYS D 86 26.74 8.68 22.27
CA LYS D 86 25.71 7.72 21.94
C LYS D 86 25.26 6.89 23.12
N VAL D 87 26.04 6.84 24.19
CA VAL D 87 25.67 6.06 25.37
C VAL D 87 24.58 6.71 26.19
N ARG D 88 24.15 7.92 25.82
CA ARG D 88 23.03 8.65 26.39
C ARG D 88 21.69 8.07 26.01
N ARG D 89 21.74 7.11 25.08
CA ARG D 89 20.60 6.29 24.72
C ARG D 89 20.61 4.99 25.52
N GLU D 90 21.40 4.92 26.59
CA GLU D 90 21.50 3.70 27.38
C GLU D 90 21.37 3.89 28.87
N ARG D 91 21.62 5.08 29.40
CA ARG D 91 21.76 5.27 30.83
C ARG D 91 20.42 5.59 31.48
N MET D 92 20.03 4.76 32.44
CA MET D 92 18.76 4.90 33.12
C MET D 92 18.91 5.76 34.37
N GLY D 93 17.86 6.50 34.69
CA GLY D 93 17.85 7.33 35.88
C GLY D 93 16.85 6.84 36.89
N HIS D 94 16.73 7.53 38.03
CA HIS D 94 15.74 7.14 39.02
C HIS D 94 15.34 8.36 39.84
N ILE D 95 14.23 8.22 40.56
CA ILE D 95 13.78 9.20 41.54
C ILE D 95 13.30 8.47 42.78
N GLU D 96 13.95 8.72 43.90
CA GLU D 96 13.50 8.20 45.21
C GLU D 96 12.25 8.95 45.62
N LEU D 97 11.40 8.29 46.40
CA LEU D 97 10.13 8.86 46.74
C LEU D 97 10.12 9.33 48.19
N ALA D 98 9.16 10.21 48.51
CA ALA D 98 8.99 10.66 49.87
C ALA D 98 8.05 9.77 50.68
N ALA D 99 7.38 8.82 50.02
CA ALA D 99 6.42 7.94 50.64
C ALA D 99 6.30 6.71 49.78
N PRO D 100 5.89 5.57 50.33
CA PRO D 100 5.67 4.39 49.49
C PRO D 100 4.57 4.58 48.48
N VAL D 101 4.69 3.95 47.30
CA VAL D 101 3.71 4.07 46.23
C VAL D 101 3.46 2.69 45.65
N THR D 102 2.18 2.29 45.64
CA THR D 102 1.78 1.01 45.07
C THR D 102 1.86 1.05 43.56
N HIS D 103 2.11 -0.11 42.95
CA HIS D 103 2.08 -0.19 41.49
C HIS D 103 0.65 -0.49 41.04
N ILE D 104 0.31 -0.05 39.83
CA ILE D 104 -1.08 -0.10 39.40
C ILE D 104 -1.46 -1.47 38.81
N TRP D 105 -0.51 -2.18 38.20
CA TRP D 105 -0.85 -3.37 37.42
C TRP D 105 -1.25 -4.55 38.28
N TYR D 106 -1.02 -4.47 39.58
CA TYR D 106 -1.53 -5.46 40.50
C TYR D 106 -2.89 -5.09 41.06
N PHE D 107 -3.26 -3.82 40.98
CA PHE D 107 -4.50 -3.33 41.53
C PHE D 107 -5.64 -3.30 40.53
N LYS D 108 -5.50 -2.51 39.47
CA LYS D 108 -6.62 -2.25 38.58
C LYS D 108 -6.74 -3.33 37.51
N GLY D 109 -5.77 -4.24 37.44
CA GLY D 109 -5.83 -5.35 36.52
C GLY D 109 -6.84 -6.38 36.99
N VAL D 110 -7.43 -7.08 36.02
CA VAL D 110 -8.49 -8.02 36.34
C VAL D 110 -7.99 -9.44 36.14
N PRO D 111 -8.07 -10.30 37.16
CA PRO D 111 -8.51 -9.97 38.52
C PRO D 111 -7.39 -9.37 39.33
N SER D 112 -7.71 -8.63 40.38
CA SER D 112 -6.69 -7.97 41.18
C SER D 112 -5.94 -8.98 42.02
N ARG D 113 -4.65 -9.13 41.74
CA ARG D 113 -3.85 -10.10 42.46
C ARG D 113 -3.57 -9.60 43.88
N LEU D 114 -3.64 -8.28 44.06
CA LEU D 114 -3.67 -7.70 45.40
C LEU D 114 -4.90 -8.16 46.16
N GLY D 115 -6.06 -8.15 45.49
CA GLY D 115 -7.30 -8.49 46.16
C GLY D 115 -7.34 -9.92 46.63
N TYR D 116 -6.71 -10.82 45.88
CA TYR D 116 -6.45 -12.14 46.42
C TYR D 116 -5.35 -12.13 47.45
N LEU D 117 -4.34 -11.27 47.27
CA LEU D 117 -3.05 -11.43 47.92
C LEU D 117 -3.15 -11.22 49.42
N LEU D 118 -4.06 -10.37 49.87
CA LEU D 118 -4.37 -10.28 51.28
C LEU D 118 -5.80 -10.65 51.57
N ASP D 119 -6.52 -11.19 50.57
CA ASP D 119 -7.95 -11.54 50.64
C ASP D 119 -8.78 -10.30 50.98
N LEU D 120 -8.77 -9.33 50.06
CA LEU D 120 -9.55 -8.12 50.20
C LEU D 120 -10.41 -7.86 48.98
N ALA D 121 -11.46 -7.08 49.17
CA ALA D 121 -12.29 -6.66 48.06
C ALA D 121 -11.56 -5.61 47.25
N PRO D 122 -11.76 -5.56 45.93
CA PRO D 122 -11.11 -4.51 45.13
C PRO D 122 -11.64 -3.12 45.43
N LYS D 123 -12.97 -2.99 45.51
CA LYS D 123 -13.62 -1.72 45.79
C LYS D 123 -13.24 -1.16 47.15
N ASP D 124 -13.07 -2.01 48.15
CA ASP D 124 -12.59 -1.57 49.45
C ASP D 124 -11.14 -1.16 49.42
N LEU D 125 -10.32 -1.83 48.61
CA LEU D 125 -8.91 -1.45 48.48
C LEU D 125 -8.75 -0.13 47.75
N GLU D 126 -9.72 0.17 46.87
CA GLU D 126 -9.68 1.43 46.12
C GLU D 126 -9.76 2.63 47.05
N LYS D 127 -10.63 2.58 48.04
CA LYS D 127 -10.77 3.70 48.95
C LYS D 127 -9.60 3.75 49.92
N ILE D 128 -8.88 2.64 50.07
CA ILE D 128 -7.63 2.67 50.80
C ILE D 128 -6.59 3.47 50.03
N ILE D 129 -6.29 3.04 48.79
CA ILE D 129 -5.18 3.68 48.09
C ILE D 129 -5.55 5.03 47.51
N TYR D 130 -6.84 5.36 47.45
CA TYR D 130 -7.23 6.72 47.12
C TYR D 130 -7.63 7.50 48.35
N PHE D 131 -7.28 6.96 49.52
CA PHE D 131 -7.28 7.68 50.80
C PHE D 131 -8.65 8.21 51.19
N ALA D 132 -9.58 7.28 51.43
CA ALA D 132 -10.88 7.65 51.94
C ALA D 132 -11.11 7.19 53.37
N ALA D 133 -10.37 6.21 53.86
CA ALA D 133 -10.67 5.64 55.17
C ALA D 133 -9.42 4.98 55.71
N TYR D 134 -9.44 4.76 57.02
CA TYR D 134 -8.40 4.02 57.72
C TYR D 134 -8.68 2.52 57.68
N VAL D 135 -7.73 1.76 58.19
CA VAL D 135 -7.84 0.31 58.31
C VAL D 135 -6.85 -0.13 59.39
N ILE D 136 -7.22 -1.17 60.12
CA ILE D 136 -6.32 -1.72 61.13
C ILE D 136 -5.30 -2.61 60.45
N THR D 137 -4.03 -2.26 60.60
CA THR D 137 -2.98 -3.04 59.99
C THR D 137 -2.27 -3.99 60.95
N SER D 138 -2.18 -3.64 62.23
CA SER D 138 -1.54 -4.52 63.21
C SER D 138 -2.00 -4.11 64.60
N VAL D 139 -2.38 -5.09 65.42
CA VAL D 139 -2.76 -4.84 66.79
C VAL D 139 -2.22 -5.96 67.67
N ASP D 140 -1.66 -5.61 68.82
CA ASP D 140 -1.21 -6.62 69.77
C ASP D 140 -2.40 -7.34 70.39
N GLU D 141 -2.15 -8.54 70.91
CA GLU D 141 -3.22 -9.28 71.56
C GLU D 141 -2.91 -9.56 73.02
N GLU D 142 -1.66 -9.32 73.43
CA GLU D 142 -1.26 -9.53 74.81
C GLU D 142 -2.00 -8.60 75.77
N MET D 143 -1.84 -7.29 75.56
CA MET D 143 -2.33 -6.31 76.52
C MET D 143 -3.85 -6.24 76.52
N ARG D 144 -4.45 -6.33 75.33
CA ARG D 144 -5.89 -6.48 75.21
C ARG D 144 -6.38 -7.75 75.89
N HIS D 145 -5.67 -8.85 75.68
CA HIS D 145 -6.01 -10.16 76.23
C HIS D 145 -6.03 -10.19 77.75
N ASN D 146 -4.87 -9.99 78.38
CA ASN D 146 -4.79 -10.14 79.82
C ASN D 146 -5.35 -8.90 80.52
N GLU D 147 -5.19 -7.74 79.90
CA GLU D 147 -5.68 -6.52 80.52
C GLU D 147 -7.12 -6.21 80.16
N LEU D 148 -7.80 -7.12 79.45
CA LEU D 148 -9.16 -6.88 78.99
C LEU D 148 -10.14 -6.72 80.16
N SER D 149 -9.82 -7.30 81.31
CA SER D 149 -10.60 -7.08 82.53
C SER D 149 -10.49 -5.64 83.01
N THR D 150 -9.29 -5.06 82.90
CA THR D 150 -9.14 -3.65 83.23
C THR D 150 -9.74 -2.76 82.15
N LEU D 151 -9.78 -3.27 80.91
CA LEU D 151 -10.43 -2.57 79.83
C LEU D 151 -11.93 -2.43 80.06
N GLU D 152 -12.59 -3.53 80.45
CA GLU D 152 -14.00 -3.42 80.79
C GLU D 152 -14.21 -2.77 82.15
N ALA D 153 -13.20 -2.80 83.01
CA ALA D 153 -13.32 -2.18 84.32
C ALA D 153 -13.36 -0.67 84.21
N GLU D 154 -12.31 -0.08 83.64
CA GLU D 154 -12.30 1.37 83.44
C GLU D 154 -13.19 1.81 82.28
N MET D 155 -13.57 0.87 81.41
CA MET D 155 -14.70 1.11 80.52
C MET D 155 -15.97 1.33 81.31
N ALA D 156 -16.18 0.51 82.34
CA ALA D 156 -17.37 0.68 83.18
C ALA D 156 -17.25 1.93 84.03
N VAL D 157 -16.01 2.32 84.37
CA VAL D 157 -15.79 3.60 85.07
C VAL D 157 -16.15 4.76 84.15
N GLU D 158 -15.83 4.63 82.87
CA GLU D 158 -16.32 5.57 81.87
C GLU D 158 -17.84 5.55 81.79
N ARG D 159 -18.45 4.36 81.93
CA ARG D 159 -19.90 4.29 81.93
C ARG D 159 -20.51 4.86 83.19
N LYS D 160 -19.73 5.02 84.26
CA LYS D 160 -20.23 5.80 85.40
C LYS D 160 -20.38 7.26 85.01
N ALA D 161 -19.40 7.79 84.28
CA ALA D 161 -19.52 9.16 83.75
C ALA D 161 -20.64 9.26 82.72
N VAL D 162 -20.96 8.15 82.06
CA VAL D 162 -22.14 8.13 81.18
C VAL D 162 -23.41 8.23 82.00
N GLU D 163 -23.63 7.27 82.90
CA GLU D 163 -24.93 7.07 83.52
C GLU D 163 -25.25 8.11 84.57
N ASP D 164 -24.22 8.59 85.29
CA ASP D 164 -24.47 9.46 86.45
C ASP D 164 -24.95 10.84 86.02
N GLN D 165 -24.22 11.48 85.09
CA GLN D 165 -24.68 12.77 84.59
C GLN D 165 -25.78 12.57 83.55
N ARG D 166 -25.81 11.41 82.91
CA ARG D 166 -26.93 11.04 82.03
C ARG D 166 -28.26 11.07 82.78
N ASP D 167 -28.25 10.62 84.04
CA ASP D 167 -29.44 10.73 84.86
C ASP D 167 -29.56 12.10 85.50
N GLY D 168 -28.42 12.74 85.81
CA GLY D 168 -28.39 14.02 86.48
C GLY D 168 -28.99 15.16 85.67
N GLU D 169 -28.84 15.08 84.35
CA GLU D 169 -29.44 16.09 83.49
C GLU D 169 -30.97 15.95 83.46
N LEU D 170 -31.47 14.72 83.47
CA LEU D 170 -32.91 14.50 83.34
C LEU D 170 -33.60 14.78 84.66
N GLU D 171 -32.91 14.50 85.77
CA GLU D 171 -33.42 14.90 87.08
C GLU D 171 -33.32 16.42 87.26
N ALA D 172 -32.32 17.03 86.64
CA ALA D 172 -32.15 18.48 86.74
C ALA D 172 -33.28 19.22 86.02
N ARG D 173 -33.53 18.88 84.75
CA ARG D 173 -34.63 19.53 84.04
C ARG D 173 -35.98 19.04 84.55
N ALA D 174 -36.02 17.84 85.11
CA ALA D 174 -37.26 17.31 85.66
C ALA D 174 -37.69 18.09 86.89
N GLN D 175 -36.76 18.32 87.82
CA GLN D 175 -37.05 19.16 88.98
C GLN D 175 -37.27 20.60 88.55
N LYS D 176 -36.60 21.03 87.48
CA LYS D 176 -36.73 22.41 87.02
C LYS D 176 -38.12 22.70 86.45
N LEU D 177 -38.57 21.88 85.50
CA LEU D 177 -39.83 22.20 84.84
C LEU D 177 -41.02 21.64 85.59
N GLU D 178 -40.81 20.62 86.44
CA GLU D 178 -41.90 20.18 87.30
C GLU D 178 -42.07 21.12 88.49
N ALA D 179 -40.99 21.74 88.95
CA ALA D 179 -41.12 22.84 89.91
C ALA D 179 -41.73 24.06 89.24
N ASP D 180 -41.44 24.25 87.95
CA ASP D 180 -42.06 25.33 87.19
C ASP D 180 -43.55 25.09 87.01
N LEU D 181 -43.95 23.82 86.86
CA LEU D 181 -45.37 23.48 86.84
C LEU D 181 -45.98 23.59 88.23
N ALA D 182 -45.17 23.42 89.28
CA ALA D 182 -45.66 23.60 90.64
C ALA D 182 -45.96 25.07 90.91
N GLU D 183 -45.14 25.99 90.39
CA GLU D 183 -45.45 27.40 90.51
C GLU D 183 -46.52 27.82 89.51
N LEU D 184 -46.69 27.03 88.44
CA LEU D 184 -47.70 27.36 87.44
C LEU D 184 -49.11 27.10 87.95
N GLU D 185 -49.25 26.20 88.93
CA GLU D 185 -50.55 25.91 89.53
C GLU D 185 -50.89 26.85 90.68
N ALA D 186 -50.11 27.90 90.90
CA ALA D 186 -50.37 28.81 92.00
C ALA D 186 -51.54 29.75 91.68
N GLU D 187 -51.44 30.50 90.60
CA GLU D 187 -52.43 31.50 90.25
C GLU D 187 -53.61 30.86 89.53
N GLY D 188 -54.48 31.70 88.98
CA GLY D 188 -55.51 31.21 88.09
C GLY D 188 -54.98 31.15 86.68
N ALA D 189 -54.54 29.96 86.27
CA ALA D 189 -53.97 29.76 84.95
C ALA D 189 -54.81 28.72 84.20
N LYS D 190 -54.95 28.93 82.89
CA LYS D 190 -55.64 27.96 82.06
C LYS D 190 -54.84 26.67 82.00
N ALA D 191 -55.55 25.54 82.07
CA ALA D 191 -54.89 24.25 82.15
C ALA D 191 -54.15 23.90 80.87
N ASP D 192 -54.65 24.36 79.72
CA ASP D 192 -54.02 24.03 78.45
C ASP D 192 -52.66 24.72 78.29
N ALA D 193 -52.49 25.88 78.92
CA ALA D 193 -51.17 26.51 78.95
C ALA D 193 -50.18 25.69 79.75
N ARG D 194 -50.64 25.12 80.86
CA ARG D 194 -49.81 24.19 81.62
C ARG D 194 -49.60 22.88 80.85
N ARG D 195 -50.50 22.57 79.92
CA ARG D 195 -50.27 21.44 79.03
C ARG D 195 -49.25 21.81 77.95
N LYS D 196 -49.11 23.11 77.66
CA LYS D 196 -48.09 23.54 76.72
C LYS D 196 -46.72 23.54 77.38
N VAL D 197 -46.65 23.94 78.66
CA VAL D 197 -45.43 23.78 79.44
C VAL D 197 -45.12 22.31 79.63
N ARG D 198 -46.17 21.48 79.69
CA ARG D 198 -46.01 20.04 79.79
C ARG D 198 -45.45 19.44 78.50
N ASP D 199 -45.95 19.89 77.34
CA ASP D 199 -45.50 19.36 76.06
C ASP D 199 -44.08 19.81 75.74
N GLY D 200 -43.77 21.08 76.00
CA GLY D 200 -42.39 21.52 75.89
C GLY D 200 -41.48 20.80 76.87
N GLY D 201 -42.00 20.46 78.05
CA GLY D 201 -41.25 19.67 78.99
C GLY D 201 -41.00 18.25 78.49
N GLU D 202 -41.95 17.69 77.74
CA GLU D 202 -41.73 16.39 77.12
C GLU D 202 -40.71 16.51 76.00
N ARG D 203 -40.67 17.65 75.32
CA ARG D 203 -39.62 17.87 74.32
C ARG D 203 -38.26 17.98 74.97
N GLU D 204 -38.21 18.50 76.19
CA GLU D 204 -36.93 18.58 76.90
C GLU D 204 -36.52 17.21 77.42
N MET D 205 -37.46 16.43 77.95
CA MET D 205 -37.14 15.10 78.47
C MET D 205 -36.70 14.17 77.37
N ARG D 206 -37.49 14.08 76.30
CA ARG D 206 -37.15 13.19 75.20
C ARG D 206 -35.96 13.71 74.41
N GLN D 207 -35.81 15.03 74.32
CA GLN D 207 -34.72 15.60 73.54
C GLN D 207 -33.37 15.42 74.26
N ILE D 208 -33.29 15.87 75.51
CA ILE D 208 -32.08 15.67 76.32
C ILE D 208 -31.80 14.19 76.53
N ARG D 209 -32.87 13.40 76.69
CA ARG D 209 -32.73 11.96 76.87
C ARG D 209 -32.23 11.27 75.60
N ASP D 210 -32.57 11.80 74.42
CA ASP D 210 -32.07 11.20 73.19
C ASP D 210 -30.66 11.66 72.88
N ARG D 211 -30.30 12.88 73.31
CA ARG D 211 -28.90 13.29 73.28
C ARG D 211 -28.06 12.40 74.18
N ALA D 212 -28.63 11.99 75.31
CA ALA D 212 -27.99 10.99 76.15
C ALA D 212 -27.92 9.65 75.44
N GLN D 213 -28.97 9.32 74.67
CA GLN D 213 -29.09 8.02 74.03
C GLN D 213 -28.06 7.82 72.92
N ARG D 214 -27.83 8.86 72.10
CA ARG D 214 -26.83 8.75 71.05
C ARG D 214 -25.43 8.67 71.63
N GLU D 215 -25.25 9.21 72.84
CA GLU D 215 -24.00 9.05 73.56
C GLU D 215 -23.89 7.65 74.15
N LEU D 216 -25.03 7.06 74.53
CA LEU D 216 -25.06 5.69 75.01
C LEU D 216 -24.65 4.71 73.91
N ASP D 217 -25.27 4.84 72.74
CA ASP D 217 -25.02 3.89 71.67
C ASP D 217 -23.73 4.18 70.94
N ARG D 218 -23.35 5.44 70.82
CA ARG D 218 -22.05 5.78 70.25
C ARG D 218 -20.94 5.35 71.20
N LEU D 219 -21.09 5.67 72.48
CA LEU D 219 -20.04 5.42 73.46
C LEU D 219 -19.87 3.92 73.69
N GLU D 220 -20.98 3.19 73.76
CA GLU D 220 -20.90 1.74 73.86
C GLU D 220 -20.48 1.13 72.52
N ASP D 221 -20.76 1.83 71.42
CA ASP D 221 -20.34 1.38 70.10
C ASP D 221 -18.83 1.39 69.97
N ILE D 222 -18.17 2.36 70.64
CA ILE D 222 -16.72 2.37 70.74
C ILE D 222 -16.22 1.08 71.40
N TRP D 223 -16.86 0.68 72.49
CA TRP D 223 -16.46 -0.52 73.20
C TRP D 223 -16.76 -1.78 72.38
N SER D 224 -17.84 -1.74 71.59
CA SER D 224 -18.18 -2.87 70.75
C SER D 224 -17.13 -3.06 69.67
N THR D 225 -16.69 -1.97 69.05
CA THR D 225 -15.69 -2.08 68.00
C THR D 225 -14.32 -2.41 68.59
N PHE D 226 -14.08 -2.02 69.84
CA PHE D 226 -12.89 -2.50 70.51
C PHE D 226 -12.95 -4.00 70.76
N THR D 227 -14.10 -4.51 71.20
CA THR D 227 -14.23 -5.94 71.38
C THR D 227 -14.27 -6.67 70.05
N LYS D 228 -14.62 -5.96 68.98
CA LYS D 228 -14.55 -6.49 67.64
C LYS D 228 -13.35 -5.97 66.86
N LEU D 229 -12.23 -5.74 67.55
CA LEU D 229 -11.04 -5.22 66.90
C LEU D 229 -10.17 -6.37 66.38
N ALA D 230 -9.77 -6.27 65.12
CA ALA D 230 -8.90 -7.22 64.44
C ALA D 230 -8.22 -6.50 63.28
N PRO D 231 -7.08 -6.98 62.75
CA PRO D 231 -6.50 -6.33 61.56
C PRO D 231 -7.33 -6.50 60.31
N LYS D 232 -6.99 -5.72 59.27
CA LYS D 232 -7.66 -5.62 57.96
C LYS D 232 -9.08 -5.09 58.05
N GLN D 233 -9.50 -4.62 59.23
CA GLN D 233 -10.85 -4.10 59.37
C GLN D 233 -10.90 -2.66 58.91
N LEU D 234 -11.70 -2.41 57.88
CA LEU D 234 -11.77 -1.10 57.25
C LEU D 234 -12.68 -0.21 58.07
N ILE D 235 -12.16 0.96 58.45
CA ILE D 235 -12.85 1.88 59.35
C ILE D 235 -12.92 3.24 58.67
N VAL D 236 -14.12 3.80 58.60
CA VAL D 236 -14.37 5.00 57.80
C VAL D 236 -14.53 6.26 58.65
N ASP D 237 -15.12 6.15 59.85
CA ASP D 237 -15.85 7.24 60.49
C ASP D 237 -14.98 8.46 60.76
N GLU D 238 -13.71 8.23 61.11
CA GLU D 238 -12.61 9.17 61.31
C GLU D 238 -12.79 10.01 62.59
N ASN D 239 -13.97 9.99 63.22
CA ASN D 239 -14.18 10.59 64.53
C ASN D 239 -14.19 9.52 65.60
N LEU D 240 -14.87 8.41 65.33
CA LEU D 240 -14.69 7.18 66.07
C LEU D 240 -13.24 6.73 66.02
N TYR D 241 -12.58 6.96 64.90
CA TYR D 241 -11.15 6.66 64.80
C TYR D 241 -10.35 7.55 65.74
N ARG D 242 -10.72 8.83 65.84
CA ARG D 242 -10.11 9.71 66.84
C ARG D 242 -10.46 9.24 68.24
N GLU D 243 -11.66 8.67 68.41
CA GLU D 243 -12.05 8.09 69.68
C GLU D 243 -11.25 6.82 69.97
N LEU D 244 -10.61 6.27 68.95
CA LEU D 244 -9.61 5.24 69.19
C LEU D 244 -8.22 5.82 69.33
N VAL D 245 -8.02 7.05 68.86
CA VAL D 245 -6.70 7.67 68.96
C VAL D 245 -6.44 8.13 70.40
N ASP D 246 -7.39 8.92 70.94
CA ASP D 246 -7.22 9.51 72.26
C ASP D 246 -7.21 8.45 73.36
N ARG D 247 -7.86 7.33 73.10
CA ARG D 247 -8.01 6.25 74.07
C ARG D 247 -7.91 4.95 73.30
N TYR D 248 -7.00 4.08 73.75
CA TYR D 248 -6.62 2.73 73.28
C TYR D 248 -5.69 2.86 72.08
N GLY D 249 -5.20 4.08 71.78
CA GLY D 249 -4.31 4.25 70.64
C GLY D 249 -2.93 3.64 70.86
N GLU D 250 -2.60 3.31 72.11
CA GLU D 250 -1.39 2.59 72.43
C GLU D 250 -1.38 1.16 71.92
N TYR D 251 -2.55 0.61 71.59
CA TYR D 251 -2.66 -0.82 71.35
C TYR D 251 -2.65 -1.17 69.87
N PHE D 252 -3.54 -0.58 69.09
CA PHE D 252 -3.64 -0.93 67.69
C PHE D 252 -2.70 -0.08 66.86
N THR D 253 -2.57 -0.42 65.58
CA THR D 253 -1.95 0.48 64.62
C THR D 253 -2.91 0.61 63.45
N GLY D 254 -3.25 1.87 63.12
CA GLY D 254 -4.05 2.16 61.96
C GLY D 254 -3.41 3.28 61.18
N ALA D 255 -3.59 3.22 59.87
CA ALA D 255 -3.02 4.21 58.98
C ALA D 255 -3.84 4.22 57.70
N MET D 256 -3.30 4.89 56.68
CA MET D 256 -3.95 4.95 55.38
C MET D 256 -2.90 4.78 54.30
N GLY D 257 -3.28 4.09 53.25
CA GLY D 257 -2.47 4.05 52.05
C GLY D 257 -1.24 3.18 52.14
N ALA D 258 -0.28 3.56 51.29
CA ALA D 258 0.69 2.60 50.79
C ALA D 258 1.74 2.22 51.82
N GLU D 259 2.02 3.10 52.78
CA GLU D 259 2.97 2.70 53.81
C GLU D 259 2.34 1.68 54.75
N SER D 260 1.04 1.82 55.01
CA SER D 260 0.32 0.80 55.75
C SER D 260 0.22 -0.48 54.94
N ILE D 261 0.12 -0.34 53.61
CA ILE D 261 0.13 -1.49 52.73
C ILE D 261 1.47 -2.21 52.81
N GLN D 262 2.55 -1.45 52.90
CA GLN D 262 3.87 -2.03 53.10
C GLN D 262 3.95 -2.72 54.46
N LYS D 263 3.28 -2.16 55.47
CA LYS D 263 3.21 -2.83 56.77
C LYS D 263 2.42 -4.13 56.67
N LEU D 264 1.45 -4.19 55.76
CA LEU D 264 0.73 -5.43 55.52
C LEU D 264 1.65 -6.46 54.87
N ILE D 265 2.41 -6.01 53.87
CA ILE D 265 3.25 -6.91 53.09
C ILE D 265 4.39 -7.47 53.93
N GLU D 266 5.06 -6.61 54.68
CA GLU D 266 6.15 -7.02 55.55
C GLU D 266 5.64 -7.96 56.64
N ASN D 267 4.51 -7.63 57.24
CA ASN D 267 3.91 -8.50 58.24
C ASN D 267 2.91 -9.46 57.59
N PHE D 268 3.43 -10.28 56.69
CA PHE D 268 2.65 -11.33 56.05
C PHE D 268 3.56 -12.53 55.81
N ASP D 269 3.03 -13.72 56.01
CA ASP D 269 3.75 -14.95 55.70
C ASP D 269 2.95 -15.74 54.67
N ILE D 270 3.67 -16.47 53.82
CA ILE D 270 3.05 -17.26 52.76
C ILE D 270 2.44 -18.53 53.32
N ASP D 271 3.14 -19.19 54.25
CA ASP D 271 3.04 -20.63 54.38
C ASP D 271 1.76 -21.08 55.07
N ALA D 272 1.44 -20.48 56.22
CA ALA D 272 0.24 -20.90 56.95
C ALA D 272 -1.02 -20.50 56.22
N GLU D 273 -0.96 -19.39 55.48
CA GLU D 273 -2.02 -19.05 54.53
C GLU D 273 -2.15 -20.12 53.45
N ALA D 274 -1.02 -20.58 52.93
CA ALA D 274 -1.02 -21.51 51.81
C ALA D 274 -1.61 -22.86 52.23
N GLU D 275 -1.06 -23.45 53.29
CA GLU D 275 -1.57 -24.73 53.76
C GLU D 275 -2.94 -24.60 54.40
N SER D 276 -3.30 -23.38 54.82
CA SER D 276 -4.69 -23.11 55.18
C SER D 276 -5.61 -23.27 53.98
N LEU D 277 -5.19 -22.75 52.82
CA LEU D 277 -5.97 -22.97 51.60
C LEU D 277 -5.89 -24.43 51.14
N ARG D 278 -4.81 -25.14 51.51
CA ARG D 278 -4.80 -26.59 51.30
C ARG D 278 -5.87 -27.26 52.14
N ASP D 279 -6.07 -26.78 53.37
CA ASP D 279 -7.12 -27.34 54.20
C ASP D 279 -8.50 -26.99 53.66
N VAL D 280 -8.63 -25.82 53.03
CA VAL D 280 -9.89 -25.44 52.40
C VAL D 280 -10.19 -26.34 51.20
N ILE D 281 -9.19 -26.58 50.35
CA ILE D 281 -9.43 -27.44 49.20
C ILE D 281 -9.48 -28.91 49.59
N ARG D 282 -9.10 -29.26 50.81
CA ARG D 282 -9.48 -30.57 51.34
C ARG D 282 -10.94 -30.58 51.77
N ASN D 283 -11.39 -29.50 52.41
CA ASN D 283 -12.74 -29.47 52.97
C ASN D 283 -13.75 -28.81 52.04
N GLY D 284 -13.56 -27.54 51.72
CA GLY D 284 -14.59 -26.74 51.08
C GLY D 284 -14.88 -27.06 49.63
N LYS D 285 -15.96 -26.48 49.11
CA LYS D 285 -16.40 -26.72 47.75
C LYS D 285 -17.34 -25.59 47.36
N GLY D 286 -17.42 -25.30 46.07
CA GLY D 286 -18.30 -24.28 45.57
C GLY D 286 -17.67 -22.90 45.65
N GLN D 287 -18.42 -21.90 46.12
CA GLN D 287 -17.83 -20.59 46.37
C GLN D 287 -17.24 -20.51 47.77
N LYS D 288 -16.49 -21.54 48.12
CA LYS D 288 -15.63 -21.58 49.28
C LYS D 288 -14.28 -22.16 48.93
N LYS D 289 -14.22 -23.06 47.94
CA LYS D 289 -12.99 -23.57 47.37
C LYS D 289 -12.55 -22.82 46.12
N LEU D 290 -13.52 -22.34 45.31
CA LEU D 290 -13.17 -21.64 44.08
C LEU D 290 -12.53 -20.28 44.36
N ARG D 291 -12.95 -19.63 45.45
CA ARG D 291 -12.24 -18.45 45.90
C ARG D 291 -10.85 -18.82 46.38
N ALA D 292 -10.74 -19.93 47.09
CA ALA D 292 -9.43 -20.43 47.51
C ALA D 292 -8.67 -21.00 46.32
N LEU D 293 -9.37 -21.35 45.24
CA LEU D 293 -8.69 -21.72 44.00
C LEU D 293 -8.03 -20.50 43.37
N LYS D 294 -8.84 -19.48 43.08
CA LYS D 294 -8.37 -18.28 42.40
C LYS D 294 -7.34 -17.55 43.23
N ARG D 295 -7.45 -17.65 44.55
CA ARG D 295 -6.44 -17.10 45.43
C ARG D 295 -5.23 -18.03 45.50
N LEU D 296 -5.49 -19.34 45.40
CA LEU D 296 -4.43 -20.33 45.62
C LEU D 296 -3.46 -20.39 44.45
N LYS D 297 -3.91 -19.97 43.27
CA LYS D 297 -3.01 -19.88 42.13
C LYS D 297 -1.91 -18.86 42.38
N VAL D 298 -2.29 -17.67 42.84
CA VAL D 298 -1.31 -16.60 42.96
C VAL D 298 -0.57 -16.67 44.30
N VAL D 299 -1.23 -17.15 45.35
CA VAL D 299 -0.53 -17.43 46.60
C VAL D 299 0.46 -18.57 46.38
N ALA D 300 0.06 -19.53 45.55
CA ALA D 300 0.99 -20.56 45.11
C ALA D 300 2.11 -19.96 44.27
N ALA D 301 1.82 -18.90 43.52
CA ALA D 301 2.83 -18.32 42.65
C ALA D 301 3.91 -17.61 43.45
N PHE D 302 3.52 -16.82 44.45
CA PHE D 302 4.50 -16.30 45.40
C PHE D 302 5.15 -17.41 46.21
N GLN D 303 4.42 -18.50 46.41
CA GLN D 303 4.93 -19.61 47.20
C GLN D 303 6.04 -20.35 46.48
N GLN D 304 6.00 -20.37 45.14
CA GLN D 304 6.98 -21.15 44.39
C GLN D 304 8.31 -20.43 44.30
N SER D 305 8.32 -19.26 43.66
CA SER D 305 9.56 -18.61 43.29
C SER D 305 10.19 -17.95 44.52
N GLY D 306 11.47 -17.61 44.38
CA GLY D 306 12.20 -16.91 45.43
C GLY D 306 12.07 -15.41 45.32
N ASN D 307 10.82 -14.95 45.18
CA ASN D 307 10.55 -13.53 45.06
C ASN D 307 9.94 -13.03 46.36
N SER D 308 9.49 -11.79 46.36
CA SER D 308 8.79 -11.22 47.50
C SER D 308 7.74 -10.27 46.95
N PRO D 309 6.68 -9.98 47.70
CA PRO D 309 5.73 -8.96 47.25
C PRO D 309 6.17 -7.54 47.56
N MET D 310 7.44 -7.34 47.89
CA MET D 310 7.97 -6.01 48.18
C MET D 310 7.89 -5.07 46.99
N GLY D 311 8.11 -5.57 45.78
CA GLY D 311 8.11 -4.72 44.60
C GLY D 311 6.76 -4.18 44.23
N MET D 312 5.68 -4.74 44.76
CA MET D 312 4.33 -4.30 44.44
C MET D 312 4.05 -2.90 44.95
N VAL D 313 4.71 -2.49 46.02
CA VAL D 313 4.79 -1.09 46.43
C VAL D 313 6.16 -0.59 46.02
N LEU D 314 6.30 0.72 45.89
CA LEU D 314 7.58 1.27 45.47
C LEU D 314 7.97 2.45 46.35
N ASP D 315 9.27 2.63 46.51
CA ASP D 315 9.82 3.81 47.16
C ASP D 315 10.84 4.50 46.27
N ALA D 316 11.02 4.04 45.04
CA ALA D 316 11.91 4.69 44.08
C ALA D 316 11.35 4.43 42.70
N VAL D 317 11.30 5.47 41.88
CA VAL D 317 10.76 5.36 40.52
C VAL D 317 11.91 5.54 39.54
N PRO D 318 12.15 4.58 38.65
CA PRO D 318 13.22 4.73 37.67
C PRO D 318 12.87 5.75 36.60
N VAL D 319 13.89 6.14 35.84
CA VAL D 319 13.73 7.07 34.74
C VAL D 319 14.40 6.45 33.52
N ILE D 320 13.67 6.38 32.41
CA ILE D 320 14.12 5.91 31.11
C ILE D 320 15.22 6.83 30.58
N PRO D 321 16.18 6.33 29.78
CA PRO D 321 17.19 7.20 29.14
C PRO D 321 16.59 8.30 28.28
N PRO D 322 17.30 9.43 28.14
CA PRO D 322 16.69 10.61 27.53
C PRO D 322 16.54 10.53 26.04
N GLU D 323 17.34 9.73 25.36
CA GLU D 323 17.23 9.67 23.91
C GLU D 323 15.99 8.93 23.45
N LEU D 324 15.31 8.25 24.34
CA LEU D 324 13.99 7.72 24.04
C LEU D 324 12.90 8.74 24.25
N ARG D 325 13.22 9.89 24.83
CA ARG D 325 12.33 11.06 24.80
C ARG D 325 13.06 12.27 24.21
N PRO D 326 13.57 12.17 22.98
CA PRO D 326 14.53 13.16 22.51
C PRO D 326 13.85 14.46 22.13
N MET D 327 14.63 15.54 22.21
CA MET D 327 14.11 16.89 21.97
C MET D 327 14.80 17.47 20.76
N VAL D 328 14.02 17.90 19.78
CA VAL D 328 14.55 18.37 18.52
C VAL D 328 14.06 19.78 18.26
N GLN D 329 14.98 20.61 17.78
CA GLN D 329 14.68 21.96 17.32
C GLN D 329 14.73 21.93 15.80
N LEU D 330 13.71 22.48 15.16
CA LEU D 330 13.76 22.60 13.71
C LEU D 330 14.43 23.90 13.32
N ASP D 331 14.48 24.16 12.02
CA ASP D 331 14.90 25.47 11.54
C ASP D 331 13.86 26.52 11.91
N GLY D 332 14.34 27.74 12.14
CA GLY D 332 13.47 28.80 12.60
C GLY D 332 13.14 28.74 14.07
N GLY D 333 13.80 27.88 14.84
CA GLY D 333 13.57 27.81 16.26
C GLY D 333 12.27 27.09 16.60
N ARG D 334 12.04 25.95 15.96
CA ARG D 334 10.79 25.21 16.13
C ARG D 334 11.10 23.94 16.91
N PHE D 335 10.66 23.91 18.16
CA PHE D 335 11.03 22.85 19.07
C PHE D 335 9.98 21.76 19.12
N ALA D 336 10.44 20.51 19.21
CA ALA D 336 9.55 19.37 19.34
C ALA D 336 10.21 18.33 20.25
N THR D 337 9.39 17.67 21.05
CA THR D 337 9.87 16.68 22.00
C THR D 337 8.75 15.72 22.38
N SER D 338 9.02 14.90 23.38
CA SER D 338 8.08 13.90 23.83
C SER D 338 7.13 14.48 24.86
N ASP D 339 6.04 13.75 25.10
CA ASP D 339 5.00 14.16 26.01
C ASP D 339 5.31 13.79 27.45
N LEU D 340 6.21 12.84 27.65
CA LEU D 340 6.42 12.23 28.95
C LEU D 340 7.12 13.18 29.90
N ASN D 341 7.77 14.19 29.35
CA ASN D 341 8.76 14.96 30.10
C ASN D 341 8.08 15.86 31.12
N ASP D 342 7.01 16.54 30.71
CA ASP D 342 6.28 17.38 31.65
C ASP D 342 5.51 16.54 32.65
N LEU D 343 5.24 15.28 32.32
CA LEU D 343 4.63 14.37 33.27
C LEU D 343 5.60 14.04 34.38
N TYR D 344 6.84 13.72 34.00
CA TYR D 344 7.94 13.63 34.96
C TYR D 344 8.12 14.92 35.75
N ARG D 345 7.86 16.06 35.11
CA ARG D 345 7.95 17.33 35.82
C ARG D 345 6.87 17.47 36.87
N ARG D 346 5.67 16.94 36.59
CA ARG D 346 4.63 16.88 37.60
C ARG D 346 5.05 16.00 38.75
N VAL D 347 5.77 14.92 38.43
CA VAL D 347 6.25 14.01 39.47
C VAL D 347 7.26 14.70 40.37
N ILE D 348 8.26 15.35 39.78
CA ILE D 348 9.33 15.93 40.57
C ILE D 348 8.83 17.16 41.33
N ASN D 349 7.82 17.85 40.78
CA ASN D 349 7.29 19.00 41.49
C ASN D 349 6.44 18.56 42.66
N ARG D 350 5.76 17.43 42.54
CA ARG D 350 5.00 16.94 43.67
C ARG D 350 5.91 16.31 44.73
N ASN D 351 7.02 15.71 44.31
CA ASN D 351 7.92 15.11 45.28
C ASN D 351 8.68 16.17 46.05
N ASN D 352 9.10 17.24 45.37
CA ASN D 352 9.75 18.33 46.08
C ASN D 352 8.74 19.14 46.86
N ARG D 353 7.49 19.18 46.38
CA ARG D 353 6.46 19.94 47.05
C ARG D 353 6.06 19.30 48.37
N LEU D 354 5.72 18.01 48.33
CA LEU D 354 5.53 17.23 49.54
C LEU D 354 6.78 17.25 50.40
N LYS D 355 7.94 17.14 49.75
CA LYS D 355 9.22 16.98 50.43
C LYS D 355 9.55 18.21 51.27
N ARG D 356 9.21 19.39 50.76
CA ARG D 356 9.36 20.61 51.55
C ARG D 356 8.22 20.75 52.55
N LEU D 357 7.03 20.28 52.18
CA LEU D 357 5.85 20.56 53.00
C LEU D 357 5.82 19.74 54.28
N ILE D 358 6.46 18.56 54.28
CA ILE D 358 6.49 17.72 55.47
C ILE D 358 7.30 18.38 56.57
N ASP D 359 8.38 19.06 56.18
CA ASP D 359 9.38 19.54 57.13
C ASP D 359 8.83 20.64 58.00
N LEU D 360 7.88 21.40 57.47
CA LEU D 360 7.16 22.37 58.29
C LEU D 360 6.19 21.66 59.23
N GLY D 361 5.54 20.62 58.73
CA GLY D 361 4.40 20.07 59.43
C GLY D 361 3.13 20.71 58.91
N ALA D 362 2.01 20.02 59.01
CA ALA D 362 0.78 20.46 58.36
C ALA D 362 -0.39 19.73 59.00
N PRO D 363 -1.61 20.23 58.81
CA PRO D 363 -2.78 19.38 59.03
C PRO D 363 -2.88 18.32 57.94
N GLU D 364 -3.55 17.22 58.27
CA GLU D 364 -3.47 16.01 57.45
C GLU D 364 -4.28 16.15 56.15
N ILE D 365 -5.22 17.10 56.12
CA ILE D 365 -6.02 17.40 54.95
C ILE D 365 -5.14 17.77 53.77
N ILE D 366 -4.09 18.55 54.03
CA ILE D 366 -3.07 18.84 53.03
C ILE D 366 -2.31 17.58 52.65
N VAL D 367 -2.06 16.71 53.63
CA VAL D 367 -1.12 15.62 53.46
C VAL D 367 -1.68 14.55 52.53
N ASN D 368 -2.92 14.13 52.79
CA ASN D 368 -3.55 13.13 51.91
C ASN D 368 -3.87 13.72 50.55
N ASN D 369 -4.07 15.02 50.49
CA ASN D 369 -4.25 15.70 49.21
C ASN D 369 -2.98 15.58 48.37
N GLU D 370 -1.84 15.94 48.96
CA GLU D 370 -0.58 15.95 48.22
C GLU D 370 -0.14 14.53 47.88
N LYS D 371 -0.33 13.60 48.80
CA LYS D 371 0.01 12.22 48.52
C LYS D 371 -0.92 11.62 47.47
N ARG D 372 -2.18 12.05 47.48
CA ARG D 372 -3.14 11.56 46.50
C ARG D 372 -2.80 12.06 45.10
N MET D 373 -2.45 13.35 44.99
CA MET D 373 -1.95 13.90 43.74
C MET D 373 -0.68 13.20 43.29
N LEU D 374 0.16 12.81 44.24
CA LEU D 374 1.37 12.07 43.90
C LEU D 374 1.03 10.71 43.31
N GLN D 375 0.08 10.01 43.92
CA GLN D 375 -0.31 8.68 43.45
C GLN D 375 -0.90 8.76 42.06
N GLU D 376 -1.78 9.74 41.83
CA GLU D 376 -2.37 9.89 40.51
C GLU D 376 -1.35 10.36 39.48
N SER D 377 -0.32 11.07 39.91
CA SER D 377 0.75 11.43 38.99
C SER D 377 1.53 10.19 38.56
N VAL D 378 1.74 9.26 39.50
CA VAL D 378 2.37 7.99 39.16
C VAL D 378 1.51 7.21 38.19
N ASP D 379 0.19 7.23 38.43
CA ASP D 379 -0.73 6.46 37.62
C ASP D 379 -0.79 7.00 36.20
N ALA D 380 -0.88 8.32 36.05
CA ALA D 380 -0.88 8.91 34.72
C ALA D 380 0.48 8.79 34.05
N LEU D 381 1.54 8.65 34.85
CA LEU D 381 2.85 8.38 34.27
C LEU D 381 2.89 7.01 33.63
N PHE D 382 2.39 6.00 34.34
CA PHE D 382 2.42 4.67 33.79
C PHE D 382 1.43 4.50 32.65
N ASP D 383 0.16 4.76 32.92
CA ASP D 383 -0.88 4.58 31.90
C ASP D 383 -1.92 5.67 32.07
N ASN D 384 -2.07 6.49 31.03
CA ASN D 384 -3.12 7.49 31.04
C ASN D 384 -4.47 6.82 30.80
N GLY D 385 -5.50 7.36 31.43
CA GLY D 385 -6.86 6.96 31.15
C GLY D 385 -7.36 5.72 31.86
N ARG D 386 -6.53 5.06 32.66
CA ARG D 386 -7.00 3.86 33.35
C ARG D 386 -7.90 4.21 34.54
N ARG D 387 -7.49 5.19 35.33
CA ARG D 387 -8.27 5.63 36.47
C ARG D 387 -8.91 6.97 36.13
N GLY D 388 -10.22 6.96 35.95
CA GLY D 388 -10.95 8.20 35.73
C GLY D 388 -10.70 8.86 34.40
N ARG D 389 -10.67 10.18 34.40
CA ARG D 389 -10.51 10.93 33.16
C ARG D 389 -9.09 10.84 32.66
N PRO D 390 -8.90 10.66 31.37
CA PRO D 390 -7.53 10.63 30.82
C PRO D 390 -6.91 12.01 30.83
N VAL D 391 -5.59 12.06 31.03
CA VAL D 391 -4.89 13.32 30.97
C VAL D 391 -4.71 13.74 29.52
N THR D 392 -5.32 14.85 29.16
CA THR D 392 -5.19 15.43 27.84
C THR D 392 -4.49 16.77 27.97
N GLY D 393 -3.89 17.21 26.87
CA GLY D 393 -3.21 18.48 26.85
C GLY D 393 -3.86 19.45 25.88
N PRO D 394 -3.08 20.01 24.98
CA PRO D 394 -3.63 20.92 23.98
C PRO D 394 -4.48 20.18 22.97
N GLY D 395 -5.59 20.79 22.57
CA GLY D 395 -6.50 20.18 21.63
C GLY D 395 -7.42 19.14 22.24
N ASN D 396 -7.38 18.97 23.57
CA ASN D 396 -8.16 17.99 24.32
C ASN D 396 -7.91 16.57 23.81
N ARG D 397 -6.65 16.29 23.50
CA ARG D 397 -6.27 15.00 22.98
C ARG D 397 -5.34 14.31 23.96
N PRO D 398 -5.49 12.99 24.13
CA PRO D 398 -4.74 12.30 25.20
C PRO D 398 -3.27 12.19 24.87
N LEU D 399 -2.46 12.07 25.92
CA LEU D 399 -1.02 12.00 25.77
C LEU D 399 -0.56 10.56 25.63
N LYS D 400 0.76 10.40 25.53
CA LYS D 400 1.35 9.08 25.38
C LYS D 400 2.05 8.69 26.66
N SER D 401 1.54 7.66 27.33
CA SER D 401 2.15 7.14 28.55
C SER D 401 3.13 6.02 28.18
N LEU D 402 3.59 5.30 29.20
CA LEU D 402 4.56 4.22 28.98
C LEU D 402 3.90 3.06 28.25
N SER D 403 2.70 2.70 28.70
CA SER D 403 1.96 1.60 28.07
C SER D 403 1.56 1.96 26.64
N ASP D 404 1.38 3.25 26.39
CA ASP D 404 1.06 3.74 25.05
C ASP D 404 2.20 3.46 24.10
N LEU D 405 3.43 3.53 24.60
CA LEU D 405 4.59 3.14 23.79
C LEU D 405 4.62 1.63 23.61
N LEU D 406 4.03 0.89 24.55
CA LEU D 406 4.05 -0.56 24.48
C LEU D 406 2.84 -1.15 23.79
N LYS D 407 1.65 -0.75 24.22
CA LYS D 407 0.43 -1.38 23.76
C LYS D 407 -0.09 -0.69 22.50
N GLY D 408 -0.76 -1.45 21.64
CA GLY D 408 -1.56 -0.86 20.59
C GLY D 408 -0.99 -0.97 19.19
N LYS D 409 -1.28 0.03 18.36
CA LYS D 409 -0.80 0.12 16.99
C LYS D 409 0.62 0.66 16.91
N GLN D 410 1.29 0.76 18.05
CA GLN D 410 2.74 0.91 18.10
C GLN D 410 3.36 -0.22 18.90
N GLY D 411 2.73 -1.39 18.91
CA GLY D 411 3.14 -2.51 19.71
C GLY D 411 4.31 -3.27 19.16
N ARG D 412 4.47 -4.50 19.66
CA ARG D 412 5.67 -5.28 19.38
C ARG D 412 5.64 -5.84 17.97
N PHE D 413 4.44 -6.16 17.46
CA PHE D 413 4.29 -6.27 16.02
C PHE D 413 4.64 -4.95 15.37
N ARG D 414 4.05 -3.87 15.87
CA ARG D 414 3.99 -2.63 15.12
C ARG D 414 5.29 -1.85 15.26
N GLN D 415 6.15 -2.31 16.16
CA GLN D 415 7.51 -1.80 16.20
C GLN D 415 8.44 -2.78 15.53
N ASN D 416 8.36 -4.07 15.90
CA ASN D 416 9.30 -5.02 15.32
C ASN D 416 8.72 -5.71 14.10
N LEU D 417 7.65 -6.47 14.30
CA LEU D 417 7.21 -7.40 13.26
C LEU D 417 6.38 -6.72 12.17
N LEU D 418 6.20 -5.41 12.25
CA LEU D 418 5.54 -4.67 11.17
C LEU D 418 6.38 -4.69 9.90
N GLY D 419 7.70 -4.82 10.03
CA GLY D 419 8.57 -4.71 8.89
C GLY D 419 8.88 -3.27 8.57
N LYS D 420 9.98 -3.07 7.87
CA LYS D 420 10.47 -1.72 7.65
C LYS D 420 11.22 -1.69 6.32
N ARG D 421 11.71 -0.52 5.97
CA ARG D 421 12.45 -0.30 4.74
C ARG D 421 13.95 -0.30 4.97
N VAL D 422 14.68 -0.88 4.02
CA VAL D 422 16.13 -0.95 4.04
C VAL D 422 16.65 -0.51 2.69
N ASP D 423 17.96 -0.29 2.62
CA ASP D 423 18.59 0.23 1.42
C ASP D 423 19.05 -0.94 0.54
N TYR D 424 19.87 -0.61 -0.46
CA TYR D 424 20.41 -1.55 -1.45
C TYR D 424 19.29 -2.26 -2.19
N SER D 425 18.33 -1.45 -2.60
CA SER D 425 17.03 -1.92 -3.06
C SER D 425 16.49 -0.94 -4.08
N GLY D 426 15.33 -1.26 -4.61
CA GLY D 426 14.69 -0.38 -5.57
C GLY D 426 13.42 -1.01 -6.12
N ARG D 427 12.75 -0.24 -6.98
CA ARG D 427 11.60 -0.77 -7.68
C ARG D 427 11.38 0.00 -8.97
N SER D 428 10.76 -0.68 -9.92
CA SER D 428 10.42 -0.10 -11.22
C SER D 428 9.36 -0.98 -11.88
N VAL D 429 8.97 -0.55 -13.07
CA VAL D 429 7.99 -1.30 -13.86
C VAL D 429 8.70 -2.36 -14.69
N ILE D 430 7.95 -3.37 -15.11
CA ILE D 430 8.53 -4.54 -15.74
C ILE D 430 7.91 -4.79 -17.10
N VAL D 431 8.70 -5.39 -18.00
CA VAL D 431 8.25 -5.88 -19.29
C VAL D 431 8.79 -7.29 -19.50
N VAL D 432 8.55 -7.83 -20.69
CA VAL D 432 8.90 -9.20 -21.03
C VAL D 432 10.35 -9.24 -21.51
N GLY D 433 11.03 -10.35 -21.27
CA GLY D 433 12.37 -10.58 -21.76
C GLY D 433 12.53 -11.82 -22.61
N PRO D 434 11.63 -12.06 -23.60
CA PRO D 434 11.39 -13.41 -24.11
C PRO D 434 12.55 -14.14 -24.78
N GLN D 435 13.66 -13.45 -24.98
CA GLN D 435 14.86 -14.05 -25.53
C GLN D 435 15.81 -14.55 -24.46
N LEU D 436 15.49 -14.33 -23.18
CA LEU D 436 16.38 -14.71 -22.11
C LEU D 436 16.35 -16.20 -21.82
N LYS D 437 17.02 -16.57 -20.75
CA LYS D 437 16.88 -17.89 -20.16
C LYS D 437 16.30 -17.77 -18.76
N LEU D 438 16.04 -18.93 -18.15
CA LEU D 438 15.52 -18.98 -16.79
C LEU D 438 16.49 -18.42 -15.78
N HIS D 439 17.76 -18.80 -15.85
CA HIS D 439 18.75 -18.31 -14.90
C HIS D 439 19.11 -16.86 -15.18
N GLN D 440 18.77 -16.37 -16.35
CA GLN D 440 19.11 -15.02 -16.76
C GLN D 440 18.02 -14.09 -16.28
N CYS D 441 18.38 -12.82 -16.14
CA CYS D 441 17.38 -11.76 -16.13
C CYS D 441 18.05 -10.52 -16.66
N GLY D 442 17.22 -9.56 -17.07
CA GLY D 442 17.75 -8.30 -17.52
C GLY D 442 17.84 -7.29 -16.40
N LEU D 443 18.43 -6.14 -16.72
CA LEU D 443 18.59 -5.11 -15.70
C LEU D 443 18.74 -3.73 -16.33
N PRO D 444 17.89 -2.78 -15.93
CA PRO D 444 18.10 -1.38 -16.34
C PRO D 444 19.36 -0.82 -15.70
N LYS D 445 20.14 -0.10 -16.51
CA LYS D 445 21.54 0.09 -16.19
C LYS D 445 21.82 1.35 -15.40
N LEU D 446 20.98 2.37 -15.54
CA LEU D 446 21.13 3.55 -14.69
C LEU D 446 20.82 3.21 -13.24
N MET D 447 19.74 2.46 -13.04
CA MET D 447 19.41 1.97 -11.73
C MET D 447 20.46 0.99 -11.22
N ALA D 448 21.06 0.21 -12.12
CA ALA D 448 22.07 -0.76 -11.75
C ALA D 448 23.34 -0.08 -11.24
N LEU D 449 23.84 0.89 -12.00
CA LEU D 449 24.97 1.68 -11.56
C LEU D 449 24.64 2.50 -10.33
N GLU D 450 23.38 2.90 -10.18
CA GLU D 450 22.96 3.57 -8.96
C GLU D 450 23.02 2.62 -7.76
N LEU D 451 22.77 1.34 -8.00
CA LEU D 451 22.80 0.38 -6.91
C LEU D 451 24.22 0.00 -6.52
N PHE D 452 25.05 -0.34 -7.51
CA PHE D 452 26.32 -0.99 -7.23
C PHE D 452 27.45 -0.02 -6.96
N LYS D 453 27.12 1.17 -6.45
CA LYS D 453 28.07 2.26 -6.32
C LYS D 453 29.33 1.95 -5.49
N PRO D 454 29.27 1.37 -4.28
CA PRO D 454 30.53 1.20 -3.54
C PRO D 454 31.42 0.14 -4.15
N PHE D 455 30.83 -0.83 -4.85
CA PHE D 455 31.62 -1.90 -5.43
C PHE D 455 32.38 -1.42 -6.65
N VAL D 456 31.70 -0.69 -7.52
CA VAL D 456 32.37 -0.13 -8.68
C VAL D 456 33.34 0.97 -8.24
N MET D 457 33.00 1.69 -7.15
CA MET D 457 33.93 2.65 -6.58
C MET D 457 35.15 1.97 -6.02
N LYS D 458 35.02 0.73 -5.57
CA LYS D 458 36.23 0.02 -5.20
C LYS D 458 37.04 -0.35 -6.42
N ARG D 459 36.38 -0.94 -7.42
CA ARG D 459 37.11 -1.55 -8.53
C ARG D 459 37.78 -0.52 -9.44
N LEU D 460 37.17 0.63 -9.67
CA LEU D 460 37.68 1.62 -10.60
C LEU D 460 38.97 2.26 -10.12
N VAL D 461 39.19 2.29 -8.81
CA VAL D 461 40.39 2.85 -8.23
C VAL D 461 41.55 1.85 -8.26
N ASP D 462 41.21 0.57 -8.32
CA ASP D 462 42.20 -0.50 -8.21
C ASP D 462 43.13 -0.51 -9.43
N LEU D 463 42.57 -0.58 -10.63
CA LEU D 463 43.34 -0.14 -11.78
C LEU D 463 43.41 1.37 -11.71
N ASN D 464 44.51 1.95 -12.20
CA ASN D 464 44.75 3.34 -11.88
C ASN D 464 43.96 4.31 -12.74
N HIS D 465 42.64 4.27 -12.64
CA HIS D 465 41.82 5.31 -13.25
C HIS D 465 41.53 6.46 -12.29
N ALA D 466 41.84 6.30 -11.01
CA ALA D 466 41.44 7.29 -10.03
C ALA D 466 42.47 7.37 -8.91
N GLN D 467 42.40 8.46 -8.16
CA GLN D 467 43.30 8.62 -7.01
C GLN D 467 42.69 8.02 -5.76
N ASN D 468 41.39 8.17 -5.57
CA ASN D 468 40.82 7.94 -4.26
C ASN D 468 39.35 7.59 -4.37
N ILE D 469 38.69 7.65 -3.22
CA ILE D 469 37.25 7.49 -3.16
C ILE D 469 36.55 8.72 -3.70
N LYS D 470 37.20 9.88 -3.64
CA LYS D 470 36.49 11.12 -3.90
C LYS D 470 36.41 11.37 -5.40
N SER D 471 37.50 11.10 -6.12
CA SER D 471 37.47 11.05 -7.57
C SER D 471 36.56 9.92 -8.05
N ALA D 472 36.45 8.85 -7.26
CA ALA D 472 35.56 7.75 -7.61
C ALA D 472 34.10 8.19 -7.56
N LYS D 473 33.65 8.68 -6.40
CA LYS D 473 32.25 9.02 -6.21
C LYS D 473 31.85 10.20 -7.08
N ARG D 474 32.71 11.22 -7.14
CA ARG D 474 32.46 12.36 -8.01
C ARG D 474 32.41 11.93 -9.47
N MET D 475 33.29 11.00 -9.84
CA MET D 475 33.33 10.52 -11.21
C MET D 475 32.09 9.68 -11.53
N VAL D 476 31.53 9.05 -10.52
CA VAL D 476 30.23 8.38 -10.69
C VAL D 476 29.14 9.40 -10.89
N GLU D 477 29.15 10.48 -10.09
CA GLU D 477 28.13 11.50 -10.23
C GLU D 477 28.24 12.27 -11.53
N ARG D 478 29.39 12.27 -12.17
CA ARG D 478 29.50 12.81 -13.51
C ARG D 478 29.08 11.82 -14.58
N GLN D 479 29.02 10.53 -14.23
CA GLN D 479 28.69 9.42 -15.14
C GLN D 479 29.59 9.43 -16.37
N ARG D 480 30.88 9.47 -16.12
CA ARG D 480 31.86 9.48 -17.18
C ARG D 480 31.88 8.12 -17.85
N PRO D 481 32.22 8.05 -19.14
CA PRO D 481 32.03 6.80 -19.90
C PRO D 481 33.00 5.68 -19.56
N GLN D 482 33.81 5.82 -18.52
CA GLN D 482 34.80 4.80 -18.21
C GLN D 482 34.26 3.81 -17.20
N VAL D 483 33.00 3.97 -16.79
CA VAL D 483 32.45 3.15 -15.72
C VAL D 483 31.85 1.88 -16.29
N TRP D 484 31.58 1.86 -17.59
CA TRP D 484 30.67 0.87 -18.14
C TRP D 484 31.36 -0.46 -18.33
N ASP D 485 32.58 -0.44 -18.84
CA ASP D 485 33.32 -1.68 -19.02
C ASP D 485 33.79 -2.25 -17.70
N VAL D 486 33.93 -1.39 -16.70
CA VAL D 486 34.11 -1.84 -15.33
C VAL D 486 32.84 -2.55 -14.84
N LEU D 487 31.69 -2.03 -15.26
CA LEU D 487 30.43 -2.44 -14.68
C LEU D 487 30.08 -3.87 -15.06
N GLU D 488 30.39 -4.27 -16.30
CA GLU D 488 30.17 -5.65 -16.72
C GLU D 488 31.08 -6.60 -15.96
N GLU D 489 32.26 -6.15 -15.56
CA GLU D 489 33.09 -6.99 -14.73
C GLU D 489 32.53 -7.10 -13.32
N VAL D 490 32.00 -6.02 -12.76
CA VAL D 490 31.61 -6.09 -11.37
C VAL D 490 30.23 -6.73 -11.18
N ILE D 491 29.42 -6.81 -12.24
CA ILE D 491 28.11 -7.42 -12.04
C ILE D 491 28.19 -8.93 -12.08
N ALA D 492 28.95 -9.48 -13.02
CA ALA D 492 28.92 -10.90 -13.35
C ALA D 492 29.34 -11.76 -12.18
N GLU D 493 28.66 -12.90 -12.04
CA GLU D 493 28.66 -13.74 -10.84
C GLU D 493 28.32 -12.92 -9.60
N HIS D 494 27.10 -12.39 -9.56
CA HIS D 494 26.55 -11.83 -8.33
C HIS D 494 25.03 -11.92 -8.41
N PRO D 495 24.40 -12.57 -7.45
CA PRO D 495 22.96 -12.81 -7.55
C PRO D 495 22.15 -11.58 -7.14
N VAL D 496 20.88 -11.59 -7.53
CA VAL D 496 19.94 -10.53 -7.22
C VAL D 496 18.61 -11.13 -6.79
N LEU D 497 17.78 -10.32 -6.14
CA LEU D 497 16.47 -10.76 -5.66
C LEU D 497 15.39 -9.76 -6.03
N LEU D 498 14.18 -10.25 -6.25
CA LEU D 498 13.08 -9.45 -6.76
C LEU D 498 11.78 -9.84 -6.07
N ASN D 499 10.91 -8.86 -5.85
CA ASN D 499 9.65 -9.10 -5.16
C ASN D 499 8.53 -8.34 -5.84
N ARG D 500 7.34 -8.93 -5.80
CA ARG D 500 6.10 -8.27 -6.17
C ARG D 500 5.12 -8.38 -5.01
N ALA D 501 4.60 -7.25 -4.58
CA ALA D 501 3.57 -7.29 -3.57
C ALA D 501 2.24 -7.67 -4.19
N PRO D 502 1.36 -8.39 -3.48
CA PRO D 502 1.54 -9.00 -2.16
C PRO D 502 2.21 -10.37 -2.24
N THR D 503 2.64 -10.88 -1.10
CA THR D 503 3.41 -12.12 -1.01
C THR D 503 2.44 -13.26 -0.69
N LEU D 504 2.08 -14.03 -1.72
CA LEU D 504 1.11 -15.09 -1.51
C LEU D 504 1.79 -16.36 -1.04
N HIS D 505 2.69 -16.91 -1.84
CA HIS D 505 3.43 -18.09 -1.46
C HIS D 505 4.91 -17.82 -1.60
N ARG D 506 5.71 -18.88 -1.47
CA ARG D 506 7.16 -18.74 -1.32
C ARG D 506 7.84 -18.30 -2.60
N LEU D 507 7.40 -18.77 -3.76
CA LEU D 507 8.16 -18.61 -4.98
C LEU D 507 8.00 -17.23 -5.61
N GLY D 508 7.34 -16.30 -4.93
CA GLY D 508 7.20 -14.95 -5.41
C GLY D 508 8.46 -14.10 -5.30
N ILE D 509 9.50 -14.65 -4.70
CA ILE D 509 10.82 -14.02 -4.70
C ILE D 509 11.82 -15.08 -5.10
N GLN D 510 12.52 -14.84 -6.20
CA GLN D 510 13.47 -15.80 -6.76
C GLN D 510 14.71 -15.06 -7.23
N ALA D 511 15.77 -15.82 -7.49
CA ALA D 511 17.07 -15.23 -7.77
C ALA D 511 17.40 -15.34 -9.25
N PHE D 512 18.31 -14.47 -9.69
CA PHE D 512 18.80 -14.46 -11.07
C PHE D 512 20.23 -13.94 -11.10
N GLU D 513 20.85 -14.12 -12.27
CA GLU D 513 22.04 -13.35 -12.60
C GLU D 513 21.64 -12.30 -13.62
N PRO D 514 21.81 -11.02 -13.33
CA PRO D 514 21.39 -10.00 -14.29
C PRO D 514 22.48 -9.70 -15.31
N MET D 515 22.04 -9.13 -16.42
CA MET D 515 22.95 -8.48 -17.36
C MET D 515 22.23 -7.24 -17.85
N LEU D 516 22.94 -6.42 -18.64
CA LEU D 516 22.50 -5.05 -18.87
C LEU D 516 21.35 -5.00 -19.85
N VAL D 517 20.46 -4.04 -19.64
CA VAL D 517 19.38 -3.76 -20.58
C VAL D 517 19.32 -2.25 -20.79
N GLU D 518 19.31 -1.86 -22.07
CA GLU D 518 19.09 -0.47 -22.44
C GLU D 518 17.71 0.00 -22.02
N GLY D 519 17.67 1.18 -21.43
CA GLY D 519 16.43 1.81 -21.06
C GLY D 519 16.06 1.57 -19.61
N LYS D 520 14.89 2.10 -19.26
CA LYS D 520 14.46 2.12 -17.87
C LYS D 520 13.34 1.13 -17.62
N ALA D 521 13.34 0.02 -18.33
CA ALA D 521 12.30 -0.99 -18.17
C ALA D 521 12.94 -2.32 -17.83
N ILE D 522 12.21 -3.14 -17.06
CA ILE D 522 12.75 -4.40 -16.56
C ILE D 522 12.20 -5.51 -17.44
N GLN D 523 13.08 -6.10 -18.24
CA GLN D 523 12.69 -7.26 -19.01
C GLN D 523 12.64 -8.47 -18.09
N LEU D 524 11.88 -9.48 -18.48
CA LEU D 524 11.60 -10.61 -17.61
C LEU D 524 11.19 -11.84 -18.40
N HIS D 525 11.71 -12.99 -17.99
CA HIS D 525 11.31 -14.26 -18.56
C HIS D 525 9.86 -14.56 -18.20
N PRO D 526 9.06 -15.05 -19.16
CA PRO D 526 7.61 -15.07 -18.95
C PRO D 526 7.11 -16.10 -17.97
N LEU D 527 7.86 -17.15 -17.71
CA LEU D 527 7.28 -18.26 -16.96
C LEU D 527 7.15 -17.98 -15.48
N VAL D 528 7.76 -16.93 -14.98
CA VAL D 528 7.67 -16.64 -13.56
C VAL D 528 6.44 -15.81 -13.28
N CYS D 529 5.73 -15.42 -14.34
CA CYS D 529 4.49 -14.67 -14.18
C CYS D 529 3.40 -15.50 -13.51
N GLU D 530 3.45 -16.82 -13.68
CA GLU D 530 2.54 -17.70 -12.97
C GLU D 530 2.77 -17.63 -11.47
N ALA D 531 4.03 -17.72 -11.04
CA ALA D 531 4.33 -17.65 -9.62
C ALA D 531 4.13 -16.25 -9.08
N PHE D 532 4.30 -15.25 -9.93
CA PHE D 532 4.10 -13.88 -9.49
C PHE D 532 2.65 -13.46 -9.49
N ASN D 533 1.78 -14.27 -10.10
CA ASN D 533 0.42 -13.90 -10.48
C ASN D 533 0.43 -12.59 -11.25
N ALA D 534 1.23 -12.50 -12.31
CA ALA D 534 1.56 -11.21 -12.88
C ALA D 534 0.87 -10.97 -14.20
N ASP D 535 0.65 -9.69 -14.49
CA ASP D 535 0.09 -9.24 -15.75
C ASP D 535 0.80 -7.95 -16.17
N PHE D 536 0.97 -7.78 -17.47
CA PHE D 536 1.67 -6.62 -18.00
C PHE D 536 0.79 -5.39 -18.09
N ASP D 537 0.26 -4.93 -16.95
CA ASP D 537 -0.66 -3.82 -16.91
C ASP D 537 -0.02 -2.53 -16.44
N GLY D 538 1.15 -2.62 -15.83
CA GLY D 538 1.67 -1.48 -15.10
C GLY D 538 1.89 -1.78 -13.64
N ASP D 539 2.29 -3.01 -13.33
CA ASP D 539 2.58 -3.35 -11.96
C ASP D 539 3.97 -2.83 -11.57
N GLN D 540 4.34 -3.06 -10.32
CA GLN D 540 5.67 -2.76 -9.85
C GLN D 540 6.32 -4.06 -9.42
N MET D 541 7.65 -4.09 -9.44
CA MET D 541 8.39 -5.12 -8.73
C MET D 541 9.57 -4.54 -7.99
N ALA D 542 9.93 -5.20 -6.89
CA ALA D 542 10.95 -4.71 -5.96
C ALA D 542 12.31 -5.31 -6.27
N VAL D 543 13.34 -4.78 -5.61
CA VAL D 543 14.72 -5.19 -5.81
C VAL D 543 15.31 -5.54 -4.45
N HIS D 544 16.02 -6.66 -4.37
CA HIS D 544 16.81 -6.98 -3.19
C HIS D 544 18.15 -7.57 -3.57
N LEU D 545 19.10 -7.44 -2.65
CA LEU D 545 20.50 -7.70 -2.92
C LEU D 545 21.23 -8.13 -1.66
N PRO D 546 21.80 -9.33 -1.62
CA PRO D 546 22.67 -9.69 -0.51
C PRO D 546 24.08 -9.18 -0.76
N LEU D 547 24.84 -9.10 0.33
CA LEU D 547 26.24 -8.71 0.27
C LEU D 547 27.14 -9.78 0.86
N SER D 548 26.72 -10.41 1.96
CA SER D 548 27.48 -11.50 2.52
C SER D 548 27.38 -12.71 1.58
N ALA D 549 28.54 -13.33 1.34
CA ALA D 549 28.62 -14.37 0.32
C ALA D 549 27.92 -15.64 0.77
N GLU D 550 27.71 -15.78 2.07
CA GLU D 550 26.87 -16.86 2.59
C GLU D 550 25.47 -16.75 2.03
N ALA D 551 24.90 -15.55 2.11
CA ALA D 551 23.57 -15.31 1.55
C ALA D 551 23.59 -15.39 0.04
N GLN D 552 24.74 -15.08 -0.57
CA GLN D 552 24.86 -15.20 -2.01
C GLN D 552 24.84 -16.66 -2.44
N ALA D 553 25.40 -17.54 -1.61
CA ALA D 553 25.28 -18.97 -1.87
C ALA D 553 23.86 -19.44 -1.61
N GLU D 554 23.21 -18.88 -0.58
CA GLU D 554 21.80 -19.13 -0.32
C GLU D 554 20.95 -18.77 -1.53
N ALA D 555 21.34 -17.71 -2.23
CA ALA D 555 20.70 -17.40 -3.50
C ALA D 555 21.06 -18.43 -4.55
N ARG D 556 22.34 -18.70 -4.75
CA ARG D 556 22.76 -19.48 -5.90
C ARG D 556 22.46 -20.97 -5.78
N ILE D 557 21.94 -21.42 -4.65
CA ILE D 557 21.63 -22.83 -4.45
C ILE D 557 20.15 -23.04 -4.18
N LEU D 558 19.61 -22.31 -3.21
CA LEU D 558 18.21 -22.54 -2.86
C LEU D 558 17.27 -21.54 -3.53
N MET D 559 17.58 -20.26 -3.43
CA MET D 559 16.67 -19.22 -3.89
C MET D 559 16.75 -19.00 -5.39
N LEU D 560 17.63 -19.71 -6.08
CA LEU D 560 17.71 -19.59 -7.51
C LEU D 560 16.50 -20.23 -8.17
N SER D 561 15.92 -19.50 -9.13
CA SER D 561 14.68 -19.92 -9.77
C SER D 561 14.87 -21.14 -10.66
N SER D 562 16.12 -21.51 -10.93
CA SER D 562 16.45 -22.66 -11.76
C SER D 562 15.94 -23.97 -11.20
N ASN D 563 15.70 -24.04 -9.90
CA ASN D 563 15.45 -25.31 -9.27
C ASN D 563 14.16 -25.33 -8.46
N ASN D 564 13.41 -24.25 -8.47
CA ASN D 564 12.08 -24.24 -7.87
C ASN D 564 11.13 -24.29 -9.05
N ILE D 565 10.73 -25.51 -9.42
CA ILE D 565 9.98 -25.73 -10.65
C ILE D 565 8.59 -26.26 -10.36
N LEU D 566 8.47 -27.16 -9.39
CA LEU D 566 7.23 -27.83 -9.09
C LEU D 566 6.44 -27.08 -8.04
N SER D 567 5.22 -27.54 -7.81
CA SER D 567 4.46 -27.02 -6.69
C SER D 567 5.03 -27.55 -5.39
N PRO D 568 5.21 -26.70 -4.39
CA PRO D 568 5.38 -27.19 -3.02
C PRO D 568 4.09 -27.74 -2.45
N ALA D 569 2.95 -27.51 -3.10
CA ALA D 569 1.66 -27.94 -2.58
C ALA D 569 1.13 -29.20 -3.26
N SER D 570 1.49 -29.43 -4.52
CA SER D 570 0.95 -30.58 -5.26
C SER D 570 1.97 -31.34 -6.06
N GLY D 571 3.10 -30.74 -6.39
CA GLY D 571 4.07 -31.40 -7.23
C GLY D 571 3.87 -31.20 -8.72
N ARG D 572 2.82 -30.52 -9.13
CA ARG D 572 2.73 -30.12 -10.52
C ARG D 572 3.67 -28.95 -10.72
N PRO D 573 4.16 -28.73 -11.94
CA PRO D 573 5.04 -27.59 -12.18
C PRO D 573 4.30 -26.26 -12.14
N LEU D 574 5.10 -25.19 -12.13
CA LEU D 574 4.60 -23.84 -12.25
C LEU D 574 5.07 -23.12 -13.49
N ALA D 575 6.31 -23.32 -13.91
CA ALA D 575 6.81 -22.79 -15.18
C ALA D 575 6.38 -23.63 -16.37
N MET D 576 5.45 -24.56 -16.16
CA MET D 576 4.73 -25.20 -17.24
C MET D 576 4.11 -24.13 -18.14
N PRO D 577 4.34 -24.22 -19.44
CA PRO D 577 3.95 -23.15 -20.36
C PRO D 577 2.44 -22.94 -20.45
N ARG D 578 2.05 -21.88 -21.12
CA ARG D 578 0.67 -21.44 -21.08
C ARG D 578 0.35 -20.79 -22.41
N LEU D 579 -0.69 -19.94 -22.40
CA LEU D 579 -1.62 -19.60 -23.46
C LEU D 579 -1.05 -19.59 -24.87
N ASP D 580 0.02 -18.85 -25.07
CA ASP D 580 0.53 -18.71 -26.42
C ASP D 580 1.42 -19.88 -26.80
N MET D 581 2.16 -20.41 -25.84
CA MET D 581 2.86 -21.66 -26.09
C MET D 581 1.88 -22.80 -26.26
N VAL D 582 0.77 -22.76 -25.55
CA VAL D 582 -0.27 -23.76 -25.68
C VAL D 582 -0.86 -23.75 -27.08
N THR D 583 -1.26 -22.58 -27.58
CA THR D 583 -1.81 -22.54 -28.92
C THR D 583 -0.74 -22.78 -29.97
N GLY D 584 0.52 -22.49 -29.65
CA GLY D 584 1.59 -22.81 -30.59
C GLY D 584 1.77 -24.30 -30.76
N LEU D 585 1.88 -25.02 -29.65
CA LEU D 585 2.07 -26.46 -29.74
C LEU D 585 0.80 -27.15 -30.22
N TYR D 586 -0.35 -26.56 -29.89
CA TYR D 586 -1.61 -27.18 -30.25
C TYR D 586 -1.86 -27.07 -31.73
N TYR D 587 -1.58 -25.90 -32.31
CA TYR D 587 -1.61 -25.79 -33.76
C TYR D 587 -0.54 -26.64 -34.41
N LEU D 588 0.63 -26.71 -33.80
CA LEU D 588 1.75 -27.36 -34.44
C LEU D 588 1.62 -28.87 -34.40
N THR D 589 0.78 -29.39 -33.52
CA THR D 589 0.68 -30.83 -33.34
C THR D 589 -0.70 -31.38 -33.62
N THR D 590 -1.65 -30.53 -34.01
CA THR D 590 -2.96 -31.06 -34.38
C THR D 590 -2.87 -31.78 -35.71
N GLU D 591 -3.84 -32.64 -35.95
CA GLU D 591 -3.76 -33.60 -37.04
C GLU D 591 -4.90 -33.39 -38.02
N VAL D 592 -4.55 -33.09 -39.27
CA VAL D 592 -5.55 -32.74 -40.27
C VAL D 592 -5.46 -33.70 -41.46
N PRO D 593 -6.52 -34.42 -41.78
CA PRO D 593 -6.51 -35.25 -42.98
C PRO D 593 -6.76 -34.41 -44.22
N GLY D 594 -6.58 -35.03 -45.38
CA GLY D 594 -6.79 -34.36 -46.65
C GLY D 594 -5.75 -33.31 -46.99
N ASP D 595 -4.59 -33.34 -46.36
CA ASP D 595 -3.58 -32.32 -46.56
C ASP D 595 -2.82 -32.58 -47.86
N THR D 596 -2.09 -31.56 -48.29
CA THR D 596 -1.36 -31.62 -49.55
C THR D 596 -0.15 -32.54 -49.43
N GLY D 597 -0.03 -33.45 -50.40
CA GLY D 597 1.10 -34.35 -50.45
C GLY D 597 1.09 -35.43 -49.39
N GLU D 598 -0.05 -35.65 -48.75
CA GLU D 598 -0.16 -36.61 -47.67
C GLU D 598 -0.05 -38.04 -48.24
N TYR D 599 0.33 -38.97 -47.37
CA TYR D 599 0.64 -40.36 -47.72
C TYR D 599 -0.55 -41.02 -48.39
N GLN D 600 -0.41 -41.27 -49.67
CA GLN D 600 -1.46 -41.46 -50.64
C GLN D 600 -2.16 -42.82 -50.62
N PRO D 601 -1.44 -43.91 -50.29
CA PRO D 601 -1.28 -45.00 -51.25
C PRO D 601 -2.52 -45.47 -52.00
N ALA D 602 -2.39 -45.46 -53.32
CA ALA D 602 -3.40 -45.89 -54.27
C ALA D 602 -2.73 -46.68 -55.38
N SER D 603 -1.87 -47.60 -54.98
CA SER D 603 -0.92 -48.21 -55.90
C SER D 603 -1.60 -49.16 -56.88
N GLY D 604 -1.04 -49.21 -58.08
CA GLY D 604 -1.66 -49.85 -59.21
C GLY D 604 -1.40 -48.99 -60.43
N ASP D 605 -1.11 -47.72 -60.18
CA ASP D 605 -0.74 -46.78 -61.23
C ASP D 605 0.51 -45.98 -60.90
N HIS D 606 0.91 -45.92 -59.63
CA HIS D 606 2.02 -45.13 -59.11
C HIS D 606 2.25 -45.68 -57.71
N PRO D 607 3.42 -45.48 -57.08
CA PRO D 607 3.64 -46.07 -55.75
C PRO D 607 2.86 -45.42 -54.62
N GLU D 608 3.19 -45.82 -53.38
CA GLU D 608 2.45 -45.35 -52.21
C GLU D 608 2.64 -43.86 -51.97
N THR D 609 3.86 -43.37 -52.22
CA THR D 609 4.25 -41.94 -52.22
C THR D 609 3.96 -41.24 -50.89
N GLY D 610 4.57 -41.71 -49.81
CA GLY D 610 4.57 -40.95 -48.58
C GLY D 610 5.85 -41.18 -47.80
N VAL D 611 6.91 -41.54 -48.50
CA VAL D 611 8.12 -42.06 -47.87
C VAL D 611 9.27 -41.09 -48.09
N TYR D 612 10.03 -40.82 -47.03
CA TYR D 612 11.15 -39.89 -47.06
C TYR D 612 12.26 -40.41 -46.16
N SER D 613 13.49 -40.23 -46.60
CA SER D 613 14.63 -40.82 -45.89
C SER D 613 14.96 -40.06 -44.62
N SER D 614 15.25 -38.78 -44.73
CA SER D 614 15.75 -38.05 -43.58
C SER D 614 14.69 -37.05 -43.12
N PRO D 615 14.73 -36.59 -41.88
CA PRO D 615 13.80 -35.51 -41.49
C PRO D 615 14.10 -34.21 -42.20
N ALA D 616 15.37 -33.93 -42.44
CA ALA D 616 15.76 -32.67 -43.08
C ALA D 616 15.32 -32.65 -44.54
N GLU D 617 15.25 -33.83 -45.16
CA GLU D 617 14.57 -33.99 -46.44
C GLU D 617 13.16 -33.45 -46.38
N ALA D 618 12.41 -33.86 -45.36
CA ALA D 618 11.03 -33.42 -45.22
C ALA D 618 10.96 -31.94 -44.87
N ILE D 619 12.00 -31.41 -44.23
CA ILE D 619 12.10 -29.98 -44.04
C ILE D 619 12.23 -29.28 -45.39
N MET D 620 13.09 -29.82 -46.26
CA MET D 620 13.37 -29.18 -47.54
C MET D 620 12.15 -29.22 -48.45
N ALA D 621 11.56 -30.40 -48.61
CA ALA D 621 10.34 -30.54 -49.39
C ALA D 621 9.18 -29.79 -48.77
N ALA D 622 9.17 -29.66 -47.45
CA ALA D 622 8.19 -28.82 -46.80
C ALA D 622 8.41 -27.36 -47.11
N ASP D 623 9.65 -26.96 -47.34
CA ASP D 623 9.91 -25.55 -47.59
C ASP D 623 9.65 -25.19 -49.04
N ARG D 624 9.65 -26.19 -49.91
CA ARG D 624 8.95 -26.02 -51.17
C ARG D 624 7.46 -26.15 -50.89
N GLY D 625 6.63 -25.50 -51.70
CA GLY D 625 5.22 -25.52 -51.47
C GLY D 625 4.49 -26.83 -51.75
N VAL D 626 5.19 -27.87 -52.20
CA VAL D 626 4.53 -29.12 -52.54
C VAL D 626 4.17 -29.90 -51.29
N LEU D 627 5.16 -30.26 -50.49
CA LEU D 627 4.92 -30.99 -49.26
C LEU D 627 4.34 -30.03 -48.24
N SER D 628 3.22 -30.40 -47.65
CA SER D 628 2.56 -29.59 -46.65
C SER D 628 2.94 -30.03 -45.25
N VAL D 629 2.91 -29.07 -44.32
CA VAL D 629 3.47 -29.23 -42.98
C VAL D 629 2.71 -30.25 -42.14
N ARG D 630 1.39 -30.22 -42.20
CA ARG D 630 0.54 -30.85 -41.20
C ARG D 630 -0.01 -32.18 -41.70
N ALA D 631 0.71 -32.84 -42.60
CA ALA D 631 0.22 -34.00 -43.31
C ALA D 631 0.79 -35.28 -42.72
N LYS D 632 0.01 -36.36 -42.78
CA LYS D 632 0.50 -37.65 -42.35
C LYS D 632 1.46 -38.23 -43.38
N ILE D 633 2.68 -38.48 -42.96
CA ILE D 633 3.73 -38.96 -43.82
C ILE D 633 4.49 -40.07 -43.10
N LYS D 634 5.36 -40.74 -43.83
CA LYS D 634 6.12 -41.86 -43.29
C LYS D 634 7.60 -41.59 -43.52
N VAL D 635 8.37 -41.60 -42.44
CA VAL D 635 9.82 -41.56 -42.54
C VAL D 635 10.40 -42.66 -41.68
N ARG D 636 11.72 -42.70 -41.58
CA ARG D 636 12.43 -43.60 -40.69
C ARG D 636 13.40 -42.75 -39.86
N LEU D 637 13.32 -42.91 -38.54
CA LEU D 637 14.07 -42.02 -37.66
C LEU D 637 15.34 -42.68 -37.18
N THR D 638 16.46 -41.99 -37.36
CA THR D 638 17.76 -42.55 -37.05
C THR D 638 18.36 -41.95 -35.79
N GLN D 639 17.64 -41.07 -35.11
CA GLN D 639 18.18 -40.42 -33.92
C GLN D 639 17.22 -40.46 -32.74
N LEU D 640 15.96 -40.83 -32.95
CA LEU D 640 14.95 -40.69 -31.92
C LEU D 640 14.38 -42.05 -31.58
N ARG D 641 13.68 -42.13 -30.46
CA ARG D 641 13.33 -43.40 -29.88
C ARG D 641 11.86 -43.72 -30.08
N PRO D 642 11.50 -44.87 -30.61
CA PRO D 642 10.10 -45.23 -30.76
C PRO D 642 9.51 -45.62 -29.42
N PRO D 643 8.19 -45.71 -29.29
CA PRO D 643 7.60 -46.17 -28.03
C PRO D 643 7.83 -47.64 -27.78
N VAL D 644 7.24 -48.10 -26.67
CA VAL D 644 7.63 -49.35 -26.02
C VAL D 644 7.30 -50.55 -26.91
N GLU D 645 6.13 -50.51 -27.53
CA GLU D 645 5.65 -51.66 -28.29
C GLU D 645 6.48 -51.88 -29.53
N ILE D 646 7.00 -50.81 -30.12
CA ILE D 646 7.71 -50.92 -31.39
C ILE D 646 9.12 -51.46 -31.16
N GLU D 647 9.90 -50.78 -30.31
CA GLU D 647 11.26 -51.23 -30.09
C GLU D 647 11.32 -52.45 -29.18
N ALA D 648 10.18 -52.82 -28.57
CA ALA D 648 10.07 -54.12 -27.92
C ALA D 648 10.20 -55.25 -28.93
N GLU D 649 9.38 -55.23 -29.98
CA GLU D 649 9.45 -56.29 -30.98
C GLU D 649 10.64 -56.12 -31.92
N LEU D 650 11.14 -54.89 -32.09
CA LEU D 650 12.34 -54.72 -32.90
C LEU D 650 13.57 -55.22 -32.18
N PHE D 651 13.72 -54.87 -30.91
CA PHE D 651 14.96 -55.14 -30.19
C PHE D 651 14.76 -56.11 -29.04
N GLY D 652 13.86 -55.82 -28.10
CA GLY D 652 13.70 -56.65 -26.93
C GLY D 652 14.70 -56.33 -25.84
N HIS D 653 15.98 -56.46 -26.15
CA HIS D 653 17.02 -56.24 -25.15
C HIS D 653 17.21 -54.76 -24.86
N SER D 654 17.37 -53.94 -25.91
CA SER D 654 17.62 -52.51 -25.75
C SER D 654 17.27 -51.83 -27.06
N GLY D 655 16.31 -50.91 -27.02
CA GLY D 655 15.97 -50.11 -28.17
C GLY D 655 16.74 -48.80 -28.21
N TRP D 656 18.06 -48.91 -28.04
CA TRP D 656 18.96 -47.77 -28.15
C TRP D 656 18.85 -47.14 -29.52
N GLN D 657 18.77 -45.82 -29.53
CA GLN D 657 18.61 -45.07 -30.78
C GLN D 657 19.60 -43.92 -30.97
N PRO D 658 20.94 -44.18 -30.97
CA PRO D 658 21.81 -43.27 -31.72
C PRO D 658 21.90 -43.55 -33.22
N GLY D 659 21.89 -44.81 -33.65
CA GLY D 659 22.28 -45.09 -35.01
C GLY D 659 21.53 -46.16 -35.76
N ASP D 660 20.30 -46.45 -35.35
CA ASP D 660 19.49 -47.48 -35.96
C ASP D 660 18.07 -46.97 -36.19
N ALA D 661 17.49 -47.33 -37.32
CA ALA D 661 16.27 -46.68 -37.77
C ALA D 661 15.04 -47.55 -37.62
N TRP D 662 13.87 -46.92 -37.81
CA TRP D 662 12.59 -47.57 -37.58
C TRP D 662 11.52 -46.70 -38.25
N MET D 663 10.62 -47.36 -38.98
CA MET D 663 9.60 -46.64 -39.73
C MET D 663 8.51 -46.13 -38.81
N ALA D 664 7.77 -45.11 -39.27
CA ALA D 664 6.68 -44.53 -38.50
C ALA D 664 5.72 -43.85 -39.44
N GLU D 665 4.61 -43.36 -38.90
CA GLU D 665 3.64 -42.58 -39.66
C GLU D 665 3.02 -41.49 -38.78
N THR D 666 3.54 -40.28 -38.88
CA THR D 666 3.02 -39.12 -38.14
C THR D 666 3.00 -37.92 -39.06
N THR D 667 2.88 -36.75 -38.45
CA THR D 667 3.11 -35.48 -39.12
C THR D 667 4.47 -34.92 -38.72
N LEU D 668 4.93 -33.96 -39.51
CA LEU D 668 6.25 -33.37 -39.33
C LEU D 668 6.34 -32.55 -38.05
N GLY D 669 5.22 -32.03 -37.57
CA GLY D 669 5.27 -31.17 -36.40
C GLY D 669 5.66 -31.91 -35.14
N ARG D 670 5.14 -33.13 -34.99
CA ARG D 670 5.51 -33.92 -33.83
C ARG D 670 6.93 -34.42 -33.94
N VAL D 671 7.45 -34.51 -35.16
CA VAL D 671 8.83 -34.88 -35.37
C VAL D 671 9.75 -33.85 -34.76
N MET D 672 9.64 -32.60 -35.21
CA MET D 672 10.50 -31.55 -34.66
C MET D 672 10.12 -31.21 -33.23
N PHE D 673 8.92 -31.59 -32.81
CA PHE D 673 8.63 -31.56 -31.38
C PHE D 673 9.57 -32.49 -30.62
N ASN D 674 9.60 -33.77 -31.01
CA ASN D 674 10.40 -34.71 -30.24
C ASN D 674 11.89 -34.58 -30.55
N GLU D 675 12.26 -33.79 -31.55
CA GLU D 675 13.65 -33.38 -31.68
C GLU D 675 14.08 -32.49 -30.53
N LEU D 676 13.17 -31.70 -29.97
CA LEU D 676 13.51 -30.88 -28.82
C LEU D 676 13.57 -31.69 -27.55
N LEU D 677 13.01 -32.89 -27.56
CA LEU D 677 13.04 -33.75 -26.40
C LEU D 677 14.44 -34.32 -26.18
N PRO D 678 14.77 -34.77 -24.97
CA PRO D 678 16.05 -35.44 -24.75
C PRO D 678 16.15 -36.74 -25.52
N LEU D 679 17.40 -37.18 -25.69
CA LEU D 679 17.69 -38.28 -26.59
C LEU D 679 17.18 -39.61 -26.04
N GLY D 680 17.20 -39.76 -24.73
CA GLY D 680 16.84 -41.04 -24.15
C GLY D 680 15.35 -41.29 -24.11
N TYR D 681 14.56 -40.26 -24.34
CA TYR D 681 13.14 -40.39 -24.09
C TYR D 681 12.42 -40.84 -25.36
N PRO D 682 11.45 -41.72 -25.25
CA PRO D 682 10.78 -42.24 -26.45
C PRO D 682 9.78 -41.28 -27.06
N PHE D 683 9.07 -41.75 -28.08
CA PHE D 683 8.16 -40.91 -28.85
C PHE D 683 6.87 -40.73 -28.07
N VAL D 684 5.99 -39.85 -28.56
CA VAL D 684 4.69 -39.59 -27.94
C VAL D 684 3.55 -39.88 -28.91
N ASN D 685 3.46 -39.12 -30.01
CA ASN D 685 2.44 -39.24 -31.06
C ASN D 685 1.03 -39.09 -30.49
N LYS D 686 0.76 -37.94 -29.90
CA LYS D 686 -0.59 -37.53 -29.56
C LYS D 686 -0.74 -36.04 -29.82
N GLN D 687 -1.97 -35.56 -29.82
CA GLN D 687 -2.21 -34.12 -29.87
C GLN D 687 -1.90 -33.54 -28.51
N MET D 688 -1.33 -32.33 -28.49
CA MET D 688 -0.77 -31.78 -27.27
C MET D 688 -1.85 -31.04 -26.50
N HIS D 689 -2.15 -31.56 -25.32
CA HIS D 689 -2.99 -30.83 -24.39
C HIS D 689 -2.14 -30.38 -23.20
N LYS D 690 -2.65 -29.37 -22.50
CA LYS D 690 -1.99 -28.85 -21.30
C LYS D 690 -1.84 -29.93 -20.24
N LYS D 691 -2.84 -30.79 -20.12
CA LYS D 691 -2.75 -31.92 -19.22
C LYS D 691 -1.73 -32.93 -19.71
N VAL D 692 -1.66 -33.11 -21.03
CA VAL D 692 -0.71 -34.06 -21.60
C VAL D 692 0.71 -33.59 -21.38
N GLN D 693 0.97 -32.30 -21.62
CA GLN D 693 2.29 -31.75 -21.40
C GLN D 693 2.61 -31.70 -19.92
N ALA D 694 1.59 -31.55 -19.09
CA ALA D 694 1.75 -31.67 -17.65
C ALA D 694 2.24 -33.06 -17.28
N ALA D 695 1.73 -34.08 -17.96
CA ALA D 695 2.23 -35.43 -17.73
C ALA D 695 3.65 -35.58 -18.24
N ILE D 696 3.99 -34.88 -19.32
CA ILE D 696 5.32 -34.96 -19.88
C ILE D 696 6.34 -34.36 -18.93
N ILE D 697 6.07 -33.15 -18.45
CA ILE D 697 6.93 -32.50 -17.48
C ILE D 697 6.93 -33.27 -16.17
N ASN D 698 5.83 -33.98 -15.89
CA ASN D 698 5.78 -34.81 -14.70
C ASN D 698 6.77 -35.95 -14.78
N ASP D 699 6.74 -36.72 -15.88
CA ASP D 699 7.62 -37.87 -16.01
C ASP D 699 9.07 -37.45 -16.12
N LEU D 700 9.34 -36.42 -16.92
CA LEU D 700 10.71 -35.95 -17.08
C LEU D 700 11.23 -35.32 -15.80
N ALA D 701 10.33 -34.74 -15.01
CA ALA D 701 10.68 -34.28 -13.68
C ALA D 701 11.00 -35.44 -12.75
N GLU D 702 10.35 -36.59 -12.94
CA GLU D 702 10.65 -37.75 -12.12
C GLU D 702 12.01 -38.35 -12.44
N ARG D 703 12.17 -38.82 -13.67
CA ARG D 703 13.25 -39.76 -13.94
C ARG D 703 14.55 -39.09 -14.38
N TYR D 704 14.69 -37.80 -14.21
CA TYR D 704 15.84 -37.13 -14.76
C TYR D 704 16.37 -36.05 -13.84
N PRO D 705 17.64 -35.66 -13.98
CA PRO D 705 18.15 -34.50 -13.25
C PRO D 705 17.56 -33.18 -13.72
N MET D 706 17.76 -32.14 -12.93
CA MET D 706 16.97 -30.93 -13.06
C MET D 706 17.42 -30.04 -14.21
N ILE D 707 18.71 -30.06 -14.56
CA ILE D 707 19.26 -29.05 -15.47
C ILE D 707 18.75 -29.20 -16.89
N VAL D 708 18.44 -30.41 -17.32
CA VAL D 708 17.98 -30.65 -18.69
C VAL D 708 16.60 -30.05 -18.90
N VAL D 709 15.81 -29.97 -17.82
CA VAL D 709 14.42 -29.58 -17.88
C VAL D 709 14.26 -28.17 -18.40
N ALA D 710 14.99 -27.22 -17.79
CA ALA D 710 14.84 -25.81 -18.13
C ALA D 710 15.35 -25.55 -19.54
N GLN D 711 16.39 -26.28 -19.95
CA GLN D 711 16.90 -26.24 -21.31
C GLN D 711 15.82 -26.62 -22.31
N THR D 712 15.15 -27.74 -22.04
CA THR D 712 14.11 -28.22 -22.92
C THR D 712 12.94 -27.25 -22.96
N VAL D 713 12.62 -26.66 -21.82
CA VAL D 713 11.50 -25.72 -21.74
C VAL D 713 11.78 -24.46 -22.54
N ASP D 714 13.00 -23.92 -22.44
CA ASP D 714 13.37 -22.74 -23.21
C ASP D 714 13.32 -23.00 -24.70
N LYS D 715 13.75 -24.20 -25.10
CA LYS D 715 13.58 -24.59 -26.50
C LYS D 715 12.10 -24.65 -26.87
N LEU D 716 11.26 -25.11 -25.94
CA LEU D 716 9.84 -25.23 -26.22
C LEU D 716 9.18 -23.88 -26.38
N LYS D 717 9.60 -22.87 -25.60
CA LYS D 717 8.99 -21.56 -25.80
C LYS D 717 9.53 -20.91 -27.07
N ASP D 718 10.74 -21.29 -27.48
CA ASP D 718 11.27 -20.77 -28.74
C ASP D 718 10.45 -21.27 -29.93
N ALA D 719 10.32 -22.60 -30.03
CA ALA D 719 9.56 -23.16 -31.14
C ALA D 719 8.08 -22.82 -31.01
N GLY D 720 7.60 -22.74 -29.77
CA GLY D 720 6.18 -22.46 -29.55
C GLY D 720 5.81 -21.05 -29.94
N PHE D 721 6.74 -20.12 -29.76
CA PHE D 721 6.52 -18.79 -30.33
C PHE D 721 6.63 -18.83 -31.84
N TYR D 722 7.58 -19.62 -32.36
CA TYR D 722 7.81 -19.67 -33.80
C TYR D 722 6.58 -20.14 -34.56
N TRP D 723 5.87 -21.12 -34.04
CA TRP D 723 4.67 -21.54 -34.71
C TRP D 723 3.45 -20.81 -34.18
N ALA D 724 3.56 -20.27 -32.98
CA ALA D 724 2.47 -19.48 -32.42
C ALA D 724 2.24 -18.23 -33.26
N THR D 725 3.31 -17.72 -33.88
CA THR D 725 3.15 -16.70 -34.92
C THR D 725 2.31 -17.21 -36.08
N ARG D 726 2.79 -18.24 -36.79
CA ARG D 726 2.19 -18.65 -38.05
C ARG D 726 0.87 -19.38 -37.89
N SER D 727 0.40 -19.58 -36.66
CA SER D 727 -0.86 -20.27 -36.46
C SER D 727 -2.04 -19.50 -37.03
N GLY D 728 -1.97 -18.17 -37.03
CA GLY D 728 -3.00 -17.37 -37.66
C GLY D 728 -4.30 -17.37 -36.91
N VAL D 729 -4.28 -16.83 -35.69
CA VAL D 729 -5.49 -16.75 -34.89
C VAL D 729 -5.91 -15.30 -34.78
N THR D 730 -6.97 -14.93 -35.49
CA THR D 730 -7.45 -13.57 -35.53
C THR D 730 -8.82 -13.49 -34.86
N VAL D 731 -9.38 -12.29 -34.86
CA VAL D 731 -10.74 -12.04 -34.39
C VAL D 731 -11.36 -11.06 -35.38
N SER D 732 -12.45 -11.47 -36.03
CA SER D 732 -13.23 -10.54 -36.83
C SER D 732 -14.65 -10.54 -36.31
N MET D 733 -15.44 -9.57 -36.79
CA MET D 733 -16.86 -9.61 -36.54
C MET D 733 -17.53 -10.79 -37.22
N ALA D 734 -17.01 -11.21 -38.37
CA ALA D 734 -17.53 -12.37 -39.07
C ALA D 734 -17.16 -13.67 -38.40
N ASP D 735 -16.10 -13.66 -37.59
CA ASP D 735 -15.69 -14.85 -36.85
C ASP D 735 -16.71 -15.27 -35.82
N VAL D 736 -17.38 -14.32 -35.17
CA VAL D 736 -18.44 -14.64 -34.23
C VAL D 736 -19.68 -14.88 -35.08
N LEU D 737 -20.03 -16.15 -35.23
CA LEU D 737 -21.16 -16.52 -36.07
C LEU D 737 -22.46 -16.29 -35.34
N VAL D 738 -23.57 -16.49 -36.06
CA VAL D 738 -24.90 -16.30 -35.50
C VAL D 738 -25.56 -17.65 -35.28
N PRO D 739 -26.12 -17.90 -34.11
CA PRO D 739 -26.98 -19.08 -33.93
C PRO D 739 -28.24 -18.97 -34.76
N PRO D 740 -28.44 -19.91 -35.70
CA PRO D 740 -29.47 -19.70 -36.72
C PRO D 740 -30.91 -19.79 -36.22
N ARG D 741 -31.30 -20.84 -35.52
CA ARG D 741 -32.71 -21.03 -35.18
C ARG D 741 -32.92 -20.88 -33.69
N LYS D 742 -32.15 -19.97 -33.09
CA LYS D 742 -32.25 -19.67 -31.67
C LYS D 742 -33.58 -18.99 -31.34
N LYS D 743 -34.14 -18.29 -32.34
CA LYS D 743 -35.36 -17.52 -32.15
C LYS D 743 -36.55 -18.38 -31.80
N GLU D 744 -36.69 -19.55 -32.43
CA GLU D 744 -37.85 -20.40 -32.16
C GLU D 744 -37.76 -21.03 -30.77
N ILE D 745 -36.54 -21.18 -30.26
CA ILE D 745 -36.36 -21.66 -28.90
C ILE D 745 -36.78 -20.58 -27.91
N LEU D 746 -36.34 -19.34 -28.17
CA LEU D 746 -36.79 -18.19 -27.39
C LEU D 746 -38.30 -18.06 -27.39
N ASP D 747 -38.93 -18.27 -28.55
CA ASP D 747 -40.37 -18.15 -28.67
C ASP D 747 -41.07 -19.26 -27.92
N HIS D 748 -40.53 -20.49 -28.00
CA HIS D 748 -41.06 -21.63 -27.27
C HIS D 748 -41.10 -21.37 -25.77
N TYR D 749 -39.97 -20.94 -25.21
CA TYR D 749 -39.99 -20.62 -23.79
C TYR D 749 -40.73 -19.33 -23.49
N GLU D 750 -41.02 -18.51 -24.50
CA GLU D 750 -41.89 -17.36 -24.27
C GLU D 750 -43.35 -17.78 -24.15
N GLU D 751 -43.79 -18.79 -24.89
CA GLU D 751 -45.15 -19.28 -24.66
C GLU D 751 -45.23 -19.99 -23.33
N ARG D 752 -44.16 -20.68 -22.95
CA ARG D 752 -44.15 -21.34 -21.64
C ARG D 752 -44.22 -20.32 -20.50
N ALA D 753 -43.35 -19.31 -20.53
CA ALA D 753 -43.34 -18.30 -19.48
C ALA D 753 -44.59 -17.43 -19.52
N ASP D 754 -45.20 -17.28 -20.69
CA ASP D 754 -46.45 -16.54 -20.79
C ASP D 754 -47.60 -17.29 -20.14
N LYS D 755 -47.64 -18.62 -20.34
CA LYS D 755 -48.64 -19.43 -19.66
C LYS D 755 -48.44 -19.39 -18.16
N VAL D 756 -47.19 -19.48 -17.71
CA VAL D 756 -46.88 -19.48 -16.28
C VAL D 756 -47.27 -18.15 -15.63
N GLU D 757 -46.86 -17.05 -16.26
CA GLU D 757 -47.16 -15.74 -15.68
C GLU D 757 -48.64 -15.38 -15.81
N LYS D 758 -49.33 -15.94 -16.81
CA LYS D 758 -50.78 -15.85 -16.85
C LYS D 758 -51.40 -16.57 -15.65
N GLN D 759 -50.84 -17.73 -15.30
CA GLN D 759 -51.36 -18.48 -14.16
C GLN D 759 -51.05 -17.78 -12.84
N PHE D 760 -50.00 -16.96 -12.81
CA PHE D 760 -49.76 -16.14 -11.63
C PHE D 760 -50.70 -14.94 -11.60
N GLN D 761 -50.99 -14.38 -12.77
CA GLN D 761 -51.90 -13.24 -12.87
C GLN D 761 -53.31 -13.63 -12.46
N ARG D 762 -53.72 -14.86 -12.74
CA ARG D 762 -55.02 -15.33 -12.27
C ARG D 762 -55.02 -15.49 -10.76
N GLY D 763 -53.86 -15.79 -10.18
CA GLY D 763 -53.77 -16.02 -8.76
C GLY D 763 -53.83 -17.51 -8.47
N ALA D 764 -53.54 -18.33 -9.49
CA ALA D 764 -53.53 -19.77 -9.31
C ALA D 764 -52.32 -20.22 -8.50
N LEU D 765 -51.28 -19.41 -8.46
CA LEU D 765 -50.09 -19.67 -7.65
C LEU D 765 -49.51 -18.36 -7.16
N ASN D 766 -48.64 -18.45 -6.16
CA ASN D 766 -48.13 -17.25 -5.52
C ASN D 766 -46.83 -16.78 -6.17
N HIS D 767 -46.14 -15.90 -5.46
CA HIS D 767 -45.02 -15.14 -6.00
C HIS D 767 -43.78 -16.03 -6.22
N ASP D 768 -43.37 -16.73 -5.17
CA ASP D 768 -42.08 -17.42 -5.20
C ASP D 768 -42.13 -18.65 -6.10
N GLU D 769 -43.32 -19.24 -6.26
CA GLU D 769 -43.44 -20.46 -7.04
C GLU D 769 -43.27 -20.16 -8.53
N ARG D 770 -43.93 -19.10 -9.01
CA ARG D 770 -43.72 -18.70 -10.40
C ARG D 770 -42.34 -18.13 -10.59
N ASN D 771 -41.80 -17.50 -9.54
CA ASN D 771 -40.42 -17.01 -9.58
C ASN D 771 -39.45 -18.15 -9.86
N GLU D 772 -39.53 -19.22 -9.08
CA GLU D 772 -38.67 -20.38 -9.26
C GLU D 772 -38.98 -21.10 -10.57
N ALA D 773 -40.24 -21.06 -11.00
CA ALA D 773 -40.61 -21.65 -12.29
C ALA D 773 -39.90 -20.94 -13.44
N LEU D 774 -39.85 -19.61 -13.37
CA LEU D 774 -39.09 -18.84 -14.37
C LEU D 774 -37.61 -19.15 -14.28
N VAL D 775 -37.10 -19.36 -13.07
CA VAL D 775 -35.69 -19.73 -12.89
C VAL D 775 -35.37 -21.02 -13.62
N GLU D 776 -36.15 -22.07 -13.36
CA GLU D 776 -35.87 -23.37 -13.95
C GLU D 776 -36.08 -23.39 -15.46
N ILE D 777 -37.16 -22.76 -15.91
CA ILE D 777 -37.49 -22.78 -17.34
C ILE D 777 -36.45 -22.00 -18.15
N TRP D 778 -36.05 -20.83 -17.66
CA TRP D 778 -35.06 -20.07 -18.41
C TRP D 778 -33.66 -20.67 -18.30
N LYS D 779 -33.37 -21.38 -17.22
CA LYS D 779 -32.13 -22.16 -17.18
C LYS D 779 -32.13 -23.28 -18.21
N GLU D 780 -33.30 -23.90 -18.43
CA GLU D 780 -33.38 -24.93 -19.47
C GLU D 780 -33.19 -24.32 -20.86
N ALA D 781 -33.72 -23.11 -21.07
CA ALA D 781 -33.46 -22.39 -22.31
C ALA D 781 -31.98 -22.11 -22.50
N THR D 782 -31.30 -21.76 -21.40
CA THR D 782 -29.87 -21.52 -21.43
C THR D 782 -29.10 -22.79 -21.80
N ASP D 783 -29.57 -23.92 -21.28
CA ASP D 783 -28.88 -25.19 -21.56
C ASP D 783 -29.05 -25.58 -23.02
N GLU D 784 -30.25 -25.42 -23.56
CA GLU D 784 -30.48 -25.76 -24.96
C GLU D 784 -29.69 -24.86 -25.89
N VAL D 785 -29.64 -23.56 -25.61
CA VAL D 785 -28.91 -22.67 -26.51
C VAL D 785 -27.40 -22.91 -26.38
N GLY D 786 -26.97 -23.42 -25.22
CA GLY D 786 -25.57 -23.83 -25.10
C GLY D 786 -25.26 -25.03 -25.96
N GLN D 787 -26.10 -26.07 -25.90
CA GLN D 787 -25.83 -27.30 -26.64
C GLN D 787 -25.92 -27.09 -28.14
N ALA D 788 -26.94 -26.37 -28.59
CA ALA D 788 -27.05 -26.04 -30.01
C ALA D 788 -25.93 -25.12 -30.44
N LEU D 789 -25.46 -24.26 -29.53
CA LEU D 789 -24.37 -23.34 -29.83
C LEU D 789 -23.08 -24.08 -30.12
N ARG D 790 -22.69 -25.01 -29.25
CA ARG D 790 -21.47 -25.75 -29.52
C ARG D 790 -21.67 -26.73 -30.68
N GLU D 791 -22.89 -27.21 -30.85
CA GLU D 791 -23.16 -28.16 -31.91
C GLU D 791 -23.07 -27.50 -33.29
N HIS D 792 -23.32 -26.20 -33.36
CA HIS D 792 -23.36 -25.55 -34.67
C HIS D 792 -21.96 -25.35 -35.26
N TYR D 793 -20.95 -25.13 -34.42
CA TYR D 793 -19.69 -24.61 -34.92
C TYR D 793 -18.82 -25.69 -35.55
N PRO D 794 -18.04 -25.35 -36.57
CA PRO D 794 -16.93 -26.21 -36.98
C PRO D 794 -15.78 -26.07 -36.01
N ASP D 795 -14.82 -26.99 -36.15
CA ASP D 795 -13.71 -27.02 -35.21
C ASP D 795 -12.57 -26.10 -35.61
N ASP D 796 -12.52 -25.63 -36.85
CA ASP D 796 -11.46 -24.74 -37.29
C ASP D 796 -11.75 -23.27 -37.02
N ASN D 797 -12.78 -22.98 -36.24
CA ASN D 797 -12.94 -21.64 -35.69
C ASN D 797 -11.77 -21.35 -34.75
N PRO D 798 -11.03 -20.27 -34.95
CA PRO D 798 -9.96 -19.94 -34.00
C PRO D 798 -10.49 -19.56 -32.63
N ILE D 799 -11.75 -19.13 -32.55
CA ILE D 799 -12.36 -18.76 -31.29
C ILE D 799 -12.48 -19.93 -30.35
N ILE D 800 -13.08 -21.02 -30.79
CA ILE D 800 -13.23 -22.20 -29.96
C ILE D 800 -11.90 -22.89 -29.70
N THR D 801 -10.91 -22.73 -30.61
CA THR D 801 -9.65 -23.46 -30.58
C THR D 801 -8.85 -23.16 -29.32
N ILE D 802 -9.03 -21.96 -28.77
CA ILE D 802 -8.41 -21.58 -27.50
C ILE D 802 -8.86 -22.51 -26.38
N VAL D 803 -10.16 -22.67 -26.20
CA VAL D 803 -10.67 -23.49 -25.11
C VAL D 803 -10.66 -24.97 -25.50
N ASP D 804 -10.59 -25.24 -26.81
CA ASP D 804 -10.32 -26.60 -27.27
C ASP D 804 -8.96 -27.08 -26.79
N SER D 805 -7.98 -26.18 -26.77
CA SER D 805 -6.69 -26.42 -26.15
C SER D 805 -6.75 -26.31 -24.64
N GLY D 806 -7.82 -25.73 -24.11
CA GLY D 806 -7.95 -25.51 -22.69
C GLY D 806 -7.02 -24.42 -22.20
N ALA D 807 -6.86 -23.38 -23.01
CA ALA D 807 -5.93 -22.31 -22.66
C ALA D 807 -6.50 -21.42 -21.55
N THR D 808 -7.58 -20.73 -21.82
CA THR D 808 -8.17 -19.85 -20.81
C THR D 808 -9.66 -19.73 -21.08
N GLY D 809 -10.41 -19.47 -20.00
CA GLY D 809 -11.85 -19.38 -20.08
C GLY D 809 -12.51 -20.72 -20.30
N ASN D 810 -13.82 -20.67 -20.49
CA ASN D 810 -14.59 -21.87 -20.80
C ASN D 810 -15.61 -21.53 -21.87
N PHE D 811 -16.45 -22.50 -22.18
CA PHE D 811 -17.42 -22.30 -23.24
C PHE D 811 -18.57 -21.43 -22.78
N THR D 812 -18.72 -21.25 -21.46
CA THR D 812 -19.75 -20.37 -20.94
C THR D 812 -19.45 -18.93 -21.30
N GLN D 813 -18.17 -18.58 -21.34
CA GLN D 813 -17.77 -17.25 -21.75
C GLN D 813 -18.08 -17.02 -23.22
N THR D 814 -18.00 -18.08 -24.02
CA THR D 814 -18.43 -17.99 -25.41
C THR D 814 -19.95 -17.80 -25.47
N ARG D 815 -20.68 -18.48 -24.58
CA ARG D 815 -22.13 -18.36 -24.56
C ARG D 815 -22.57 -16.96 -24.15
N THR D 816 -21.84 -16.33 -23.24
CA THR D 816 -22.04 -14.91 -22.99
C THR D 816 -21.59 -14.06 -24.16
N LEU D 817 -20.58 -14.51 -24.90
CA LEU D 817 -20.11 -13.74 -26.04
C LEU D 817 -21.09 -13.85 -27.20
N ALA D 818 -21.27 -15.05 -27.71
CA ALA D 818 -22.27 -15.32 -28.73
C ALA D 818 -23.41 -16.10 -28.08
N GLY D 819 -24.62 -15.60 -28.24
CA GLY D 819 -25.75 -16.29 -27.66
C GLY D 819 -26.56 -15.48 -26.69
N MET D 820 -26.49 -15.84 -25.41
CA MET D 820 -27.41 -15.30 -24.43
C MET D 820 -26.69 -15.18 -23.10
N LYS D 821 -27.07 -14.16 -22.32
CA LYS D 821 -26.49 -14.03 -20.99
C LYS D 821 -27.36 -14.72 -19.95
N GLY D 822 -28.66 -14.42 -19.94
CA GLY D 822 -29.57 -15.17 -19.10
C GLY D 822 -29.99 -14.49 -17.82
N LEU D 823 -29.52 -15.02 -16.69
CA LEU D 823 -30.03 -14.67 -15.38
C LEU D 823 -29.01 -13.82 -14.62
N VAL D 824 -29.48 -12.71 -14.07
CA VAL D 824 -28.64 -11.80 -13.31
C VAL D 824 -29.12 -11.83 -11.87
N THR D 825 -28.17 -11.84 -10.94
CA THR D 825 -28.54 -11.80 -9.53
C THR D 825 -28.91 -10.40 -9.08
N ASN D 826 -29.48 -10.33 -7.88
CA ASN D 826 -29.74 -9.05 -7.24
C ASN D 826 -28.43 -8.66 -6.59
N PRO D 827 -28.20 -7.40 -6.25
CA PRO D 827 -27.13 -7.10 -5.27
C PRO D 827 -27.45 -7.65 -3.90
N LYS D 828 -28.73 -7.85 -3.59
CA LYS D 828 -29.11 -8.68 -2.45
C LYS D 828 -28.62 -10.11 -2.62
N GLY D 829 -28.93 -10.73 -3.76
CA GLY D 829 -28.47 -12.08 -4.01
C GLY D 829 -29.45 -12.95 -4.77
N GLU D 830 -30.69 -12.47 -4.94
CA GLU D 830 -31.70 -13.26 -5.63
C GLU D 830 -31.61 -13.06 -7.13
N PHE D 831 -32.00 -14.08 -7.87
CA PHE D 831 -32.01 -13.94 -9.32
C PHE D 831 -33.20 -13.11 -9.77
N ILE D 832 -33.07 -12.49 -10.92
CA ILE D 832 -34.02 -11.51 -11.42
C ILE D 832 -34.78 -12.13 -12.58
N PRO D 833 -36.10 -12.06 -12.60
CA PRO D 833 -36.89 -12.91 -13.50
C PRO D 833 -37.14 -12.41 -14.89
N ARG D 834 -36.33 -11.49 -15.43
CA ARG D 834 -36.73 -10.81 -16.66
C ARG D 834 -36.78 -11.71 -17.90
N PRO D 835 -35.72 -12.43 -18.32
CA PRO D 835 -34.27 -12.54 -18.10
C PRO D 835 -33.53 -11.72 -19.14
N VAL D 836 -32.23 -11.96 -19.27
CA VAL D 836 -31.46 -11.29 -20.32
C VAL D 836 -31.41 -12.19 -21.54
N LYS D 837 -31.92 -11.69 -22.66
CA LYS D 837 -32.20 -12.54 -23.81
C LYS D 837 -31.19 -12.35 -24.94
N SER D 838 -30.66 -11.14 -25.11
CA SER D 838 -29.78 -10.88 -26.23
C SER D 838 -28.34 -11.24 -25.90
N SER D 839 -27.43 -10.81 -26.77
CA SER D 839 -26.00 -10.94 -26.54
C SER D 839 -25.31 -9.61 -26.76
N PHE D 840 -24.03 -9.57 -26.35
CA PHE D 840 -23.11 -8.53 -26.76
C PHE D 840 -23.03 -8.40 -28.26
N ARG D 841 -22.87 -9.52 -28.96
CA ARG D 841 -22.79 -9.54 -30.40
C ARG D 841 -24.11 -9.16 -31.04
N GLU D 842 -25.24 -9.50 -30.43
CA GLU D 842 -26.52 -9.04 -30.93
C GLU D 842 -26.78 -7.58 -30.62
N GLY D 843 -26.06 -7.00 -29.65
CA GLY D 843 -26.32 -5.63 -29.29
C GLY D 843 -27.43 -5.55 -28.26
N LEU D 844 -27.18 -4.84 -27.17
CA LEU D 844 -28.13 -4.84 -26.08
C LEU D 844 -29.11 -3.68 -26.20
N THR D 845 -30.12 -3.71 -25.36
CA THR D 845 -30.95 -2.55 -25.12
C THR D 845 -30.37 -1.79 -23.94
N VAL D 846 -31.10 -0.79 -23.48
CA VAL D 846 -30.69 -0.08 -22.27
C VAL D 846 -30.88 -0.97 -21.05
N LEU D 847 -31.98 -1.71 -21.03
CA LEU D 847 -32.51 -2.22 -19.77
C LEU D 847 -31.72 -3.42 -19.28
N GLU D 848 -31.41 -4.35 -20.19
CA GLU D 848 -30.64 -5.53 -19.82
C GLU D 848 -29.26 -5.16 -19.33
N TYR D 849 -28.61 -4.20 -19.99
CA TYR D 849 -27.34 -3.67 -19.54
C TYR D 849 -27.47 -3.04 -18.16
N PHE D 850 -28.57 -2.30 -17.96
CA PHE D 850 -28.84 -1.66 -16.68
C PHE D 850 -29.03 -2.68 -15.58
N ILE D 851 -29.54 -3.86 -15.90
CA ILE D 851 -29.62 -4.90 -14.89
C ILE D 851 -28.26 -5.54 -14.68
N ASN D 852 -27.46 -5.66 -15.75
CA ASN D 852 -26.16 -6.32 -15.65
C ASN D 852 -25.18 -5.52 -14.80
N THR D 853 -25.45 -4.22 -14.66
CA THR D 853 -24.78 -3.36 -13.69
C THR D 853 -24.69 -3.98 -12.30
N HIS D 854 -25.75 -4.64 -11.85
CA HIS D 854 -25.82 -5.13 -10.48
C HIS D 854 -24.81 -6.24 -10.23
N GLY D 855 -24.87 -7.30 -11.03
CA GLY D 855 -23.95 -8.41 -10.83
C GLY D 855 -22.53 -8.05 -11.20
N ALA D 856 -22.37 -7.06 -12.08
CA ALA D 856 -21.03 -6.54 -12.37
C ALA D 856 -20.44 -5.89 -11.13
N ARG D 857 -21.13 -4.89 -10.59
CA ARG D 857 -20.54 -4.03 -9.58
C ARG D 857 -20.48 -4.75 -8.24
N LYS D 858 -21.55 -5.50 -7.92
CA LYS D 858 -21.51 -6.39 -6.78
C LYS D 858 -20.52 -7.53 -7.02
N GLY D 859 -20.20 -7.81 -8.29
CA GLY D 859 -19.09 -8.70 -8.58
C GLY D 859 -17.76 -8.14 -8.13
N LEU D 860 -17.45 -6.91 -8.54
CA LEU D 860 -16.12 -6.36 -8.25
C LEU D 860 -16.00 -5.88 -6.80
N ALA D 861 -17.12 -5.79 -6.09
CA ALA D 861 -17.07 -5.45 -4.68
C ALA D 861 -16.34 -6.52 -3.88
N ASP D 862 -16.50 -7.78 -4.29
CA ASP D 862 -16.07 -8.89 -3.45
C ASP D 862 -14.57 -9.16 -3.54
N THR D 863 -13.90 -8.59 -4.53
CA THR D 863 -12.52 -8.98 -4.85
C THR D 863 -11.55 -8.56 -3.75
N ALA D 864 -11.56 -7.27 -3.40
CA ALA D 864 -10.68 -6.77 -2.35
C ALA D 864 -11.10 -7.31 -0.99
N LEU D 865 -12.37 -7.68 -0.85
CA LEU D 865 -12.83 -8.35 0.35
C LEU D 865 -12.18 -9.72 0.49
N ARG D 866 -12.09 -10.46 -0.62
CA ARG D 866 -11.43 -11.76 -0.61
C ARG D 866 -9.95 -11.63 -0.31
N THR D 867 -9.23 -10.89 -1.16
CA THR D 867 -7.79 -10.82 -1.02
C THR D 867 -7.35 -10.02 0.20
N ALA D 868 -8.26 -9.27 0.81
CA ALA D 868 -8.01 -8.69 2.12
C ALA D 868 -8.20 -9.69 3.25
N ASP D 869 -9.34 -10.38 3.29
CA ASP D 869 -9.65 -11.27 4.40
C ASP D 869 -8.83 -12.54 4.42
N SER D 870 -8.22 -12.92 3.30
CA SER D 870 -7.51 -14.19 3.25
C SER D 870 -6.28 -14.21 4.15
N GLY D 871 -5.53 -13.11 4.20
CA GLY D 871 -4.30 -13.10 4.98
C GLY D 871 -4.55 -13.01 6.46
N TYR D 872 -5.79 -12.77 6.86
CA TYR D 872 -6.14 -12.77 8.27
C TYR D 872 -6.11 -14.19 8.83
N LEU D 873 -6.98 -15.04 8.30
CA LEU D 873 -7.00 -16.46 8.65
C LEU D 873 -5.66 -17.10 8.33
N THR D 874 -5.13 -16.81 7.14
CA THR D 874 -3.82 -17.29 6.72
C THR D 874 -2.74 -16.89 7.71
N ARG D 875 -2.84 -15.67 8.23
CA ARG D 875 -1.87 -15.15 9.17
C ARG D 875 -1.92 -15.89 10.49
N ARG D 876 -3.13 -16.23 10.93
CA ARG D 876 -3.25 -17.02 12.16
C ARG D 876 -2.74 -18.43 11.94
N LEU D 877 -2.88 -18.95 10.72
CA LEU D 877 -2.31 -20.25 10.41
C LEU D 877 -0.79 -20.20 10.42
N VAL D 878 -0.23 -19.06 10.04
CA VAL D 878 1.21 -18.88 10.19
C VAL D 878 1.57 -18.85 11.67
N ASP D 879 0.70 -18.26 12.49
CA ASP D 879 0.98 -18.11 13.91
C ASP D 879 1.03 -19.44 14.65
N VAL D 880 -0.02 -20.25 14.57
CA VAL D 880 -0.10 -21.42 15.43
C VAL D 880 0.85 -22.53 14.98
N SER D 881 1.41 -22.43 13.79
CA SER D 881 2.16 -23.55 13.22
C SER D 881 3.65 -23.34 13.31
N GLN D 882 4.06 -22.28 14.01
CA GLN D 882 5.43 -21.81 13.86
C GLN D 882 6.47 -22.62 14.62
N ASP D 883 6.09 -23.74 15.22
CA ASP D 883 7.06 -24.62 15.85
C ASP D 883 7.09 -25.99 15.23
N VAL D 884 6.75 -26.10 13.95
CA VAL D 884 6.60 -27.38 13.29
C VAL D 884 7.78 -27.53 12.33
N ILE D 885 8.81 -28.26 12.78
CA ILE D 885 10.04 -28.40 12.01
C ILE D 885 10.34 -29.87 11.79
N VAL D 886 11.31 -30.15 10.93
CA VAL D 886 11.93 -31.46 10.92
C VAL D 886 12.97 -31.50 12.02
N ARG D 887 12.93 -32.57 12.81
CA ARG D 887 13.85 -32.70 13.94
C ARG D 887 14.90 -33.79 13.69
N GLU D 888 14.50 -34.99 13.36
CA GLU D 888 15.44 -36.08 13.18
C GLU D 888 15.04 -36.92 11.97
N HIS D 889 15.82 -37.98 11.76
CA HIS D 889 15.57 -38.86 10.62
C HIS D 889 14.35 -39.74 10.83
N ASP D 890 14.31 -40.50 11.92
CA ASP D 890 13.36 -41.60 12.05
C ASP D 890 12.83 -41.69 13.47
N CYS D 891 11.51 -41.71 13.60
CA CYS D 891 10.87 -41.80 14.90
C CYS D 891 10.65 -43.25 15.32
N GLN D 892 10.31 -44.10 14.35
CA GLN D 892 10.17 -45.55 14.52
C GLN D 892 9.10 -45.90 15.56
N THR D 893 7.89 -45.44 15.32
CA THR D 893 6.73 -46.07 15.92
C THR D 893 6.24 -47.13 14.95
N GLU D 894 5.10 -47.76 15.23
CA GLU D 894 4.58 -48.77 14.33
C GLU D 894 3.15 -48.46 13.96
N ARG D 895 2.59 -47.43 14.58
CA ARG D 895 1.24 -46.99 14.24
C ARG D 895 1.24 -46.31 12.88
N GLY D 896 0.05 -46.15 12.30
CA GLY D 896 -0.05 -45.70 10.93
C GLY D 896 -1.48 -45.72 10.42
N ILE D 897 -1.74 -44.89 9.41
CA ILE D 897 -3.09 -44.73 8.89
C ILE D 897 -3.29 -45.60 7.67
N VAL D 898 -4.54 -45.92 7.35
CA VAL D 898 -4.86 -46.78 6.22
C VAL D 898 -5.42 -45.93 5.10
N VAL D 899 -5.26 -46.43 3.87
CA VAL D 899 -5.53 -45.67 2.67
C VAL D 899 -6.60 -46.42 1.87
N GLU D 900 -7.42 -45.66 1.13
CA GLU D 900 -8.62 -46.18 0.48
C GLU D 900 -8.28 -47.07 -0.71
N LEU D 901 -7.35 -46.62 -1.56
CA LEU D 901 -6.59 -47.44 -2.51
C LEU D 901 -7.47 -48.17 -3.52
N ALA D 902 -8.25 -47.39 -4.27
CA ALA D 902 -8.92 -47.83 -5.50
C ALA D 902 -9.90 -48.98 -5.23
N GLU D 903 -11.00 -48.62 -4.57
CA GLU D 903 -12.00 -49.56 -4.05
C GLU D 903 -12.53 -50.54 -5.09
N ARG D 904 -13.11 -51.63 -4.58
CA ARG D 904 -13.42 -52.85 -5.33
C ARG D 904 -14.34 -52.65 -6.53
N ALA D 905 -15.62 -52.32 -6.28
CA ALA D 905 -16.72 -52.39 -7.25
C ALA D 905 -16.69 -53.75 -7.93
N PRO D 906 -17.16 -54.82 -7.24
CA PRO D 906 -16.91 -56.20 -7.70
C PRO D 906 -17.55 -56.59 -9.03
N ASP D 907 -18.42 -55.77 -9.58
CA ASP D 907 -18.94 -55.95 -10.93
C ASP D 907 -17.88 -55.62 -11.98
N GLY D 908 -16.81 -54.94 -11.57
CA GLY D 908 -15.65 -54.77 -12.40
C GLY D 908 -14.38 -55.16 -11.65
N THR D 909 -14.53 -55.29 -10.32
CA THR D 909 -13.59 -55.89 -9.36
C THR D 909 -12.36 -55.00 -9.12
N LEU D 910 -12.21 -53.93 -9.91
CA LEU D 910 -11.25 -52.87 -9.61
C LEU D 910 -11.72 -51.61 -10.32
N ILE D 911 -11.98 -50.57 -9.53
CA ILE D 911 -12.12 -49.24 -10.08
C ILE D 911 -11.12 -48.36 -9.34
N ARG D 912 -10.62 -47.35 -10.02
CA ARG D 912 -9.52 -46.58 -9.48
C ARG D 912 -10.03 -45.41 -8.66
N ASP D 913 -9.38 -45.18 -7.52
CA ASP D 913 -9.55 -43.95 -6.79
C ASP D 913 -9.16 -42.76 -7.67
N PRO D 914 -10.06 -41.80 -7.85
CA PRO D 914 -9.61 -40.54 -8.46
C PRO D 914 -8.62 -39.79 -7.60
N TYR D 915 -8.78 -39.86 -6.28
CA TYR D 915 -7.95 -39.06 -5.39
C TYR D 915 -6.83 -39.91 -4.79
N ILE D 916 -6.01 -40.43 -5.70
CA ILE D 916 -4.77 -41.06 -5.33
C ILE D 916 -3.78 -39.95 -5.03
N GLU D 917 -3.87 -38.89 -5.84
CA GLU D 917 -2.74 -38.01 -6.11
C GLU D 917 -2.33 -37.16 -4.92
N THR D 918 -3.28 -36.71 -4.11
CA THR D 918 -2.95 -35.99 -2.89
C THR D 918 -2.80 -36.90 -1.70
N SER D 919 -2.95 -38.21 -1.89
CA SER D 919 -3.14 -39.13 -0.78
C SER D 919 -2.08 -40.23 -0.72
N ALA D 920 -1.72 -40.81 -1.85
CA ALA D 920 -0.87 -41.98 -1.85
C ALA D 920 0.59 -41.68 -2.14
N TYR D 921 0.89 -40.66 -2.93
CA TYR D 921 2.26 -40.33 -3.26
C TYR D 921 2.96 -39.72 -2.06
N ALA D 922 4.29 -39.75 -2.12
CA ALA D 922 5.19 -39.14 -1.12
C ALA D 922 4.96 -39.73 0.27
N ARG D 923 4.65 -41.01 0.30
CA ARG D 923 4.36 -41.70 1.55
C ARG D 923 5.35 -42.83 1.74
N THR D 924 5.50 -43.26 2.99
CA THR D 924 6.46 -44.29 3.37
C THR D 924 5.72 -45.44 4.01
N LEU D 925 6.10 -46.65 3.64
CA LEU D 925 5.46 -47.82 4.24
C LEU D 925 6.05 -48.13 5.60
N GLY D 926 5.18 -48.16 6.60
CA GLY D 926 5.54 -48.68 7.90
C GLY D 926 5.07 -50.11 8.05
N THR D 927 4.25 -50.56 7.11
CA THR D 927 3.74 -51.92 7.10
C THR D 927 4.10 -52.58 5.77
N ASP D 928 4.32 -53.88 5.83
CA ASP D 928 4.64 -54.65 4.64
C ASP D 928 3.37 -54.92 3.83
N ALA D 929 3.48 -54.82 2.51
CA ALA D 929 2.35 -55.05 1.63
C ALA D 929 2.20 -56.54 1.38
N VAL D 930 1.08 -57.09 1.82
CA VAL D 930 0.81 -58.52 1.72
C VAL D 930 -0.28 -58.74 0.67
N ASP D 931 -0.26 -59.93 0.07
CA ASP D 931 -1.16 -60.26 -1.02
C ASP D 931 -2.16 -61.35 -0.67
N GLU D 932 -2.95 -61.78 -1.65
CA GLU D 932 -3.51 -63.11 -1.62
C GLU D 932 -2.38 -64.11 -1.48
N ALA D 933 -2.56 -65.09 -0.58
CA ALA D 933 -1.59 -65.47 0.45
C ALA D 933 -0.13 -65.26 0.09
N GLY D 934 0.32 -65.81 -1.04
CA GLY D 934 1.49 -65.39 -1.80
C GLY D 934 2.77 -65.03 -1.07
N ASN D 935 3.13 -63.76 -1.14
CA ASN D 935 4.37 -63.26 -0.56
C ASN D 935 4.21 -61.76 -0.28
N VAL D 936 5.08 -61.22 0.57
CA VAL D 936 5.13 -59.77 0.70
C VAL D 936 5.69 -59.18 -0.58
N ILE D 937 4.82 -58.57 -1.36
CA ILE D 937 5.18 -58.00 -2.64
C ILE D 937 5.99 -56.72 -2.48
N VAL D 938 5.59 -55.85 -1.56
CA VAL D 938 6.32 -54.60 -1.31
C VAL D 938 6.59 -54.51 0.18
N GLU D 939 7.84 -54.21 0.54
CA GLU D 939 8.27 -54.25 1.93
C GLU D 939 8.10 -52.89 2.59
N ARG D 940 8.49 -52.86 3.87
CA ARG D 940 8.48 -51.64 4.66
C ARG D 940 9.45 -50.61 4.11
N GLY D 941 8.96 -49.39 3.92
CA GLY D 941 9.85 -48.26 3.68
C GLY D 941 10.19 -47.95 2.24
N GLN D 942 9.21 -47.71 1.39
CA GLN D 942 9.47 -47.20 0.04
C GLN D 942 8.65 -45.94 -0.22
N ASP D 943 9.05 -45.21 -1.25
CA ASP D 943 8.62 -43.84 -1.43
C ASP D 943 7.22 -43.72 -2.00
N LEU D 944 6.65 -44.81 -2.50
CA LEU D 944 5.24 -44.93 -2.92
C LEU D 944 4.89 -43.95 -4.04
N GLY D 945 5.55 -44.16 -5.19
CA GLY D 945 5.20 -43.45 -6.41
C GLY D 945 4.30 -44.28 -7.29
N ASP D 946 4.25 -43.94 -8.57
CA ASP D 946 3.48 -44.63 -9.59
C ASP D 946 3.72 -46.13 -9.74
N PRO D 947 4.97 -46.67 -9.69
CA PRO D 947 5.09 -48.13 -9.84
C PRO D 947 4.58 -48.91 -8.64
N GLU D 948 4.47 -48.24 -7.49
CA GLU D 948 3.81 -48.88 -6.35
C GLU D 948 2.32 -48.96 -6.57
N ILE D 949 1.75 -47.95 -7.23
CA ILE D 949 0.36 -48.00 -7.65
C ILE D 949 0.16 -49.11 -8.66
N ASP D 950 1.16 -49.29 -9.54
CA ASP D 950 1.09 -50.34 -10.54
C ASP D 950 1.20 -51.72 -9.91
N ALA D 951 2.06 -51.84 -8.90
CA ALA D 951 2.32 -53.14 -8.31
C ALA D 951 1.17 -53.57 -7.41
N LEU D 952 0.71 -52.67 -6.55
CA LEU D 952 -0.37 -53.02 -5.63
C LEU D 952 -1.70 -53.03 -6.36
N LEU D 953 -1.78 -52.27 -7.45
CA LEU D 953 -2.91 -52.40 -8.35
C LEU D 953 -2.88 -53.74 -9.06
N ALA D 954 -1.69 -54.25 -9.35
CA ALA D 954 -1.58 -55.60 -9.88
C ALA D 954 -1.90 -56.64 -8.81
N ALA D 955 -1.71 -56.28 -7.54
CA ALA D 955 -2.16 -57.13 -6.45
C ALA D 955 -3.67 -57.06 -6.29
N GLY D 956 -4.26 -55.89 -6.52
CA GLY D 956 -5.70 -55.73 -6.40
C GLY D 956 -6.19 -55.55 -4.98
N ILE D 957 -5.39 -54.95 -4.11
CA ILE D 957 -5.75 -54.74 -2.71
C ILE D 957 -6.15 -53.29 -2.50
N THR D 958 -6.91 -53.03 -1.44
CA THR D 958 -7.45 -51.70 -1.18
C THR D 958 -7.09 -51.16 0.19
N GLN D 959 -6.34 -51.89 1.00
CA GLN D 959 -6.07 -51.40 2.35
C GLN D 959 -4.61 -51.66 2.69
N VAL D 960 -3.86 -50.58 2.92
CA VAL D 960 -2.49 -50.63 3.39
C VAL D 960 -2.33 -49.61 4.50
N LYS D 961 -1.93 -50.07 5.67
CA LYS D 961 -1.58 -49.16 6.76
C LYS D 961 -0.28 -48.46 6.43
N VAL D 962 -0.31 -47.13 6.40
CA VAL D 962 0.82 -46.31 5.96
C VAL D 962 1.17 -45.34 7.07
N ARG D 963 2.47 -45.20 7.34
CA ARG D 963 2.97 -44.25 8.32
C ARG D 963 2.61 -42.82 7.93
N SER D 964 2.18 -42.05 8.93
CA SER D 964 1.86 -40.64 8.72
C SER D 964 2.45 -39.81 9.84
N VAL D 965 2.17 -38.51 9.80
CA VAL D 965 2.65 -37.61 10.82
C VAL D 965 1.78 -37.62 12.07
N LEU D 966 0.60 -38.23 12.00
CA LEU D 966 -0.30 -38.20 13.13
C LEU D 966 0.11 -39.16 14.22
N THR D 967 1.06 -40.05 13.96
CA THR D 967 1.46 -41.07 14.92
C THR D 967 2.87 -40.84 15.42
N CYS D 968 3.46 -39.69 15.13
CA CYS D 968 4.87 -39.48 15.43
C CYS D 968 5.08 -39.30 16.92
N ALA D 969 5.95 -40.13 17.48
CA ALA D 969 6.16 -40.19 18.92
C ALA D 969 7.35 -39.38 19.39
N THR D 970 7.89 -38.51 18.55
CA THR D 970 8.95 -37.61 18.99
C THR D 970 8.38 -36.57 19.94
N SER D 971 9.28 -35.99 20.74
CA SER D 971 8.86 -34.97 21.68
C SER D 971 8.47 -33.69 20.97
N THR D 972 9.45 -33.04 20.35
CA THR D 972 9.22 -31.83 19.58
C THR D 972 9.64 -32.10 18.15
N GLY D 973 8.92 -31.54 17.20
CA GLY D 973 9.16 -31.81 15.79
C GLY D 973 8.73 -33.21 15.40
N VAL D 974 8.94 -33.51 14.13
CA VAL D 974 8.59 -34.82 13.60
C VAL D 974 9.78 -35.37 12.83
N CYS D 975 9.66 -36.63 12.44
CA CYS D 975 10.76 -37.33 11.77
C CYS D 975 10.49 -37.44 10.28
N ALA D 976 11.59 -37.57 9.52
CA ALA D 976 11.51 -37.58 8.07
C ALA D 976 10.78 -38.81 7.56
N THR D 977 10.97 -39.94 8.25
CA THR D 977 10.23 -41.14 7.92
C THR D 977 8.76 -40.95 8.19
N CYS D 978 8.43 -40.18 9.23
CA CYS D 978 7.03 -39.92 9.55
C CYS D 978 6.38 -39.01 8.53
N TYR D 979 7.19 -38.26 7.77
CA TYR D 979 6.65 -37.25 6.88
C TYR D 979 6.73 -37.67 5.43
N GLY D 980 7.93 -38.00 4.95
CA GLY D 980 8.08 -38.53 3.61
C GLY D 980 8.75 -37.60 2.62
N ARG D 981 8.57 -37.93 1.34
CA ARG D 981 9.08 -37.15 0.22
C ARG D 981 8.50 -35.75 0.22
N SER D 982 9.37 -34.75 0.22
CA SER D 982 8.89 -33.40 0.06
C SER D 982 8.50 -33.14 -1.38
N MET D 983 7.63 -32.16 -1.56
CA MET D 983 7.25 -31.71 -2.89
C MET D 983 8.37 -30.96 -3.60
N ALA D 984 9.39 -30.51 -2.85
CA ALA D 984 10.41 -29.66 -3.44
C ALA D 984 11.34 -30.44 -4.36
N THR D 985 12.11 -31.37 -3.80
CA THR D 985 13.07 -32.08 -4.63
C THR D 985 12.41 -33.20 -5.40
N GLY D 986 11.28 -33.68 -4.93
CA GLY D 986 10.79 -34.96 -5.37
C GLY D 986 11.50 -36.13 -4.74
N LYS D 987 12.30 -35.90 -3.72
CA LYS D 987 12.92 -36.94 -2.94
C LYS D 987 12.63 -36.70 -1.47
N LEU D 988 13.30 -37.48 -0.62
CA LEU D 988 13.07 -37.37 0.81
C LEU D 988 13.58 -36.04 1.34
N VAL D 989 12.75 -35.41 2.18
CA VAL D 989 13.06 -34.12 2.76
C VAL D 989 14.27 -34.23 3.68
N ASP D 990 15.02 -33.13 3.77
CA ASP D 990 16.21 -33.07 4.61
C ASP D 990 15.83 -32.77 6.06
N ILE D 991 16.86 -32.48 6.86
CA ILE D 991 16.71 -32.30 8.28
C ILE D 991 16.37 -30.84 8.63
N GLY D 992 16.89 -29.90 7.86
CA GLY D 992 16.76 -28.51 8.23
C GLY D 992 15.48 -27.82 7.80
N GLU D 993 14.37 -28.55 7.77
CA GLU D 993 13.14 -27.98 7.23
C GLU D 993 12.11 -27.70 8.32
N ALA D 994 11.36 -26.62 8.12
CA ALA D 994 10.19 -26.31 8.93
C ALA D 994 8.97 -26.33 8.00
N VAL D 995 8.30 -27.48 7.99
CA VAL D 995 7.27 -27.75 6.98
C VAL D 995 5.99 -26.97 7.18
N GLY D 996 5.74 -26.47 8.39
CA GLY D 996 4.45 -25.89 8.69
C GLY D 996 4.21 -24.58 7.98
N ILE D 997 5.30 -23.90 7.68
CA ILE D 997 5.21 -22.64 6.97
C ILE D 997 4.75 -22.87 5.54
N VAL D 998 5.31 -23.89 4.89
CA VAL D 998 4.95 -24.18 3.51
C VAL D 998 3.51 -24.68 3.45
N ALA D 999 3.10 -25.43 4.47
CA ALA D 999 1.70 -25.81 4.63
C ALA D 999 0.80 -24.60 4.82
N ALA D 1000 1.29 -23.58 5.53
CA ALA D 1000 0.47 -22.41 5.78
C ALA D 1000 0.26 -21.60 4.51
N GLN D 1001 1.35 -21.37 3.75
CA GLN D 1001 1.21 -20.68 2.47
C GLN D 1001 0.42 -21.50 1.48
N SER D 1002 0.54 -22.82 1.56
CA SER D 1002 -0.13 -23.68 0.61
C SER D 1002 -1.64 -23.64 0.80
N ILE D 1003 -2.11 -23.71 2.03
CA ILE D 1003 -3.54 -23.67 2.24
C ILE D 1003 -4.06 -22.26 2.07
N GLY D 1004 -3.38 -21.28 2.66
CA GLY D 1004 -3.87 -19.93 2.66
C GLY D 1004 -3.73 -19.22 1.33
N GLU D 1005 -2.95 -19.80 0.42
CA GLU D 1005 -2.67 -19.10 -0.83
C GLU D 1005 -3.87 -19.04 -1.76
N PRO D 1006 -4.49 -20.16 -2.23
CA PRO D 1006 -5.44 -20.01 -3.34
C PRO D 1006 -6.84 -19.63 -2.89
N GLY D 1007 -6.97 -19.16 -1.65
CA GLY D 1007 -8.28 -18.89 -1.08
C GLY D 1007 -9.03 -17.76 -1.76
N THR D 1008 -8.33 -16.91 -2.51
CA THR D 1008 -8.94 -15.95 -3.41
C THR D 1008 -9.88 -16.60 -4.40
N GLN D 1009 -9.49 -17.73 -4.96
CA GLN D 1009 -10.21 -18.36 -6.05
C GLN D 1009 -11.39 -19.20 -5.60
N LEU D 1010 -11.85 -19.03 -4.35
CA LEU D 1010 -13.11 -19.64 -3.91
C LEU D 1010 -14.26 -18.71 -4.26
N THR D 1011 -15.33 -19.27 -4.79
CA THR D 1011 -16.45 -18.48 -5.30
C THR D 1011 -17.75 -18.88 -4.62
N MET D 1012 -18.87 -18.39 -5.16
CA MET D 1012 -20.23 -18.72 -4.73
C MET D 1012 -20.50 -18.36 -3.27
N ILE D 1024 -26.08 -23.30 6.01
CA ILE D 1024 -25.16 -23.98 5.13
C ILE D 1024 -24.29 -22.96 4.37
N THR D 1025 -23.00 -23.24 4.27
CA THR D 1025 -22.06 -22.38 3.58
C THR D 1025 -21.03 -23.25 2.88
N GLY D 1026 -20.66 -22.87 1.67
CA GLY D 1026 -19.60 -23.56 0.95
C GLY D 1026 -18.40 -22.68 0.74
N GLY D 1027 -18.48 -21.44 1.22
CA GLY D 1027 -17.52 -20.40 0.90
C GLY D 1027 -16.23 -20.53 1.68
N LEU D 1028 -15.41 -19.49 1.59
CA LEU D 1028 -14.16 -19.46 2.36
C LEU D 1028 -14.34 -19.19 3.85
N PRO D 1029 -15.23 -18.29 4.32
CA PRO D 1029 -15.40 -18.20 5.78
C PRO D 1029 -16.06 -19.41 6.41
N ARG D 1030 -16.72 -20.24 5.61
CA ARG D 1030 -17.05 -21.60 6.03
C ARG D 1030 -15.82 -22.34 6.49
N VAL D 1031 -14.77 -22.33 5.68
CA VAL D 1031 -13.52 -22.99 6.02
C VAL D 1031 -12.90 -22.34 7.24
N GLN D 1032 -12.98 -21.00 7.30
CA GLN D 1032 -12.45 -20.23 8.40
C GLN D 1032 -13.10 -20.60 9.73
N GLU D 1033 -14.42 -20.83 9.72
CA GLU D 1033 -15.05 -21.31 10.93
C GLU D 1033 -14.70 -22.77 11.17
N LEU D 1034 -14.47 -23.55 10.11
CA LEU D 1034 -14.19 -24.96 10.30
C LEU D 1034 -12.80 -25.19 10.85
N PHE D 1035 -11.93 -24.19 10.81
CA PHE D 1035 -10.66 -24.34 11.52
C PHE D 1035 -10.74 -23.91 12.97
N GLU D 1036 -11.48 -22.85 13.29
CA GLU D 1036 -11.67 -22.52 14.69
C GLU D 1036 -12.75 -23.40 15.32
N ALA D 1037 -13.49 -24.14 14.48
CA ALA D 1037 -14.33 -25.27 14.90
C ALA D 1037 -15.43 -24.87 15.87
N ARG D 1038 -16.17 -23.83 15.53
CA ARG D 1038 -17.29 -23.39 16.34
C ARG D 1038 -18.50 -24.25 16.03
N VAL D 1039 -19.66 -23.84 16.50
CA VAL D 1039 -20.91 -24.55 16.25
C VAL D 1039 -21.37 -24.21 14.84
N PRO D 1040 -21.47 -25.18 13.93
CA PRO D 1040 -21.95 -24.88 12.58
C PRO D 1040 -23.44 -24.64 12.59
N ARG D 1041 -23.90 -23.76 11.70
CA ARG D 1041 -25.31 -23.43 11.62
C ARG D 1041 -26.10 -24.56 10.96
N GLY D 1042 -25.44 -25.41 10.18
CA GLY D 1042 -26.10 -26.53 9.56
C GLY D 1042 -26.14 -27.74 10.47
N LYS D 1043 -26.77 -27.60 11.63
CA LYS D 1043 -26.68 -28.61 12.67
C LYS D 1043 -27.53 -29.82 12.33
N ALA D 1044 -26.88 -30.99 12.26
CA ALA D 1044 -27.56 -32.26 12.13
C ALA D 1044 -26.86 -33.25 13.04
N PRO D 1045 -27.57 -33.89 13.95
CA PRO D 1045 -26.92 -34.85 14.86
C PRO D 1045 -26.52 -36.13 14.15
N ILE D 1046 -25.57 -36.81 14.73
CA ILE D 1046 -25.13 -38.11 14.24
C ILE D 1046 -25.68 -39.16 15.17
N ALA D 1047 -25.53 -40.42 14.79
CA ALA D 1047 -26.02 -41.50 15.61
C ALA D 1047 -25.18 -41.63 16.87
N ASP D 1048 -25.79 -42.19 17.91
CA ASP D 1048 -25.12 -42.36 19.19
C ASP D 1048 -24.93 -43.81 19.58
N VAL D 1049 -25.74 -44.70 19.04
CA VAL D 1049 -25.70 -46.12 19.34
C VAL D 1049 -26.30 -46.87 18.15
N THR D 1050 -25.87 -48.10 17.94
CA THR D 1050 -26.48 -48.94 16.92
C THR D 1050 -27.90 -49.32 17.33
N GLY D 1051 -28.70 -49.72 16.35
CA GLY D 1051 -30.08 -50.08 16.63
C GLY D 1051 -31.02 -49.71 15.51
N ARG D 1052 -32.27 -49.39 15.85
CA ARG D 1052 -33.23 -48.90 14.87
C ARG D 1052 -33.75 -47.52 15.27
N VAL D 1053 -34.63 -46.98 14.43
CA VAL D 1053 -35.08 -45.60 14.54
C VAL D 1053 -36.59 -45.56 14.65
N ARG D 1054 -37.12 -44.59 15.38
CA ARG D 1054 -38.53 -44.26 15.39
C ARG D 1054 -38.68 -42.83 14.89
N LEU D 1055 -39.19 -42.67 13.68
CA LEU D 1055 -39.26 -41.39 12.99
C LEU D 1055 -40.70 -40.91 12.99
N GLU D 1056 -40.89 -39.64 13.36
CA GLU D 1056 -42.22 -39.03 13.46
C GLU D 1056 -42.15 -37.58 13.01
N ASP D 1057 -43.30 -36.90 13.04
CA ASP D 1057 -43.30 -35.46 12.82
C ASP D 1057 -43.50 -34.72 14.14
N GLY D 1058 -43.21 -33.43 14.11
CA GLY D 1058 -43.38 -32.59 15.27
C GLY D 1058 -43.93 -31.23 14.92
N GLU D 1059 -43.98 -30.35 15.91
CA GLU D 1059 -44.56 -29.01 15.76
C GLU D 1059 -43.61 -28.16 14.90
N ARG D 1060 -43.85 -28.22 13.59
CA ARG D 1060 -43.20 -27.55 12.48
C ARG D 1060 -41.78 -28.07 12.23
N PHE D 1061 -41.21 -28.91 13.10
CA PHE D 1061 -39.86 -29.40 12.85
C PHE D 1061 -39.89 -30.80 12.24
N TYR D 1062 -40.06 -31.83 13.08
CA TYR D 1062 -39.83 -33.27 12.86
C TYR D 1062 -39.98 -33.93 14.22
N LYS D 1063 -39.87 -35.25 14.29
CA LYS D 1063 -39.67 -35.89 15.59
C LYS D 1063 -38.87 -37.18 15.41
N ILE D 1064 -37.79 -37.32 16.15
CA ILE D 1064 -36.81 -38.36 15.91
C ILE D 1064 -36.58 -39.15 17.19
N THR D 1065 -36.60 -40.47 17.09
CA THR D 1065 -36.28 -41.35 18.22
C THR D 1065 -35.43 -42.50 17.71
N ILE D 1066 -34.33 -42.77 18.42
CA ILE D 1066 -33.45 -43.89 18.12
C ILE D 1066 -33.66 -44.97 19.18
N VAL D 1067 -33.82 -46.21 18.73
CA VAL D 1067 -33.88 -47.36 19.64
C VAL D 1067 -32.52 -48.05 19.60
N PRO D 1068 -31.92 -48.36 20.76
CA PRO D 1068 -30.61 -49.02 20.75
C PRO D 1068 -30.72 -50.49 20.37
N ASP D 1069 -29.56 -51.10 20.08
CA ASP D 1069 -29.49 -52.46 19.57
C ASP D 1069 -29.33 -53.50 20.66
N ASP D 1070 -28.65 -53.15 21.76
CA ASP D 1070 -28.46 -54.07 22.87
C ASP D 1070 -29.77 -54.52 23.54
N GLY D 1071 -30.68 -53.62 23.99
CA GLY D 1071 -30.78 -52.17 23.84
C GLY D 1071 -30.55 -51.39 25.11
N GLY D 1072 -31.61 -50.77 25.58
CA GLY D 1072 -31.52 -49.92 26.75
C GLY D 1072 -32.24 -48.61 26.54
N GLU D 1073 -31.58 -47.51 26.86
CA GLU D 1073 -32.21 -46.21 26.78
C GLU D 1073 -32.38 -45.77 25.32
N GLU D 1074 -33.61 -45.47 24.95
CA GLU D 1074 -33.88 -44.99 23.61
C GLU D 1074 -33.61 -43.49 23.53
N VAL D 1075 -32.93 -43.09 22.45
CA VAL D 1075 -32.47 -41.72 22.28
C VAL D 1075 -33.47 -40.99 21.42
N VAL D 1076 -33.90 -39.82 21.87
CA VAL D 1076 -34.94 -39.04 21.21
C VAL D 1076 -34.35 -37.71 20.78
N TYR D 1077 -34.60 -37.30 19.54
CA TYR D 1077 -34.22 -35.98 19.05
C TYR D 1077 -35.47 -35.21 18.67
N ASP D 1078 -35.61 -34.00 19.21
CA ASP D 1078 -36.89 -33.31 19.19
C ASP D 1078 -37.13 -32.54 17.89
N LYS D 1079 -36.32 -31.51 17.65
CA LYS D 1079 -36.75 -30.38 16.82
C LYS D 1079 -35.71 -30.04 15.78
N ILE D 1080 -35.87 -30.58 14.58
CA ILE D 1080 -35.05 -30.19 13.44
C ILE D 1080 -35.98 -29.73 12.34
N SER D 1081 -35.77 -28.52 11.83
CA SER D 1081 -36.71 -27.87 10.91
C SER D 1081 -36.85 -28.65 9.61
N LYS D 1082 -38.08 -28.67 9.09
CA LYS D 1082 -38.41 -29.51 7.93
C LYS D 1082 -37.72 -29.03 6.67
N ARG D 1083 -37.28 -27.77 6.66
CA ARG D 1083 -36.37 -27.32 5.61
C ARG D 1083 -35.08 -28.11 5.63
N GLN D 1084 -34.54 -28.40 6.81
CA GLN D 1084 -33.39 -29.28 6.93
C GLN D 1084 -33.89 -30.72 6.84
N ARG D 1085 -33.88 -31.27 5.64
CA ARG D 1085 -34.51 -32.55 5.38
C ARG D 1085 -33.51 -33.70 5.51
N LEU D 1086 -33.93 -34.88 5.06
CA LEU D 1086 -33.31 -36.16 5.38
C LEU D 1086 -31.91 -36.28 4.79
N ARG D 1087 -31.18 -37.27 5.31
CA ARG D 1087 -29.86 -37.60 4.82
C ARG D 1087 -29.95 -38.87 3.98
N VAL D 1088 -29.15 -38.94 2.93
CA VAL D 1088 -29.12 -40.10 2.04
C VAL D 1088 -27.97 -40.98 2.47
N PHE D 1089 -28.24 -42.28 2.63
CA PHE D 1089 -27.21 -43.24 3.00
C PHE D 1089 -27.20 -44.36 1.97
N LYS D 1090 -26.20 -45.22 2.06
CA LYS D 1090 -26.12 -46.43 1.28
C LYS D 1090 -25.79 -47.62 2.18
N GLU D 1096 -30.55 -48.22 1.70
CA GLU D 1096 -29.43 -48.14 0.78
C GLU D 1096 -29.58 -46.92 -0.11
N ARG D 1097 -30.73 -46.28 -0.01
CA ARG D 1097 -31.12 -45.24 -0.96
C ARG D 1097 -31.69 -44.00 -0.27
N VAL D 1098 -32.33 -44.14 0.89
CA VAL D 1098 -32.98 -43.03 1.58
C VAL D 1098 -33.25 -43.44 3.03
N LEU D 1099 -33.02 -42.51 3.95
CA LEU D 1099 -33.34 -42.71 5.36
C LEU D 1099 -34.85 -42.68 5.54
N SER D 1100 -35.37 -43.62 6.32
CA SER D 1100 -36.79 -43.67 6.64
C SER D 1100 -36.98 -44.25 8.04
N ASP D 1101 -38.24 -44.52 8.38
CA ASP D 1101 -38.56 -45.08 9.69
C ASP D 1101 -38.40 -46.59 9.66
N GLY D 1102 -38.13 -47.17 10.83
CA GLY D 1102 -37.84 -48.58 10.94
C GLY D 1102 -36.46 -48.96 10.46
N ASP D 1103 -35.63 -47.98 10.13
CA ASP D 1103 -34.32 -48.21 9.53
C ASP D 1103 -33.31 -48.57 10.61
N HIS D 1104 -32.37 -49.43 10.23
CA HIS D 1104 -31.31 -49.83 11.14
C HIS D 1104 -30.29 -48.70 11.28
N VAL D 1105 -29.88 -48.44 12.51
CA VAL D 1105 -29.02 -47.29 12.84
C VAL D 1105 -27.62 -47.79 13.12
N GLU D 1106 -26.62 -47.07 12.62
CA GLU D 1106 -25.22 -47.41 12.82
C GLU D 1106 -24.69 -46.73 14.09
N VAL D 1107 -23.37 -46.71 14.22
CA VAL D 1107 -22.73 -46.15 15.42
C VAL D 1107 -22.87 -44.64 15.44
N GLY D 1108 -22.42 -43.97 14.38
CA GLY D 1108 -22.37 -42.53 14.37
C GLY D 1108 -22.80 -41.92 13.07
N GLN D 1109 -23.75 -42.55 12.39
CA GLN D 1109 -24.25 -42.05 11.12
C GLN D 1109 -25.02 -40.75 11.32
N GLN D 1110 -24.73 -39.76 10.48
CA GLN D 1110 -25.40 -38.48 10.59
C GLN D 1110 -26.84 -38.60 10.09
N LEU D 1111 -27.74 -37.90 10.77
CA LEU D 1111 -29.17 -38.11 10.61
C LEU D 1111 -29.80 -37.24 9.52
N MET D 1112 -29.40 -35.98 9.44
CA MET D 1112 -29.95 -35.06 8.46
C MET D 1112 -28.83 -34.50 7.60
N GLU D 1113 -29.21 -33.65 6.66
CA GLU D 1113 -28.23 -32.89 5.91
C GLU D 1113 -27.72 -31.73 6.76
N GLY D 1114 -26.62 -31.12 6.31
CA GLY D 1114 -26.08 -29.98 7.01
C GLY D 1114 -24.59 -30.07 7.29
N SER D 1115 -24.21 -30.10 8.57
CA SER D 1115 -22.80 -30.11 8.96
C SER D 1115 -22.66 -30.94 10.22
N ALA D 1116 -21.44 -31.33 10.54
CA ALA D 1116 -21.18 -32.19 11.67
C ALA D 1116 -20.48 -31.45 12.80
N ASP D 1117 -20.89 -31.74 14.02
CA ASP D 1117 -20.17 -31.22 15.17
C ASP D 1117 -18.91 -32.02 15.42
N PRO D 1118 -17.78 -31.37 15.64
CA PRO D 1118 -16.53 -32.10 15.89
C PRO D 1118 -16.51 -32.73 17.28
N HIS D 1119 -17.08 -32.01 18.23
CA HIS D 1119 -16.88 -32.33 19.65
C HIS D 1119 -17.62 -33.60 20.03
N GLU D 1120 -18.78 -33.82 19.43
CA GLU D 1120 -19.58 -34.96 19.83
C GLU D 1120 -19.13 -36.23 19.12
N VAL D 1121 -18.66 -36.12 17.87
CA VAL D 1121 -18.11 -37.29 17.22
C VAL D 1121 -16.74 -37.62 17.81
N LEU D 1122 -16.06 -36.59 18.34
CA LEU D 1122 -14.94 -36.82 19.22
C LEU D 1122 -15.38 -37.57 20.47
N ARG D 1123 -16.54 -37.19 21.01
CA ARG D 1123 -17.02 -37.83 22.24
C ARG D 1123 -17.44 -39.26 21.99
N VAL D 1124 -17.84 -39.60 20.77
CA VAL D 1124 -18.38 -40.92 20.51
C VAL D 1124 -17.37 -41.85 19.85
N GLN D 1125 -16.88 -41.50 18.65
CA GLN D 1125 -16.19 -42.49 17.83
C GLN D 1125 -14.67 -42.49 18.04
N GLY D 1126 -14.07 -41.35 18.33
CA GLY D 1126 -12.64 -41.32 18.57
C GLY D 1126 -11.90 -40.39 17.64
N PRO D 1127 -10.66 -40.06 18.01
CA PRO D 1127 -9.95 -38.95 17.35
C PRO D 1127 -9.53 -39.29 15.93
N ARG D 1128 -9.08 -40.54 15.81
CA ARG D 1128 -8.63 -41.15 14.57
C ARG D 1128 -9.62 -40.96 13.43
N GLU D 1129 -10.91 -41.12 13.72
CA GLU D 1129 -11.96 -40.83 12.76
C GLU D 1129 -12.09 -39.36 12.43
N VAL D 1130 -12.10 -38.50 13.46
CA VAL D 1130 -12.37 -37.07 13.31
C VAL D 1130 -11.32 -36.41 12.44
N GLN D 1131 -10.08 -36.92 12.51
CA GLN D 1131 -9.05 -36.65 11.53
C GLN D 1131 -9.55 -36.83 10.11
N ILE D 1132 -9.99 -38.04 9.78
CA ILE D 1132 -10.43 -38.39 8.43
C ILE D 1132 -11.64 -37.55 8.03
N HIS D 1133 -12.50 -37.27 9.01
CA HIS D 1133 -13.66 -36.42 8.79
C HIS D 1133 -13.27 -35.03 8.29
N LEU D 1134 -12.42 -34.34 9.07
CA LEU D 1134 -12.01 -32.98 8.72
C LEU D 1134 -11.24 -32.97 7.41
N VAL D 1135 -10.47 -34.03 7.15
CA VAL D 1135 -9.77 -34.20 5.88
C VAL D 1135 -10.77 -34.22 4.72
N ARG D 1136 -11.82 -35.03 4.84
CA ARG D 1136 -12.81 -35.10 3.77
C ARG D 1136 -13.58 -33.80 3.62
N GLU D 1137 -13.79 -33.09 4.74
CA GLU D 1137 -14.57 -31.86 4.68
C GLU D 1137 -13.81 -30.75 3.98
N VAL D 1138 -12.59 -30.46 4.42
CA VAL D 1138 -11.82 -29.38 3.82
C VAL D 1138 -11.40 -29.76 2.40
N GLN D 1139 -11.00 -31.02 2.25
CA GLN D 1139 -10.61 -31.57 0.97
C GLN D 1139 -11.71 -31.46 -0.06
N GLU D 1140 -12.97 -31.67 0.36
CA GLU D 1140 -14.10 -31.47 -0.54
C GLU D 1140 -14.20 -30.03 -1.02
N VAL D 1141 -13.92 -29.09 -0.13
CA VAL D 1141 -14.04 -27.67 -0.46
C VAL D 1141 -13.00 -27.28 -1.49
N TYR D 1142 -11.77 -27.77 -1.35
CA TYR D 1142 -10.81 -27.51 -2.42
C TYR D 1142 -11.10 -28.31 -3.68
N ARG D 1143 -11.78 -29.46 -3.56
CA ARG D 1143 -12.12 -30.24 -4.75
C ARG D 1143 -13.20 -29.55 -5.58
N ALA D 1144 -14.06 -28.77 -4.94
CA ALA D 1144 -15.14 -28.09 -5.63
C ALA D 1144 -14.65 -27.07 -6.65
N GLN D 1145 -13.55 -26.40 -6.36
CA GLN D 1145 -12.86 -25.58 -7.35
C GLN D 1145 -11.82 -26.36 -8.11
N GLY D 1146 -11.59 -27.62 -7.72
CA GLY D 1146 -10.59 -28.43 -8.39
C GLY D 1146 -9.17 -27.97 -8.18
N VAL D 1147 -8.78 -27.68 -6.95
CA VAL D 1147 -7.42 -27.27 -6.65
C VAL D 1147 -6.74 -28.37 -5.86
N SER D 1148 -5.61 -28.83 -6.38
CA SER D 1148 -4.94 -30.02 -5.87
C SER D 1148 -3.99 -29.62 -4.75
N ILE D 1149 -4.35 -29.97 -3.53
CA ILE D 1149 -3.52 -29.69 -2.36
C ILE D 1149 -3.30 -31.02 -1.65
N HIS D 1150 -2.05 -31.35 -1.37
CA HIS D 1150 -1.74 -32.66 -0.81
C HIS D 1150 -2.17 -32.73 0.64
N ASP D 1151 -2.55 -33.93 1.07
CA ASP D 1151 -3.22 -34.13 2.33
C ASP D 1151 -2.32 -33.90 3.54
N LYS D 1152 -1.01 -34.13 3.39
CA LYS D 1152 -0.17 -34.15 4.57
C LYS D 1152 0.02 -32.77 5.17
N HIS D 1153 -0.16 -31.72 4.37
CA HIS D 1153 -0.16 -30.37 4.92
C HIS D 1153 -1.35 -30.18 5.84
N ILE D 1154 -2.51 -30.68 5.42
CA ILE D 1154 -3.69 -30.67 6.26
C ILE D 1154 -3.46 -31.47 7.51
N GLU D 1155 -2.72 -32.57 7.39
CA GLU D 1155 -2.37 -33.39 8.56
C GLU D 1155 -1.49 -32.62 9.53
N VAL D 1156 -0.56 -31.82 8.99
CA VAL D 1156 0.28 -30.97 9.83
C VAL D 1156 -0.57 -30.01 10.62
N ILE D 1157 -1.58 -29.43 9.97
CA ILE D 1157 -2.46 -28.51 10.69
C ILE D 1157 -3.32 -29.27 11.70
N VAL D 1158 -3.62 -30.54 11.41
CA VAL D 1158 -4.40 -31.36 12.33
C VAL D 1158 -3.64 -31.62 13.61
N ARG D 1159 -2.32 -31.83 13.51
CA ARG D 1159 -1.54 -32.35 14.63
C ARG D 1159 -1.51 -31.40 15.82
N GLN D 1160 -1.56 -30.09 15.56
CA GLN D 1160 -1.57 -29.16 16.66
C GLN D 1160 -2.92 -29.07 17.35
N MET D 1161 -3.98 -29.57 16.73
CA MET D 1161 -5.32 -29.37 17.25
C MET D 1161 -5.67 -30.28 18.42
N LEU D 1162 -4.93 -31.36 18.61
CA LEU D 1162 -5.23 -32.32 19.68
C LEU D 1162 -4.03 -32.58 20.56
N ARG D 1163 -3.37 -31.53 21.01
CA ARG D 1163 -2.19 -31.68 21.84
C ARG D 1163 -2.52 -31.75 23.32
N ARG D 1164 -3.57 -31.06 23.76
CA ARG D 1164 -3.84 -30.89 25.18
C ARG D 1164 -5.13 -31.61 25.57
N VAL D 1165 -5.20 -31.95 26.85
CA VAL D 1165 -6.38 -32.57 27.45
C VAL D 1165 -6.83 -31.73 28.63
N THR D 1166 -8.07 -31.96 29.07
CA THR D 1166 -8.65 -31.19 30.16
C THR D 1166 -8.43 -31.90 31.49
N ILE D 1167 -8.92 -31.27 32.56
CA ILE D 1167 -8.91 -31.88 33.88
C ILE D 1167 -10.37 -32.06 34.28
N ILE D 1168 -10.86 -33.30 34.17
CA ILE D 1168 -12.18 -33.60 34.72
C ILE D 1168 -12.09 -33.82 36.22
N ASP D 1169 -11.11 -34.62 36.66
CA ASP D 1169 -10.90 -34.90 38.07
C ASP D 1169 -9.49 -34.44 38.42
N SER D 1170 -9.34 -33.81 39.58
CA SER D 1170 -8.03 -33.33 40.00
C SER D 1170 -7.10 -34.49 40.35
N GLY D 1171 -7.65 -35.59 40.84
CA GLY D 1171 -6.82 -36.72 41.18
C GLY D 1171 -6.08 -36.48 42.48
N SER D 1172 -4.76 -36.33 42.38
CA SER D 1172 -3.92 -36.12 43.54
C SER D 1172 -2.91 -34.99 43.37
N THR D 1173 -2.73 -34.46 42.16
CA THR D 1173 -1.60 -33.59 41.87
C THR D 1173 -2.01 -32.31 41.13
N GLU D 1174 -2.45 -31.31 41.90
CA GLU D 1174 -2.49 -29.88 41.54
C GLU D 1174 -3.24 -29.50 40.28
N PHE D 1175 -3.96 -30.42 39.66
CA PHE D 1175 -4.55 -30.18 38.35
C PHE D 1175 -5.91 -29.51 38.55
N LEU D 1176 -5.97 -28.22 38.24
CA LEU D 1176 -7.20 -27.47 38.36
C LEU D 1176 -8.18 -27.91 37.28
N PRO D 1177 -9.39 -28.29 37.66
CA PRO D 1177 -10.41 -28.59 36.66
C PRO D 1177 -10.85 -27.33 35.94
N GLY D 1178 -11.27 -27.50 34.69
CA GLY D 1178 -11.52 -26.36 33.83
C GLY D 1178 -10.31 -25.83 33.12
N SER D 1179 -9.16 -26.47 33.30
CA SER D 1179 -7.92 -26.08 32.65
C SER D 1179 -7.55 -27.06 31.55
N LEU D 1180 -6.63 -26.64 30.70
CA LEU D 1180 -6.16 -27.44 29.58
C LEU D 1180 -4.67 -27.66 29.69
N ILE D 1181 -4.25 -28.91 29.64
CA ILE D 1181 -2.87 -29.32 29.93
C ILE D 1181 -2.38 -30.23 28.81
N ASP D 1182 -1.15 -29.98 28.37
CA ASP D 1182 -0.45 -30.84 27.41
C ASP D 1182 -0.48 -32.31 27.80
N ARG D 1183 -0.75 -33.14 26.79
CA ARG D 1183 -0.87 -34.58 27.00
C ARG D 1183 0.46 -35.21 27.37
N ALA D 1184 1.53 -34.82 26.69
CA ALA D 1184 2.84 -35.42 26.95
C ALA D 1184 3.36 -35.01 28.33
N GLU D 1185 3.01 -33.80 28.76
CA GLU D 1185 3.31 -33.42 30.13
C GLU D 1185 2.43 -34.18 31.12
N PHE D 1186 1.19 -34.43 30.73
CA PHE D 1186 0.26 -35.17 31.59
C PHE D 1186 0.71 -36.60 31.79
N GLU D 1187 1.30 -37.20 30.77
CA GLU D 1187 1.80 -38.56 30.82
C GLU D 1187 3.20 -38.62 31.40
N ALA D 1188 3.96 -37.54 31.30
CA ALA D 1188 5.23 -37.44 32.00
C ALA D 1188 5.02 -37.24 33.49
N GLU D 1189 3.94 -36.58 33.88
CA GLU D 1189 3.64 -36.39 35.29
C GLU D 1189 3.02 -37.65 35.88
N ASN D 1190 2.28 -38.39 35.05
CA ASN D 1190 1.79 -39.69 35.47
C ASN D 1190 2.84 -40.77 35.27
N ARG D 1191 3.98 -40.41 34.67
CA ARG D 1191 5.06 -41.38 34.52
C ARG D 1191 5.75 -41.61 35.86
N ARG D 1192 5.85 -40.57 36.67
CA ARG D 1192 6.35 -40.70 38.03
C ARG D 1192 5.24 -41.14 38.98
N VAL D 1193 4.73 -42.34 38.74
CA VAL D 1193 3.59 -42.87 39.48
C VAL D 1193 4.06 -43.79 40.61
N VAL D 1194 5.30 -43.55 41.09
CA VAL D 1194 5.71 -44.04 42.40
C VAL D 1194 4.70 -43.59 43.45
N ALA D 1195 4.46 -44.46 44.43
CA ALA D 1195 3.15 -44.67 45.07
C ALA D 1195 2.43 -43.43 45.54
N GLU D 1196 2.94 -42.75 46.58
CA GLU D 1196 2.56 -41.41 47.02
C GLU D 1196 1.07 -41.17 47.30
N GLY D 1197 0.25 -42.23 47.33
CA GLY D 1197 -1.17 -42.08 47.10
C GLY D 1197 -1.44 -41.97 45.61
N GLY D 1198 -2.38 -42.77 45.08
CA GLY D 1198 -2.67 -42.82 43.66
C GLY D 1198 -3.13 -41.50 43.07
N GLU D 1199 -2.89 -41.30 41.78
CA GLU D 1199 -3.25 -40.02 41.15
C GLU D 1199 -4.29 -40.19 40.05
N PRO D 1200 -5.58 -40.28 40.39
CA PRO D 1200 -6.61 -40.50 39.35
C PRO D 1200 -7.07 -39.18 38.71
N ALA D 1201 -6.11 -38.42 38.18
CA ALA D 1201 -6.44 -37.18 37.49
C ALA D 1201 -7.05 -37.52 36.15
N ALA D 1202 -8.35 -37.30 36.02
CA ALA D 1202 -9.09 -37.73 34.83
C ALA D 1202 -9.23 -36.58 33.85
N GLY D 1203 -9.24 -36.92 32.57
CA GLY D 1203 -9.45 -35.93 31.52
C GLY D 1203 -9.77 -36.59 30.21
N ARG D 1204 -10.44 -35.83 29.36
CA ARG D 1204 -10.75 -36.28 28.01
C ARG D 1204 -9.82 -35.62 27.01
N PRO D 1205 -9.60 -36.25 25.85
CA PRO D 1205 -9.02 -35.52 24.72
C PRO D 1205 -9.92 -34.38 24.30
N VAL D 1206 -9.31 -33.21 24.14
CA VAL D 1206 -10.05 -31.97 23.96
C VAL D 1206 -9.65 -31.34 22.64
N LEU D 1207 -10.64 -31.11 21.78
CA LEU D 1207 -10.45 -30.28 20.60
C LEU D 1207 -10.76 -28.85 21.00
N MET D 1208 -10.04 -27.91 20.40
CA MET D 1208 -10.20 -26.50 20.68
C MET D 1208 -9.82 -25.71 19.45
N GLY D 1209 -10.34 -24.49 19.34
CA GLY D 1209 -10.13 -23.65 18.17
C GLY D 1209 -8.71 -23.16 18.05
N ILE D 1210 -8.28 -22.84 16.83
CA ILE D 1210 -6.85 -22.68 16.59
C ILE D 1210 -6.36 -21.35 17.14
N THR D 1211 -7.25 -20.37 17.26
CA THR D 1211 -6.90 -19.17 18.02
C THR D 1211 -6.86 -19.49 19.51
N LYS D 1212 -7.94 -20.10 19.99
CA LYS D 1212 -8.03 -20.61 21.36
C LYS D 1212 -6.88 -21.53 21.72
N ALA D 1213 -6.50 -22.44 20.82
CA ALA D 1213 -5.33 -23.25 21.07
C ALA D 1213 -4.05 -22.43 21.00
N SER D 1214 -3.99 -21.44 20.12
CA SER D 1214 -2.78 -20.65 19.95
C SER D 1214 -2.49 -19.76 21.13
N LEU D 1215 -3.49 -19.46 21.95
CA LEU D 1215 -3.26 -18.67 23.16
C LEU D 1215 -2.38 -19.41 24.16
N ALA D 1216 -2.48 -20.74 24.18
CA ALA D 1216 -1.83 -21.56 25.20
C ALA D 1216 -0.40 -21.85 24.77
N THR D 1217 0.46 -20.88 24.94
CA THR D 1217 1.86 -21.01 24.60
C THR D 1217 2.72 -20.87 25.85
N ASP D 1218 4.04 -20.92 25.65
CA ASP D 1218 4.98 -20.76 26.75
C ASP D 1218 5.93 -19.60 26.45
N SER D 1219 6.00 -19.20 25.19
CA SER D 1219 7.04 -18.29 24.71
C SER D 1219 6.82 -16.85 25.17
N TRP D 1220 5.57 -16.52 25.56
CA TRP D 1220 5.08 -15.31 26.22
C TRP D 1220 5.24 -14.00 25.44
N LEU D 1221 6.05 -13.95 24.39
CA LEU D 1221 6.12 -12.70 23.66
C LEU D 1221 5.40 -12.82 22.33
N SER D 1222 5.31 -14.04 21.80
CA SER D 1222 4.28 -14.34 20.82
C SER D 1222 2.92 -14.15 21.47
N ALA D 1223 2.80 -14.53 22.74
CA ALA D 1223 1.60 -14.21 23.50
C ALA D 1223 1.46 -12.72 23.72
N ALA D 1224 2.58 -12.00 23.85
CA ALA D 1224 2.49 -10.55 23.88
C ALA D 1224 2.14 -9.97 22.52
N SER D 1225 2.24 -10.74 21.45
CA SER D 1225 1.97 -10.25 20.11
C SER D 1225 0.51 -10.33 19.72
N PHE D 1226 -0.43 -10.35 20.68
CA PHE D 1226 -1.83 -10.32 20.29
C PHE D 1226 -2.51 -9.00 20.64
N GLN D 1227 -2.74 -8.74 21.93
CA GLN D 1227 -3.52 -7.61 22.42
C GLN D 1227 -3.51 -7.77 23.94
N GLU D 1228 -4.03 -6.74 24.65
CA GLU D 1228 -4.13 -6.60 26.11
C GLU D 1228 -2.84 -7.03 26.82
N THR D 1229 -1.74 -6.47 26.33
CA THR D 1229 -0.40 -7.00 26.55
C THR D 1229 0.04 -6.88 28.01
N THR D 1230 -0.57 -5.94 28.74
CA THR D 1230 -0.18 -5.65 30.11
C THR D 1230 -0.42 -6.85 31.02
N ARG D 1231 -1.65 -7.35 31.05
CA ARG D 1231 -1.96 -8.52 31.87
C ARG D 1231 -1.26 -9.76 31.37
N VAL D 1232 -0.98 -9.82 30.06
CA VAL D 1232 -0.19 -10.89 29.50
C VAL D 1232 1.24 -10.87 30.04
N LEU D 1233 1.75 -9.70 30.39
CA LEU D 1233 3.09 -9.68 30.94
C LEU D 1233 3.12 -9.84 32.45
N THR D 1234 2.22 -9.16 33.17
CA THR D 1234 2.40 -9.02 34.61
C THR D 1234 2.17 -10.32 35.37
N ASP D 1235 1.43 -11.26 34.82
CA ASP D 1235 1.26 -12.56 35.46
C ASP D 1235 2.49 -13.44 35.33
N ALA D 1236 3.15 -13.39 34.17
CA ALA D 1236 4.34 -14.20 33.98
C ALA D 1236 5.50 -13.65 34.80
N ALA D 1237 5.48 -12.34 35.06
CA ALA D 1237 6.47 -11.75 35.93
C ALA D 1237 6.30 -12.23 37.36
N ILE D 1238 5.06 -12.51 37.76
CA ILE D 1238 4.82 -13.20 39.02
C ILE D 1238 5.33 -14.63 38.91
N ASN D 1239 5.12 -15.24 37.76
CA ASN D 1239 5.54 -16.61 37.53
C ASN D 1239 7.05 -16.72 37.40
N CYS D 1240 7.68 -15.62 36.99
CA CYS D 1240 9.12 -15.54 36.69
C CYS D 1240 9.52 -16.59 35.65
N ARG D 1241 8.63 -16.83 34.68
CA ARG D 1241 8.92 -17.82 33.67
C ARG D 1241 9.84 -17.20 32.62
N SER D 1242 10.55 -18.05 31.91
CA SER D 1242 11.45 -17.60 30.87
C SER D 1242 11.14 -18.27 29.54
N ASP D 1243 11.98 -17.98 28.56
CA ASP D 1243 11.92 -18.59 27.25
C ASP D 1243 12.86 -19.77 27.17
N LYS D 1244 12.71 -20.57 26.13
CA LYS D 1244 13.69 -21.59 25.80
C LYS D 1244 14.45 -21.26 24.53
N LEU D 1245 14.10 -20.14 23.87
CA LEU D 1245 14.57 -19.73 22.55
C LEU D 1245 14.25 -20.78 21.50
N ASN D 1246 13.20 -21.55 21.74
CA ASN D 1246 12.89 -22.66 20.85
C ASN D 1246 12.11 -22.14 19.67
N GLY D 1247 11.19 -21.21 19.92
CA GLY D 1247 10.46 -20.57 18.85
C GLY D 1247 11.36 -19.68 18.03
N LEU D 1248 10.91 -19.42 16.81
CA LEU D 1248 11.77 -18.81 15.79
C LEU D 1248 11.38 -17.38 15.47
N LYS D 1249 10.08 -17.07 15.48
CA LYS D 1249 9.60 -15.71 15.38
C LYS D 1249 10.13 -14.83 16.49
N GLU D 1250 10.29 -15.40 17.67
CA GLU D 1250 10.99 -14.73 18.76
C GLU D 1250 12.44 -14.51 18.40
N ASN D 1251 13.05 -15.47 17.71
CA ASN D 1251 14.46 -15.33 17.36
C ASN D 1251 14.64 -14.31 16.26
N VAL D 1252 13.58 -14.03 15.50
CA VAL D 1252 13.57 -12.87 14.65
C VAL D 1252 13.59 -11.61 15.49
N ILE D 1253 12.84 -11.61 16.59
CA ILE D 1253 12.73 -10.40 17.42
C ILE D 1253 14.05 -10.10 18.09
N ILE D 1254 14.77 -11.13 18.50
CA ILE D 1254 16.09 -10.91 19.09
C ILE D 1254 17.12 -10.79 17.97
N GLY D 1255 16.73 -11.15 16.75
CA GLY D 1255 17.62 -11.01 15.62
C GLY D 1255 18.75 -12.01 15.54
N LYS D 1256 18.87 -12.91 16.51
CA LYS D 1256 19.89 -13.94 16.43
C LYS D 1256 19.43 -15.01 15.43
N LEU D 1257 20.37 -15.87 15.04
CA LEU D 1257 20.10 -16.98 14.14
C LEU D 1257 19.00 -17.89 14.66
N ILE D 1258 18.04 -18.21 13.81
CA ILE D 1258 16.95 -19.07 14.25
C ILE D 1258 17.43 -20.52 14.21
N PRO D 1259 16.82 -21.46 14.94
CA PRO D 1259 17.27 -22.86 14.86
C PRO D 1259 16.57 -23.62 13.73
N ALA D 1260 16.52 -23.00 12.56
CA ALA D 1260 15.83 -23.60 11.43
C ALA D 1260 16.57 -23.22 10.17
N GLY D 1261 16.48 -24.10 9.18
CA GLY D 1261 17.19 -23.88 7.93
C GLY D 1261 18.68 -23.96 8.12
N THR D 1262 19.35 -22.81 8.02
CA THR D 1262 20.78 -22.72 8.18
C THR D 1262 21.21 -22.53 9.62
N GLY D 1263 20.39 -22.92 10.59
CA GLY D 1263 20.68 -22.59 11.98
C GLY D 1263 21.01 -23.75 12.88
N ILE D 1264 20.97 -24.96 12.34
CA ILE D 1264 21.25 -26.13 13.15
C ILE D 1264 22.76 -26.25 13.37
N ASN D 1265 23.12 -26.59 14.61
CA ASN D 1265 24.51 -26.54 15.07
C ASN D 1265 25.39 -27.52 14.31
N ARG D 1266 24.82 -28.68 13.95
CA ARG D 1266 25.56 -29.65 13.16
C ARG D 1266 25.85 -29.13 11.77
N TYR D 1267 25.07 -28.17 11.29
CA TYR D 1267 25.27 -27.59 9.99
C TYR D 1267 26.06 -26.30 10.03
N ARG D 1268 25.97 -25.56 11.13
CA ARG D 1268 26.78 -24.35 11.20
C ARG D 1268 28.08 -24.56 11.94
N ASN D 1269 28.45 -25.80 12.23
CA ASN D 1269 29.68 -26.07 12.95
C ASN D 1269 30.55 -27.05 12.18
N ILE D 1270 30.77 -26.74 10.92
CA ILE D 1270 31.55 -27.58 10.03
C ILE D 1270 33.01 -27.20 10.11
N ALA D 1271 33.87 -28.20 10.29
CA ALA D 1271 35.30 -28.04 10.10
C ALA D 1271 35.60 -28.15 8.61
N VAL D 1272 36.35 -27.19 8.07
CA VAL D 1272 36.63 -27.11 6.65
C VAL D 1272 38.13 -27.16 6.46
N GLN D 1273 38.64 -28.23 5.86
CA GLN D 1273 40.06 -28.38 5.66
C GLN D 1273 40.35 -29.34 4.51
N PRO D 1274 41.43 -29.13 3.76
CA PRO D 1274 41.61 -29.88 2.52
C PRO D 1274 42.09 -31.30 2.74
N THR D 1275 42.25 -32.02 1.63
CA THR D 1275 43.06 -33.22 1.67
C THR D 1275 44.52 -32.82 1.72
N GLU D 1276 45.32 -33.65 2.37
CA GLU D 1276 46.74 -33.34 2.48
C GLU D 1276 47.44 -33.59 1.15
N GLU D 1277 46.86 -34.43 0.30
CA GLU D 1277 47.45 -34.74 -0.99
C GLU D 1277 47.35 -33.55 -1.94
N ALA D 1278 46.23 -32.84 -1.89
CA ALA D 1278 46.11 -31.61 -2.65
C ALA D 1278 46.99 -30.52 -2.05
N ARG D 1279 47.22 -30.60 -0.74
CA ARG D 1279 48.13 -29.66 -0.10
C ARG D 1279 49.58 -30.00 -0.38
N ALA D 1280 49.85 -31.21 -0.89
CA ALA D 1280 51.19 -31.57 -1.31
C ALA D 1280 51.49 -30.96 -2.67
N ALA D 1281 50.45 -30.60 -3.42
CA ALA D 1281 50.64 -29.93 -4.70
C ALA D 1281 51.21 -28.53 -4.50
N ALA D 1282 50.68 -27.80 -3.51
CA ALA D 1282 51.14 -26.47 -3.09
C ALA D 1282 51.19 -25.44 -4.22
N GLY E 27 24.28 -37.36 -16.98
CA GLY E 27 24.89 -37.73 -18.25
C GLY E 27 25.15 -36.54 -19.15
N GLY E 28 25.17 -36.80 -20.45
CA GLY E 28 25.36 -35.75 -21.43
C GLY E 28 24.11 -34.92 -21.58
N TYR E 29 24.18 -33.65 -21.21
CA TYR E 29 23.02 -32.78 -21.21
C TYR E 29 23.15 -31.64 -22.21
N ASP E 30 24.16 -30.79 -22.07
CA ASP E 30 24.44 -29.54 -22.77
C ASP E 30 25.73 -28.99 -22.16
N THR E 31 26.13 -27.83 -22.64
CA THR E 31 27.06 -27.00 -21.91
C THR E 31 26.29 -26.05 -21.01
N PRO E 32 26.75 -25.79 -19.79
CA PRO E 32 26.09 -24.80 -18.95
C PRO E 32 26.67 -23.41 -19.14
N LEU E 33 26.02 -22.43 -18.53
CA LEU E 33 26.37 -21.02 -18.71
C LEU E 33 26.47 -20.32 -17.38
N GLY E 34 27.69 -20.05 -16.94
CA GLY E 34 27.89 -19.10 -15.86
C GLY E 34 27.49 -19.64 -14.51
N ILE E 35 26.36 -19.12 -14.01
CA ILE E 35 25.90 -19.47 -12.68
C ILE E 35 25.45 -20.91 -12.61
N THR E 36 24.75 -21.37 -13.63
CA THR E 36 24.33 -22.77 -13.67
C THR E 36 25.49 -23.72 -13.98
N ASN E 37 26.66 -23.20 -14.29
CA ASN E 37 27.89 -23.96 -14.37
C ASN E 37 28.56 -23.94 -13.02
N PRO E 38 28.80 -25.08 -12.37
CA PRO E 38 28.49 -26.46 -12.71
C PRO E 38 27.07 -26.81 -12.31
N PRO E 39 26.53 -27.91 -12.84
CA PRO E 39 25.24 -28.38 -12.35
C PRO E 39 25.33 -28.86 -10.92
N ILE E 40 24.25 -28.63 -10.18
CA ILE E 40 24.21 -29.01 -8.78
C ILE E 40 23.98 -30.51 -8.62
N ASP E 41 23.69 -31.20 -9.71
CA ASP E 41 23.24 -32.59 -9.65
C ASP E 41 24.35 -33.51 -9.17
N GLU E 42 25.56 -33.33 -9.70
CA GLU E 42 26.72 -33.98 -9.10
C GLU E 42 27.04 -33.44 -7.73
N LEU E 43 26.72 -32.18 -7.48
CA LEU E 43 27.13 -31.53 -6.25
C LEU E 43 26.27 -31.93 -5.08
N LEU E 44 25.00 -32.19 -5.31
CA LEU E 44 24.12 -32.68 -4.26
C LEU E 44 24.45 -34.10 -3.84
N ASP E 45 25.22 -34.82 -4.64
CA ASP E 45 25.69 -36.13 -4.24
C ASP E 45 26.70 -36.05 -3.11
N ARG E 46 27.47 -34.97 -3.04
CA ARG E 46 28.59 -34.89 -2.13
C ARG E 46 28.17 -34.57 -0.71
N VAL E 47 27.05 -33.88 -0.51
CA VAL E 47 26.58 -33.50 0.80
C VAL E 47 25.21 -34.14 1.01
N SER E 48 25.00 -34.65 2.23
CA SER E 48 23.73 -35.28 2.56
C SER E 48 22.58 -34.29 2.54
N SER E 49 22.86 -33.03 2.81
CA SER E 49 21.84 -32.00 2.76
C SER E 49 22.22 -30.99 1.71
N LYS E 50 21.46 -29.90 1.70
CA LYS E 50 21.87 -28.72 0.96
C LYS E 50 22.55 -27.72 1.87
N TYR E 51 22.23 -27.80 3.16
CA TYR E 51 22.64 -26.78 4.12
C TYR E 51 24.13 -26.80 4.35
N ALA E 52 24.67 -28.00 4.60
CA ALA E 52 26.10 -28.13 4.85
C ALA E 52 26.90 -27.92 3.57
N LEU E 53 26.26 -28.11 2.43
CA LEU E 53 26.86 -27.69 1.17
C LEU E 53 27.00 -26.16 1.17
N VAL E 54 25.98 -25.46 1.63
CA VAL E 54 26.00 -24.00 1.65
C VAL E 54 27.07 -23.50 2.61
N ILE E 55 27.06 -24.00 3.84
CA ILE E 55 28.02 -23.56 4.86
C ILE E 55 29.42 -23.99 4.48
N TYR E 56 29.51 -25.13 3.80
CA TYR E 56 30.76 -25.68 3.29
C TYR E 56 31.44 -24.71 2.34
N ALA E 57 30.71 -24.33 1.28
CA ALA E 57 31.24 -23.35 0.33
C ALA E 57 31.41 -21.99 0.98
N ALA E 58 30.60 -21.70 2.01
CA ALA E 58 30.63 -20.40 2.65
C ALA E 58 31.93 -20.21 3.43
N LYS E 59 32.26 -21.18 4.28
CA LYS E 59 33.49 -21.10 5.05
C LYS E 59 34.71 -21.20 4.15
N ARG E 60 34.60 -21.98 3.07
CA ARG E 60 35.71 -22.04 2.11
C ARG E 60 35.97 -20.68 1.47
N ALA E 61 34.91 -20.03 1.01
CA ALA E 61 35.05 -18.72 0.38
C ALA E 61 35.51 -17.68 1.38
N ARG E 62 35.12 -17.84 2.65
CA ARG E 62 35.67 -16.98 3.68
C ARG E 62 37.15 -17.19 3.82
N GLN E 63 37.62 -18.42 3.68
CA GLN E 63 39.06 -18.66 3.73
C GLN E 63 39.77 -18.05 2.53
N ILE E 64 39.08 -17.99 1.38
CA ILE E 64 39.74 -17.40 0.22
C ILE E 64 39.80 -15.88 0.33
N ASN E 65 38.72 -15.25 0.79
CA ASN E 65 38.74 -13.81 0.90
C ASN E 65 39.56 -13.37 2.11
N ASP E 66 39.77 -14.29 3.06
CA ASP E 66 40.91 -14.15 3.95
C ASP E 66 42.20 -14.18 3.17
N TYR E 67 42.30 -15.10 2.21
CA TYR E 67 43.59 -15.50 1.66
C TYR E 67 44.19 -14.41 0.79
N TYR E 68 43.38 -13.73 -0.01
CA TYR E 68 43.94 -12.70 -0.89
C TYR E 68 44.39 -11.45 -0.12
N ASN E 69 43.66 -11.08 0.94
CA ASN E 69 44.13 -10.00 1.79
C ASN E 69 45.17 -10.48 2.78
N GLN E 70 45.42 -11.79 2.82
CA GLN E 70 46.59 -12.35 3.45
C GLN E 70 47.74 -12.53 2.46
N LEU E 71 47.40 -12.74 1.18
CA LEU E 71 48.42 -12.87 0.14
C LEU E 71 49.15 -11.57 -0.12
N GLY E 72 48.49 -10.43 0.10
CA GLY E 72 49.09 -9.13 -0.16
C GLY E 72 50.27 -8.84 0.73
N GLU E 73 50.04 -8.84 2.03
CA GLU E 73 51.12 -8.73 2.99
C GLU E 73 51.67 -10.13 3.29
N GLY E 74 52.45 -10.27 4.36
CA GLY E 74 53.23 -11.46 4.69
C GLY E 74 52.52 -12.80 4.71
N ILE E 75 53.27 -13.89 4.52
CA ILE E 75 52.66 -15.19 4.34
C ILE E 75 52.19 -15.75 5.69
N LEU E 76 51.15 -16.58 5.63
CA LEU E 76 50.63 -17.29 6.78
C LEU E 76 50.50 -18.75 6.37
N GLU E 77 49.98 -19.59 7.26
CA GLU E 77 49.68 -20.97 6.94
C GLU E 77 48.44 -21.14 6.08
N TYR E 78 47.76 -20.06 5.70
CA TYR E 78 46.66 -20.16 4.76
C TYR E 78 47.17 -20.50 3.37
N VAL E 79 46.46 -21.39 2.71
CA VAL E 79 46.93 -22.02 1.48
C VAL E 79 45.86 -21.85 0.42
N GLY E 80 46.24 -22.07 -0.84
CA GLY E 80 45.29 -22.12 -1.92
C GLY E 80 45.63 -21.14 -3.03
N PRO E 81 44.74 -21.02 -4.03
CA PRO E 81 43.58 -21.88 -4.29
C PRO E 81 44.03 -23.16 -4.96
N LEU E 82 43.26 -24.23 -4.79
CA LEU E 82 43.67 -25.51 -5.37
C LEU E 82 43.48 -25.55 -6.87
N VAL E 83 42.42 -24.93 -7.37
CA VAL E 83 42.09 -24.95 -8.78
C VAL E 83 42.34 -23.56 -9.33
N GLU E 84 42.85 -23.49 -10.56
CA GLU E 84 43.15 -22.24 -11.22
C GLU E 84 41.89 -21.43 -11.45
N PRO E 85 41.97 -20.12 -11.32
CA PRO E 85 40.80 -19.29 -11.62
C PRO E 85 40.79 -18.85 -13.06
N GLY E 86 39.81 -18.02 -13.42
CA GLY E 86 39.82 -17.31 -14.68
C GLY E 86 40.70 -16.08 -14.62
N LEU E 87 40.37 -15.11 -15.46
CA LEU E 87 41.11 -13.85 -15.44
C LEU E 87 40.60 -12.95 -14.31
N GLN E 88 39.30 -12.66 -14.33
CA GLN E 88 38.65 -11.98 -13.21
C GLN E 88 37.45 -12.82 -12.80
N GLU E 89 37.55 -13.45 -11.64
CA GLU E 89 36.53 -14.35 -11.14
C GLU E 89 36.36 -14.12 -9.65
N LYS E 90 35.12 -14.18 -9.19
CA LYS E 90 34.86 -14.01 -7.78
C LYS E 90 35.11 -15.33 -7.05
N PRO E 91 35.54 -15.27 -5.78
CA PRO E 91 35.96 -16.51 -5.10
C PRO E 91 34.83 -17.46 -4.76
N LEU E 92 33.58 -17.01 -4.87
CA LEU E 92 32.44 -17.87 -4.61
C LEU E 92 32.40 -19.02 -5.60
N SER E 93 32.40 -18.68 -6.89
CA SER E 93 32.42 -19.70 -7.94
C SER E 93 33.72 -20.49 -7.93
N ILE E 94 34.80 -19.87 -7.45
CA ILE E 94 36.06 -20.58 -7.31
C ILE E 94 35.92 -21.67 -6.27
N ALA E 95 35.24 -21.37 -5.17
CA ALA E 95 34.99 -22.38 -4.15
C ALA E 95 34.05 -23.46 -4.68
N LEU E 96 33.09 -23.07 -5.52
CA LEU E 96 32.21 -24.04 -6.14
C LEU E 96 32.99 -25.01 -7.02
N ARG E 97 33.94 -24.49 -7.79
CA ARG E 97 34.73 -25.36 -8.65
C ARG E 97 35.71 -26.19 -7.83
N GLU E 98 36.08 -25.70 -6.64
CA GLU E 98 36.82 -26.56 -5.73
C GLU E 98 35.96 -27.72 -5.25
N ILE E 99 34.68 -27.47 -5.04
CA ILE E 99 33.79 -28.55 -4.63
C ILE E 99 33.60 -29.54 -5.76
N HIS E 100 33.39 -29.04 -6.97
CA HIS E 100 33.13 -29.92 -8.09
C HIS E 100 34.37 -30.71 -8.50
N ALA E 101 35.54 -30.20 -8.19
CA ALA E 101 36.78 -30.94 -8.40
C ALA E 101 36.94 -32.09 -7.44
N ASP E 102 36.20 -32.08 -6.33
CA ASP E 102 36.22 -33.09 -5.27
C ASP E 102 37.62 -33.20 -4.65
N LEU E 103 38.05 -32.12 -4.02
CA LEU E 103 39.40 -32.03 -3.47
C LEU E 103 39.50 -31.85 -1.96
N LEU E 104 38.39 -31.89 -1.22
CA LEU E 104 38.53 -31.72 0.21
C LEU E 104 37.38 -32.39 0.93
N GLU E 105 37.42 -32.35 2.26
CA GLU E 105 36.49 -33.04 3.13
C GLU E 105 36.06 -32.11 4.25
N HIS E 106 35.19 -32.62 5.12
CA HIS E 106 34.64 -31.85 6.21
C HIS E 106 34.07 -32.79 7.26
N THR E 107 33.64 -32.21 8.38
CA THR E 107 32.90 -32.91 9.42
C THR E 107 31.66 -32.11 9.73
N GLU E 108 30.73 -32.73 10.45
CA GLU E 108 29.56 -32.02 10.94
C GLU E 108 29.89 -31.25 12.22
N GLY E 109 28.84 -30.85 12.92
CA GLY E 109 29.01 -30.21 14.21
C GLY E 109 28.14 -30.83 15.30
N PHE F 205 -46.81 -0.35 32.37
CA PHE F 205 -46.24 -1.56 31.81
C PHE F 205 -45.21 -1.15 30.74
N VAL F 206 -45.05 0.15 30.57
CA VAL F 206 -44.19 0.72 29.53
C VAL F 206 -42.74 0.81 29.99
N TRP F 207 -42.41 0.12 31.08
CA TRP F 207 -41.03 -0.27 31.33
C TRP F 207 -40.52 -1.08 30.15
N ASP F 208 -39.30 -0.83 29.69
CA ASP F 208 -38.81 -1.57 28.55
C ASP F 208 -38.16 -2.91 28.87
N GLU F 209 -36.96 -2.83 29.44
CA GLU F 209 -35.93 -3.83 29.64
C GLU F 209 -34.79 -3.04 30.24
N ASP F 210 -33.86 -3.72 30.91
CA ASP F 210 -32.49 -3.32 31.26
C ASP F 210 -32.29 -1.87 31.70
N GLU F 211 -33.32 -1.25 32.28
CA GLU F 211 -33.27 0.17 32.60
C GLU F 211 -32.83 0.40 34.04
N SER F 212 -33.30 -0.46 34.96
CA SER F 212 -32.76 -0.46 36.30
C SER F 212 -31.30 -0.91 36.29
N GLU F 213 -30.97 -1.83 35.39
CA GLU F 213 -29.57 -2.21 35.18
C GLU F 213 -28.79 -1.08 34.56
N ALA F 214 -29.41 -0.29 33.68
CA ALA F 214 -28.78 0.91 33.14
C ALA F 214 -28.57 1.97 34.21
N LEU F 215 -29.43 1.99 35.22
CA LEU F 215 -29.17 2.79 36.39
C LEU F 215 -28.03 2.22 37.21
N ARG F 216 -27.90 0.88 37.22
CA ARG F 216 -26.77 0.27 37.91
C ARG F 216 -25.49 0.37 37.09
N GLN F 217 -25.61 0.45 35.78
CA GLN F 217 -24.44 0.59 34.92
C GLN F 217 -23.92 2.02 34.92
N ALA F 218 -24.82 2.97 34.65
CA ALA F 218 -24.44 4.38 34.63
C ALA F 218 -24.20 4.89 36.05
N ARG F 219 -24.76 4.22 37.06
CA ARG F 219 -24.46 4.58 38.44
C ARG F 219 -23.15 3.94 38.90
N LYS F 220 -22.90 2.70 38.47
CA LYS F 220 -21.63 2.04 38.81
C LYS F 220 -20.46 2.75 38.16
N ASP F 221 -20.66 3.33 36.98
CA ASP F 221 -19.67 4.23 36.42
C ASP F 221 -19.75 5.63 37.01
N ALA F 222 -20.92 6.05 37.47
CA ALA F 222 -21.13 7.44 37.86
C ALA F 222 -20.47 7.75 39.20
N GLU F 223 -20.57 6.83 40.16
CA GLU F 223 -19.85 7.03 41.41
C GLU F 223 -18.37 6.72 41.24
N LEU F 224 -18.02 6.02 40.16
CA LEU F 224 -16.61 5.77 39.85
C LEU F 224 -15.94 7.05 39.36
N THR F 225 -16.56 7.71 38.36
CA THR F 225 -16.00 8.94 37.84
C THR F 225 -16.19 10.10 38.81
N ALA F 226 -17.27 10.06 39.60
CA ALA F 226 -17.44 11.03 40.67
C ALA F 226 -16.46 10.78 41.81
N SER F 227 -16.01 9.54 41.96
CA SER F 227 -14.95 9.19 42.91
C SER F 227 -13.59 9.12 42.22
N ALA F 228 -13.45 9.84 41.10
CA ALA F 228 -12.18 9.89 40.38
C ALA F 228 -11.59 11.29 40.46
N ASP F 229 -12.36 12.28 40.00
CA ASP F 229 -11.94 13.67 40.07
C ASP F 229 -11.96 14.15 41.52
N SER F 230 -10.81 14.61 42.01
CA SER F 230 -10.65 14.82 43.45
C SER F 230 -11.24 16.14 43.90
N VAL F 231 -11.84 16.90 42.98
CA VAL F 231 -12.55 18.12 43.36
C VAL F 231 -13.81 17.76 44.14
N ARG F 232 -14.42 16.62 43.78
CA ARG F 232 -15.60 16.15 44.49
C ARG F 232 -15.25 15.74 45.91
N ALA F 233 -14.18 14.97 46.06
CA ALA F 233 -13.76 14.52 47.38
C ALA F 233 -13.09 15.64 48.16
N TYR F 234 -12.67 16.69 47.48
CA TYR F 234 -11.91 17.73 48.17
C TYR F 234 -12.80 18.86 48.61
N LEU F 235 -13.73 19.28 47.76
CA LEU F 235 -14.82 20.15 48.21
C LEU F 235 -15.69 19.42 49.22
N LYS F 236 -15.85 18.10 49.02
CA LYS F 236 -16.50 17.26 50.00
C LYS F 236 -15.71 17.22 51.31
N GLN F 237 -14.39 17.28 51.19
CA GLN F 237 -13.55 17.28 52.38
C GLN F 237 -13.64 18.62 53.12
N ILE F 238 -13.56 19.73 52.40
CA ILE F 238 -13.53 21.03 53.05
C ILE F 238 -14.93 21.52 53.36
N GLY F 239 -15.95 20.79 52.92
CA GLY F 239 -17.32 21.23 53.16
C GLY F 239 -17.73 21.07 54.63
N LYS F 240 -16.95 20.31 55.39
CA LYS F 240 -17.25 20.10 56.80
C LYS F 240 -16.82 21.28 57.66
N VAL F 241 -16.14 22.26 57.10
CA VAL F 241 -15.57 23.35 57.88
C VAL F 241 -16.60 24.44 58.10
N ALA F 242 -16.62 25.00 59.31
CA ALA F 242 -17.42 26.17 59.63
C ALA F 242 -16.63 27.45 59.34
N LEU F 243 -17.34 28.50 58.94
CA LEU F 243 -16.73 29.79 58.60
C LEU F 243 -16.47 30.60 59.88
N LEU F 244 -15.48 31.47 59.82
CA LEU F 244 -15.06 32.25 60.98
C LEU F 244 -15.10 33.74 60.67
N ASN F 245 -15.04 34.55 61.72
CA ASN F 245 -14.94 36.00 61.54
C ASN F 245 -13.77 36.60 62.31
N ALA F 246 -13.75 37.94 62.41
CA ALA F 246 -12.57 38.68 62.83
C ALA F 246 -12.22 38.49 64.30
N GLU F 247 -13.15 38.77 65.20
CA GLU F 247 -12.89 38.84 66.64
C GLU F 247 -12.52 37.50 67.24
N GLU F 248 -12.84 36.39 66.57
CA GLU F 248 -12.43 35.07 67.04
C GLU F 248 -10.93 34.89 66.90
N GLU F 249 -10.42 35.08 65.68
CA GLU F 249 -9.00 34.88 65.42
C GLU F 249 -8.14 35.96 66.04
N VAL F 250 -8.75 37.06 66.51
CA VAL F 250 -8.06 37.95 67.44
C VAL F 250 -7.62 37.20 68.68
N GLU F 251 -8.54 36.42 69.26
CA GLU F 251 -8.19 35.63 70.44
C GLU F 251 -7.37 34.41 70.06
N LEU F 252 -7.66 33.80 68.91
CA LEU F 252 -6.94 32.60 68.48
C LEU F 252 -5.49 32.92 68.19
N ALA F 253 -5.22 34.17 67.76
CA ALA F 253 -3.85 34.63 67.62
C ALA F 253 -3.15 34.67 68.97
N LYS F 254 -3.86 35.07 70.03
CA LYS F 254 -3.28 35.05 71.36
C LYS F 254 -3.02 33.62 71.82
N ARG F 255 -3.86 32.69 71.38
CA ARG F 255 -3.66 31.28 71.73
C ARG F 255 -2.43 30.72 71.02
N ILE F 256 -2.26 31.09 69.74
CA ILE F 256 -1.13 30.59 68.96
C ILE F 256 0.17 31.20 69.45
N GLU F 257 0.19 32.52 69.62
CA GLU F 257 1.38 33.23 70.10
C GLU F 257 1.72 32.83 71.52
N ALA F 258 0.70 32.50 72.32
CA ALA F 258 0.94 31.85 73.60
C ALA F 258 1.57 30.47 73.39
N GLY F 259 1.21 29.79 72.30
CA GLY F 259 1.85 28.53 71.99
C GLY F 259 3.32 28.69 71.64
N LEU F 260 3.66 29.73 70.88
CA LEU F 260 5.04 29.89 70.46
C LEU F 260 5.91 30.43 71.58
N TYR F 261 5.35 31.28 72.44
CA TYR F 261 6.16 31.75 73.56
C TYR F 261 6.22 30.71 74.66
N ALA F 262 5.24 29.79 74.68
CA ALA F 262 5.39 28.61 75.51
C ALA F 262 6.41 27.66 74.90
N THR F 263 6.57 27.72 73.58
CA THR F 263 7.54 26.87 72.90
C THR F 263 8.96 27.35 73.17
N GLN F 264 9.21 28.64 72.96
CA GLN F 264 10.53 29.20 73.24
C GLN F 264 10.78 29.26 74.73
N LEU F 265 9.70 29.41 75.51
CA LEU F 265 9.77 29.24 76.96
C LEU F 265 10.21 27.83 77.33
N MET F 266 9.79 26.83 76.56
CA MET F 266 10.21 25.46 76.81
C MET F 266 11.67 25.25 76.39
N THR F 267 12.08 25.89 75.30
CA THR F 267 13.46 25.72 74.84
C THR F 267 14.44 26.42 75.77
N GLU F 268 14.10 27.63 76.21
CA GLU F 268 14.93 28.33 77.19
C GLU F 268 14.84 27.62 78.54
N LEU F 269 13.73 26.94 78.80
CA LEU F 269 13.63 26.09 79.97
C LEU F 269 14.57 24.89 79.85
N SER F 270 14.80 24.42 78.62
CA SER F 270 15.79 23.37 78.41
C SER F 270 17.20 23.93 78.44
N GLU F 271 17.35 25.23 78.17
CA GLU F 271 18.65 25.88 78.25
C GLU F 271 19.10 26.03 79.69
N ARG F 272 18.26 26.64 80.52
CA ARG F 272 18.64 26.92 81.91
C ARG F 272 18.42 25.72 82.82
N GLY F 273 17.80 24.65 82.34
CA GLY F 273 17.38 23.59 83.23
C GLY F 273 16.23 24.07 84.09
N GLU F 274 16.16 23.53 85.31
CA GLU F 274 15.24 23.96 86.37
C GLU F 274 13.78 23.82 85.92
N LYS F 275 13.38 22.56 85.68
CA LYS F 275 12.09 22.26 85.09
C LYS F 275 10.95 22.57 86.07
N LEU F 276 9.92 23.24 85.54
CA LEU F 276 8.71 23.59 86.27
C LEU F 276 7.92 22.34 86.64
N PRO F 277 7.02 22.41 87.65
CA PRO F 277 6.24 21.22 88.01
C PRO F 277 5.21 20.78 86.98
N ALA F 278 4.42 19.77 87.35
CA ALA F 278 3.57 19.05 86.41
C ALA F 278 2.45 19.93 85.86
N ALA F 279 1.84 20.75 86.72
CA ALA F 279 0.82 21.69 86.25
C ALA F 279 1.44 22.76 85.36
N GLN F 280 2.62 23.25 85.73
CA GLN F 280 3.34 24.21 84.90
C GLN F 280 4.08 23.54 83.75
N ARG F 281 3.88 22.23 83.57
CA ARG F 281 4.26 21.52 82.36
C ARG F 281 3.07 21.31 81.42
N ARG F 282 1.93 20.89 81.98
CA ARG F 282 0.76 20.59 81.18
C ARG F 282 0.07 21.86 80.69
N ASP F 283 0.33 22.99 81.36
CA ASP F 283 -0.27 24.23 80.88
C ASP F 283 0.41 24.71 79.60
N MET F 284 1.75 24.64 79.56
CA MET F 284 2.46 25.07 78.36
C MET F 284 2.37 24.03 77.26
N MET F 285 2.37 22.74 77.62
CA MET F 285 2.16 21.71 76.60
C MET F 285 0.74 21.76 76.08
N TRP F 286 -0.20 22.07 76.96
CA TRP F 286 -1.60 22.23 76.56
C TRP F 286 -1.78 23.40 75.61
N ILE F 287 -1.14 24.54 75.89
CA ILE F 287 -1.36 25.71 75.04
C ILE F 287 -0.54 25.57 73.75
N CYS F 288 0.53 24.77 73.78
CA CYS F 288 1.24 24.45 72.55
C CYS F 288 0.39 23.57 71.65
N ARG F 289 -0.44 22.71 72.23
CA ARG F 289 -1.40 21.98 71.41
C ARG F 289 -2.56 22.87 70.99
N ASP F 290 -2.88 23.88 71.82
CA ASP F 290 -4.02 24.74 71.56
C ASP F 290 -3.78 25.66 70.39
N GLY F 291 -2.57 26.22 70.28
CA GLY F 291 -2.25 27.05 69.14
C GLY F 291 -2.22 26.26 67.84
N ASP F 292 -1.93 24.97 67.93
CA ASP F 292 -2.04 24.11 66.77
C ASP F 292 -3.50 23.84 66.43
N ARG F 293 -4.37 23.75 67.44
CA ARG F 293 -5.79 23.50 67.19
C ARG F 293 -6.45 24.70 66.54
N ALA F 294 -6.21 25.90 67.07
CA ALA F 294 -6.79 27.10 66.48
C ALA F 294 -6.12 27.46 65.17
N LYS F 295 -4.81 27.21 65.08
CA LYS F 295 -4.05 27.40 63.85
C LYS F 295 -4.63 26.56 62.72
N ASN F 296 -4.74 25.25 62.95
CA ASN F 296 -5.28 24.34 61.95
C ASN F 296 -6.75 24.63 61.70
N HIS F 297 -7.46 25.13 62.71
CA HIS F 297 -8.85 25.54 62.53
C HIS F 297 -8.94 26.72 61.58
N LEU F 298 -7.97 27.63 61.65
CA LEU F 298 -7.95 28.75 60.73
C LEU F 298 -7.60 28.32 59.32
N LEU F 299 -6.62 27.40 59.20
CA LEU F 299 -6.23 26.87 57.89
C LEU F 299 -7.39 26.16 57.22
N GLU F 300 -8.11 25.34 57.99
CA GLU F 300 -9.37 24.76 57.53
C GLU F 300 -10.37 25.82 57.15
N ALA F 301 -10.44 26.91 57.91
CA ALA F 301 -11.41 27.98 57.62
C ALA F 301 -11.05 28.73 56.34
N ASN F 302 -9.83 28.60 55.86
CA ASN F 302 -9.43 29.37 54.70
C ASN F 302 -8.99 28.51 53.51
N LEU F 303 -9.15 27.19 53.60
CA LEU F 303 -9.15 26.37 52.39
C LEU F 303 -10.24 26.80 51.43
N ARG F 304 -11.38 27.20 51.97
CA ARG F 304 -12.48 27.73 51.16
C ARG F 304 -12.07 29.04 50.50
N LEU F 305 -11.22 29.83 51.17
CA LEU F 305 -10.64 31.00 50.55
C LEU F 305 -9.71 30.63 49.41
N VAL F 306 -8.93 29.55 49.59
CA VAL F 306 -8.05 29.07 48.53
C VAL F 306 -8.85 28.68 47.29
N VAL F 307 -9.97 27.99 47.51
CA VAL F 307 -10.83 27.60 46.41
C VAL F 307 -11.47 28.81 45.75
N SER F 308 -12.01 29.72 46.57
CA SER F 308 -12.77 30.84 46.04
C SER F 308 -11.90 31.83 45.30
N LEU F 309 -10.64 31.97 45.71
CA LEU F 309 -9.77 32.85 44.94
C LEU F 309 -9.22 32.12 43.73
N ALA F 310 -8.79 30.88 43.90
CA ALA F 310 -8.11 30.17 42.83
C ALA F 310 -9.04 29.74 41.70
N LYS F 311 -10.35 29.76 41.92
CA LYS F 311 -11.26 29.02 41.07
C LYS F 311 -11.56 29.69 39.73
N ARG F 312 -10.81 30.70 39.30
CA ARG F 312 -11.11 31.33 38.02
C ARG F 312 -9.86 31.46 37.17
N TYR F 313 -8.70 31.04 37.69
CA TYR F 313 -7.49 31.18 36.90
C TYR F 313 -7.16 29.89 36.14
N THR F 314 -8.17 29.11 35.81
CA THR F 314 -8.00 27.88 35.06
C THR F 314 -7.99 28.17 33.57
N GLY F 315 -8.13 27.09 32.79
CA GLY F 315 -8.17 27.18 31.34
C GLY F 315 -6.85 27.45 30.68
N ARG F 316 -5.75 27.49 31.44
CA ARG F 316 -4.45 27.93 30.95
C ARG F 316 -3.37 27.46 31.92
N GLY F 317 -2.31 26.87 31.37
CA GLY F 317 -1.05 26.71 32.07
C GLY F 317 -0.94 25.49 32.97
N MET F 318 -1.86 25.29 33.89
CA MET F 318 -1.58 24.37 34.99
C MET F 318 -2.88 23.78 35.52
N ALA F 319 -2.78 22.55 36.04
CA ALA F 319 -3.88 21.86 36.68
C ALA F 319 -4.29 22.55 37.97
N PHE F 320 -5.57 22.40 38.31
CA PHE F 320 -6.18 23.20 39.36
C PHE F 320 -5.69 22.78 40.74
N LEU F 321 -5.39 21.51 40.90
CA LEU F 321 -4.94 21.00 42.20
C LEU F 321 -3.58 21.56 42.58
N ASP F 322 -2.72 21.78 41.58
CA ASP F 322 -1.45 22.43 41.81
C ASP F 322 -1.65 23.84 42.34
N LEU F 323 -2.62 24.54 41.76
CA LEU F 323 -2.98 25.88 42.19
C LEU F 323 -3.52 25.86 43.61
N ILE F 324 -4.24 24.80 43.96
CA ILE F 324 -4.68 24.61 45.34
C ILE F 324 -3.50 24.51 46.27
N GLN F 325 -2.50 23.70 45.91
CA GLN F 325 -1.35 23.48 46.80
C GLN F 325 -0.52 24.75 46.98
N GLU F 326 -0.30 25.48 45.90
CA GLU F 326 0.53 26.66 46.03
C GLU F 326 -0.21 27.79 46.70
N GLY F 327 -1.53 27.84 46.51
CA GLY F 327 -2.34 28.75 47.30
C GLY F 327 -2.33 28.40 48.78
N ASN F 328 -2.21 27.11 49.09
CA ASN F 328 -2.08 26.69 50.47
C ASN F 328 -0.77 27.15 51.06
N LEU F 329 0.32 27.06 50.30
CA LEU F 329 1.62 27.46 50.82
C LEU F 329 1.72 28.97 51.01
N GLY F 330 1.20 29.74 50.04
CA GLY F 330 1.14 31.18 50.20
C GLY F 330 0.24 31.59 51.34
N LEU F 331 -0.82 30.81 51.58
CA LEU F 331 -1.65 31.06 52.74
C LEU F 331 -0.93 30.72 54.03
N ILE F 332 -0.03 29.73 54.00
CA ILE F 332 0.78 29.42 55.17
C ILE F 332 1.69 30.59 55.52
N ARG F 333 2.33 31.17 54.49
CA ARG F 333 3.21 32.31 54.72
C ARG F 333 2.44 33.52 55.22
N ALA F 334 1.23 33.72 54.69
CA ALA F 334 0.39 34.84 55.13
C ALA F 334 -0.07 34.64 56.57
N VAL F 335 -0.36 33.40 56.96
CA VAL F 335 -0.62 33.07 58.36
C VAL F 335 0.60 33.38 59.21
N GLU F 336 1.78 33.07 58.70
CA GLU F 336 3.01 33.33 59.44
C GLU F 336 3.27 34.83 59.58
N LYS F 337 2.71 35.65 58.71
CA LYS F 337 3.05 37.07 58.69
C LYS F 337 1.83 37.94 59.02
N PHE F 338 0.77 37.36 59.56
CA PHE F 338 -0.44 38.13 59.81
C PHE F 338 -0.37 38.83 61.16
N ASP F 339 -0.96 40.03 61.22
CA ASP F 339 -1.14 40.78 62.45
C ASP F 339 -2.62 41.15 62.59
N TYR F 340 -3.11 41.13 63.82
CA TYR F 340 -4.49 41.50 64.08
C TYR F 340 -4.65 42.91 64.66
N THR F 341 -3.57 43.49 65.20
CA THR F 341 -3.66 44.88 65.65
C THR F 341 -3.67 45.87 64.50
N LYS F 342 -3.42 45.42 63.27
CA LYS F 342 -3.54 46.29 62.12
C LYS F 342 -4.99 46.55 61.74
N GLY F 343 -5.90 45.64 62.11
CA GLY F 343 -7.31 45.83 61.85
C GLY F 343 -7.69 45.73 60.39
N TYR F 344 -7.61 44.52 59.82
CA TYR F 344 -8.01 44.30 58.45
C TYR F 344 -8.73 42.97 58.32
N LYS F 345 -9.26 42.74 57.13
CA LYS F 345 -9.74 41.41 56.77
C LYS F 345 -8.55 40.49 56.56
N PHE F 346 -8.67 39.27 57.08
CA PHE F 346 -7.60 38.29 56.96
C PHE F 346 -7.40 37.86 55.51
N SER F 347 -8.49 37.75 54.76
CA SER F 347 -8.39 37.36 53.36
C SER F 347 -7.77 38.48 52.53
N THR F 348 -8.17 39.72 52.83
CA THR F 348 -7.61 40.88 52.14
C THR F 348 -6.14 41.05 52.49
N TYR F 349 -5.75 40.61 53.69
CA TYR F 349 -4.33 40.45 53.99
C TYR F 349 -3.68 39.39 53.11
N ALA F 350 -4.29 38.21 53.04
CA ALA F 350 -3.61 37.07 52.42
C ALA F 350 -3.60 37.14 50.91
N THR F 351 -4.37 38.08 50.33
CA THR F 351 -4.64 38.07 48.90
C THR F 351 -3.38 38.33 48.08
N TRP F 352 -2.49 39.17 48.61
CA TRP F 352 -1.20 39.41 47.97
C TRP F 352 -0.34 38.16 47.96
N TRP F 353 -0.41 37.38 49.04
CA TRP F 353 0.41 36.19 49.14
C TRP F 353 -0.14 35.07 48.27
N ILE F 354 -1.47 34.99 48.18
CA ILE F 354 -2.13 33.99 47.36
C ILE F 354 -1.93 34.26 45.89
N ARG F 355 -2.25 35.47 45.42
CA ARG F 355 -2.02 35.84 44.03
C ARG F 355 -0.55 35.88 43.69
N GLN F 356 0.29 36.22 44.67
CA GLN F 356 1.73 36.18 44.46
C GLN F 356 2.21 34.76 44.28
N ALA F 357 1.58 33.81 44.97
CA ALA F 357 1.88 32.41 44.75
C ALA F 357 1.42 31.95 43.38
N ILE F 358 0.35 32.56 42.86
CA ILE F 358 -0.12 32.27 41.52
C ILE F 358 0.89 32.75 40.49
N THR F 359 1.40 33.97 40.68
CA THR F 359 2.39 34.52 39.76
C THR F 359 3.70 33.74 39.83
N ARG F 360 4.05 33.27 41.03
CA ARG F 360 5.30 32.51 41.17
C ARG F 360 5.18 31.14 40.53
N ALA F 361 4.10 30.42 40.82
CA ALA F 361 3.97 29.05 40.34
C ALA F 361 3.72 29.02 38.84
N MET F 362 2.83 29.90 38.36
CA MET F 362 2.60 29.98 36.92
C MET F 362 3.81 30.56 36.20
N ALA F 363 4.60 31.35 36.92
CA ALA F 363 5.88 31.78 36.37
C ALA F 363 6.83 30.60 36.21
N ASP F 364 6.75 29.62 37.11
CA ASP F 364 7.73 28.55 37.08
C ASP F 364 7.32 27.41 36.13
N GLN F 365 6.17 26.79 36.38
CA GLN F 365 5.91 25.46 35.89
C GLN F 365 4.83 25.43 34.81
N ALA F 366 4.85 26.40 33.91
CA ALA F 366 3.84 26.48 32.87
C ALA F 366 4.39 26.31 31.47
N ARG F 367 5.71 26.19 31.30
CA ARG F 367 6.31 26.09 29.99
C ARG F 367 7.30 24.94 29.96
N THR F 368 7.54 24.42 28.76
CA THR F 368 8.56 23.41 28.57
C THR F 368 9.95 23.99 28.80
N ILE F 369 10.18 25.20 28.30
CA ILE F 369 11.42 25.91 28.51
C ILE F 369 11.14 27.01 29.53
N ARG F 370 11.86 26.99 30.64
CA ARG F 370 11.60 27.97 31.68
C ARG F 370 12.24 29.31 31.32
N ILE F 371 11.39 30.34 31.26
CA ILE F 371 11.80 31.68 30.87
C ILE F 371 11.87 32.50 32.14
N PRO F 372 12.89 33.34 32.33
CA PRO F 372 12.93 34.22 33.52
C PRO F 372 11.80 35.24 33.54
N VAL F 373 11.43 35.67 34.75
CA VAL F 373 10.15 36.30 34.97
C VAL F 373 10.13 37.72 34.44
N HIS F 374 11.32 38.33 34.31
CA HIS F 374 11.39 39.68 33.76
C HIS F 374 11.04 39.68 32.28
N MET F 375 11.29 38.59 31.60
CA MET F 375 10.82 38.44 30.24
C MET F 375 9.32 38.17 30.22
N VAL F 376 8.82 37.50 31.27
CA VAL F 376 7.38 37.22 31.37
C VAL F 376 6.61 38.51 31.59
N GLU F 377 7.27 39.51 32.18
CA GLU F 377 6.71 40.86 32.29
C GLU F 377 6.33 41.43 30.93
N VAL F 378 7.24 41.33 29.96
CA VAL F 378 6.91 41.86 28.65
C VAL F 378 6.22 40.81 27.80
N ILE F 379 6.07 39.58 28.29
CA ILE F 379 5.12 38.68 27.68
C ILE F 379 3.70 39.12 27.98
N ASN F 380 3.45 39.47 29.25
CA ASN F 380 2.13 39.95 29.64
C ASN F 380 1.85 41.32 29.04
N LYS F 381 2.83 42.21 29.10
CA LYS F 381 2.66 43.55 28.55
C LYS F 381 2.60 43.50 27.03
N LEU F 382 3.33 42.57 26.43
CA LEU F 382 3.33 42.44 24.98
C LEU F 382 2.04 41.81 24.47
N GLY F 383 1.49 40.85 25.21
CA GLY F 383 0.20 40.32 24.82
C GLY F 383 -0.92 41.29 25.11
N ARG F 384 -0.71 42.18 26.07
CA ARG F 384 -1.71 43.20 26.39
C ARG F 384 -1.76 44.25 25.30
N ILE F 385 -0.62 44.87 24.99
CA ILE F 385 -0.56 45.88 23.94
C ILE F 385 -0.80 45.25 22.57
N GLN F 386 -0.41 44.00 22.40
CA GLN F 386 -0.61 43.31 21.14
C GLN F 386 -2.07 42.96 20.91
N ARG F 387 -2.75 42.48 21.96
CA ARG F 387 -4.15 42.11 21.82
C ARG F 387 -5.05 43.34 21.75
N GLU F 388 -4.84 44.28 22.68
CA GLU F 388 -5.68 45.47 22.72
C GLU F 388 -5.40 46.38 21.54
N LEU F 389 -4.13 46.52 21.16
CA LEU F 389 -3.78 47.28 19.96
C LEU F 389 -4.24 46.55 18.71
N LEU F 390 -4.24 45.22 18.75
CA LEU F 390 -4.79 44.43 17.66
C LEU F 390 -6.29 44.69 17.52
N GLN F 391 -6.96 45.01 18.62
CA GLN F 391 -8.35 45.47 18.53
C GLN F 391 -8.39 46.93 18.05
N ASP F 392 -7.35 47.71 18.36
CA ASP F 392 -7.34 49.13 18.02
C ASP F 392 -7.22 49.34 16.52
N LEU F 393 -6.26 48.67 15.89
CA LEU F 393 -6.23 48.65 14.43
C LEU F 393 -7.34 47.76 13.88
N GLY F 394 -7.87 46.84 14.69
CA GLY F 394 -8.90 45.95 14.21
C GLY F 394 -8.37 44.76 13.45
N ARG F 395 -7.05 44.62 13.37
CA ARG F 395 -6.45 43.56 12.55
C ARG F 395 -5.06 43.28 13.09
N GLU F 396 -4.33 42.44 12.38
CA GLU F 396 -3.00 42.01 12.76
C GLU F 396 -2.00 43.16 12.68
N PRO F 397 -1.28 43.46 13.75
CA PRO F 397 -0.27 44.53 13.68
C PRO F 397 1.02 44.07 13.02
N THR F 398 1.94 45.02 12.84
CA THR F 398 3.25 44.77 12.25
C THR F 398 4.30 44.91 13.33
N PRO F 399 5.43 44.17 13.22
CA PRO F 399 6.43 44.16 14.30
C PRO F 399 7.15 45.48 14.49
N GLU F 400 7.27 46.26 13.41
CA GLU F 400 7.87 47.58 13.52
C GLU F 400 6.92 48.55 14.22
N GLU F 401 5.62 48.26 14.18
CA GLU F 401 4.66 49.08 14.89
C GLU F 401 4.74 48.83 16.40
N LEU F 402 4.89 47.55 16.79
CA LEU F 402 5.10 47.24 18.19
C LEU F 402 6.45 47.73 18.66
N ALA F 403 7.43 47.72 17.75
CA ALA F 403 8.73 48.31 18.03
C ALA F 403 8.62 49.80 18.27
N LYS F 404 7.71 50.45 17.54
CA LYS F 404 7.46 51.87 17.76
C LYS F 404 6.77 52.12 19.09
N GLU F 405 5.70 51.37 19.38
CA GLU F 405 4.85 51.75 20.49
C GLU F 405 5.39 51.24 21.81
N MET F 406 5.93 50.02 21.84
CA MET F 406 6.55 49.48 23.03
C MET F 406 8.05 49.86 23.08
N ASP F 407 8.49 50.71 22.14
CA ASP F 407 9.73 51.47 22.21
C ASP F 407 10.96 50.57 22.17
N ILE F 408 10.98 49.65 21.21
CA ILE F 408 12.07 48.69 21.04
C ILE F 408 12.42 48.59 19.56
N THR F 409 13.27 47.63 19.25
CA THR F 409 13.58 47.27 17.88
C THR F 409 12.65 46.16 17.40
N PRO F 410 12.43 46.05 16.07
CA PRO F 410 11.60 44.94 15.57
C PRO F 410 12.23 43.57 15.76
N GLU F 411 13.56 43.51 15.84
CA GLU F 411 14.24 42.25 16.12
C GLU F 411 14.02 41.82 17.57
N LYS F 412 13.79 42.77 18.47
CA LYS F 412 13.47 42.46 19.85
C LYS F 412 12.14 41.75 19.95
N VAL F 413 11.07 42.38 19.44
CA VAL F 413 9.74 41.79 19.48
C VAL F 413 9.68 40.55 18.60
N LEU F 414 10.53 40.48 17.58
CA LEU F 414 10.58 39.28 16.75
C LEU F 414 11.20 38.12 17.52
N GLU F 415 12.21 38.43 18.35
CA GLU F 415 12.78 37.41 19.24
C GLU F 415 11.76 36.96 20.28
N ILE F 416 10.95 37.89 20.79
CA ILE F 416 9.96 37.54 21.79
C ILE F 416 8.86 36.68 21.18
N GLN F 417 8.46 37.00 19.95
CA GLN F 417 7.49 36.18 19.24
C GLN F 417 8.06 34.81 18.92
N GLN F 418 9.37 34.72 18.75
CA GLN F 418 9.99 33.40 18.63
C GLN F 418 9.94 32.66 19.96
N TYR F 419 10.11 33.38 21.06
CA TYR F 419 10.19 32.73 22.36
C TYR F 419 8.83 32.33 22.88
N ALA F 420 7.77 32.95 22.38
CA ALA F 420 6.47 32.84 23.05
C ALA F 420 5.78 31.52 22.73
N ARG F 421 6.19 30.86 21.66
CA ARG F 421 5.46 29.72 21.14
C ARG F 421 5.67 28.47 22.00
N GLU F 422 4.65 27.63 22.08
CA GLU F 422 4.71 26.33 22.73
C GLU F 422 5.40 25.36 21.78
N PRO F 423 6.11 24.36 22.32
CA PRO F 423 6.70 23.35 21.44
C PRO F 423 5.63 22.44 20.87
N ILE F 424 5.86 22.00 19.64
CA ILE F 424 4.95 21.10 18.96
C ILE F 424 5.17 19.70 19.48
N SER F 425 4.10 18.97 19.72
CA SER F 425 4.21 17.57 20.12
C SER F 425 4.71 16.73 18.97
N LEU F 426 5.07 15.49 19.28
CA LEU F 426 5.70 14.60 18.32
C LEU F 426 4.76 13.48 17.87
N ASP F 427 3.73 13.19 18.66
CA ASP F 427 3.02 11.93 18.55
C ASP F 427 1.67 12.04 17.88
N GLN F 428 1.27 13.25 17.47
CA GLN F 428 -0.01 13.43 16.81
C GLN F 428 0.03 12.88 15.39
N THR F 429 -1.14 12.54 14.85
CA THR F 429 -1.24 12.01 13.51
C THR F 429 -1.00 13.11 12.49
N ILE F 430 -0.65 12.72 11.27
CA ILE F 430 -0.48 13.69 10.18
C ILE F 430 -1.83 13.78 9.46
N GLY F 431 -2.74 14.55 10.07
CA GLY F 431 -3.90 15.15 9.43
C GLY F 431 -4.90 14.31 8.66
N ASP F 432 -4.71 13.00 8.62
CA ASP F 432 -5.36 12.14 7.64
C ASP F 432 -5.33 10.73 8.22
N GLU F 433 -5.58 9.72 7.38
CA GLU F 433 -5.24 8.34 7.70
C GLU F 433 -3.73 8.25 7.90
N GLY F 434 -3.29 7.94 9.12
CA GLY F 434 -4.15 7.57 10.22
C GLY F 434 -3.42 6.53 11.03
N ASP F 435 -2.38 5.98 10.40
CA ASP F 435 -1.49 5.00 10.99
C ASP F 435 -0.10 5.55 11.28
N SER F 436 0.43 6.40 10.40
CA SER F 436 1.76 6.93 10.59
C SER F 436 1.76 8.04 11.64
N GLN F 437 2.95 8.43 12.04
CA GLN F 437 3.17 9.48 13.01
C GLN F 437 3.96 10.60 12.36
N LEU F 438 4.42 11.54 13.20
CA LEU F 438 5.30 12.58 12.72
C LEU F 438 6.75 12.15 12.67
N GLY F 439 7.16 11.21 13.54
CA GLY F 439 8.56 10.87 13.72
C GLY F 439 9.24 10.18 12.56
N ASP F 440 8.46 9.82 11.55
CA ASP F 440 8.95 9.18 10.34
C ASP F 440 9.60 10.17 9.38
N PHE F 441 9.50 11.46 9.63
CA PHE F 441 9.82 12.47 8.64
C PHE F 441 10.97 13.38 9.05
N ILE F 442 11.70 13.04 10.10
CA ILE F 442 12.66 13.95 10.70
C ILE F 442 14.01 13.74 10.04
N GLU F 443 14.50 14.80 9.39
CA GLU F 443 15.75 14.77 8.67
C GLU F 443 16.88 15.27 9.57
N ASP F 444 17.94 14.48 9.69
CA ASP F 444 19.09 14.92 10.47
C ASP F 444 20.15 15.49 9.54
N SER F 445 20.54 16.72 9.81
CA SER F 445 21.72 17.29 9.18
C SER F 445 23.00 16.97 9.94
N GLU F 446 22.87 16.46 11.16
CA GLU F 446 24.02 16.02 11.94
C GLU F 446 24.15 14.50 11.88
N ALA F 447 23.71 13.92 10.77
CA ALA F 447 23.69 12.48 10.62
C ALA F 447 25.11 11.93 10.41
N VAL F 448 25.23 10.62 10.62
CA VAL F 448 26.52 9.94 10.48
C VAL F 448 26.62 9.50 9.03
N VAL F 449 27.25 10.34 8.21
CA VAL F 449 27.61 9.93 6.87
C VAL F 449 28.73 8.90 6.94
N ALA F 450 28.68 7.92 6.02
CA ALA F 450 29.65 6.84 6.05
C ALA F 450 30.91 7.17 5.24
N VAL F 451 30.72 7.83 4.10
CA VAL F 451 31.80 7.92 3.11
C VAL F 451 32.89 8.88 3.58
N ASP F 452 32.50 9.93 4.32
CA ASP F 452 33.50 10.82 4.89
C ASP F 452 34.23 10.15 6.04
N ALA F 453 33.52 9.30 6.78
CA ALA F 453 34.09 8.61 7.92
C ALA F 453 35.17 7.64 7.48
N VAL F 454 34.88 6.85 6.44
CA VAL F 454 35.89 5.97 5.87
C VAL F 454 36.99 6.80 5.23
N SER F 455 36.59 7.92 4.62
CA SER F 455 37.50 8.85 3.97
C SER F 455 38.47 9.47 4.96
N PHE F 456 38.01 9.67 6.19
CA PHE F 456 38.82 10.35 7.20
C PHE F 456 39.97 9.47 7.65
N THR F 457 39.71 8.18 7.83
CA THR F 457 40.75 7.28 8.32
C THR F 457 41.80 7.04 7.25
N LEU F 458 41.36 6.82 6.02
CA LEU F 458 42.30 6.61 4.92
C LEU F 458 43.03 7.88 4.60
N LEU F 459 42.40 9.02 4.85
CA LEU F 459 43.07 10.31 4.81
C LEU F 459 44.21 10.36 5.81
N GLN F 460 43.96 9.93 7.04
CA GLN F 460 45.01 9.86 8.06
C GLN F 460 46.09 8.86 7.64
N ASP F 461 45.70 7.81 6.93
CA ASP F 461 46.67 6.85 6.42
C ASP F 461 47.55 7.47 5.37
N GLN F 462 46.99 8.36 4.55
CA GLN F 462 47.80 9.05 3.56
C GLN F 462 48.70 10.09 4.22
N LEU F 463 48.23 10.66 5.35
CA LEU F 463 49.10 11.47 6.19
C LEU F 463 50.29 10.67 6.71
N GLN F 464 50.05 9.41 7.06
CA GLN F 464 51.16 8.58 7.54
C GLN F 464 52.12 8.25 6.40
N SER F 465 51.57 7.81 5.27
CA SER F 465 52.42 7.33 4.16
C SER F 465 53.21 8.46 3.51
N VAL F 466 52.61 9.64 3.41
CA VAL F 466 53.34 10.77 2.83
C VAL F 466 54.28 11.38 3.87
N LEU F 467 53.78 11.57 5.09
CA LEU F 467 54.55 12.27 6.11
C LEU F 467 55.72 11.46 6.64
N ASP F 468 55.71 10.14 6.48
CA ASP F 468 56.87 9.39 6.95
C ASP F 468 58.00 9.35 5.94
N THR F 469 57.79 9.85 4.72
CA THR F 469 58.82 9.86 3.69
C THR F 469 59.74 11.07 3.75
N LEU F 470 59.44 12.05 4.60
CA LEU F 470 60.30 13.21 4.77
C LEU F 470 61.32 12.90 5.88
N SER F 471 62.03 13.93 6.32
CA SER F 471 63.19 13.71 7.18
C SER F 471 62.76 13.36 8.61
N GLU F 472 63.76 12.94 9.39
CA GLU F 472 63.54 12.54 10.77
C GLU F 472 63.13 13.72 11.63
N ARG F 473 63.74 14.88 11.39
CA ARG F 473 63.49 16.05 12.24
C ARG F 473 62.13 16.66 11.96
N GLU F 474 61.82 16.86 10.68
CA GLU F 474 60.60 17.58 10.28
C GLU F 474 59.34 16.83 10.66
N ALA F 475 59.42 15.50 10.75
CA ALA F 475 58.31 14.70 11.26
C ALA F 475 57.99 15.07 12.71
N GLY F 476 59.02 15.13 13.55
CA GLY F 476 58.79 15.51 14.94
C GLY F 476 58.43 16.98 15.11
N VAL F 477 58.92 17.85 14.23
CA VAL F 477 58.60 19.26 14.32
C VAL F 477 57.13 19.50 13.96
N VAL F 478 56.67 18.84 12.90
CA VAL F 478 55.28 19.02 12.48
C VAL F 478 54.33 18.30 13.44
N ARG F 479 54.68 17.09 13.86
CA ARG F 479 53.80 16.33 14.74
C ARG F 479 53.72 16.94 16.12
N LEU F 480 54.87 17.26 16.72
CA LEU F 480 54.86 17.88 18.04
C LEU F 480 54.38 19.32 17.98
N ARG F 481 54.55 19.98 16.83
CA ARG F 481 54.04 21.34 16.66
C ARG F 481 52.52 21.35 16.56
N PHE F 482 51.98 20.73 15.52
CA PHE F 482 50.58 20.87 15.15
C PHE F 482 49.62 20.10 16.03
N GLY F 483 50.12 19.36 17.00
CA GLY F 483 49.22 18.60 17.85
C GLY F 483 48.67 17.40 17.13
N LEU F 484 49.56 16.53 16.66
CA LEU F 484 49.14 15.38 15.86
C LEU F 484 49.31 14.08 16.64
N THR F 485 50.50 13.88 17.20
CA THR F 485 50.75 12.68 18.00
C THR F 485 50.14 12.82 19.39
N ASP F 486 49.84 14.06 19.80
CA ASP F 486 49.29 14.28 21.14
C ASP F 486 47.90 14.90 21.07
N GLY F 487 47.70 15.85 20.15
CA GLY F 487 46.40 16.48 20.00
C GLY F 487 46.33 17.93 20.46
N GLN F 488 47.44 18.58 20.81
CA GLN F 488 47.39 19.94 21.32
C GLN F 488 48.39 20.83 20.59
N PRO F 489 47.95 21.96 20.02
CA PRO F 489 48.89 22.96 19.49
C PRO F 489 49.73 23.56 20.61
N ARG F 490 51.00 23.74 20.31
CA ARG F 490 51.96 24.15 21.32
C ARG F 490 52.58 25.48 20.94
N THR F 491 53.30 26.09 21.86
CA THR F 491 53.97 27.35 21.58
C THR F 491 55.25 27.11 20.78
N LEU F 492 55.95 28.20 20.49
CA LEU F 492 57.20 28.10 19.73
C LEU F 492 58.28 27.42 20.56
N ASP F 493 58.39 27.80 21.83
CA ASP F 493 59.53 27.38 22.63
C ASP F 493 59.33 25.99 23.22
N GLU F 494 58.15 25.40 23.03
CA GLU F 494 57.86 24.14 23.68
C GLU F 494 58.53 22.97 22.95
N ILE F 495 58.47 22.96 21.62
CA ILE F 495 59.05 21.86 20.87
C ILE F 495 60.53 22.13 20.60
N GLY F 496 60.93 23.39 20.74
CA GLY F 496 62.34 23.72 20.69
C GLY F 496 62.96 23.48 22.04
N GLN F 497 62.11 23.37 23.06
CA GLN F 497 62.57 23.13 24.42
C GLN F 497 63.09 21.72 24.57
N VAL F 498 62.43 20.75 23.93
CA VAL F 498 62.88 19.36 23.98
C VAL F 498 64.10 19.13 23.09
N TYR F 499 64.32 19.98 22.09
CA TYR F 499 65.45 19.84 21.19
C TYR F 499 66.65 20.64 21.64
N GLY F 500 66.46 21.59 22.56
CA GLY F 500 67.55 22.47 22.95
C GLY F 500 67.96 23.44 21.87
N VAL F 501 67.01 23.90 21.06
CA VAL F 501 67.32 24.79 19.94
C VAL F 501 66.55 26.09 20.11
N THR F 502 66.71 26.99 19.14
CA THR F 502 66.10 28.32 19.19
C THR F 502 64.74 28.29 18.48
N ARG F 503 63.99 29.39 18.63
CA ARG F 503 62.71 29.51 17.93
C ARG F 503 62.93 29.71 16.44
N GLU F 504 64.01 30.42 16.08
CA GLU F 504 64.30 30.71 14.69
C GLU F 504 64.76 29.46 13.95
N ARG F 505 65.49 28.58 14.64
CA ARG F 505 65.86 27.29 14.07
C ARG F 505 64.64 26.44 13.76
N ILE F 506 63.64 26.44 14.63
CA ILE F 506 62.37 25.78 14.37
C ILE F 506 61.63 26.43 13.23
N ARG F 507 61.68 27.77 13.14
CA ARG F 507 60.87 28.46 12.16
C ARG F 507 61.45 28.35 10.76
N GLN F 508 62.78 28.21 10.65
CA GLN F 508 63.39 28.09 9.33
C GLN F 508 63.28 26.66 8.80
N ILE F 509 63.36 25.67 9.70
CA ILE F 509 63.20 24.28 9.30
C ILE F 509 61.73 24.00 9.00
N GLU F 510 60.84 24.60 9.77
CA GLU F 510 59.40 24.43 9.54
C GLU F 510 58.94 25.18 8.30
N SER F 511 59.46 26.38 8.09
CA SER F 511 59.07 27.16 6.92
C SER F 511 59.65 26.56 5.65
N LYS F 512 60.89 26.07 5.74
CA LYS F 512 61.49 25.35 4.63
C LYS F 512 60.77 24.02 4.40
N THR F 513 60.22 23.44 5.46
CA THR F 513 59.37 22.26 5.32
C THR F 513 58.09 22.62 4.59
N MET F 514 57.53 23.80 4.86
CA MET F 514 56.36 24.27 4.14
C MET F 514 56.68 24.54 2.68
N SER F 515 57.94 24.87 2.38
CA SER F 515 58.36 24.89 0.98
C SER F 515 58.46 23.48 0.41
N LYS F 516 58.83 22.51 1.25
CA LYS F 516 58.94 21.13 0.77
C LYS F 516 57.57 20.53 0.52
N LEU F 517 56.56 21.00 1.25
CA LEU F 517 55.23 20.40 1.14
C LEU F 517 54.53 20.86 -0.13
N ARG F 518 54.92 22.02 -0.66
CA ARG F 518 54.32 22.50 -1.89
C ARG F 518 55.04 21.97 -3.12
N HIS F 519 55.96 21.04 -2.92
CA HIS F 519 56.42 20.21 -4.03
C HIS F 519 55.25 19.38 -4.54
N PRO F 520 54.96 19.43 -5.83
CA PRO F 520 53.63 18.99 -6.30
C PRO F 520 53.46 17.49 -6.44
N SER F 521 54.54 16.71 -6.34
CA SER F 521 54.38 15.26 -6.43
C SER F 521 53.65 14.73 -5.21
N ARG F 522 53.89 15.35 -4.06
CA ARG F 522 53.10 15.04 -2.88
C ARG F 522 51.71 15.63 -2.99
N SER F 523 51.61 16.84 -3.55
CA SER F 523 50.35 17.57 -3.60
C SER F 523 49.35 16.98 -4.59
N GLN F 524 49.82 16.17 -5.54
CA GLN F 524 48.93 15.60 -6.53
C GLN F 524 47.98 14.58 -5.91
N VAL F 525 48.48 13.73 -5.02
CA VAL F 525 47.62 12.77 -4.36
C VAL F 525 46.81 13.41 -3.25
N LEU F 526 47.14 14.64 -2.85
CA LEU F 526 46.50 15.27 -1.72
C LEU F 526 45.53 16.37 -2.11
N ARG F 527 45.51 16.77 -3.38
CA ARG F 527 44.63 17.86 -3.79
C ARG F 527 43.16 17.48 -3.70
N ASP F 528 42.80 16.27 -4.16
CA ASP F 528 41.42 15.80 -4.04
C ASP F 528 41.03 15.54 -2.59
N TYR F 529 42.02 15.35 -1.71
CA TYR F 529 41.73 15.12 -0.31
C TYR F 529 41.33 16.40 0.43
N LEU F 530 41.30 17.54 -0.27
CA LEU F 530 40.70 18.74 0.28
C LEU F 530 39.19 18.52 0.33
N ALA G 2 1.71 18.92 7.50
CA ALA G 2 2.95 19.53 7.06
C ALA G 2 3.94 18.48 6.59
N ASP G 3 3.44 17.45 5.88
CA ASP G 3 4.29 16.38 5.40
C ASP G 3 5.19 16.83 4.26
N ARG G 4 6.43 17.16 4.59
CA ARG G 4 7.40 17.67 3.62
C ARG G 4 8.79 17.30 4.16
N VAL G 5 9.78 17.25 3.27
CA VAL G 5 11.13 16.87 3.66
C VAL G 5 11.77 18.03 4.40
N LEU G 6 11.75 17.97 5.73
CA LEU G 6 12.16 19.06 6.59
C LEU G 6 13.19 18.56 7.59
N ARG G 7 14.21 19.37 7.86
CA ARG G 7 15.26 18.98 8.79
C ARG G 7 15.15 19.73 10.10
N GLY G 8 15.52 19.05 11.18
CA GLY G 8 15.57 19.64 12.50
C GLY G 8 16.98 19.59 13.04
N SER G 9 17.12 19.54 14.36
CA SER G 9 18.44 19.57 14.96
C SER G 9 18.44 18.89 16.32
N ARG G 10 19.40 17.99 16.50
CA ARG G 10 19.88 17.65 17.83
C ARG G 10 20.81 18.74 18.33
N LEU G 11 21.28 18.58 19.55
CA LEU G 11 22.30 19.46 20.09
C LEU G 11 23.47 18.58 20.51
N GLY G 12 24.67 19.13 20.47
CA GLY G 12 25.83 18.38 20.87
C GLY G 12 26.92 18.51 19.82
N ALA G 13 27.70 17.43 19.69
CA ALA G 13 28.79 17.43 18.72
C ALA G 13 28.89 16.06 18.07
N VAL G 14 29.34 16.06 16.82
CA VAL G 14 29.60 14.84 16.05
C VAL G 14 31.08 14.85 15.66
N SER G 15 31.78 13.77 15.95
CA SER G 15 33.19 13.64 15.61
C SER G 15 33.45 12.27 15.00
N TYR G 16 34.30 12.24 13.97
CA TYR G 16 34.73 11.00 13.33
C TYR G 16 36.08 10.54 13.80
N GLU G 17 36.37 10.69 15.09
CA GLU G 17 37.66 10.32 15.65
C GLU G 17 37.88 8.81 15.58
N THR G 18 39.13 8.39 15.46
CA THR G 18 39.46 6.97 15.35
C THR G 18 39.43 6.32 16.73
N ASP G 19 39.32 5.01 16.76
CA ASP G 19 39.24 4.30 18.03
C ASP G 19 40.57 3.65 18.35
N ARG G 20 40.88 3.56 19.65
CA ARG G 20 42.04 2.83 20.13
C ARG G 20 41.79 2.47 21.58
N ASN G 21 42.59 1.54 22.10
CA ASN G 21 42.53 1.12 23.49
C ASN G 21 43.88 1.20 24.20
N HIS G 22 44.76 2.10 23.76
CA HIS G 22 46.07 2.22 24.37
C HIS G 22 46.48 3.68 24.36
N ASP G 23 47.53 3.98 25.13
CA ASP G 23 48.13 5.31 25.28
C ASP G 23 47.08 6.33 25.75
N LEU G 24 46.49 6.07 26.89
CA LEU G 24 45.57 7.01 27.49
C LEU G 24 46.22 7.65 28.71
N ALA G 25 45.56 8.65 29.25
CA ALA G 25 46.10 9.35 30.40
C ALA G 25 45.94 8.50 31.66
N PRO G 26 46.94 8.44 32.53
CA PRO G 26 46.81 7.67 33.76
C PRO G 26 45.87 8.33 34.75
N ARG G 27 45.56 7.60 35.82
CA ARG G 27 44.46 7.95 36.69
C ARG G 27 44.85 7.86 38.15
N GLN G 28 43.86 8.09 39.00
CA GLN G 28 43.97 7.95 40.44
C GLN G 28 42.57 7.69 40.99
N ILE G 29 42.49 6.90 42.06
CA ILE G 29 41.21 6.44 42.59
C ILE G 29 41.06 6.87 44.03
N ALA G 30 40.05 7.69 44.29
CA ALA G 30 39.56 7.95 45.63
C ALA G 30 38.27 7.20 45.83
N ARG G 31 37.99 6.85 47.09
CA ARG G 31 36.81 6.06 47.42
C ARG G 31 36.00 6.86 48.43
N TYR G 32 35.18 7.77 47.94
CA TYR G 32 34.41 8.67 48.79
C TYR G 32 33.37 7.90 49.60
N ARG G 33 33.04 8.45 50.77
CA ARG G 33 32.18 7.76 51.71
C ARG G 33 30.98 8.63 52.03
N THR G 34 29.78 8.08 51.82
CA THR G 34 28.55 8.83 52.03
C THR G 34 28.11 8.69 53.49
N ASP G 35 26.96 9.29 53.82
CA ASP G 35 26.45 9.18 55.17
C ASP G 35 25.97 7.76 55.46
N ASN G 36 25.38 7.11 54.47
CA ASN G 36 24.83 5.78 54.65
C ASN G 36 25.85 4.69 54.32
N GLY G 37 27.06 4.83 54.86
CA GLY G 37 28.11 3.82 54.86
C GLY G 37 28.48 3.18 53.54
N GLU G 38 29.05 3.95 52.63
CA GLU G 38 29.33 3.45 51.29
C GLU G 38 30.76 3.74 50.90
N GLU G 39 31.28 2.96 49.96
CA GLU G 39 32.59 3.18 49.37
C GLU G 39 32.47 3.16 47.87
N PHE G 40 32.70 4.32 47.24
CA PHE G 40 32.44 4.50 45.82
C PHE G 40 33.76 4.78 45.13
N GLU G 41 34.27 3.81 44.40
CA GLU G 41 35.54 3.94 43.70
C GLU G 41 35.35 4.90 42.52
N VAL G 42 35.74 6.15 42.72
CA VAL G 42 35.56 7.16 41.69
C VAL G 42 36.91 7.43 41.04
N PRO G 43 37.07 7.09 39.77
CA PRO G 43 38.33 7.39 39.08
C PRO G 43 38.50 8.88 38.84
N PHE G 44 39.70 9.35 39.15
CA PHE G 44 40.05 10.73 38.87
C PHE G 44 41.29 10.73 38.01
N ALA G 45 41.43 11.80 37.21
CA ALA G 45 42.64 12.01 36.46
C ALA G 45 43.82 12.17 37.42
N ASP G 46 44.97 11.65 37.00
CA ASP G 46 46.09 11.47 37.92
C ASP G 46 46.70 12.82 38.32
N ASP G 47 46.46 13.85 37.52
CA ASP G 47 46.80 15.23 37.87
C ASP G 47 45.50 15.98 38.16
N ALA G 48 45.16 16.08 39.44
CA ALA G 48 43.90 16.68 39.85
C ALA G 48 43.95 17.11 41.31
N GLU G 49 42.85 17.74 41.74
CA GLU G 49 42.63 18.13 43.13
C GLU G 49 41.56 17.21 43.70
N ILE G 50 41.65 16.90 44.99
CA ILE G 50 40.62 16.07 45.61
C ILE G 50 39.73 16.95 46.49
N PRO G 51 38.49 17.24 46.09
CA PRO G 51 37.63 18.13 46.88
C PRO G 51 37.03 17.42 48.08
N GLY G 52 36.33 18.21 48.89
CA GLY G 52 35.78 17.72 50.14
C GLY G 52 34.41 17.10 50.00
N THR G 53 33.49 17.82 49.38
CA THR G 53 32.14 17.32 49.16
C THR G 53 31.96 17.01 47.70
N TRP G 54 31.12 16.01 47.42
CA TRP G 54 30.93 15.51 46.07
C TRP G 54 29.67 14.67 46.01
N LEU G 55 28.79 15.00 45.07
CA LEU G 55 27.58 14.22 44.85
C LEU G 55 27.98 12.92 44.16
N CYS G 56 27.49 11.80 44.68
CA CYS G 56 27.99 10.51 44.26
C CYS G 56 26.97 9.77 43.39
N ARG G 57 27.29 8.50 43.13
CA ARG G 57 26.45 7.62 42.31
C ARG G 57 25.10 7.37 42.96
N ASN G 58 25.03 7.45 44.29
CA ASN G 58 23.77 7.37 45.02
C ASN G 58 22.82 8.50 44.63
N GLY G 59 23.35 9.67 44.29
CA GLY G 59 22.56 10.86 44.22
C GLY G 59 22.63 11.69 45.48
N MET G 60 23.61 11.46 46.32
CA MET G 60 23.81 12.19 47.55
C MET G 60 25.28 12.57 47.65
N GLU G 61 25.58 13.49 48.57
CA GLU G 61 26.97 13.82 48.83
C GLU G 61 27.52 13.02 50.00
N GLY G 62 28.84 12.98 50.09
CA GLY G 62 29.50 12.31 51.20
C GLY G 62 30.89 12.86 51.41
N THR G 63 31.60 12.26 52.36
CA THR G 63 32.97 12.63 52.63
C THR G 63 33.92 11.72 51.85
N LEU G 64 35.21 11.87 52.15
CA LEU G 64 36.27 11.22 51.39
C LEU G 64 36.47 9.77 51.84
N ILE G 65 37.54 9.17 51.32
CA ILE G 65 38.07 7.96 51.92
C ILE G 65 38.77 8.27 53.24
N GLU G 66 39.22 9.51 53.43
CA GLU G 66 40.03 9.86 54.59
C GLU G 66 39.14 10.52 55.64
N GLY G 67 39.76 10.95 56.73
CA GLY G 67 39.06 11.53 57.86
C GLY G 67 39.45 12.97 58.14
N ASP G 68 39.48 13.78 57.08
CA ASP G 68 39.89 15.19 57.20
C ASP G 68 38.91 15.97 58.07
N LEU G 69 37.61 15.83 57.81
CA LEU G 69 36.49 16.55 58.43
C LEU G 69 36.70 18.06 58.35
N PRO G 70 36.56 18.68 57.17
CA PRO G 70 36.90 20.11 57.02
C PRO G 70 36.02 21.06 57.82
N GLU G 71 34.69 21.05 57.59
CA GLU G 71 33.77 21.93 58.31
C GLU G 71 32.33 21.42 58.24
N PRO G 72 31.69 21.20 59.38
CA PRO G 72 30.22 21.04 59.41
C PRO G 72 29.53 22.38 59.66
N LYS G 73 29.77 23.35 58.78
CA LYS G 73 29.31 24.71 59.01
C LYS G 73 28.79 25.29 57.70
N LYS G 74 28.62 26.62 57.71
CA LYS G 74 28.22 27.56 56.64
C LYS G 74 26.71 27.46 56.35
N VAL G 75 26.00 26.49 56.91
CA VAL G 75 24.55 26.45 56.73
C VAL G 75 23.89 27.45 57.67
N LYS G 76 22.68 27.86 57.33
CA LYS G 76 21.96 28.85 58.12
C LYS G 76 20.67 28.27 58.65
N PRO G 77 20.18 28.74 59.79
CA PRO G 77 18.85 28.33 60.27
C PRO G 77 17.76 28.90 59.37
N PRO G 78 16.60 28.24 59.30
CA PRO G 78 15.50 28.78 58.48
C PRO G 78 14.87 29.98 59.16
N ARG G 79 14.23 30.84 58.36
CA ARG G 79 13.42 31.92 58.89
C ARG G 79 12.15 31.33 59.49
N THR G 80 12.15 31.12 60.80
CA THR G 80 11.07 30.39 61.45
C THR G 80 9.88 31.31 61.68
N HIS G 81 8.78 30.75 62.20
CA HIS G 81 7.64 31.55 62.59
C HIS G 81 7.93 32.38 63.84
N TRP G 82 8.96 31.99 64.59
CA TRP G 82 9.34 32.74 65.78
C TRP G 82 9.91 34.10 65.42
N ASP G 83 10.73 34.15 64.37
CA ASP G 83 11.28 35.42 63.90
C ASP G 83 10.17 36.31 63.34
N MET G 84 9.24 35.70 62.59
CA MET G 84 8.13 36.46 62.02
C MET G 84 7.17 36.92 63.10
N LEU G 85 7.16 36.21 64.23
CA LEU G 85 6.46 36.70 65.41
C LEU G 85 7.21 37.87 66.04
N LEU G 86 8.53 37.77 66.13
CA LEU G 86 9.29 38.76 66.89
C LEU G 86 9.52 40.04 66.08
N GLU G 87 9.21 40.02 64.78
CA GLU G 87 9.18 41.25 64.03
C GLU G 87 8.02 42.14 64.48
N ARG G 88 6.80 41.63 64.37
CA ARG G 88 5.60 42.43 64.64
C ARG G 88 5.17 42.38 66.10
N ARG G 89 5.74 41.49 66.91
CA ARG G 89 5.41 41.43 68.33
C ARG G 89 6.68 41.49 69.16
N SER G 90 6.53 41.92 70.40
CA SER G 90 7.65 42.13 71.31
C SER G 90 7.74 41.00 72.32
N ILE G 91 8.82 41.01 73.11
CA ILE G 91 8.99 40.03 74.17
C ILE G 91 7.99 40.31 75.30
N GLU G 92 7.72 41.60 75.54
CA GLU G 92 6.76 42.01 76.54
C GLU G 92 5.34 41.63 76.13
N GLU G 93 5.10 41.66 74.82
CA GLU G 93 3.83 41.23 74.23
C GLU G 93 3.54 39.77 74.51
N LEU G 94 4.57 38.93 74.39
CA LEU G 94 4.39 37.50 74.60
C LEU G 94 4.45 37.13 76.07
N GLU G 95 5.18 37.91 76.86
CA GLU G 95 5.26 37.66 78.28
C GLU G 95 3.95 38.01 78.98
N GLU G 96 3.43 39.20 78.68
CA GLU G 96 2.17 39.62 79.28
C GLU G 96 1.00 38.89 78.62
N LEU G 97 1.14 38.57 77.33
CA LEU G 97 0.09 37.83 76.63
C LEU G 97 0.04 36.39 77.11
N LEU G 98 1.20 35.83 77.46
CA LEU G 98 1.22 34.49 78.04
C LEU G 98 0.91 34.55 79.53
N LYS G 99 0.96 35.74 80.12
CA LYS G 99 0.39 35.89 81.46
C LYS G 99 -1.13 35.94 81.37
N GLU G 100 -1.65 36.48 80.28
CA GLU G 100 -3.08 36.48 80.02
C GLU G 100 -3.60 35.07 79.75
N ARG G 101 -3.02 34.39 78.76
CA ARG G 101 -3.46 33.05 78.39
C ARG G 101 -3.10 32.03 79.46
N LEU G 102 -1.90 32.14 80.03
CA LEU G 102 -1.49 31.20 81.06
C LEU G 102 -2.23 31.48 82.36
N GLU G 103 -2.69 32.72 82.53
CA GLU G 103 -3.68 33.00 83.56
C GLU G 103 -5.00 32.31 83.24
N LEU G 104 -5.36 32.27 81.96
CA LEU G 104 -6.67 31.76 81.57
C LEU G 104 -6.73 30.24 81.72
N ILE G 105 -5.61 29.56 81.52
CA ILE G 105 -5.56 28.14 81.83
C ILE G 105 -5.21 27.94 83.31
N ARG G 106 -4.62 28.96 83.94
CA ARG G 106 -4.30 28.87 85.36
C ARG G 106 -5.57 29.03 86.19
N SER G 107 -6.49 29.88 85.75
CA SER G 107 -7.84 29.92 86.28
C SER G 107 -8.75 28.89 85.61
N ARG G 108 -8.22 28.14 84.64
CA ARG G 108 -8.92 27.10 83.88
C ARG G 108 -10.18 27.60 83.19
ZN ZN H . 8.69 -39.55 14.16
ZN ZN I . 34.15 19.46 32.63
MG MG J . -1.20 -6.19 -13.55
#